data_9HNC
#
_entry.id   9HNC
#
_cell.length_a   123.764
_cell.length_b   123.645
_cell.length_c   187.679
_cell.angle_alpha   90.000
_cell.angle_beta   90.063
_cell.angle_gamma   90.000
#
_symmetry.space_group_name_H-M   'P 1 2 1'
#
loop_
_entity.id
_entity.type
_entity.pdbx_description
1 polymer beta-aspartyl-peptidase
2 non-polymer 'SODIUM ION'
3 non-polymer 'SULFATE ION'
4 non-polymer 'CHLORIDE ION'
5 non-polymer 1,2-ETHANEDIOL
6 non-polymer GLYCEROL
7 water water
#
_entity_poly.entity_id   1
_entity_poly.type   'polypeptide(L)'
_entity_poly.pdbx_seq_one_letter_code
;MGWAIALHGGAGDIPLSLPPERRHPREEALRHCLQIGVEALKAKLPPLDVVERVVRELENIPQFNAGKGSVLTSNGTVEM
EASIMDGTTMDCGAVSGLTTVVNAISLARLVMEKTPHIYLAFDGAEEFARQQGVETLDSSHFITAENIERLKQAKEANRV
QIDYTQPIQNDTKKETAIANGDSQIGTVGCVAVDGNGNLASATSTGGLVNKMVGRIGDTPLIGAGTYADARCAVSATGKG
EAIIRGTVARDVAALMEFKGLSLEEAATCVVHERTPKGTLGLIAVSAKGEVAMPYNTTGMFRACATEDGYSEVAIWPSAK
ID
;
_entity_poly.pdbx_strand_id   AAA,BBB,CCC,DDD,EEE,FFF,GGG,HHH,III,JJJ,KKK,LLL,MMM,NNN,OOO,PPP
#
loop_
_chem_comp.id
_chem_comp.type
_chem_comp.name
_chem_comp.formula
CL non-polymer 'CHLORIDE ION' 'Cl -1'
EDO non-polymer 1,2-ETHANEDIOL 'C2 H6 O2'
GOL non-polymer GLYCEROL 'C3 H8 O3'
NA non-polymer 'SODIUM ION' 'Na 1'
SO4 non-polymer 'SULFATE ION' 'O4 S -2'
#
# COMPACT_ATOMS: atom_id res chain seq x y z
N GLY A 2 -18.70 2.19 -62.32
CA GLY A 2 -20.13 1.77 -62.22
C GLY A 2 -20.31 0.73 -61.12
N TRP A 3 -21.54 0.23 -60.99
CA TRP A 3 -21.91 -0.83 -60.02
C TRP A 3 -21.17 -2.13 -60.35
N ALA A 4 -21.05 -2.96 -59.31
CA ALA A 4 -20.39 -4.28 -59.34
C ALA A 4 -20.95 -5.09 -58.18
N ILE A 5 -21.04 -6.40 -58.36
CA ILE A 5 -21.54 -7.32 -57.33
C ILE A 5 -20.75 -8.61 -57.43
N ALA A 6 -20.41 -9.20 -56.29
CA ALA A 6 -19.88 -10.56 -56.24
C ALA A 6 -20.58 -11.32 -55.13
N LEU A 7 -20.62 -12.63 -55.27
CA LEU A 7 -21.22 -13.46 -54.21
C LEU A 7 -20.52 -14.80 -54.16
N HIS A 8 -20.64 -15.50 -53.05
CA HIS A 8 -20.08 -16.86 -52.92
C HIS A 8 -21.04 -17.74 -52.13
N GLY A 9 -20.91 -19.04 -52.36
CA GLY A 9 -21.56 -20.12 -51.59
C GLY A 9 -20.51 -20.96 -50.91
N GLY A 10 -19.35 -20.37 -50.67
CA GLY A 10 -18.32 -21.00 -49.83
C GLY A 10 -17.15 -21.56 -50.62
N ALA A 11 -15.99 -21.56 -49.96
CA ALA A 11 -14.70 -22.05 -50.48
C ALA A 11 -14.33 -23.34 -49.73
N GLY A 12 -13.80 -24.32 -50.43
CA GLY A 12 -13.14 -25.46 -49.81
C GLY A 12 -12.79 -26.52 -50.83
N ASP A 13 -12.61 -27.74 -50.35
CA ASP A 13 -12.21 -28.89 -51.18
C ASP A 13 -13.48 -29.38 -51.87
N ILE A 14 -13.86 -28.69 -52.95
CA ILE A 14 -15.00 -29.09 -53.81
C ILE A 14 -14.43 -30.04 -54.85
N PRO A 15 -14.70 -31.36 -54.76
CA PRO A 15 -14.04 -32.34 -55.62
C PRO A 15 -14.44 -32.13 -57.09
N LEU A 16 -13.48 -32.30 -58.02
CA LEU A 16 -13.74 -32.19 -59.47
C LEU A 16 -14.83 -33.18 -59.89
N SER A 17 -14.92 -34.34 -59.23
CA SER A 17 -15.89 -35.41 -59.54
C SER A 17 -17.23 -35.15 -58.86
N LEU A 18 -17.44 -33.97 -58.26
CA LEU A 18 -18.78 -33.60 -57.72
C LEU A 18 -19.85 -34.02 -58.73
N PRO A 19 -20.73 -35.00 -58.40
CA PRO A 19 -21.71 -35.48 -59.37
C PRO A 19 -22.57 -34.36 -59.98
N PRO A 20 -22.96 -34.43 -61.27
CA PRO A 20 -23.81 -33.39 -61.86
C PRO A 20 -25.08 -33.06 -61.04
N GLU A 21 -25.57 -34.02 -60.27
CA GLU A 21 -26.88 -33.91 -59.57
C GLU A 21 -26.72 -32.88 -58.45
N ARG A 22 -25.50 -32.76 -57.93
CA ARG A 22 -25.13 -31.85 -56.82
C ARG A 22 -24.53 -30.55 -57.36
N ARG A 23 -23.73 -30.59 -58.43
CA ARG A 23 -23.18 -29.41 -59.17
C ARG A 23 -24.30 -28.45 -59.60
N HIS A 24 -25.23 -28.94 -60.45
CA HIS A 24 -26.34 -28.21 -61.13
C HIS A 24 -27.10 -27.29 -60.17
N PRO A 25 -27.75 -27.82 -59.11
CA PRO A 25 -28.53 -26.98 -58.19
C PRO A 25 -27.72 -25.83 -57.60
N ARG A 26 -26.42 -26.05 -57.35
CA ARG A 26 -25.51 -25.05 -56.74
C ARG A 26 -25.22 -23.96 -57.75
N GLU A 27 -24.93 -24.37 -59.00
CA GLU A 27 -24.72 -23.47 -60.17
C GLU A 27 -26.00 -22.66 -60.39
N GLU A 28 -27.17 -23.30 -60.45
CA GLU A 28 -28.48 -22.61 -60.67
C GLU A 28 -28.67 -21.59 -59.55
N ALA A 29 -28.40 -21.96 -58.30
CA ALA A 29 -28.53 -21.07 -57.12
C ALA A 29 -27.62 -19.85 -57.26
N LEU A 30 -26.35 -20.04 -57.62
CA LEU A 30 -25.41 -18.92 -57.87
C LEU A 30 -25.96 -17.97 -58.94
N ARG A 31 -26.43 -18.51 -60.06
CA ARG A 31 -26.85 -17.69 -61.22
C ARG A 31 -28.13 -16.94 -60.82
N HIS A 32 -29.01 -17.56 -60.04
CA HIS A 32 -30.29 -16.93 -59.64
C HIS A 32 -30.00 -15.79 -58.64
N CYS A 33 -29.15 -16.05 -57.67
CA CYS A 33 -28.72 -15.00 -56.70
C CYS A 33 -28.03 -13.84 -57.42
N LEU A 34 -27.17 -14.10 -58.42
CA LEU A 34 -26.55 -13.03 -59.25
C LEU A 34 -27.64 -12.20 -59.92
N GLN A 35 -28.64 -12.84 -60.50
CA GLN A 35 -29.76 -12.13 -61.18
C GLN A 35 -30.49 -11.28 -60.14
N ILE A 36 -30.77 -11.79 -58.94
CA ILE A 36 -31.43 -11.01 -57.84
C ILE A 36 -30.59 -9.77 -57.51
N GLY A 37 -29.29 -9.94 -57.32
CA GLY A 37 -28.41 -8.83 -56.93
C GLY A 37 -28.26 -7.82 -58.06
N VAL A 38 -28.12 -8.27 -59.33
CA VAL A 38 -28.04 -7.34 -60.48
C VAL A 38 -29.37 -6.58 -60.63
N GLU A 39 -30.52 -7.26 -60.55
CA GLU A 39 -31.88 -6.64 -60.65
C GLU A 39 -31.97 -5.54 -59.59
N ALA A 40 -31.46 -5.83 -58.39
CA ALA A 40 -31.56 -4.92 -57.23
C ALA A 40 -30.72 -3.65 -57.50
N LEU A 41 -29.50 -3.79 -57.99
CA LEU A 41 -28.60 -2.65 -58.25
C LEU A 41 -29.18 -1.80 -59.39
N LYS A 42 -29.73 -2.43 -60.43
CA LYS A 42 -30.33 -1.71 -61.59
C LYS A 42 -31.63 -1.05 -61.15
N ALA A 43 -32.32 -1.57 -60.12
CA ALA A 43 -33.53 -0.94 -59.53
C ALA A 43 -33.14 0.17 -58.55
N LYS A 44 -31.84 0.51 -58.44
CA LYS A 44 -31.27 1.59 -57.59
C LYS A 44 -31.47 1.28 -56.10
N LEU A 45 -31.47 0.00 -55.70
CA LEU A 45 -31.37 -0.34 -54.25
C LEU A 45 -29.96 -0.02 -53.78
N PRO A 46 -29.81 0.62 -52.60
CA PRO A 46 -28.48 0.89 -52.04
C PRO A 46 -27.73 -0.42 -51.81
N PRO A 47 -26.38 -0.42 -51.85
CA PRO A 47 -25.60 -1.66 -51.71
C PRO A 47 -25.90 -2.44 -50.42
N LEU A 48 -26.21 -1.75 -49.31
CA LEU A 48 -26.58 -2.42 -48.03
C LEU A 48 -27.83 -3.31 -48.23
N ASP A 49 -28.87 -2.82 -48.92
CA ASP A 49 -30.10 -3.60 -49.25
C ASP A 49 -29.77 -4.71 -50.23
N VAL A 50 -28.88 -4.45 -51.17
CA VAL A 50 -28.45 -5.48 -52.17
C VAL A 50 -27.83 -6.70 -51.48
N VAL A 51 -26.78 -6.52 -50.65
CA VAL A 51 -26.06 -7.64 -50.01
C VAL A 51 -26.99 -8.34 -49.02
N GLU A 52 -27.86 -7.61 -48.31
CA GLU A 52 -28.86 -8.28 -47.43
C GLU A 52 -29.76 -9.17 -48.30
N ARG A 53 -30.25 -8.65 -49.40
CA ARG A 53 -31.27 -9.38 -50.19
C ARG A 53 -30.65 -10.65 -50.76
N VAL A 54 -29.43 -10.58 -51.26
CA VAL A 54 -28.71 -11.73 -51.89
C VAL A 54 -28.40 -12.74 -50.78
N VAL A 55 -27.93 -12.30 -49.62
CA VAL A 55 -27.53 -13.28 -48.57
C VAL A 55 -28.77 -13.91 -47.95
N ARG A 56 -29.90 -13.22 -47.86
CA ARG A 56 -31.17 -13.86 -47.48
C ARG A 56 -31.45 -15.04 -48.42
N GLU A 57 -31.22 -14.87 -49.74
CA GLU A 57 -31.53 -15.96 -50.69
C GLU A 57 -30.57 -17.13 -50.46
N LEU A 58 -29.28 -16.83 -50.28
CA LEU A 58 -28.21 -17.82 -50.14
C LEU A 58 -28.40 -18.58 -48.81
N GLU A 59 -28.89 -17.92 -47.75
CA GLU A 59 -29.36 -18.54 -46.48
C GLU A 59 -30.48 -19.54 -46.83
N ASN A 60 -31.49 -19.11 -47.60
CA ASN A 60 -32.69 -19.96 -47.85
C ASN A 60 -32.36 -21.19 -48.71
N ILE A 61 -31.33 -21.12 -49.55
CA ILE A 61 -30.90 -22.25 -50.43
C ILE A 61 -30.38 -23.37 -49.54
N PRO A 62 -30.99 -24.58 -49.47
CA PRO A 62 -30.51 -25.61 -48.54
C PRO A 62 -29.16 -26.24 -48.89
N GLN A 63 -28.65 -26.04 -50.12
CA GLN A 63 -27.37 -26.60 -50.57
C GLN A 63 -26.17 -25.81 -50.04
N PHE A 64 -26.40 -24.62 -49.51
CA PHE A 64 -25.32 -23.76 -48.92
C PHE A 64 -25.40 -23.72 -47.39
N ASN A 65 -24.21 -23.70 -46.79
CA ASN A 65 -24.00 -23.72 -45.32
C ASN A 65 -24.18 -22.29 -44.75
N ALA A 66 -25.44 -21.93 -44.53
CA ALA A 66 -25.97 -20.71 -43.88
C ALA A 66 -27.47 -20.90 -43.82
N GLY A 67 -28.20 -20.31 -42.88
CA GLY A 67 -29.66 -20.50 -42.85
C GLY A 67 -29.98 -21.98 -42.96
N LYS A 68 -31.01 -22.35 -43.71
CA LYS A 68 -31.35 -23.78 -43.86
C LYS A 68 -30.20 -24.47 -44.61
N GLY A 69 -29.73 -25.61 -44.13
CA GLY A 69 -28.53 -26.22 -44.73
C GLY A 69 -27.26 -25.74 -44.03
N SER A 70 -27.37 -25.01 -42.92
CA SER A 70 -26.26 -24.88 -41.94
C SER A 70 -25.71 -26.26 -41.51
N VAL A 71 -24.39 -26.34 -41.43
CA VAL A 71 -23.69 -27.50 -40.81
C VAL A 71 -24.08 -27.62 -39.31
N LEU A 72 -23.89 -28.82 -38.76
CA LEU A 72 -24.34 -29.16 -37.39
C LEU A 72 -23.14 -29.03 -36.43
N THR A 73 -23.43 -28.54 -35.25
CA THR A 73 -22.50 -28.61 -34.09
C THR A 73 -22.23 -30.08 -33.78
N SER A 74 -21.27 -30.32 -32.89
CA SER A 74 -20.97 -31.62 -32.25
C SER A 74 -22.24 -32.29 -31.69
N ASN A 75 -23.15 -31.48 -31.16
CA ASN A 75 -24.42 -31.89 -30.52
C ASN A 75 -25.55 -32.07 -31.56
N GLY A 76 -25.24 -32.07 -32.86
CA GLY A 76 -26.25 -32.26 -33.93
C GLY A 76 -27.25 -31.11 -34.04
N THR A 77 -26.88 -29.88 -33.63
CA THR A 77 -27.76 -28.67 -33.61
C THR A 77 -27.27 -27.62 -34.61
N VAL A 78 -28.07 -26.62 -34.89
CA VAL A 78 -27.64 -25.49 -35.76
C VAL A 78 -27.40 -24.27 -34.87
N GLU A 79 -26.23 -23.65 -35.06
CA GLU A 79 -25.90 -22.33 -34.49
C GLU A 79 -25.39 -21.44 -35.62
N MET A 80 -26.18 -20.44 -35.98
CA MET A 80 -26.00 -19.66 -37.23
C MET A 80 -25.42 -18.30 -36.83
N GLU A 81 -24.64 -17.71 -37.72
CA GLU A 81 -23.99 -16.40 -37.47
C GLU A 81 -23.76 -15.65 -38.79
N ALA A 82 -23.77 -14.32 -38.67
CA ALA A 82 -23.68 -13.40 -39.82
C ALA A 82 -23.17 -12.03 -39.41
N SER A 83 -22.67 -11.28 -40.36
CA SER A 83 -22.32 -9.86 -40.20
C SER A 83 -22.58 -9.09 -41.50
N ILE A 84 -22.78 -7.80 -41.34
CA ILE A 84 -23.07 -6.82 -42.43
C ILE A 84 -22.30 -5.54 -42.13
N MET A 85 -21.74 -4.92 -43.16
CA MET A 85 -21.01 -3.64 -42.97
C MET A 85 -21.29 -2.69 -44.13
N ASP A 86 -21.55 -1.42 -43.80
CA ASP A 86 -21.73 -0.30 -44.74
C ASP A 86 -20.40 0.46 -44.80
N GLY A 87 -19.81 0.49 -45.99
CA GLY A 87 -18.47 1.06 -46.22
C GLY A 87 -18.47 2.57 -46.08
N THR A 88 -19.59 3.22 -46.36
CA THR A 88 -19.70 4.71 -46.43
C THR A 88 -19.83 5.32 -45.02
N THR A 89 -20.51 4.63 -44.10
CA THR A 89 -20.71 5.02 -42.68
C THR A 89 -19.80 4.24 -41.73
N MET A 90 -19.31 3.10 -42.23
CA MET A 90 -18.62 2.02 -41.48
C MET A 90 -19.49 1.53 -40.32
N ASP A 91 -20.81 1.68 -40.46
CA ASP A 91 -21.81 1.04 -39.57
C ASP A 91 -21.72 -0.46 -39.79
N CYS A 92 -21.93 -1.23 -38.74
CA CYS A 92 -21.94 -2.70 -38.90
C CYS A 92 -22.79 -3.36 -37.83
N GLY A 93 -23.16 -4.60 -38.14
CA GLY A 93 -24.09 -5.45 -37.37
C GLY A 93 -23.62 -6.89 -37.45
N ALA A 94 -23.74 -7.63 -36.36
CA ALA A 94 -23.38 -9.04 -36.31
C ALA A 94 -24.22 -9.79 -35.27
N VAL A 95 -24.43 -11.09 -35.53
CA VAL A 95 -25.14 -12.03 -34.64
C VAL A 95 -24.40 -13.36 -34.64
N SER A 96 -24.38 -14.05 -33.50
CA SER A 96 -23.94 -15.45 -33.34
C SER A 96 -25.00 -16.23 -32.54
N GLY A 97 -24.91 -17.56 -32.60
CA GLY A 97 -25.68 -18.48 -31.75
C GLY A 97 -27.17 -18.46 -32.08
N LEU A 98 -27.54 -18.22 -33.34
CA LEU A 98 -28.98 -18.20 -33.75
C LEU A 98 -29.45 -19.63 -34.01
N THR A 99 -30.59 -20.01 -33.44
CA THR A 99 -31.10 -21.40 -33.54
C THR A 99 -32.46 -21.45 -34.24
N THR A 100 -33.26 -20.36 -34.24
CA THR A 100 -34.62 -20.36 -34.86
C THR A 100 -34.79 -19.27 -35.92
N VAL A 101 -33.85 -18.33 -36.04
CA VAL A 101 -34.02 -17.13 -36.91
C VAL A 101 -33.85 -17.55 -38.36
N VAL A 102 -34.83 -17.29 -39.20
CA VAL A 102 -34.75 -17.80 -40.60
C VAL A 102 -33.63 -17.10 -41.35
N ASN A 103 -33.48 -15.78 -41.24
CA ASN A 103 -32.44 -15.01 -41.96
C ASN A 103 -31.52 -14.29 -40.94
N ALA A 104 -30.40 -14.92 -40.63
CA ALA A 104 -29.38 -14.39 -39.67
C ALA A 104 -28.93 -13.00 -40.17
N ILE A 105 -28.66 -12.83 -41.47
CA ILE A 105 -28.06 -11.55 -41.98
C ILE A 105 -28.99 -10.36 -41.71
N SER A 106 -30.30 -10.58 -41.74
CA SER A 106 -31.34 -9.57 -41.46
C SER A 106 -31.33 -9.21 -39.99
N LEU A 107 -31.12 -10.19 -39.11
CA LEU A 107 -30.98 -9.85 -37.68
C LEU A 107 -29.72 -8.99 -37.44
N ALA A 108 -28.58 -9.34 -38.05
CA ALA A 108 -27.34 -8.52 -37.99
C ALA A 108 -27.66 -7.10 -38.41
N ARG A 109 -28.42 -6.94 -39.51
CA ARG A 109 -28.80 -5.58 -39.94
C ARG A 109 -29.61 -4.85 -38.85
N LEU A 110 -30.57 -5.51 -38.24
CA LEU A 110 -31.40 -4.89 -37.19
C LEU A 110 -30.58 -4.56 -35.92
N VAL A 111 -29.57 -5.35 -35.56
CA VAL A 111 -28.70 -4.95 -34.40
C VAL A 111 -28.07 -3.57 -34.73
N MET A 112 -27.59 -3.43 -35.97
CA MET A 112 -26.93 -2.20 -36.47
C MET A 112 -27.91 -1.02 -36.41
N GLU A 113 -29.15 -1.24 -36.85
CA GLU A 113 -30.12 -0.13 -37.02
C GLU A 113 -30.89 0.18 -35.72
N LYS A 114 -31.15 -0.82 -34.89
CA LYS A 114 -32.21 -0.70 -33.84
C LYS A 114 -31.57 -0.62 -32.45
N THR A 115 -30.28 -0.96 -32.28
CA THR A 115 -29.64 -0.97 -30.94
C THR A 115 -28.44 -0.05 -30.96
N PRO A 116 -27.86 0.29 -29.79
CA PRO A 116 -26.58 1.00 -29.74
C PRO A 116 -25.36 0.08 -29.91
N HIS A 117 -25.60 -1.16 -30.27
CA HIS A 117 -24.54 -2.21 -30.32
C HIS A 117 -24.24 -2.64 -31.75
N ILE A 118 -23.14 -3.37 -31.93
CA ILE A 118 -22.81 -4.08 -33.20
C ILE A 118 -23.25 -5.53 -33.10
N TYR A 119 -22.99 -6.18 -31.97
CA TYR A 119 -22.91 -7.66 -31.90
C TYR A 119 -23.73 -8.23 -30.75
N LEU A 120 -24.78 -9.00 -31.09
CA LEU A 120 -25.56 -9.80 -30.10
C LEU A 120 -25.42 -11.28 -30.41
N ALA A 121 -25.43 -12.13 -29.39
CA ALA A 121 -25.23 -13.56 -29.60
C ALA A 121 -26.06 -14.41 -28.64
N PHE A 122 -26.38 -15.60 -29.12
CA PHE A 122 -26.97 -16.72 -28.36
C PHE A 122 -28.32 -16.26 -27.78
N ASP A 123 -28.64 -16.56 -26.53
CA ASP A 123 -29.98 -16.22 -26.00
C ASP A 123 -30.34 -14.75 -26.18
N GLY A 124 -29.43 -13.79 -25.95
CA GLY A 124 -29.78 -12.36 -26.10
C GLY A 124 -30.11 -12.01 -27.55
N ALA A 125 -29.45 -12.64 -28.51
CA ALA A 125 -29.71 -12.44 -29.95
C ALA A 125 -31.11 -13.03 -30.27
N GLU A 126 -31.46 -14.22 -29.78
CA GLU A 126 -32.80 -14.84 -29.99
C GLU A 126 -33.90 -13.97 -29.35
N GLU A 127 -33.65 -13.37 -28.18
CA GLU A 127 -34.63 -12.49 -27.50
C GLU A 127 -34.83 -11.22 -28.33
N PHE A 128 -33.76 -10.57 -28.79
CA PHE A 128 -33.84 -9.41 -29.73
C PHE A 128 -34.67 -9.79 -30.97
N ALA A 129 -34.49 -11.00 -31.49
CA ALA A 129 -35.17 -11.45 -32.72
C ALA A 129 -36.69 -11.41 -32.46
N ARG A 130 -37.12 -11.92 -31.33
CA ARG A 130 -38.54 -11.94 -30.89
C ARG A 130 -39.05 -10.52 -30.66
N GLN A 131 -38.30 -9.67 -29.94
CA GLN A 131 -38.64 -8.23 -29.73
C GLN A 131 -38.91 -7.55 -31.08
N GLN A 132 -38.11 -7.86 -32.11
CA GLN A 132 -38.20 -7.25 -33.45
C GLN A 132 -39.29 -7.92 -34.32
N GLY A 133 -39.80 -9.09 -33.96
CA GLY A 133 -40.86 -9.76 -34.73
C GLY A 133 -40.33 -10.33 -36.03
N VAL A 134 -39.05 -10.66 -36.12
CA VAL A 134 -38.53 -11.35 -37.33
C VAL A 134 -39.07 -12.77 -37.40
N GLU A 135 -38.96 -13.32 -38.58
CA GLU A 135 -39.45 -14.69 -38.91
C GLU A 135 -38.58 -15.71 -38.15
N THR A 136 -39.22 -16.60 -37.39
CA THR A 136 -38.55 -17.75 -36.73
C THR A 136 -39.24 -19.06 -37.15
N LEU A 137 -38.49 -20.16 -37.16
CA LEU A 137 -39.04 -21.53 -37.30
C LEU A 137 -38.35 -22.43 -36.28
N ASP A 138 -38.98 -23.57 -36.01
CA ASP A 138 -38.42 -24.65 -35.17
C ASP A 138 -37.02 -24.99 -35.68
N SER A 139 -36.08 -25.29 -34.78
CA SER A 139 -34.65 -25.55 -35.14
CA SER A 139 -34.64 -25.57 -35.12
C SER A 139 -34.55 -26.68 -36.17
N SER A 140 -35.50 -27.64 -36.15
CA SER A 140 -35.51 -28.79 -37.09
C SER A 140 -35.64 -28.31 -38.55
N HIS A 141 -36.30 -27.17 -38.78
CA HIS A 141 -36.36 -26.55 -40.14
C HIS A 141 -34.96 -26.47 -40.79
N PHE A 142 -33.93 -26.11 -40.01
CA PHE A 142 -32.60 -25.72 -40.53
C PHE A 142 -31.77 -26.96 -40.81
N ILE A 143 -32.08 -28.07 -40.15
CA ILE A 143 -31.27 -29.33 -40.24
C ILE A 143 -31.66 -30.10 -41.49
N THR A 144 -30.70 -30.43 -42.35
CA THR A 144 -30.95 -31.24 -43.57
C THR A 144 -30.40 -32.67 -43.39
N ALA A 145 -30.89 -33.62 -44.17
CA ALA A 145 -30.45 -35.02 -44.12
C ALA A 145 -28.96 -35.10 -44.46
N GLU A 146 -28.55 -34.31 -45.45
CA GLU A 146 -27.16 -34.17 -45.97
C GLU A 146 -26.23 -33.77 -44.81
N ASN A 147 -26.72 -32.89 -43.94
CA ASN A 147 -25.90 -32.37 -42.81
C ASN A 147 -25.87 -33.34 -41.63
N ILE A 148 -26.92 -34.15 -41.46
CA ILE A 148 -26.91 -35.26 -40.46
C ILE A 148 -25.82 -36.24 -40.91
N GLU A 149 -25.80 -36.62 -42.18
CA GLU A 149 -24.80 -37.56 -42.72
C GLU A 149 -23.41 -36.93 -42.59
N ARG A 150 -23.25 -35.65 -42.92
CA ARG A 150 -21.91 -34.99 -42.90
C ARG A 150 -21.33 -35.05 -41.48
N LEU A 151 -22.17 -34.83 -40.47
CA LEU A 151 -21.73 -34.87 -39.05
C LEU A 151 -21.35 -36.31 -38.69
N LYS A 152 -22.13 -37.30 -39.12
CA LYS A 152 -21.82 -38.71 -38.83
C LYS A 152 -20.42 -39.01 -39.36
N GLN A 153 -20.11 -38.60 -40.60
CA GLN A 153 -18.83 -38.90 -41.29
C GLN A 153 -17.68 -38.11 -40.65
N ALA A 154 -17.95 -36.92 -40.14
CA ALA A 154 -16.91 -36.10 -39.49
C ALA A 154 -16.49 -36.78 -38.17
N LYS A 155 -17.46 -37.18 -37.33
CA LYS A 155 -17.19 -37.85 -36.03
C LYS A 155 -16.44 -39.16 -36.30
N GLU A 156 -16.83 -39.86 -37.36
CA GLU A 156 -16.17 -41.12 -37.79
C GLU A 156 -14.72 -40.78 -38.15
N ALA A 157 -14.52 -39.86 -39.10
CA ALA A 157 -13.19 -39.37 -39.53
C ALA A 157 -12.58 -38.53 -38.41
N THR A 187 -20.58 -21.21 -45.42
CA THR A 187 -20.51 -19.75 -45.58
C THR A 187 -21.10 -19.34 -46.91
N VAL A 188 -21.81 -18.22 -46.90
CA VAL A 188 -22.27 -17.50 -48.10
C VAL A 188 -21.97 -16.01 -47.89
N GLY A 189 -21.91 -15.25 -48.98
CA GLY A 189 -21.45 -13.86 -48.86
C GLY A 189 -21.87 -13.06 -50.07
N CYS A 190 -21.99 -11.75 -49.91
CA CYS A 190 -22.27 -10.83 -51.03
C CYS A 190 -21.56 -9.51 -50.78
N VAL A 191 -20.88 -8.98 -51.80
CA VAL A 191 -20.26 -7.62 -51.76
C VAL A 191 -20.82 -6.85 -52.94
N ALA A 192 -21.12 -5.57 -52.77
CA ALA A 192 -21.70 -4.72 -53.84
C ALA A 192 -21.21 -3.28 -53.71
N VAL A 193 -21.11 -2.62 -54.86
CA VAL A 193 -20.79 -1.16 -54.98
C VAL A 193 -21.81 -0.61 -55.99
N ASP A 194 -22.38 0.56 -55.72
CA ASP A 194 -23.30 1.22 -56.70
C ASP A 194 -22.43 2.11 -57.62
N GLY A 195 -23.05 2.86 -58.52
CA GLY A 195 -22.32 3.77 -59.43
C GLY A 195 -21.72 4.99 -58.74
N ASN A 196 -22.08 5.25 -57.47
CA ASN A 196 -21.62 6.42 -56.67
C ASN A 196 -20.51 6.04 -55.67
N GLY A 197 -20.00 4.81 -55.72
CA GLY A 197 -18.86 4.36 -54.89
C GLY A 197 -19.27 3.87 -53.49
N ASN A 198 -20.57 3.85 -53.17
CA ASN A 198 -21.11 3.28 -51.90
C ASN A 198 -20.91 1.76 -51.88
N LEU A 199 -20.35 1.21 -50.81
CA LEU A 199 -19.91 -0.21 -50.76
C LEU A 199 -20.64 -0.89 -49.62
N ALA A 200 -20.87 -2.21 -49.71
CA ALA A 200 -21.37 -2.98 -48.55
C ALA A 200 -20.91 -4.43 -48.67
N SER A 201 -20.84 -5.12 -47.52
CA SER A 201 -20.47 -6.55 -47.42
C SER A 201 -21.40 -7.28 -46.45
N ALA A 202 -21.83 -8.49 -46.81
CA ALA A 202 -22.71 -9.35 -46.01
C ALA A 202 -22.18 -10.78 -46.07
N THR A 203 -21.99 -11.43 -44.90
CA THR A 203 -21.57 -12.85 -44.78
C THR A 203 -22.45 -13.60 -43.77
N SER A 204 -22.75 -14.86 -44.02
CA SER A 204 -23.64 -15.68 -43.17
C SER A 204 -23.18 -17.11 -43.20
N THR A 205 -23.30 -17.83 -42.08
CA THR A 205 -22.79 -19.21 -42.06
C THR A 205 -23.53 -20.06 -41.02
N GLY A 206 -23.46 -21.39 -41.18
CA GLY A 206 -23.62 -22.36 -40.07
C GLY A 206 -22.31 -22.64 -39.36
N GLY A 207 -21.18 -22.31 -39.96
CA GLY A 207 -19.82 -22.49 -39.39
C GLY A 207 -19.16 -23.78 -39.86
N LEU A 208 -18.60 -24.55 -38.94
CA LEU A 208 -17.75 -25.74 -39.19
C LEU A 208 -18.47 -26.99 -38.68
N VAL A 209 -18.58 -28.03 -39.50
CA VAL A 209 -19.22 -29.30 -39.05
C VAL A 209 -18.46 -29.81 -37.81
N ASN A 210 -19.24 -30.28 -36.84
CA ASN A 210 -18.80 -30.92 -35.58
C ASN A 210 -18.16 -29.87 -34.65
N LYS A 211 -18.34 -28.56 -34.91
CA LYS A 211 -17.85 -27.48 -34.01
C LYS A 211 -18.41 -27.71 -32.61
N MET A 212 -17.68 -27.29 -31.59
CA MET A 212 -18.15 -27.36 -30.19
C MET A 212 -19.32 -26.38 -30.08
N VAL A 213 -20.34 -26.71 -29.31
CA VAL A 213 -21.48 -25.77 -29.09
C VAL A 213 -20.89 -24.48 -28.50
N GLY A 214 -21.37 -23.33 -28.99
CA GLY A 214 -20.84 -22.00 -28.66
C GLY A 214 -19.60 -21.56 -29.42
N ARG A 215 -19.09 -22.34 -30.38
CA ARG A 215 -17.91 -21.88 -31.17
C ARG A 215 -18.31 -20.73 -32.10
N ILE A 216 -17.52 -19.65 -32.06
CA ILE A 216 -17.66 -18.50 -32.98
C ILE A 216 -16.50 -18.53 -33.96
N GLY A 217 -16.83 -18.56 -35.25
CA GLY A 217 -15.83 -18.45 -36.33
C GLY A 217 -15.66 -17.03 -36.82
N ASP A 218 -15.18 -16.89 -38.06
CA ASP A 218 -14.74 -15.61 -38.64
C ASP A 218 -15.91 -14.79 -39.19
N THR A 219 -17.00 -15.45 -39.63
CA THR A 219 -18.12 -14.77 -40.32
C THR A 219 -18.67 -13.58 -39.54
N PRO A 220 -18.99 -13.65 -38.22
CA PRO A 220 -19.58 -12.50 -37.54
C PRO A 220 -18.60 -11.43 -37.08
N LEU A 221 -17.32 -11.64 -37.26
CA LEU A 221 -16.24 -10.77 -36.73
C LEU A 221 -15.89 -9.74 -37.80
N ILE A 222 -16.26 -8.49 -37.57
CA ILE A 222 -15.82 -7.35 -38.39
C ILE A 222 -14.29 -7.36 -38.47
N GLY A 223 -13.77 -7.36 -39.71
CA GLY A 223 -12.33 -7.43 -40.02
C GLY A 223 -11.81 -8.82 -40.26
N ALA A 224 -12.62 -9.86 -40.01
CA ALA A 224 -12.20 -11.23 -40.31
C ALA A 224 -12.99 -11.68 -41.55
N GLY A 225 -14.26 -12.08 -41.37
CA GLY A 225 -15.13 -12.56 -42.45
C GLY A 225 -15.69 -11.42 -43.30
N THR A 226 -15.97 -10.25 -42.69
CA THR A 226 -16.71 -9.12 -43.31
C THR A 226 -15.97 -7.81 -43.06
N TYR A 227 -15.87 -6.97 -44.07
CA TYR A 227 -15.36 -5.60 -43.90
C TYR A 227 -15.81 -4.74 -45.06
N ALA A 228 -16.15 -3.47 -44.80
CA ALA A 228 -16.33 -2.51 -45.92
C ALA A 228 -15.89 -1.14 -45.42
N ASP A 229 -15.26 -0.37 -46.30
CA ASP A 229 -14.82 1.03 -45.99
C ASP A 229 -15.01 1.89 -47.26
N ALA A 230 -14.36 3.05 -47.35
CA ALA A 230 -14.47 3.98 -48.51
C ALA A 230 -13.94 3.32 -49.79
N ARG A 231 -13.06 2.32 -49.69
CA ARG A 231 -12.17 1.83 -50.78
C ARG A 231 -12.62 0.44 -51.24
N CYS A 232 -13.07 -0.44 -50.32
CA CYS A 232 -13.48 -1.80 -50.76
C CYS A 232 -14.56 -2.39 -49.86
N ALA A 233 -15.07 -3.53 -50.31
CA ALA A 233 -15.94 -4.38 -49.52
C ALA A 233 -15.48 -5.83 -49.74
N VAL A 234 -15.38 -6.57 -48.65
CA VAL A 234 -14.79 -7.94 -48.61
C VAL A 234 -15.70 -8.89 -47.82
N SER A 235 -15.89 -10.10 -48.37
CA SER A 235 -16.53 -11.23 -47.68
C SER A 235 -15.59 -12.44 -47.82
N ALA A 236 -15.13 -13.01 -46.71
CA ALA A 236 -14.20 -14.15 -46.75
C ALA A 236 -14.95 -15.45 -46.41
N THR A 237 -14.36 -16.56 -46.80
CA THR A 237 -14.95 -17.91 -46.57
C THR A 237 -13.85 -18.95 -46.46
N GLY A 238 -14.03 -19.92 -45.59
CA GLY A 238 -13.07 -21.02 -45.48
C GLY A 238 -12.91 -21.49 -44.05
N LYS A 239 -11.66 -21.78 -43.66
CA LYS A 239 -11.33 -22.29 -42.31
C LYS A 239 -11.41 -21.11 -41.36
N GLY A 240 -12.45 -21.08 -40.52
CA GLY A 240 -12.79 -19.92 -39.65
C GLY A 240 -11.59 -19.47 -38.83
N GLU A 241 -10.89 -20.40 -38.19
CA GLU A 241 -9.84 -20.03 -37.21
C GLU A 241 -8.72 -19.35 -37.98
N ALA A 242 -8.32 -19.83 -39.18
CA ALA A 242 -7.25 -19.17 -39.98
C ALA A 242 -7.68 -17.75 -40.37
N ILE A 243 -8.93 -17.55 -40.73
CA ILE A 243 -9.47 -16.24 -41.20
C ILE A 243 -9.44 -15.24 -40.04
N ILE A 244 -9.77 -15.68 -38.83
CA ILE A 244 -9.71 -14.86 -37.58
C ILE A 244 -8.24 -14.45 -37.37
N ARG A 245 -7.34 -15.44 -37.26
CA ARG A 245 -5.88 -15.21 -37.00
C ARG A 245 -5.34 -14.27 -38.10
N GLY A 246 -5.79 -14.44 -39.35
CA GLY A 246 -5.28 -13.68 -40.50
C GLY A 246 -5.97 -12.34 -40.68
N THR A 247 -6.97 -12.01 -39.86
CA THR A 247 -7.83 -10.80 -40.03
C THR A 247 -7.98 -10.50 -41.52
N VAL A 248 -8.55 -11.44 -42.27
CA VAL A 248 -8.45 -11.45 -43.77
C VAL A 248 -9.13 -10.23 -44.39
N ALA A 249 -10.41 -9.98 -44.06
CA ALA A 249 -11.16 -8.90 -44.69
C ALA A 249 -10.50 -7.53 -44.42
N ARG A 250 -10.15 -7.27 -43.17
CA ARG A 250 -9.40 -6.03 -42.81
C ARG A 250 -8.07 -5.96 -43.56
N ASP A 251 -7.34 -7.06 -43.69
CA ASP A 251 -6.02 -7.06 -44.36
C ASP A 251 -6.13 -6.64 -45.84
N VAL A 252 -7.20 -7.01 -46.55
CA VAL A 252 -7.38 -6.57 -47.95
C VAL A 252 -7.47 -5.05 -47.98
N ALA A 253 -8.34 -4.48 -47.14
CA ALA A 253 -8.62 -3.04 -47.07
C ALA A 253 -7.33 -2.31 -46.62
N ALA A 254 -6.56 -2.90 -45.72
CA ALA A 254 -5.33 -2.29 -45.14
C ALA A 254 -4.24 -2.17 -46.20
N LEU A 255 -4.10 -3.18 -47.08
CA LEU A 255 -3.09 -3.21 -48.17
C LEU A 255 -3.41 -2.13 -49.19
N MET A 256 -4.68 -1.94 -49.51
CA MET A 256 -5.15 -0.86 -50.42
C MET A 256 -4.87 0.52 -49.78
N GLU A 257 -5.20 0.69 -48.50
CA GLU A 257 -5.05 1.99 -47.80
C GLU A 257 -3.57 2.29 -47.53
N PHE A 258 -2.79 1.35 -46.98
CA PHE A 258 -1.46 1.62 -46.41
C PHE A 258 -0.31 1.40 -47.42
N LYS A 259 -0.54 0.66 -48.51
CA LYS A 259 0.48 0.44 -49.58
C LYS A 259 -0.01 0.93 -50.94
N GLY A 260 -1.23 1.42 -51.04
CA GLY A 260 -1.82 1.86 -52.32
C GLY A 260 -2.00 0.70 -53.29
N LEU A 261 -2.15 -0.54 -52.82
CA LEU A 261 -2.41 -1.69 -53.72
C LEU A 261 -3.79 -1.52 -54.34
N SER A 262 -3.93 -1.94 -55.61
CA SER A 262 -5.25 -2.11 -56.27
C SER A 262 -6.02 -3.23 -55.55
N LEU A 263 -7.33 -3.29 -55.75
CA LEU A 263 -8.17 -4.39 -55.22
C LEU A 263 -7.53 -5.72 -55.61
N GLU A 264 -7.21 -5.93 -56.89
CA GLU A 264 -6.72 -7.23 -57.40
C GLU A 264 -5.40 -7.59 -56.69
N GLU A 265 -4.50 -6.61 -56.52
CA GLU A 265 -3.17 -6.80 -55.87
C GLU A 265 -3.38 -7.19 -54.41
N ALA A 266 -4.24 -6.46 -53.71
CA ALA A 266 -4.47 -6.65 -52.25
C ALA A 266 -5.12 -8.03 -52.01
N ALA A 267 -6.17 -8.36 -52.76
CA ALA A 267 -6.88 -9.64 -52.62
C ALA A 267 -5.93 -10.80 -52.95
N THR A 268 -5.19 -10.71 -54.06
CA THR A 268 -4.20 -11.73 -54.46
C THR A 268 -3.16 -11.99 -53.37
N CYS A 269 -2.56 -10.93 -52.84
CA CYS A 269 -1.51 -11.03 -51.81
C CYS A 269 -2.04 -11.77 -50.56
N VAL A 270 -3.24 -11.42 -50.09
CA VAL A 270 -3.85 -12.03 -48.87
C VAL A 270 -4.08 -13.51 -49.11
N VAL A 271 -4.67 -13.86 -50.25
CA VAL A 271 -5.10 -15.25 -50.56
C VAL A 271 -3.88 -16.11 -50.92
N HIS A 272 -3.00 -15.62 -51.78
CA HIS A 272 -1.91 -16.46 -52.36
C HIS A 272 -0.57 -16.19 -51.65
N GLU A 273 -0.46 -15.17 -50.81
CA GLU A 273 0.85 -14.84 -50.16
C GLU A 273 0.79 -15.00 -48.64
N ARG A 274 -0.27 -14.55 -47.94
CA ARG A 274 -0.25 -14.30 -46.47
C ARG A 274 -1.05 -15.34 -45.66
N THR A 275 -1.81 -16.21 -46.30
CA THR A 275 -2.68 -17.22 -45.64
C THR A 275 -2.32 -18.59 -46.20
N PRO A 276 -2.46 -19.69 -45.43
CA PRO A 276 -2.01 -20.98 -45.92
C PRO A 276 -2.94 -21.58 -47.00
N LYS A 277 -2.34 -22.31 -47.94
CA LYS A 277 -3.02 -23.11 -48.99
C LYS A 277 -4.18 -23.93 -48.41
N GLY A 278 -5.28 -24.05 -49.15
CA GLY A 278 -6.47 -24.85 -48.81
C GLY A 278 -7.27 -24.31 -47.64
N THR A 279 -7.20 -23.03 -47.28
CA THR A 279 -7.90 -22.47 -46.09
C THR A 279 -8.84 -21.32 -46.47
N LEU A 280 -8.66 -20.63 -47.59
CA LEU A 280 -9.32 -19.31 -47.74
C LEU A 280 -9.72 -19.03 -49.18
N GLY A 281 -10.92 -18.47 -49.34
CA GLY A 281 -11.30 -17.70 -50.53
C GLY A 281 -11.99 -16.43 -50.15
N LEU A 282 -12.04 -15.43 -51.02
CA LEU A 282 -12.82 -14.24 -50.67
C LEU A 282 -13.36 -13.61 -51.95
N ILE A 283 -14.35 -12.77 -51.76
CA ILE A 283 -14.86 -11.91 -52.86
C ILE A 283 -14.63 -10.47 -52.43
N ALA A 284 -14.37 -9.58 -53.38
CA ALA A 284 -14.14 -8.17 -53.05
C ALA A 284 -14.55 -7.31 -54.24
N VAL A 285 -15.11 -6.13 -53.95
CA VAL A 285 -15.36 -5.06 -54.94
C VAL A 285 -14.70 -3.79 -54.43
N SER A 286 -14.33 -2.89 -55.34
CA SER A 286 -13.70 -1.58 -55.05
C SER A 286 -14.74 -0.48 -55.22
N ALA A 287 -14.45 0.72 -54.71
CA ALA A 287 -15.23 1.95 -54.91
C ALA A 287 -15.29 2.27 -56.41
N LYS A 288 -14.29 1.87 -57.19
CA LYS A 288 -14.20 2.15 -58.65
C LYS A 288 -15.01 1.13 -59.46
N GLY A 289 -15.55 0.10 -58.80
CA GLY A 289 -16.38 -0.94 -59.40
C GLY A 289 -15.57 -2.11 -59.97
N GLU A 290 -14.37 -2.37 -59.46
CA GLU A 290 -13.62 -3.58 -59.84
C GLU A 290 -14.12 -4.71 -58.97
N VAL A 291 -13.78 -5.94 -59.38
CA VAL A 291 -14.20 -7.18 -58.68
C VAL A 291 -13.01 -8.14 -58.59
N ALA A 292 -12.84 -8.83 -57.46
CA ALA A 292 -11.81 -9.87 -57.30
C ALA A 292 -12.41 -11.04 -56.53
N MET A 293 -12.13 -12.28 -56.96
CA MET A 293 -12.65 -13.48 -56.27
C MET A 293 -11.55 -14.54 -56.22
N PRO A 294 -10.40 -14.23 -55.61
CA PRO A 294 -9.31 -15.20 -55.47
C PRO A 294 -9.60 -16.19 -54.32
N TYR A 295 -9.10 -17.42 -54.47
CA TYR A 295 -9.26 -18.51 -53.49
C TYR A 295 -8.01 -19.40 -53.59
N ASN A 296 -7.59 -19.99 -52.47
CA ASN A 296 -6.41 -20.88 -52.41
C ASN A 296 -6.89 -22.31 -52.14
N THR A 297 -8.19 -22.53 -52.14
CA THR A 297 -8.86 -23.84 -51.99
C THR A 297 -8.99 -24.46 -53.38
N THR A 298 -9.47 -25.71 -53.46
CA THR A 298 -9.71 -26.47 -54.73
C THR A 298 -10.76 -25.72 -55.57
N GLY A 299 -11.78 -25.17 -54.91
CA GLY A 299 -12.88 -24.47 -55.60
C GLY A 299 -13.49 -23.40 -54.72
N MET A 300 -14.31 -22.56 -55.34
CA MET A 300 -15.17 -21.63 -54.59
C MET A 300 -16.40 -21.34 -55.44
N PHE A 301 -17.57 -21.73 -54.95
CA PHE A 301 -18.89 -21.42 -55.55
C PHE A 301 -18.97 -19.88 -55.61
N ARG A 302 -18.99 -19.30 -56.79
CA ARG A 302 -18.84 -17.83 -56.93
C ARG A 302 -19.59 -17.32 -58.16
N ALA A 303 -19.96 -16.04 -58.09
CA ALA A 303 -20.56 -15.32 -59.24
C ALA A 303 -20.24 -13.83 -59.11
N CYS A 304 -20.24 -13.13 -60.24
CA CYS A 304 -20.08 -11.67 -60.22
C CYS A 304 -20.61 -11.07 -61.52
N ALA A 305 -20.92 -9.79 -61.46
CA ALA A 305 -21.40 -8.96 -62.58
C ALA A 305 -20.92 -7.54 -62.38
N THR A 306 -20.55 -6.84 -63.48
CA THR A 306 -20.23 -5.40 -63.44
C THR A 306 -21.12 -4.67 -64.46
N GLU A 307 -21.43 -3.41 -64.14
CA GLU A 307 -21.95 -2.41 -65.12
C GLU A 307 -21.17 -2.47 -66.45
N ASP A 308 -19.84 -2.64 -66.44
CA ASP A 308 -18.97 -2.78 -67.66
C ASP A 308 -19.25 -4.06 -68.48
N GLY A 309 -20.30 -4.82 -68.16
CA GLY A 309 -20.70 -5.98 -68.98
C GLY A 309 -19.84 -7.22 -68.76
N TYR A 310 -19.11 -7.31 -67.65
CA TYR A 310 -18.48 -8.59 -67.23
C TYR A 310 -19.44 -9.31 -66.26
N SER A 311 -19.67 -10.59 -66.52
CA SER A 311 -20.38 -11.48 -65.57
C SER A 311 -19.78 -12.89 -65.66
N GLU A 312 -19.82 -13.61 -64.55
CA GLU A 312 -19.28 -14.96 -64.49
C GLU A 312 -19.99 -15.71 -63.37
N VAL A 313 -20.09 -17.01 -63.58
CA VAL A 313 -20.58 -18.02 -62.62
C VAL A 313 -19.56 -19.16 -62.70
N ALA A 314 -19.03 -19.60 -61.56
CA ALA A 314 -17.91 -20.55 -61.53
C ALA A 314 -17.83 -21.33 -60.21
N ILE A 315 -17.17 -22.49 -60.26
CA ILE A 315 -16.90 -23.38 -59.11
C ILE A 315 -15.39 -23.60 -59.04
N TRP A 316 -14.79 -24.10 -60.12
CA TRP A 316 -13.34 -24.44 -60.22
C TRP A 316 -12.58 -23.35 -60.98
N PRO A 317 -11.24 -23.38 -61.02
CA PRO A 317 -10.48 -22.48 -61.90
C PRO A 317 -10.92 -22.63 -63.38
N SER A 318 -10.85 -21.55 -64.15
CA SER A 318 -10.96 -21.56 -65.63
C SER A 318 -9.56 -21.38 -66.23
N MET B 1 16.55 -4.21 -26.57
CA MET B 1 16.71 -3.38 -25.34
C MET B 1 16.35 -4.17 -24.07
N GLY B 2 15.75 -5.37 -24.19
CA GLY B 2 15.38 -6.23 -23.04
C GLY B 2 13.86 -6.31 -22.86
N TRP B 3 13.39 -6.87 -21.73
CA TRP B 3 11.94 -7.08 -21.51
C TRP B 3 11.20 -5.75 -21.31
N ALA B 4 9.88 -5.77 -21.48
CA ALA B 4 9.00 -4.59 -21.29
C ALA B 4 7.58 -5.11 -21.05
N ILE B 5 6.85 -4.39 -20.24
CA ILE B 5 5.46 -4.73 -19.88
C ILE B 5 4.65 -3.44 -19.76
N ALA B 6 3.41 -3.50 -20.23
CA ALA B 6 2.45 -2.41 -20.06
C ALA B 6 1.11 -3.02 -19.66
N LEU B 7 0.35 -2.31 -18.86
CA LEU B 7 -0.96 -2.77 -18.41
C LEU B 7 -1.92 -1.59 -18.33
N HIS B 8 -3.20 -1.90 -18.38
CA HIS B 8 -4.23 -0.88 -18.16
C HIS B 8 -5.37 -1.44 -17.33
N GLY B 9 -6.09 -0.52 -16.70
CA GLY B 9 -7.40 -0.76 -16.05
C GLY B 9 -8.48 0.08 -16.70
N GLY B 10 -8.39 0.30 -18.02
CA GLY B 10 -9.46 0.94 -18.77
C GLY B 10 -9.24 2.44 -18.98
N ALA B 11 -9.77 2.91 -20.11
CA ALA B 11 -9.75 4.32 -20.55
C ALA B 11 -11.16 4.85 -20.62
N GLY B 12 -11.31 6.13 -20.40
CA GLY B 12 -12.58 6.83 -20.54
C GLY B 12 -12.55 8.13 -19.78
N ASP B 13 -13.73 8.63 -19.49
CA ASP B 13 -13.92 10.00 -18.99
C ASP B 13 -13.74 9.95 -17.47
N ILE B 14 -12.53 9.56 -17.04
CA ILE B 14 -12.12 9.51 -15.60
C ILE B 14 -11.97 10.97 -15.20
N PRO B 15 -12.91 11.55 -14.44
CA PRO B 15 -12.90 13.01 -14.25
C PRO B 15 -11.65 13.45 -13.45
N LEU B 16 -11.09 14.61 -13.78
CA LEU B 16 -9.90 15.16 -13.07
C LEU B 16 -10.24 15.44 -11.61
N SER B 17 -11.52 15.48 -11.23
CA SER B 17 -11.97 15.67 -9.83
C SER B 17 -12.28 14.31 -9.16
N LEU B 18 -11.88 13.19 -9.77
CA LEU B 18 -12.16 11.85 -9.20
C LEU B 18 -11.65 11.82 -7.75
N PRO B 19 -12.51 11.56 -6.75
CA PRO B 19 -12.08 11.75 -5.36
C PRO B 19 -11.05 10.67 -5.03
N PRO B 20 -10.14 11.00 -4.06
CA PRO B 20 -9.10 10.09 -3.62
C PRO B 20 -9.50 8.62 -3.46
N GLU B 21 -10.69 8.33 -2.92
CA GLU B 21 -11.10 6.97 -2.46
C GLU B 21 -11.44 6.07 -3.67
N ARG B 22 -11.72 6.64 -4.84
CA ARG B 22 -11.83 5.86 -6.11
C ARG B 22 -10.46 5.80 -6.79
N ARG B 23 -9.65 6.86 -6.69
CA ARG B 23 -8.33 6.95 -7.38
C ARG B 23 -7.36 5.97 -6.70
N HIS B 24 -7.22 6.10 -5.37
CA HIS B 24 -6.32 5.33 -4.46
C HIS B 24 -6.24 3.84 -4.79
N PRO B 25 -7.28 3.02 -4.51
CA PRO B 25 -7.16 1.57 -4.72
C PRO B 25 -6.79 1.21 -6.16
N ARG B 26 -7.21 2.03 -7.14
CA ARG B 26 -6.94 1.76 -8.59
C ARG B 26 -5.46 2.00 -8.88
N GLU B 27 -4.86 3.08 -8.37
CA GLU B 27 -3.41 3.36 -8.54
C GLU B 27 -2.59 2.23 -7.86
N GLU B 28 -3.00 1.79 -6.67
CA GLU B 28 -2.30 0.72 -5.89
C GLU B 28 -2.41 -0.61 -6.63
N ALA B 29 -3.59 -0.91 -7.15
CA ALA B 29 -3.84 -2.10 -7.99
C ALA B 29 -2.88 -2.09 -9.17
N LEU B 30 -2.73 -0.96 -9.86
CA LEU B 30 -1.82 -0.87 -11.04
C LEU B 30 -0.41 -1.23 -10.57
N ARG B 31 0.03 -0.66 -9.44
CA ARG B 31 1.41 -0.86 -8.95
C ARG B 31 1.54 -2.34 -8.59
N HIS B 32 0.54 -2.93 -7.94
CA HIS B 32 0.56 -4.36 -7.46
C HIS B 32 0.67 -5.26 -8.69
N CYS B 33 -0.15 -5.01 -9.71
CA CYS B 33 -0.17 -5.89 -10.91
C CYS B 33 1.07 -5.73 -11.74
N LEU B 34 1.67 -4.53 -11.80
CA LEU B 34 2.93 -4.29 -12.53
C LEU B 34 4.04 -5.14 -11.91
N GLN B 35 4.09 -5.20 -10.56
CA GLN B 35 5.04 -6.04 -9.76
C GLN B 35 4.89 -7.50 -10.15
N ILE B 36 3.65 -7.98 -10.27
CA ILE B 36 3.40 -9.38 -10.69
C ILE B 36 4.11 -9.58 -12.03
N GLY B 37 3.96 -8.67 -12.99
CA GLY B 37 4.50 -8.87 -14.35
C GLY B 37 6.00 -8.69 -14.40
N VAL B 38 6.50 -7.71 -13.64
CA VAL B 38 7.98 -7.48 -13.59
C VAL B 38 8.62 -8.74 -12.98
N GLU B 39 8.10 -9.26 -11.88
CA GLU B 39 8.74 -10.43 -11.21
C GLU B 39 8.75 -11.64 -12.16
N ALA B 40 7.67 -11.84 -12.92
CA ALA B 40 7.54 -12.91 -13.93
C ALA B 40 8.60 -12.74 -15.02
N LEU B 41 8.77 -11.54 -15.57
CA LEU B 41 9.74 -11.27 -16.67
C LEU B 41 11.16 -11.41 -16.15
N LYS B 42 11.43 -10.99 -14.91
CA LYS B 42 12.77 -11.16 -14.27
C LYS B 42 13.04 -12.66 -14.12
N ALA B 43 12.02 -13.46 -13.85
CA ALA B 43 12.14 -14.94 -13.75
C ALA B 43 12.17 -15.60 -15.14
N LYS B 44 12.05 -14.84 -16.23
CA LYS B 44 12.08 -15.35 -17.62
C LYS B 44 10.87 -16.26 -17.88
N LEU B 45 9.72 -15.94 -17.27
CA LEU B 45 8.44 -16.63 -17.61
C LEU B 45 8.07 -16.22 -19.02
N PRO B 46 7.59 -17.13 -19.90
CA PRO B 46 7.22 -16.74 -21.25
C PRO B 46 6.19 -15.60 -21.20
N PRO B 47 6.28 -14.59 -22.11
CA PRO B 47 5.27 -13.52 -22.18
C PRO B 47 3.80 -13.99 -22.14
N LEU B 48 3.44 -15.10 -22.77
CA LEU B 48 2.04 -15.57 -22.77
C LEU B 48 1.59 -15.87 -21.33
N ASP B 49 2.47 -16.44 -20.51
CA ASP B 49 2.19 -16.70 -19.07
C ASP B 49 2.17 -15.37 -18.28
N VAL B 50 3.02 -14.43 -18.67
CA VAL B 50 3.11 -13.11 -17.98
C VAL B 50 1.77 -12.37 -18.11
N VAL B 51 1.27 -12.24 -19.32
CA VAL B 51 0.05 -11.42 -19.53
C VAL B 51 -1.15 -12.15 -18.88
N GLU B 52 -1.20 -13.49 -18.88
CA GLU B 52 -2.29 -14.27 -18.23
C GLU B 52 -2.25 -13.99 -16.72
N ARG B 53 -1.09 -14.15 -16.09
CA ARG B 53 -0.94 -13.91 -14.63
C ARG B 53 -1.39 -12.48 -14.22
N VAL B 54 -0.98 -11.44 -14.95
CA VAL B 54 -1.33 -10.03 -14.65
C VAL B 54 -2.85 -9.83 -14.80
N VAL B 55 -3.42 -10.27 -15.91
CA VAL B 55 -4.85 -10.01 -16.19
C VAL B 55 -5.69 -10.83 -15.20
N ARG B 56 -5.25 -12.00 -14.77
CA ARG B 56 -5.99 -12.74 -13.69
C ARG B 56 -6.13 -11.85 -12.46
N GLU B 57 -5.04 -11.19 -12.07
CA GLU B 57 -5.00 -10.33 -10.87
C GLU B 57 -5.87 -9.11 -11.11
N LEU B 58 -5.83 -8.52 -12.32
CA LEU B 58 -6.64 -7.32 -12.69
C LEU B 58 -8.12 -7.68 -12.66
N GLU B 59 -8.49 -8.90 -13.12
CA GLU B 59 -9.87 -9.46 -13.01
C GLU B 59 -10.30 -9.44 -11.53
N ASN B 60 -9.43 -9.94 -10.64
CA ASN B 60 -9.73 -10.13 -9.19
C ASN B 60 -9.91 -8.77 -8.47
N ILE B 61 -9.35 -7.67 -8.97
CA ILE B 61 -9.47 -6.34 -8.28
C ILE B 61 -10.87 -5.80 -8.54
N PRO B 62 -11.72 -5.61 -7.50
CA PRO B 62 -13.13 -5.30 -7.77
C PRO B 62 -13.36 -3.91 -8.33
N GLN B 63 -12.36 -3.02 -8.25
CA GLN B 63 -12.47 -1.62 -8.76
C GLN B 63 -12.27 -1.61 -10.28
N PHE B 64 -11.79 -2.71 -10.87
CA PHE B 64 -11.65 -2.82 -12.34
C PHE B 64 -12.80 -3.64 -12.93
N ASN B 65 -13.25 -3.18 -14.08
CA ASN B 65 -14.38 -3.68 -14.90
C ASN B 65 -13.87 -4.88 -15.69
N ALA B 66 -13.75 -5.99 -14.96
CA ALA B 66 -13.36 -7.32 -15.48
C ALA B 66 -13.53 -8.24 -14.29
N GLY B 67 -13.83 -9.52 -14.50
CA GLY B 67 -13.92 -10.47 -13.37
C GLY B 67 -14.84 -9.92 -12.31
N LYS B 68 -14.41 -10.03 -11.06
CA LYS B 68 -15.17 -9.40 -9.96
C LYS B 68 -15.08 -7.87 -10.10
N GLY B 69 -16.21 -7.20 -10.13
CA GLY B 69 -16.29 -5.76 -10.46
C GLY B 69 -16.67 -5.49 -11.89
N SER B 70 -17.02 -6.52 -12.65
CA SER B 70 -17.58 -6.37 -14.03
C SER B 70 -18.85 -5.51 -13.89
N VAL B 71 -19.05 -4.57 -14.84
CA VAL B 71 -20.26 -3.72 -14.96
C VAL B 71 -21.44 -4.64 -15.24
N LEU B 72 -22.65 -4.14 -15.09
CA LEU B 72 -23.87 -4.95 -15.17
C LEU B 72 -24.55 -4.71 -16.52
N THR B 73 -25.08 -5.79 -17.06
CA THR B 73 -26.01 -5.74 -18.22
C THR B 73 -27.26 -4.94 -17.80
N SER B 74 -28.08 -4.62 -18.78
CA SER B 74 -29.44 -4.06 -18.58
C SER B 74 -30.25 -4.86 -17.55
N ASN B 75 -30.04 -6.17 -17.45
CA ASN B 75 -30.79 -7.10 -16.56
C ASN B 75 -30.13 -7.26 -15.18
N GLY B 76 -29.16 -6.42 -14.80
CA GLY B 76 -28.40 -6.50 -13.54
C GLY B 76 -27.54 -7.76 -13.43
N THR B 77 -27.07 -8.31 -14.55
CA THR B 77 -26.23 -9.53 -14.56
C THR B 77 -24.81 -9.16 -15.01
N VAL B 78 -23.86 -10.07 -14.77
CA VAL B 78 -22.46 -10.00 -15.28
C VAL B 78 -22.32 -10.96 -16.47
N GLU B 79 -21.74 -10.46 -17.57
CA GLU B 79 -21.39 -11.25 -18.77
C GLU B 79 -19.95 -10.87 -19.13
N MET B 80 -19.00 -11.75 -18.88
CA MET B 80 -17.56 -11.42 -18.93
C MET B 80 -16.97 -11.99 -20.21
N GLU B 81 -15.99 -11.29 -20.79
CA GLU B 81 -15.27 -11.74 -22.03
C GLU B 81 -13.79 -11.34 -22.00
N ALA B 82 -12.98 -12.09 -22.70
CA ALA B 82 -11.51 -11.98 -22.63
C ALA B 82 -10.92 -12.57 -23.90
N SER B 83 -9.75 -12.11 -24.28
CA SER B 83 -8.96 -12.75 -25.36
C SER B 83 -7.49 -12.63 -25.03
N ILE B 84 -6.75 -13.55 -25.62
CA ILE B 84 -5.29 -13.70 -25.41
C ILE B 84 -4.66 -14.08 -26.75
N MET B 85 -3.48 -13.55 -27.02
CA MET B 85 -2.75 -13.86 -28.28
C MET B 85 -1.26 -13.96 -28.03
N ASP B 86 -0.65 -15.00 -28.59
CA ASP B 86 0.81 -15.24 -28.64
C ASP B 86 1.34 -14.70 -29.97
N GLY B 87 2.20 -13.68 -29.98
CA GLY B 87 2.66 -13.04 -31.22
C GLY B 87 3.59 -13.94 -32.04
N THR B 88 4.31 -14.86 -31.40
CA THR B 88 5.33 -15.72 -32.08
C THR B 88 4.65 -16.77 -32.98
N THR B 89 3.54 -17.34 -32.52
CA THR B 89 2.76 -18.38 -33.21
C THR B 89 1.49 -17.80 -33.86
N MET B 90 1.06 -16.64 -33.38
CA MET B 90 -0.27 -16.04 -33.62
C MET B 90 -1.37 -17.03 -33.18
N ASP B 91 -1.04 -17.87 -32.21
CA ASP B 91 -2.03 -18.69 -31.47
C ASP B 91 -2.90 -17.74 -30.67
N CYS B 92 -4.20 -17.92 -30.67
CA CYS B 92 -5.11 -17.11 -29.82
C CYS B 92 -6.30 -17.88 -29.28
N GLY B 93 -6.89 -17.25 -28.27
CA GLY B 93 -8.06 -17.76 -27.52
C GLY B 93 -8.96 -16.64 -27.11
N ALA B 94 -10.25 -16.89 -27.10
CA ALA B 94 -11.27 -15.89 -26.76
C ALA B 94 -12.47 -16.54 -26.09
N VAL B 95 -13.15 -15.78 -25.24
CA VAL B 95 -14.39 -16.26 -24.54
C VAL B 95 -15.34 -15.08 -24.43
N SER B 96 -16.62 -15.34 -24.59
CA SER B 96 -17.64 -14.32 -24.23
C SER B 96 -18.72 -14.94 -23.36
N GLY B 97 -19.51 -14.12 -22.70
CA GLY B 97 -20.76 -14.59 -22.09
C GLY B 97 -20.53 -15.38 -20.82
N LEU B 98 -19.41 -15.18 -20.13
CA LEU B 98 -19.12 -15.94 -18.89
C LEU B 98 -19.86 -15.26 -17.71
N THR B 99 -20.55 -16.08 -16.88
CA THR B 99 -21.39 -15.68 -15.72
C THR B 99 -20.83 -16.18 -14.37
N THR B 100 -20.09 -17.30 -14.34
CA THR B 100 -19.55 -17.93 -13.09
C THR B 100 -18.05 -18.17 -13.11
N VAL B 101 -17.36 -17.91 -14.22
CA VAL B 101 -15.91 -18.21 -14.35
C VAL B 101 -15.12 -17.08 -13.68
N VAL B 102 -14.34 -17.42 -12.69
CA VAL B 102 -13.55 -16.44 -11.87
C VAL B 102 -12.57 -15.69 -12.75
N ASN B 103 -11.80 -16.41 -13.59
CA ASN B 103 -10.77 -15.79 -14.46
C ASN B 103 -11.08 -16.12 -15.93
N ALA B 104 -11.80 -15.22 -16.59
CA ALA B 104 -12.15 -15.27 -18.04
C ALA B 104 -10.87 -15.43 -18.86
N ILE B 105 -9.80 -14.68 -18.57
CA ILE B 105 -8.58 -14.72 -19.41
C ILE B 105 -8.00 -16.13 -19.44
N SER B 106 -8.03 -16.85 -18.32
CA SER B 106 -7.48 -18.22 -18.22
C SER B 106 -8.33 -19.19 -19.03
N LEU B 107 -9.64 -18.98 -19.13
CA LEU B 107 -10.47 -19.87 -20.01
C LEU B 107 -10.19 -19.56 -21.49
N ALA B 108 -9.97 -18.28 -21.85
CA ALA B 108 -9.54 -17.89 -23.21
C ALA B 108 -8.29 -18.72 -23.56
N ARG B 109 -7.31 -18.77 -22.65
CA ARG B 109 -6.08 -19.55 -22.89
C ARG B 109 -6.41 -21.05 -23.05
N LEU B 110 -7.25 -21.62 -22.20
CA LEU B 110 -7.62 -23.06 -22.35
C LEU B 110 -8.31 -23.34 -23.70
N VAL B 111 -9.12 -22.41 -24.24
CA VAL B 111 -9.73 -22.63 -25.58
C VAL B 111 -8.60 -22.81 -26.58
N MET B 112 -7.66 -21.88 -26.53
CA MET B 112 -6.49 -21.85 -27.44
C MET B 112 -5.75 -23.20 -27.33
N GLU B 113 -5.56 -23.71 -26.10
CA GLU B 113 -4.63 -24.84 -25.85
C GLU B 113 -5.33 -26.18 -25.98
N LYS B 114 -6.60 -26.25 -25.57
CA LYS B 114 -7.29 -27.56 -25.37
C LYS B 114 -8.29 -27.87 -26.48
N THR B 115 -8.60 -26.94 -27.39
CA THR B 115 -9.63 -27.20 -28.44
C THR B 115 -9.09 -26.86 -29.83
N PRO B 116 -9.81 -27.24 -30.91
CA PRO B 116 -9.45 -26.82 -32.27
C PRO B 116 -9.88 -25.39 -32.64
N HIS B 117 -10.47 -24.66 -31.69
CA HIS B 117 -11.18 -23.37 -31.88
C HIS B 117 -10.40 -22.21 -31.24
N ILE B 118 -10.75 -20.99 -31.55
CA ILE B 118 -10.22 -19.76 -30.91
C ILE B 118 -11.24 -19.30 -29.87
N TYR B 119 -12.52 -19.34 -30.21
CA TYR B 119 -13.58 -18.53 -29.55
C TYR B 119 -14.78 -19.41 -29.18
N LEU B 120 -15.03 -19.53 -27.87
CA LEU B 120 -16.29 -20.15 -27.34
C LEU B 120 -17.07 -19.09 -26.59
N ALA B 121 -18.38 -19.16 -26.61
CA ALA B 121 -19.22 -18.15 -25.95
C ALA B 121 -20.50 -18.72 -25.30
N PHE B 122 -20.90 -18.08 -24.22
CA PHE B 122 -22.16 -18.24 -23.44
C PHE B 122 -22.23 -19.69 -22.95
N ASP B 123 -23.32 -20.44 -23.10
CA ASP B 123 -23.49 -21.76 -22.44
C ASP B 123 -22.36 -22.72 -22.81
N GLY B 124 -21.98 -22.76 -24.09
CA GLY B 124 -20.87 -23.61 -24.53
C GLY B 124 -19.54 -23.26 -23.88
N ALA B 125 -19.25 -21.99 -23.65
CA ALA B 125 -18.03 -21.55 -22.93
C ALA B 125 -18.17 -21.99 -21.47
N GLU B 126 -19.33 -21.74 -20.84
CA GLU B 126 -19.54 -22.11 -19.40
C GLU B 126 -19.42 -23.64 -19.24
N GLU B 127 -19.83 -24.42 -20.24
CA GLU B 127 -19.78 -25.90 -20.18
C GLU B 127 -18.34 -26.38 -20.39
N PHE B 128 -17.56 -25.74 -21.27
CA PHE B 128 -16.11 -26.03 -21.46
C PHE B 128 -15.37 -25.78 -20.13
N ALA B 129 -15.69 -24.67 -19.46
CA ALA B 129 -15.16 -24.28 -18.14
C ALA B 129 -15.36 -25.43 -17.15
N ARG B 130 -16.53 -26.05 -17.15
CA ARG B 130 -16.88 -27.16 -16.21
C ARG B 130 -16.10 -28.42 -16.60
N GLN B 131 -16.00 -28.74 -17.90
CA GLN B 131 -15.14 -29.87 -18.40
C GLN B 131 -13.68 -29.66 -17.98
N GLN B 132 -13.23 -28.42 -17.90
CA GLN B 132 -11.80 -28.08 -17.66
C GLN B 132 -11.53 -28.00 -16.15
N GLY B 133 -12.56 -27.89 -15.32
CA GLY B 133 -12.41 -27.89 -13.84
C GLY B 133 -11.87 -26.57 -13.33
N VAL B 134 -11.98 -25.48 -14.10
CA VAL B 134 -11.51 -24.14 -13.63
C VAL B 134 -12.44 -23.65 -12.51
N GLU B 135 -11.94 -22.73 -11.70
CA GLU B 135 -12.68 -22.15 -10.55
C GLU B 135 -13.94 -21.43 -11.06
N THR B 136 -15.10 -21.73 -10.49
CA THR B 136 -16.38 -21.02 -10.72
C THR B 136 -16.97 -20.63 -9.36
N LEU B 137 -17.71 -19.54 -9.30
CA LEU B 137 -18.44 -19.10 -8.09
C LEU B 137 -19.81 -18.62 -8.54
N ASP B 138 -20.74 -18.55 -7.60
CA ASP B 138 -22.10 -18.05 -7.91
C ASP B 138 -21.99 -16.69 -8.59
N SER B 139 -22.86 -16.43 -9.57
CA SER B 139 -22.92 -15.15 -10.33
C SER B 139 -22.95 -13.94 -9.37
N SER B 140 -23.56 -14.06 -8.17
CA SER B 140 -23.63 -12.94 -7.20
C SER B 140 -22.22 -12.51 -6.74
N HIS B 141 -21.23 -13.41 -6.66
CA HIS B 141 -19.83 -13.05 -6.28
C HIS B 141 -19.31 -11.86 -7.10
N PHE B 142 -19.68 -11.75 -8.39
CA PHE B 142 -19.04 -10.83 -9.36
C PHE B 142 -19.67 -9.44 -9.24
N ILE B 143 -20.88 -9.36 -8.68
CA ILE B 143 -21.71 -8.13 -8.61
C ILE B 143 -21.28 -7.31 -7.39
N THR B 144 -20.88 -6.06 -7.56
CA THR B 144 -20.51 -5.17 -6.44
C THR B 144 -21.58 -4.11 -6.22
N ALA B 145 -21.61 -3.49 -5.02
CA ALA B 145 -22.56 -2.40 -4.68
C ALA B 145 -22.33 -1.19 -5.60
N GLU B 146 -21.07 -0.88 -5.86
CA GLU B 146 -20.67 0.21 -6.78
C GLU B 146 -21.34 -0.03 -8.15
N ASN B 147 -21.36 -1.27 -8.65
CA ASN B 147 -21.91 -1.56 -10.01
C ASN B 147 -23.46 -1.59 -10.00
N ILE B 148 -24.08 -1.96 -8.87
CA ILE B 148 -25.56 -1.83 -8.70
C ILE B 148 -25.89 -0.35 -8.91
N GLU B 149 -25.17 0.53 -8.21
CA GLU B 149 -25.38 2.00 -8.25
C GLU B 149 -25.08 2.52 -9.67
N ARG B 150 -23.98 2.08 -10.30
CA ARG B 150 -23.61 2.51 -11.67
C ARG B 150 -24.75 2.18 -12.64
N LEU B 151 -25.37 1.02 -12.51
CA LEU B 151 -26.45 0.62 -13.42
C LEU B 151 -27.69 1.50 -13.19
N LYS B 152 -28.05 1.72 -11.91
CA LYS B 152 -29.17 2.61 -11.54
C LYS B 152 -28.95 3.96 -12.24
N GLN B 153 -27.74 4.51 -12.16
CA GLN B 153 -27.36 5.82 -12.77
C GLN B 153 -27.46 5.76 -14.31
N ALA B 154 -27.16 4.62 -14.91
CA ALA B 154 -27.16 4.47 -16.40
C ALA B 154 -28.60 4.45 -16.92
N LYS B 155 -29.49 3.69 -16.28
CA LYS B 155 -30.93 3.64 -16.64
C LYS B 155 -31.54 5.03 -16.44
N GLU B 156 -31.26 5.68 -15.31
CA GLU B 156 -31.68 7.09 -15.05
C GLU B 156 -31.19 7.99 -16.21
N ALA B 157 -29.89 7.96 -16.54
CA ALA B 157 -29.26 8.81 -17.58
C ALA B 157 -29.92 8.57 -18.96
N ASN B 158 -30.66 7.48 -19.12
CA ASN B 158 -31.28 7.11 -20.43
C ASN B 158 -32.62 7.84 -20.57
N THR B 187 -12.64 -2.71 -18.47
CA THR B 187 -11.61 -3.37 -19.29
C THR B 187 -10.28 -3.32 -18.56
N VAL B 188 -9.52 -4.41 -18.65
CA VAL B 188 -8.14 -4.52 -18.13
C VAL B 188 -7.33 -5.17 -19.27
N GLY B 189 -6.02 -5.05 -19.22
CA GLY B 189 -5.17 -5.68 -20.24
C GLY B 189 -3.73 -5.68 -19.84
N CYS B 190 -2.96 -6.54 -20.47
CA CYS B 190 -1.50 -6.59 -20.25
C CYS B 190 -0.85 -6.96 -21.60
N VAL B 191 0.23 -6.27 -21.97
CA VAL B 191 1.13 -6.64 -23.12
C VAL B 191 2.53 -6.83 -22.54
N ALA B 192 3.29 -7.82 -23.04
CA ALA B 192 4.62 -8.14 -22.52
C ALA B 192 5.51 -8.60 -23.66
N VAL B 193 6.81 -8.29 -23.58
CA VAL B 193 7.82 -8.79 -24.55
C VAL B 193 9.04 -9.17 -23.74
N ASP B 194 9.70 -10.29 -24.09
CA ASP B 194 10.98 -10.70 -23.45
C ASP B 194 12.15 -10.16 -24.28
N GLY B 195 13.39 -10.35 -23.81
CA GLY B 195 14.61 -9.86 -24.47
C GLY B 195 14.89 -10.61 -25.75
N ASN B 196 14.14 -11.69 -26.01
CA ASN B 196 14.23 -12.50 -27.26
C ASN B 196 13.17 -12.08 -28.29
N GLY B 197 12.37 -11.04 -28.00
CA GLY B 197 11.35 -10.52 -28.94
C GLY B 197 10.03 -11.29 -28.96
N ASN B 198 9.81 -12.26 -28.08
CA ASN B 198 8.50 -12.96 -27.93
C ASN B 198 7.50 -12.01 -27.26
N LEU B 199 6.31 -11.94 -27.87
CA LEU B 199 5.27 -10.89 -27.62
C LEU B 199 3.96 -11.60 -27.26
N ALA B 200 3.21 -11.07 -26.30
CA ALA B 200 1.88 -11.58 -25.91
C ALA B 200 0.98 -10.42 -25.52
N SER B 201 -0.33 -10.59 -25.74
CA SER B 201 -1.39 -9.64 -25.34
C SER B 201 -2.56 -10.40 -24.71
N ALA B 202 -3.15 -9.79 -23.68
CA ALA B 202 -4.34 -10.27 -22.97
C ALA B 202 -5.23 -9.11 -22.58
N THR B 203 -6.54 -9.29 -22.73
CA THR B 203 -7.56 -8.25 -22.44
C THR B 203 -8.79 -8.95 -21.88
N SER B 204 -9.36 -8.39 -20.82
CA SER B 204 -10.52 -8.97 -20.10
C SER B 204 -11.48 -7.85 -19.71
N THR B 205 -12.79 -8.09 -19.71
CA THR B 205 -13.79 -7.03 -19.43
C THR B 205 -15.13 -7.57 -18.90
N GLY B 206 -15.87 -6.71 -18.21
CA GLY B 206 -17.32 -6.82 -18.00
C GLY B 206 -18.12 -6.25 -19.17
N GLY B 207 -17.50 -5.43 -20.02
CA GLY B 207 -18.20 -4.71 -21.11
C GLY B 207 -18.70 -3.33 -20.74
N LEU B 208 -19.89 -3.00 -21.24
CA LEU B 208 -20.48 -1.67 -21.10
C LEU B 208 -21.67 -1.75 -20.14
N VAL B 209 -21.74 -0.82 -19.20
CA VAL B 209 -22.86 -0.83 -18.21
C VAL B 209 -24.17 -0.68 -18.96
N ASN B 210 -25.20 -1.44 -18.58
CA ASN B 210 -26.56 -1.37 -19.20
C ASN B 210 -26.52 -1.93 -20.63
N LYS B 211 -25.49 -2.68 -21.01
CA LYS B 211 -25.46 -3.43 -22.30
C LYS B 211 -26.64 -4.40 -22.37
N MET B 212 -27.15 -4.63 -23.58
CA MET B 212 -28.18 -5.66 -23.78
C MET B 212 -27.52 -6.97 -23.40
N VAL B 213 -28.29 -7.91 -22.85
CA VAL B 213 -27.82 -9.30 -22.64
C VAL B 213 -27.48 -9.89 -24.00
N GLY B 214 -26.35 -10.60 -24.04
CA GLY B 214 -25.73 -11.12 -25.26
C GLY B 214 -24.87 -10.13 -26.01
N ARG B 215 -24.68 -8.88 -25.58
CA ARG B 215 -23.85 -7.90 -26.35
C ARG B 215 -22.37 -8.32 -26.26
N ILE B 216 -21.69 -8.39 -27.40
CA ILE B 216 -20.24 -8.68 -27.44
C ILE B 216 -19.54 -7.39 -27.80
N GLY B 217 -18.51 -7.00 -27.05
CA GLY B 217 -17.71 -5.80 -27.39
C GLY B 217 -16.44 -6.16 -28.15
N ASP B 218 -15.44 -5.29 -28.14
CA ASP B 218 -14.17 -5.46 -28.86
C ASP B 218 -13.22 -6.41 -28.13
N THR B 219 -13.32 -6.53 -26.81
CA THR B 219 -12.28 -7.17 -25.97
C THR B 219 -12.01 -8.58 -26.48
N PRO B 220 -13.03 -9.42 -26.78
CA PRO B 220 -12.74 -10.79 -27.16
C PRO B 220 -12.43 -10.99 -28.65
N LEU B 221 -12.50 -9.93 -29.45
CA LEU B 221 -12.35 -10.01 -30.93
C LEU B 221 -10.88 -9.76 -31.26
N ILE B 222 -10.19 -10.82 -31.66
CA ILE B 222 -8.81 -10.77 -32.23
C ILE B 222 -8.76 -9.70 -33.34
N GLY B 223 -7.85 -8.74 -33.17
CA GLY B 223 -7.70 -7.62 -34.10
C GLY B 223 -8.48 -6.39 -33.72
N ALA B 224 -9.31 -6.46 -32.70
CA ALA B 224 -10.04 -5.26 -32.23
C ALA B 224 -9.49 -4.89 -30.86
N GLY B 225 -9.84 -5.65 -29.81
CA GLY B 225 -9.29 -5.41 -28.46
C GLY B 225 -7.89 -5.99 -28.24
N THR B 226 -7.53 -7.06 -28.94
CA THR B 226 -6.29 -7.84 -28.66
C THR B 226 -5.64 -8.22 -29.99
N TYR B 227 -4.33 -8.08 -30.06
CA TYR B 227 -3.50 -8.53 -31.21
C TYR B 227 -2.05 -8.63 -30.81
N ALA B 228 -1.38 -9.63 -31.35
CA ALA B 228 0.08 -9.79 -31.20
C ALA B 228 0.61 -10.47 -32.44
N ASP B 229 1.77 -10.01 -32.90
CA ASP B 229 2.48 -10.67 -34.03
C ASP B 229 3.99 -10.62 -33.77
N ALA B 230 4.81 -10.84 -34.79
CA ALA B 230 6.28 -10.80 -34.62
C ALA B 230 6.77 -9.37 -34.26
N ARG B 231 5.99 -8.30 -34.49
CA ARG B 231 6.48 -6.90 -34.41
C ARG B 231 5.90 -6.19 -33.15
N CYS B 232 4.67 -6.51 -32.74
CA CYS B 232 4.00 -5.77 -31.64
C CYS B 232 3.00 -6.64 -30.91
N ALA B 233 2.65 -6.18 -29.72
CA ALA B 233 1.51 -6.70 -28.91
C ALA B 233 0.70 -5.51 -28.44
N VAL B 234 -0.62 -5.61 -28.59
CA VAL B 234 -1.57 -4.47 -28.42
C VAL B 234 -2.75 -4.93 -27.59
N SER B 235 -3.12 -4.16 -26.56
CA SER B 235 -4.41 -4.29 -25.85
C SER B 235 -5.14 -2.94 -25.89
N ALA B 236 -6.40 -2.90 -26.32
CA ALA B 236 -7.20 -1.68 -26.46
C ALA B 236 -8.30 -1.62 -25.39
N THR B 237 -8.77 -0.42 -25.11
CA THR B 237 -9.84 -0.14 -24.13
C THR B 237 -10.55 1.16 -24.50
N GLY B 238 -11.86 1.18 -24.22
CA GLY B 238 -12.73 2.34 -24.34
C GLY B 238 -14.05 1.85 -24.88
N LYS B 239 -14.65 2.58 -25.81
CA LYS B 239 -16.02 2.25 -26.28
C LYS B 239 -15.92 1.10 -27.27
N GLY B 240 -16.43 -0.08 -26.90
CA GLY B 240 -16.36 -1.35 -27.63
C GLY B 240 -16.70 -1.21 -29.10
N GLU B 241 -17.82 -0.57 -29.40
CA GLU B 241 -18.32 -0.49 -30.78
C GLU B 241 -17.35 0.34 -31.64
N ALA B 242 -16.76 1.41 -31.09
CA ALA B 242 -15.80 2.23 -31.87
C ALA B 242 -14.58 1.35 -32.12
N ILE B 243 -14.22 0.52 -31.16
CA ILE B 243 -12.96 -0.27 -31.28
C ILE B 243 -13.13 -1.43 -32.31
N ILE B 244 -14.30 -2.02 -32.38
CA ILE B 244 -14.68 -3.05 -33.42
C ILE B 244 -14.59 -2.38 -34.80
N ARG B 245 -15.28 -1.26 -34.97
CA ARG B 245 -15.41 -0.57 -36.28
C ARG B 245 -14.03 -0.09 -36.76
N GLY B 246 -13.16 0.30 -35.83
CA GLY B 246 -11.79 0.80 -36.08
C GLY B 246 -10.73 -0.28 -36.07
N THR B 247 -11.09 -1.56 -35.87
CA THR B 247 -10.18 -2.74 -35.82
C THR B 247 -8.84 -2.32 -35.16
N VAL B 248 -8.88 -1.77 -33.94
CA VAL B 248 -7.77 -0.93 -33.41
C VAL B 248 -6.49 -1.75 -33.29
N ALA B 249 -6.49 -2.89 -32.59
CA ALA B 249 -5.26 -3.66 -32.32
C ALA B 249 -4.61 -4.07 -33.66
N ARG B 250 -5.41 -4.50 -34.63
CA ARG B 250 -4.87 -4.94 -35.93
C ARG B 250 -4.29 -3.74 -36.70
N ASP B 251 -4.94 -2.58 -36.64
CA ASP B 251 -4.51 -1.33 -37.33
C ASP B 251 -3.14 -0.91 -36.84
N VAL B 252 -2.82 -1.02 -35.54
CA VAL B 252 -1.46 -0.65 -35.06
C VAL B 252 -0.43 -1.55 -35.76
N ALA B 253 -0.70 -2.86 -35.79
CA ALA B 253 0.19 -3.89 -36.38
C ALA B 253 0.29 -3.67 -37.90
N ALA B 254 -0.80 -3.32 -38.59
CA ALA B 254 -0.86 -3.11 -40.05
C ALA B 254 -0.03 -1.88 -40.45
N LEU B 255 -0.11 -0.78 -39.71
CA LEU B 255 0.72 0.43 -39.96
C LEU B 255 2.20 0.11 -39.78
N MET B 256 2.60 -0.65 -38.76
CA MET B 256 4.01 -1.07 -38.60
C MET B 256 4.44 -1.97 -39.76
N GLU B 257 3.64 -2.97 -40.10
CA GLU B 257 4.01 -4.01 -41.10
C GLU B 257 3.98 -3.44 -42.51
N PHE B 258 2.99 -2.62 -42.85
CA PHE B 258 2.69 -2.22 -44.25
C PHE B 258 3.21 -0.81 -44.55
N LYS B 259 3.45 0.05 -43.54
CA LYS B 259 3.99 1.41 -43.77
C LYS B 259 5.38 1.57 -43.15
N GLY B 260 5.88 0.56 -42.43
CA GLY B 260 7.14 0.66 -41.67
C GLY B 260 7.10 1.71 -40.56
N LEU B 261 5.91 2.08 -40.04
CA LEU B 261 5.79 3.04 -38.91
C LEU B 261 6.44 2.39 -37.70
N SER B 262 7.13 3.19 -36.85
CA SER B 262 7.51 2.77 -35.48
C SER B 262 6.24 2.39 -34.68
N LEU B 263 6.43 1.64 -33.59
CA LEU B 263 5.36 1.40 -32.58
C LEU B 263 4.68 2.73 -32.19
N GLU B 264 5.46 3.73 -31.78
CA GLU B 264 4.93 5.06 -31.36
C GLU B 264 4.13 5.73 -32.48
N GLU B 265 4.70 5.83 -33.68
CA GLU B 265 4.05 6.44 -34.87
C GLU B 265 2.70 5.73 -35.12
N ALA B 266 2.71 4.40 -35.11
CA ALA B 266 1.53 3.57 -35.44
C ALA B 266 0.47 3.75 -34.34
N ALA B 267 0.87 3.57 -33.08
CA ALA B 267 -0.03 3.72 -31.91
C ALA B 267 -0.68 5.11 -31.91
N THR B 268 0.13 6.17 -32.06
CA THR B 268 -0.36 7.56 -32.04
C THR B 268 -1.30 7.84 -33.21
N CYS B 269 -0.99 7.31 -34.41
CA CYS B 269 -1.84 7.49 -35.62
C CYS B 269 -3.22 6.86 -35.38
N VAL B 270 -3.29 5.66 -34.81
CA VAL B 270 -4.57 4.97 -34.55
C VAL B 270 -5.41 5.79 -33.55
N VAL B 271 -4.81 6.21 -32.43
CA VAL B 271 -5.53 6.83 -31.30
C VAL B 271 -5.90 8.27 -31.62
N HIS B 272 -5.00 9.05 -32.20
CA HIS B 272 -5.13 10.52 -32.39
C HIS B 272 -5.48 10.92 -33.84
N GLU B 273 -5.54 10.00 -34.81
CA GLU B 273 -6.00 10.32 -36.21
C GLU B 273 -7.16 9.42 -36.65
N ARG B 274 -7.13 8.11 -36.39
CA ARG B 274 -8.02 7.16 -37.09
C ARG B 274 -9.29 6.83 -36.28
N THR B 275 -9.46 7.37 -35.07
CA THR B 275 -10.57 7.01 -34.16
C THR B 275 -11.12 8.26 -33.48
N PRO B 276 -12.43 8.29 -33.16
CA PRO B 276 -13.03 9.49 -32.57
C PRO B 276 -12.42 9.80 -31.20
N LYS B 277 -12.22 11.08 -30.92
CA LYS B 277 -11.83 11.53 -29.57
C LYS B 277 -12.85 11.03 -28.53
N GLY B 278 -12.36 10.70 -27.34
CA GLY B 278 -13.15 10.19 -26.20
C GLY B 278 -13.53 8.74 -26.33
N THR B 279 -12.97 7.96 -27.26
CA THR B 279 -13.48 6.57 -27.45
C THR B 279 -12.47 5.54 -26.97
N LEU B 280 -11.16 5.82 -27.07
CA LEU B 280 -10.13 4.74 -27.16
C LEU B 280 -8.86 5.13 -26.41
N GLY B 281 -8.27 4.16 -25.73
CA GLY B 281 -6.86 4.15 -25.37
C GLY B 281 -6.28 2.80 -25.68
N LEU B 282 -4.97 2.66 -25.70
CA LEU B 282 -4.33 1.36 -25.89
C LEU B 282 -2.96 1.30 -25.23
N ILE B 283 -2.52 0.08 -24.95
CA ILE B 283 -1.14 -0.18 -24.51
C ILE B 283 -0.53 -1.09 -25.55
N ALA B 284 0.77 -0.96 -25.78
CA ALA B 284 1.47 -1.69 -26.84
C ALA B 284 2.95 -1.80 -26.49
N VAL B 285 3.53 -2.93 -26.85
CA VAL B 285 5.00 -3.13 -26.81
C VAL B 285 5.45 -3.60 -28.18
N SER B 286 6.68 -3.27 -28.52
CA SER B 286 7.34 -3.73 -29.75
C SER B 286 8.31 -4.89 -29.45
N ALA B 287 8.63 -5.67 -30.49
CA ALA B 287 9.67 -6.72 -30.47
C ALA B 287 10.97 -6.16 -29.88
N LYS B 288 11.28 -4.89 -30.11
CA LYS B 288 12.53 -4.21 -29.67
C LYS B 288 12.45 -3.73 -28.21
N GLY B 289 11.33 -3.96 -27.50
CA GLY B 289 11.16 -3.50 -26.10
C GLY B 289 10.71 -2.05 -25.98
N GLU B 290 10.17 -1.45 -27.04
CA GLU B 290 9.53 -0.12 -26.95
C GLU B 290 8.15 -0.26 -26.31
N VAL B 291 7.67 0.81 -25.66
CA VAL B 291 6.36 0.88 -24.98
C VAL B 291 5.61 2.08 -25.54
N ALA B 292 4.31 1.92 -25.85
CA ALA B 292 3.47 3.11 -26.09
C ALA B 292 2.11 2.90 -25.42
N MET B 293 1.57 3.96 -24.81
CA MET B 293 0.27 3.92 -24.11
C MET B 293 -0.51 5.19 -24.43
N PRO B 294 -0.80 5.49 -25.72
CA PRO B 294 -1.65 6.62 -26.10
C PRO B 294 -3.14 6.43 -25.84
N TYR B 295 -3.85 7.52 -25.56
CA TYR B 295 -5.32 7.50 -25.36
C TYR B 295 -5.90 8.84 -25.81
N ASN B 296 -7.15 8.80 -26.27
CA ASN B 296 -7.87 10.01 -26.75
C ASN B 296 -9.00 10.31 -25.78
N THR B 297 -9.01 9.60 -24.65
CA THR B 297 -9.93 9.82 -23.52
C THR B 297 -9.34 10.83 -22.51
N THR B 298 -10.15 11.25 -21.53
CA THR B 298 -9.70 12.13 -20.41
C THR B 298 -8.50 11.49 -19.69
N GLY B 299 -8.59 10.18 -19.46
CA GLY B 299 -7.61 9.42 -18.68
C GLY B 299 -7.53 7.97 -19.13
N MET B 300 -6.51 7.30 -18.66
CA MET B 300 -6.39 5.84 -18.81
C MET B 300 -5.52 5.32 -17.66
N PHE B 301 -6.09 4.48 -16.82
CA PHE B 301 -5.37 3.82 -15.71
C PHE B 301 -4.30 2.93 -16.35
N ARG B 302 -3.02 3.21 -16.16
CA ARG B 302 -1.96 2.51 -16.89
C ARG B 302 -0.68 2.40 -16.06
N ALA B 303 0.17 1.48 -16.46
CA ALA B 303 1.48 1.27 -15.83
C ALA B 303 2.39 0.57 -16.81
N CYS B 304 3.68 0.84 -16.73
CA CYS B 304 4.65 0.11 -17.55
C CYS B 304 5.99 -0.01 -16.83
N ALA B 305 6.83 -0.87 -17.35
CA ALA B 305 8.17 -1.07 -16.80
C ALA B 305 9.03 -1.66 -17.90
N THR B 306 10.32 -1.33 -17.89
CA THR B 306 11.29 -1.92 -18.85
C THR B 306 12.50 -2.42 -18.08
N GLU B 307 13.18 -3.44 -18.62
CA GLU B 307 14.46 -3.94 -18.08
C GLU B 307 15.50 -2.81 -17.94
N ASP B 308 15.52 -1.83 -18.84
CA ASP B 308 16.43 -0.61 -18.82
C ASP B 308 16.21 0.19 -17.52
N GLY B 309 15.21 -0.17 -16.69
CA GLY B 309 15.00 0.40 -15.34
C GLY B 309 13.97 1.53 -15.31
N TYR B 310 13.17 1.68 -16.37
CA TYR B 310 12.02 2.62 -16.40
C TYR B 310 10.79 1.94 -15.79
N SER B 311 10.03 2.66 -14.94
CA SER B 311 8.65 2.25 -14.56
C SER B 311 7.80 3.48 -14.35
N GLU B 312 6.49 3.31 -14.54
CA GLU B 312 5.54 4.43 -14.51
C GLU B 312 4.16 3.87 -14.18
N VAL B 313 3.45 4.55 -13.32
CA VAL B 313 2.01 4.36 -13.04
C VAL B 313 1.34 5.71 -13.28
N ALA B 314 0.19 5.77 -13.98
CA ALA B 314 -0.41 7.07 -14.30
C ALA B 314 -1.90 6.90 -14.60
N ILE B 315 -2.63 8.01 -14.56
CA ILE B 315 -4.09 8.07 -14.81
C ILE B 315 -4.34 9.15 -15.86
N TRP B 316 -3.83 10.37 -15.64
CA TRP B 316 -4.09 11.51 -16.52
C TRP B 316 -2.81 11.86 -17.28
N PRO B 317 -2.90 12.77 -18.27
CA PRO B 317 -1.72 13.24 -19.01
C PRO B 317 -0.72 14.00 -18.14
N SER B 318 0.57 13.92 -18.47
CA SER B 318 1.63 14.80 -17.88
C SER B 318 1.77 16.08 -18.71
N GLY C 2 -2.38 19.31 -5.12
CA GLY C 2 -2.10 18.17 -4.19
C GLY C 2 -0.61 18.01 -4.00
N TRP C 3 -0.20 17.04 -3.18
CA TRP C 3 1.22 16.77 -2.83
C TRP C 3 1.97 16.21 -4.06
N ALA C 4 3.27 16.39 -4.05
CA ALA C 4 4.19 15.92 -5.09
C ALA C 4 5.56 15.79 -4.47
N ILE C 5 6.36 14.85 -4.99
CA ILE C 5 7.74 14.64 -4.53
C ILE C 5 8.57 14.17 -5.71
N ALA C 6 9.83 14.63 -5.72
CA ALA C 6 10.80 14.12 -6.66
C ALA C 6 12.10 13.90 -5.90
N LEU C 7 12.91 13.05 -6.47
CA LEU C 7 14.29 12.83 -5.96
C LEU C 7 15.25 12.45 -7.08
N HIS C 8 16.54 12.67 -6.83
CA HIS C 8 17.62 12.25 -7.76
C HIS C 8 18.74 11.63 -6.93
N GLY C 9 19.48 10.72 -7.55
CA GLY C 9 20.68 10.13 -6.96
C GLY C 9 21.82 10.22 -7.96
N GLY C 10 21.90 11.30 -8.73
CA GLY C 10 23.08 11.50 -9.57
C GLY C 10 22.78 11.64 -11.04
N ALA C 11 23.18 12.78 -11.61
N ALA C 11 23.18 12.78 -11.61
CA ALA C 11 23.19 13.01 -13.08
CA ALA C 11 23.19 13.01 -13.08
C ALA C 11 24.64 13.00 -13.56
C ALA C 11 24.64 13.00 -13.56
N GLY C 12 24.82 12.51 -14.79
CA GLY C 12 26.10 12.47 -15.47
C GLY C 12 26.07 11.32 -16.45
N ASP C 13 27.28 10.87 -16.82
CA ASP C 13 27.48 9.90 -17.90
C ASP C 13 27.33 8.50 -17.28
N ILE C 14 26.07 8.12 -17.02
CA ILE C 14 25.68 6.76 -16.55
C ILE C 14 25.68 5.84 -17.76
N PRO C 15 26.68 4.96 -17.92
CA PRO C 15 26.78 4.13 -19.14
C PRO C 15 25.52 3.28 -19.38
N LEU C 16 24.93 3.32 -20.58
CA LEU C 16 23.72 2.50 -20.93
C LEU C 16 24.05 1.00 -20.89
N SER C 17 25.34 0.65 -20.84
CA SER C 17 25.84 -0.72 -20.60
C SER C 17 26.08 -0.96 -19.09
N LEU C 18 25.47 -0.16 -18.21
CA LEU C 18 25.64 -0.29 -16.73
C LEU C 18 25.22 -1.69 -16.29
N PRO C 19 26.16 -2.49 -15.76
CA PRO C 19 25.85 -3.88 -15.40
C PRO C 19 24.64 -3.99 -14.46
N PRO C 20 23.70 -4.92 -14.72
CA PRO C 20 22.52 -5.10 -13.87
C PRO C 20 22.86 -5.22 -12.37
N GLU C 21 24.01 -5.79 -12.03
CA GLU C 21 24.46 -5.95 -10.62
C GLU C 21 24.55 -4.57 -9.98
N ARG C 22 24.84 -3.53 -10.79
CA ARG C 22 25.05 -2.12 -10.34
C ARG C 22 23.82 -1.25 -10.62
N ARG C 23 23.30 -1.26 -11.85
CA ARG C 23 22.03 -0.59 -12.22
C ARG C 23 20.95 -0.87 -11.17
N HIS C 24 20.76 -2.14 -10.82
CA HIS C 24 19.56 -2.66 -10.10
C HIS C 24 19.51 -2.21 -8.64
N PRO C 25 20.55 -2.42 -7.80
CA PRO C 25 20.52 -1.90 -6.44
C PRO C 25 20.23 -0.40 -6.47
N ARG C 26 20.68 0.31 -7.52
CA ARG C 26 20.61 1.78 -7.59
C ARG C 26 19.14 2.19 -7.79
N GLU C 27 18.49 1.60 -8.80
CA GLU C 27 17.02 1.63 -9.07
C GLU C 27 16.24 1.30 -7.80
N GLU C 28 16.59 0.22 -7.11
CA GLU C 28 15.78 -0.24 -5.96
C GLU C 28 15.97 0.76 -4.80
N ALA C 29 17.19 1.27 -4.63
CA ALA C 29 17.46 2.29 -3.61
C ALA C 29 16.59 3.51 -3.90
N LEU C 30 16.60 4.00 -5.15
CA LEU C 30 15.75 5.13 -5.64
C LEU C 30 14.30 4.85 -5.26
N ARG C 31 13.82 3.65 -5.56
CA ARG C 31 12.38 3.29 -5.40
C ARG C 31 12.02 3.24 -3.89
N HIS C 32 12.93 2.75 -3.06
CA HIS C 32 12.73 2.66 -1.59
C HIS C 32 12.61 4.10 -1.04
N CYS C 33 13.52 4.98 -1.45
CA CYS C 33 13.52 6.40 -1.02
C CYS C 33 12.26 7.14 -1.47
N LEU C 34 11.78 6.91 -2.70
CA LEU C 34 10.46 7.46 -3.16
C LEU C 34 9.34 6.95 -2.24
N GLN C 35 9.34 5.66 -1.87
CA GLN C 35 8.33 5.07 -0.95
C GLN C 35 8.39 5.73 0.44
N ILE C 36 9.59 5.94 0.97
CA ILE C 36 9.82 6.67 2.26
C ILE C 36 9.21 8.07 2.18
N GLY C 37 9.45 8.78 1.07
CA GLY C 37 8.93 10.13 0.85
C GLY C 37 7.43 10.18 0.76
N VAL C 38 6.82 9.31 -0.05
CA VAL C 38 5.35 9.29 -0.24
C VAL C 38 4.67 8.92 1.08
N GLU C 39 5.17 7.92 1.79
CA GLU C 39 4.65 7.50 3.12
C GLU C 39 4.66 8.71 4.05
N ALA C 40 5.78 9.44 4.09
CA ALA C 40 5.92 10.65 4.94
C ALA C 40 4.85 11.68 4.56
N LEU C 41 4.67 11.96 3.26
CA LEU C 41 3.67 12.97 2.81
C LEU C 41 2.25 12.52 3.23
N LYS C 42 1.93 11.24 3.04
CA LYS C 42 0.60 10.66 3.37
C LYS C 42 0.43 10.58 4.90
N ALA C 43 1.54 10.60 5.67
CA ALA C 43 1.49 10.60 7.15
C ALA C 43 1.41 12.04 7.65
N LYS C 44 1.29 13.01 6.74
CA LYS C 44 1.14 14.46 6.98
C LYS C 44 2.43 15.04 7.61
N LEU C 45 3.62 14.55 7.25
CA LEU C 45 4.88 15.27 7.60
C LEU C 45 4.94 16.53 6.75
N PRO C 46 5.34 17.70 7.26
CA PRO C 46 5.55 18.86 6.41
C PRO C 46 6.67 18.62 5.40
N PRO C 47 6.63 19.30 4.23
CA PRO C 47 7.68 19.18 3.21
C PRO C 47 9.14 19.27 3.75
N LEU C 48 9.45 20.16 4.70
CA LEU C 48 10.83 20.28 5.24
C LEU C 48 11.26 18.95 5.85
N ASP C 49 10.40 18.31 6.62
CA ASP C 49 10.68 17.00 7.25
C ASP C 49 10.78 15.86 6.21
N VAL C 50 9.95 15.93 5.17
CA VAL C 50 9.95 14.93 4.07
C VAL C 50 11.30 14.94 3.35
N VAL C 51 11.74 16.12 2.89
CA VAL C 51 12.99 16.22 2.08
C VAL C 51 14.17 15.87 2.97
N GLU C 52 14.17 16.24 4.26
CA GLU C 52 15.25 15.83 5.20
C GLU C 52 15.26 14.29 5.35
N ARG C 53 14.10 13.69 5.59
CA ARG C 53 14.02 12.22 5.79
C ARG C 53 14.53 11.45 4.55
N VAL C 54 14.09 11.86 3.36
CA VAL C 54 14.51 11.22 2.06
C VAL C 54 16.02 11.41 1.87
N VAL C 55 16.55 12.61 2.07
CA VAL C 55 18.01 12.82 1.81
C VAL C 55 18.85 12.09 2.84
N ARG C 56 18.39 11.96 4.08
CA ARG C 56 19.13 11.17 5.08
C ARG C 56 19.25 9.74 4.56
N GLU C 57 18.22 9.18 3.91
CA GLU C 57 18.29 7.78 3.41
C GLU C 57 19.26 7.71 2.23
N LEU C 58 19.24 8.72 1.36
CA LEU C 58 20.14 8.79 0.20
C LEU C 58 21.58 8.94 0.65
N GLU C 59 21.86 9.72 1.70
CA GLU C 59 23.19 9.81 2.35
C GLU C 59 23.61 8.41 2.84
N ASN C 60 22.70 7.67 3.48
CA ASN C 60 23.12 6.41 4.18
C ASN C 60 23.34 5.30 3.15
N ILE C 61 22.78 5.43 1.95
CA ILE C 61 22.93 4.37 0.90
C ILE C 61 24.31 4.55 0.27
N PRO C 62 25.20 3.53 0.37
CA PRO C 62 26.57 3.68 -0.10
C PRO C 62 26.69 3.85 -1.61
N GLN C 63 25.67 3.49 -2.39
CA GLN C 63 25.73 3.57 -3.86
C GLN C 63 25.70 5.05 -4.31
N PHE C 64 25.24 5.97 -3.46
CA PHE C 64 25.04 7.37 -3.92
C PHE C 64 26.14 8.27 -3.36
N ASN C 65 26.55 9.25 -4.13
CA ASN C 65 27.62 10.23 -3.79
C ASN C 65 27.03 11.30 -2.86
N ALA C 66 26.88 10.92 -1.59
CA ALA C 66 26.47 11.73 -0.42
C ALA C 66 26.63 10.83 0.82
N GLY C 67 26.83 11.39 2.01
CA GLY C 67 27.08 10.64 3.25
C GLY C 67 28.05 9.50 2.99
N LYS C 68 27.75 8.28 3.45
CA LYS C 68 28.53 7.10 3.05
C LYS C 68 28.44 6.85 1.54
N GLY C 69 29.57 6.66 0.87
CA GLY C 69 29.65 6.56 -0.60
C GLY C 69 29.96 7.89 -1.26
N SER C 70 30.21 8.92 -0.47
CA SER C 70 30.77 10.20 -0.97
C SER C 70 32.02 9.92 -1.78
N VAL C 71 32.19 10.62 -2.88
CA VAL C 71 33.46 10.61 -3.66
C VAL C 71 34.58 11.24 -2.81
N LEU C 72 35.80 10.95 -3.20
CA LEU C 72 36.99 11.36 -2.43
C LEU C 72 37.66 12.59 -3.03
N THR C 73 38.21 13.37 -2.11
CA THR C 73 39.14 14.49 -2.37
C THR C 73 40.44 13.93 -2.94
N SER C 74 41.26 14.84 -3.45
CA SER C 74 42.61 14.53 -3.98
C SER C 74 43.40 13.73 -2.93
N ASN C 75 43.17 14.02 -1.65
CA ASN C 75 43.92 13.47 -0.48
C ASN C 75 43.23 12.21 0.03
N GLY C 76 42.29 11.64 -0.76
CA GLY C 76 41.52 10.44 -0.41
C GLY C 76 40.75 10.54 0.87
N THR C 77 40.17 11.73 1.15
CA THR C 77 39.30 12.02 2.33
C THR C 77 37.88 12.31 1.86
N VAL C 78 36.92 12.24 2.77
CA VAL C 78 35.52 12.66 2.49
C VAL C 78 35.28 14.06 3.05
N GLU C 79 34.79 14.95 2.20
CA GLU C 79 34.33 16.30 2.63
C GLU C 79 32.91 16.43 2.07
N MET C 80 31.92 16.41 2.97
CA MET C 80 30.48 16.33 2.64
C MET C 80 29.86 17.71 2.83
N GLU C 81 28.90 18.04 1.97
CA GLU C 81 28.18 19.32 2.01
C GLU C 81 26.73 19.08 1.64
N ALA C 82 25.86 19.95 2.18
CA ALA C 82 24.40 19.84 2.01
C ALA C 82 23.75 21.21 2.20
N SER C 83 22.54 21.38 1.69
CA SER C 83 21.69 22.57 1.96
C SER C 83 20.22 22.20 1.92
N ILE C 84 19.40 22.96 2.65
CA ILE C 84 17.93 22.77 2.77
C ILE C 84 17.28 24.15 2.75
N MET C 85 16.10 24.24 2.13
CA MET C 85 15.36 25.49 2.09
C MET C 85 13.87 25.22 2.20
N ASP C 86 13.22 26.00 3.08
CA ASP C 86 11.74 26.02 3.21
C ASP C 86 11.21 27.19 2.36
N GLY C 87 10.35 26.90 1.38
CA GLY C 87 9.85 27.88 0.39
C GLY C 87 8.90 28.93 0.98
N THR C 88 8.12 28.58 1.99
CA THR C 88 7.08 29.45 2.61
C THR C 88 7.73 30.55 3.47
N THR C 89 8.86 30.27 4.13
CA THR C 89 9.57 31.23 5.03
C THR C 89 10.83 31.76 4.34
N MET C 90 11.31 31.00 3.35
CA MET C 90 12.65 31.12 2.73
C MET C 90 13.76 31.01 3.79
N ASP C 91 13.48 30.34 4.88
CA ASP C 91 14.49 29.86 5.85
C ASP C 91 15.40 28.85 5.10
N CYS C 92 16.66 28.81 5.47
CA CYS C 92 17.62 27.88 4.86
C CYS C 92 18.82 27.61 5.75
N GLY C 93 19.44 26.50 5.41
CA GLY C 93 20.61 25.99 6.13
C GLY C 93 21.55 25.35 5.16
N ALA C 94 22.83 25.37 5.51
CA ALA C 94 23.90 24.82 4.67
C ALA C 94 25.14 24.49 5.49
N VAL C 95 25.79 23.38 5.13
CA VAL C 95 27.08 22.91 5.72
C VAL C 95 28.04 22.49 4.59
N SER C 96 29.35 22.73 4.79
CA SER C 96 30.45 22.22 3.93
C SER C 96 31.51 21.64 4.86
N GLY C 97 32.36 20.82 4.29
CA GLY C 97 33.57 20.32 4.93
C GLY C 97 33.27 19.35 6.07
N LEU C 98 32.17 18.60 6.05
CA LEU C 98 31.92 17.60 7.13
C LEU C 98 32.68 16.31 6.84
N THR C 99 33.28 15.73 7.89
CA THR C 99 34.18 14.55 7.80
C THR C 99 33.67 13.41 8.70
N THR C 100 32.91 13.70 9.75
CA THR C 100 32.46 12.61 10.68
C THR C 100 30.94 12.60 10.84
N VAL C 101 30.22 13.64 10.40
CA VAL C 101 28.75 13.75 10.61
C VAL C 101 28.02 12.76 9.69
N VAL C 102 27.18 11.91 10.25
CA VAL C 102 26.52 10.81 9.48
C VAL C 102 25.57 11.43 8.46
N ASN C 103 24.79 12.43 8.84
CA ASN C 103 23.77 13.00 7.95
C ASN C 103 23.99 14.52 7.81
N ALA C 104 24.74 14.92 6.79
CA ALA C 104 25.06 16.34 6.44
C ALA C 104 23.73 17.16 6.40
N ILE C 105 22.69 16.68 5.72
CA ILE C 105 21.42 17.43 5.51
C ILE C 105 20.74 17.75 6.86
N SER C 106 20.85 16.88 7.87
CA SER C 106 20.24 17.14 9.21
C SER C 106 21.06 18.21 9.93
N LEU C 107 22.37 18.28 9.68
CA LEU C 107 23.18 19.37 10.28
C LEU C 107 22.83 20.73 9.62
N ALA C 108 22.68 20.80 8.29
CA ALA C 108 22.22 22.02 7.57
C ALA C 108 20.91 22.47 8.20
N ARG C 109 19.97 21.53 8.43
CA ARG C 109 18.68 21.91 9.03
C ARG C 109 18.87 22.49 10.44
N LEU C 110 19.77 21.92 11.23
CA LEU C 110 20.02 22.42 12.60
C LEU C 110 20.69 23.81 12.56
N VAL C 111 21.52 24.12 11.55
CA VAL C 111 22.12 25.49 11.42
C VAL C 111 20.98 26.50 11.30
N MET C 112 20.01 26.16 10.48
CA MET C 112 18.83 26.97 10.18
C MET C 112 18.03 27.20 11.47
N GLU C 113 17.83 26.15 12.25
CA GLU C 113 16.89 26.17 13.40
C GLU C 113 17.58 26.68 14.68
N LYS C 114 18.84 26.36 14.89
CA LYS C 114 19.49 26.53 16.22
C LYS C 114 20.43 27.74 16.26
N THR C 115 20.70 28.41 15.15
CA THR C 115 21.73 29.49 15.05
C THR C 115 21.13 30.70 14.34
N PRO C 116 21.76 31.88 14.43
CA PRO C 116 21.35 33.01 13.60
C PRO C 116 22.03 33.01 12.22
N HIS C 117 22.62 31.87 11.83
CA HIS C 117 23.33 31.75 10.54
C HIS C 117 22.58 30.80 9.59
N ILE C 118 22.98 30.85 8.34
CA ILE C 118 22.55 29.90 7.29
C ILE C 118 23.63 28.84 7.11
N TYR C 119 24.92 29.20 7.14
CA TYR C 119 26.00 28.39 6.55
C TYR C 119 27.19 28.27 7.49
N LEU C 120 27.47 27.04 7.92
CA LEU C 120 28.69 26.67 8.71
C LEU C 120 29.55 25.71 7.92
N ALA C 121 30.88 25.82 8.02
CA ALA C 121 31.78 24.99 7.18
C ALA C 121 33.00 24.53 7.97
N PHE C 122 33.40 23.30 7.69
CA PHE C 122 34.71 22.73 8.11
C PHE C 122 34.78 22.62 9.63
N ASP C 123 35.89 22.95 10.27
CA ASP C 123 36.07 22.71 11.72
C ASP C 123 34.89 23.26 12.49
N GLY C 124 34.44 24.47 12.16
CA GLY C 124 33.30 25.12 12.82
C GLY C 124 32.03 24.31 12.69
N ALA C 125 31.78 23.67 11.56
CA ALA C 125 30.54 22.90 11.35
C ALA C 125 30.67 21.65 12.23
N GLU C 126 31.86 21.07 12.27
CA GLU C 126 32.13 19.83 13.04
C GLU C 126 31.92 20.12 14.53
N GLU C 127 32.39 21.27 15.01
CA GLU C 127 32.24 21.65 16.43
CA GLU C 127 32.23 21.74 16.40
C GLU C 127 30.75 21.83 16.73
N PHE C 128 30.01 22.57 15.89
CA PHE C 128 28.53 22.70 16.00
C PHE C 128 27.86 21.32 16.06
N ALA C 129 28.26 20.37 15.20
CA ALA C 129 27.71 18.99 15.20
C ALA C 129 27.85 18.39 16.61
N ARG C 130 29.00 18.62 17.24
CA ARG C 130 29.29 18.07 18.58
C ARG C 130 28.44 18.78 19.63
N GLN C 131 28.37 20.11 19.59
CA GLN C 131 27.50 20.93 20.48
C GLN C 131 26.07 20.37 20.44
N GLN C 132 25.58 20.04 19.24
CA GLN C 132 24.20 19.55 18.98
C GLN C 132 24.04 18.05 19.31
N GLY C 133 25.11 17.29 19.52
CA GLY C 133 24.95 15.87 19.89
C GLY C 133 24.46 15.02 18.71
N VAL C 134 24.67 15.43 17.46
CA VAL C 134 24.28 14.59 16.28
C VAL C 134 25.21 13.37 16.22
N GLU C 135 24.76 12.34 15.50
CA GLU C 135 25.51 11.08 15.25
C GLU C 135 26.76 11.40 14.41
N THR C 136 27.93 11.00 14.90
CA THR C 136 29.18 11.02 14.13
C THR C 136 29.86 9.65 14.17
N LEU C 137 30.67 9.35 13.17
CA LEU C 137 31.45 8.11 13.11
C LEU C 137 32.84 8.47 12.61
N ASP C 138 33.79 7.55 12.78
CA ASP C 138 35.14 7.68 12.19
C ASP C 138 35.05 8.02 10.70
N SER C 139 36.00 8.81 10.19
CA SER C 139 36.01 9.27 8.78
C SER C 139 36.05 8.06 7.83
N SER C 140 36.71 6.95 8.23
CA SER C 140 36.83 5.71 7.42
C SER C 140 35.44 5.12 7.13
N HIS C 141 34.44 5.34 7.98
CA HIS C 141 33.06 4.83 7.75
C HIS C 141 32.58 5.24 6.37
N PHE C 142 32.87 6.49 5.97
CA PHE C 142 32.18 7.11 4.80
C PHE C 142 32.88 6.70 3.52
N ILE C 143 34.13 6.24 3.64
CA ILE C 143 35.01 5.84 2.50
C ILE C 143 34.66 4.41 2.11
N THR C 144 34.31 4.18 0.84
CA THR C 144 34.02 2.82 0.27
C THR C 144 35.12 2.41 -0.71
N ALA C 145 35.31 1.11 -0.91
CA ALA C 145 36.34 0.54 -1.81
C ALA C 145 36.15 1.09 -3.23
N GLU C 146 34.91 1.21 -3.69
CA GLU C 146 34.52 1.70 -5.03
C GLU C 146 35.03 3.16 -5.21
N ASN C 147 35.01 3.95 -4.16
CA ASN C 147 35.47 5.36 -4.24
C ASN C 147 37.00 5.44 -4.21
N ILE C 148 37.65 4.60 -3.41
CA ILE C 148 39.15 4.47 -3.47
C ILE C 148 39.53 4.18 -4.93
N GLU C 149 38.80 3.28 -5.59
CA GLU C 149 39.15 2.87 -6.97
C GLU C 149 38.86 4.03 -7.93
N ARG C 150 37.72 4.70 -7.76
CA ARG C 150 37.35 5.86 -8.63
C ARG C 150 38.46 6.94 -8.54
N LEU C 151 38.99 7.20 -7.35
CA LEU C 151 40.03 8.24 -7.17
C LEU C 151 41.33 7.81 -7.86
N LYS C 152 41.68 6.55 -7.69
CA LYS C 152 42.85 5.95 -8.37
C LYS C 152 42.69 6.18 -9.87
N GLN C 153 41.53 5.87 -10.44
CA GLN C 153 41.28 5.98 -11.90
C GLN C 153 41.33 7.46 -12.29
N ALA C 154 40.77 8.37 -11.49
CA ALA C 154 40.77 9.81 -11.84
C ALA C 154 42.22 10.30 -11.91
N LYS C 155 43.06 9.95 -10.94
CA LYS C 155 44.47 10.41 -10.90
C LYS C 155 45.18 9.79 -12.12
N GLU C 156 44.86 8.54 -12.46
CA GLU C 156 45.54 7.82 -13.57
C GLU C 156 45.22 8.54 -14.88
N ALA C 157 43.97 8.99 -15.04
CA ALA C 157 43.49 9.74 -16.22
C ALA C 157 44.31 11.02 -16.42
N ASN C 158 44.79 11.66 -15.35
CA ASN C 158 45.61 12.90 -15.40
C ASN C 158 47.11 12.62 -15.68
N ARG C 159 47.59 11.39 -15.53
CA ARG C 159 49.05 11.08 -15.66
C ARG C 159 49.48 11.08 -17.14
N VAL C 160 50.70 11.52 -17.40
CA VAL C 160 51.24 11.72 -18.77
C VAL C 160 52.55 10.94 -18.85
N GLN C 161 52.78 10.21 -19.95
CA GLN C 161 53.98 9.35 -20.11
C GLN C 161 55.21 10.19 -19.75
N ILE C 162 56.12 9.64 -18.94
CA ILE C 162 57.44 10.28 -18.63
C ILE C 162 58.45 9.77 -19.65
N ASP C 163 59.30 10.67 -20.15
CA ASP C 163 60.49 10.33 -20.98
C ASP C 163 61.66 10.25 -20.00
N TYR C 164 62.26 9.07 -19.86
CA TYR C 164 63.38 8.81 -18.92
C TYR C 164 64.75 9.00 -19.59
N THR C 165 64.80 9.31 -20.89
CA THR C 165 66.08 9.52 -21.65
C THR C 165 66.87 10.70 -21.07
N GLN C 166 68.20 10.54 -20.98
CA GLN C 166 69.16 11.55 -20.46
C GLN C 166 69.78 12.34 -21.61
N PRO C 167 69.59 13.68 -21.68
CA PRO C 167 70.19 14.52 -22.72
C PRO C 167 71.68 14.33 -23.04
N THR C 187 25.98 13.56 -5.70
CA THR C 187 24.87 14.41 -5.22
C THR C 187 23.60 13.58 -5.17
N VAL C 188 22.75 13.88 -4.18
CA VAL C 188 21.36 13.37 -4.04
C VAL C 188 20.48 14.53 -3.68
N GLY C 189 19.19 14.40 -3.90
CA GLY C 189 18.31 15.51 -3.56
C GLY C 189 16.88 15.11 -3.54
N CYS C 190 16.08 15.88 -2.83
CA CYS C 190 14.63 15.68 -2.72
C CYS C 190 13.93 17.03 -2.70
N VAL C 191 12.86 17.15 -3.47
CA VAL C 191 11.97 18.32 -3.45
C VAL C 191 10.59 17.79 -3.14
N ALA C 192 9.83 18.53 -2.34
CA ALA C 192 8.46 18.11 -1.99
C ALA C 192 7.53 19.31 -1.85
N VAL C 193 6.25 19.04 -2.04
CA VAL C 193 5.17 20.03 -1.79
C VAL C 193 3.97 19.29 -1.20
N ASP C 194 3.30 19.88 -0.22
CA ASP C 194 2.10 19.23 0.38
C ASP C 194 0.87 19.77 -0.35
N GLY C 195 -0.34 19.34 0.03
CA GLY C 195 -1.61 19.86 -0.53
C GLY C 195 -1.83 21.36 -0.34
N ASN C 196 -1.11 22.04 0.58
CA ASN C 196 -1.32 23.46 0.99
C ASN C 196 -0.40 24.44 0.24
N GLY C 197 0.45 23.96 -0.67
CA GLY C 197 1.46 24.77 -1.39
C GLY C 197 2.75 25.04 -0.61
N ASN C 198 2.97 24.38 0.53
CA ASN C 198 4.24 24.47 1.27
C ASN C 198 5.29 23.64 0.52
N LEU C 199 6.45 24.22 0.27
CA LEU C 199 7.50 23.67 -0.63
C LEU C 199 8.79 23.53 0.15
N ALA C 200 9.59 22.50 -0.11
CA ALA C 200 10.95 22.44 0.46
C ALA C 200 11.87 21.78 -0.57
N SER C 201 13.17 22.01 -0.38
CA SER C 201 14.23 21.36 -1.17
C SER C 201 15.39 20.96 -0.26
N ALA C 202 15.94 19.75 -0.46
CA ALA C 202 17.14 19.31 0.24
C ALA C 202 18.14 18.78 -0.79
N THR C 203 19.41 19.10 -0.62
CA THR C 203 20.47 18.55 -1.52
C THR C 203 21.70 18.19 -0.72
N SER C 204 22.35 17.06 -1.02
CA SER C 204 23.51 16.57 -0.23
C SER C 204 24.52 15.90 -1.16
N THR C 205 25.83 16.06 -0.91
CA THR C 205 26.84 15.52 -1.85
C THR C 205 28.17 15.24 -1.16
N GLY C 206 28.94 14.33 -1.75
CA GLY C 206 30.40 14.26 -1.51
C GLY C 206 31.18 15.19 -2.41
N GLY C 207 30.54 15.69 -3.45
CA GLY C 207 31.16 16.63 -4.41
C GLY C 207 31.76 15.93 -5.62
N LEU C 208 32.97 16.30 -6.00
CA LEU C 208 33.62 15.91 -7.30
C LEU C 208 34.85 15.09 -6.96
N VAL C 209 34.93 13.86 -7.49
CA VAL C 209 36.13 13.00 -7.26
C VAL C 209 37.43 13.74 -7.65
N ASN C 210 38.44 13.61 -6.80
CA ASN C 210 39.78 14.23 -6.93
C ASN C 210 39.70 15.76 -6.68
N LYS C 211 38.63 16.30 -6.08
CA LYS C 211 38.48 17.76 -5.82
C LYS C 211 39.63 18.18 -4.91
N MET C 212 40.09 19.43 -5.02
CA MET C 212 41.09 19.88 -4.05
C MET C 212 40.45 19.86 -2.66
N VAL C 213 41.23 19.60 -1.62
CA VAL C 213 40.79 19.71 -0.21
CA VAL C 213 40.70 19.69 -0.23
C VAL C 213 40.30 21.16 -0.02
N GLY C 214 39.16 21.32 0.63
CA GLY C 214 38.53 22.64 0.84
C GLY C 214 37.64 23.07 -0.32
N ARG C 215 37.51 22.30 -1.41
CA ARG C 215 36.70 22.75 -2.57
C ARG C 215 35.21 22.76 -2.17
N ILE C 216 34.52 23.89 -2.42
CA ILE C 216 33.04 23.98 -2.25
C ILE C 216 32.35 23.95 -3.61
N GLY C 217 31.38 23.02 -3.78
CA GLY C 217 30.55 23.00 -5.00
C GLY C 217 29.27 23.78 -4.90
N ASP C 218 28.33 23.46 -5.79
CA ASP C 218 27.02 24.12 -5.89
C ASP C 218 26.06 23.66 -4.78
N THR C 219 26.23 22.44 -4.26
CA THR C 219 25.21 21.76 -3.43
C THR C 219 24.84 22.59 -2.23
N PRO C 220 25.83 23.15 -1.50
CA PRO C 220 25.53 23.94 -0.31
C PRO C 220 25.18 25.41 -0.52
N LEU C 221 25.20 25.88 -1.77
CA LEU C 221 25.01 27.27 -2.16
C LEU C 221 23.54 27.48 -2.51
N ILE C 222 22.88 28.24 -1.64
CA ILE C 222 21.49 28.67 -1.85
C ILE C 222 21.42 29.46 -3.16
N GLY C 223 20.53 29.02 -4.06
CA GLY C 223 20.36 29.59 -5.41
C GLY C 223 21.17 28.88 -6.46
N ALA C 224 22.07 27.98 -6.09
CA ALA C 224 22.85 27.17 -7.04
C ALA C 224 22.29 25.74 -7.03
N GLY C 225 22.64 24.95 -6.01
CA GLY C 225 22.17 23.56 -5.86
C GLY C 225 20.75 23.47 -5.34
N THR C 226 20.33 24.38 -4.45
CA THR C 226 19.08 24.29 -3.67
C THR C 226 18.37 25.65 -3.66
N TYR C 227 17.09 25.65 -3.95
CA TYR C 227 16.25 26.84 -3.75
C TYR C 227 14.81 26.43 -3.53
N ALA C 228 14.07 27.19 -2.75
CA ALA C 228 12.60 27.00 -2.62
C ALA C 228 12.01 28.39 -2.34
N ASP C 229 10.91 28.72 -3.02
CA ASP C 229 10.16 29.96 -2.69
C ASP C 229 8.66 29.63 -2.62
N ALA C 230 7.78 30.63 -2.68
CA ALA C 230 6.32 30.38 -2.66
C ALA C 230 5.87 29.65 -3.93
N ARG C 231 6.66 29.64 -5.01
CA ARG C 231 6.21 29.11 -6.33
C ARG C 231 6.83 27.76 -6.66
N CYS C 232 8.08 27.50 -6.25
CA CYS C 232 8.72 26.22 -6.62
C CYS C 232 9.77 25.80 -5.60
N ALA C 233 10.18 24.53 -5.71
CA ALA C 233 11.33 23.99 -4.97
C ALA C 233 12.21 23.26 -5.99
N VAL C 234 13.52 23.51 -5.94
CA VAL C 234 14.47 22.97 -6.94
C VAL C 234 15.67 22.35 -6.26
N SER C 235 16.14 21.19 -6.76
CA SER C 235 17.45 20.62 -6.38
C SER C 235 18.17 20.26 -7.68
N ALA C 236 19.38 20.78 -7.87
CA ALA C 236 20.18 20.54 -9.07
C ALA C 236 21.24 19.49 -8.77
N THR C 237 21.82 18.95 -9.82
CA THR C 237 22.89 17.94 -9.77
C THR C 237 23.73 17.99 -11.05
N GLY C 238 25.00 17.70 -10.93
CA GLY C 238 25.91 17.62 -12.06
C GLY C 238 27.17 18.36 -11.73
N LYS C 239 27.74 19.05 -12.72
CA LYS C 239 29.12 19.61 -12.57
C LYS C 239 28.97 20.87 -11.72
N GLY C 240 29.52 20.85 -10.49
CA GLY C 240 29.36 21.90 -9.48
C GLY C 240 29.68 23.31 -9.97
N GLU C 241 30.85 23.52 -10.60
CA GLU C 241 31.33 24.85 -11.06
C GLU C 241 30.35 25.42 -12.11
N ALA C 242 29.84 24.61 -13.07
CA ALA C 242 28.76 25.05 -13.99
C ALA C 242 27.50 25.49 -13.25
N ILE C 243 27.09 24.76 -12.23
CA ILE C 243 25.81 25.01 -11.51
C ILE C 243 26.01 26.31 -10.72
N ILE C 244 27.19 26.56 -10.15
CA ILE C 244 27.44 27.86 -9.44
C ILE C 244 27.32 29.04 -10.44
N ARG C 245 28.06 28.96 -11.54
CA ARG C 245 28.14 30.00 -12.58
C ARG C 245 26.72 30.26 -13.10
N GLY C 246 25.90 29.19 -13.25
CA GLY C 246 24.58 29.29 -13.88
C GLY C 246 23.48 29.56 -12.88
N THR C 247 23.80 29.70 -11.59
CA THR C 247 22.82 29.89 -10.48
C THR C 247 21.54 29.11 -10.79
N VAL C 248 21.66 27.81 -10.98
CA VAL C 248 20.61 27.04 -11.70
C VAL C 248 19.32 27.03 -10.87
N ALA C 249 19.36 26.75 -9.58
CA ALA C 249 18.12 26.58 -8.78
C ALA C 249 17.34 27.91 -8.74
N ARG C 250 18.06 29.02 -8.56
CA ARG C 250 17.47 30.38 -8.54
C ARG C 250 16.91 30.75 -9.92
N ASP C 251 17.58 30.38 -10.99
CA ASP C 251 17.16 30.76 -12.36
C ASP C 251 15.81 30.10 -12.69
N VAL C 252 15.56 28.86 -12.22
CA VAL C 252 14.22 28.22 -12.45
C VAL C 252 13.14 29.08 -11.81
N ALA C 253 13.33 29.44 -10.53
CA ALA C 253 12.34 30.25 -9.78
C ALA C 253 12.20 31.65 -10.43
N ALA C 254 13.29 32.26 -10.88
CA ALA C 254 13.30 33.64 -11.43
C ALA C 254 12.51 33.67 -12.74
N LEU C 255 12.66 32.65 -13.59
CA LEU C 255 11.88 32.50 -14.86
C LEU C 255 10.39 32.40 -14.56
N MET C 256 9.97 31.64 -13.54
CA MET C 256 8.55 31.52 -13.15
C MET C 256 8.02 32.86 -12.63
N GLU C 257 8.82 33.55 -11.80
CA GLU C 257 8.35 34.80 -11.16
C GLU C 257 8.43 35.97 -12.14
N PHE C 258 9.55 36.15 -12.82
CA PHE C 258 9.80 37.37 -13.61
C PHE C 258 9.26 37.27 -15.04
N LYS C 259 9.13 36.07 -15.61
CA LYS C 259 8.64 35.86 -17.00
C LYS C 259 7.32 35.09 -17.01
N GLY C 260 6.78 34.72 -15.85
CA GLY C 260 5.52 33.98 -15.70
C GLY C 260 5.56 32.59 -16.33
N LEU C 261 6.72 31.97 -16.52
CA LEU C 261 6.83 30.61 -17.12
C LEU C 261 6.23 29.58 -16.17
N SER C 262 5.64 28.49 -16.70
CA SER C 262 5.27 27.28 -15.93
C SER C 262 6.54 26.65 -15.35
N LEU C 263 6.42 25.76 -14.35
CA LEU C 263 7.52 24.90 -13.84
C LEU C 263 8.23 24.24 -15.01
N GLU C 264 7.47 23.52 -15.86
CA GLU C 264 8.00 22.77 -17.03
C GLU C 264 8.80 23.67 -17.95
N GLU C 265 8.25 24.85 -18.29
CA GLU C 265 8.90 25.81 -19.20
C GLU C 265 10.20 26.31 -18.59
N ALA C 266 10.13 26.73 -17.34
CA ALA C 266 11.30 27.31 -16.63
C ALA C 266 12.40 26.23 -16.45
N ALA C 267 12.04 25.02 -16.04
CA ALA C 267 13.01 23.92 -15.83
C ALA C 267 13.67 23.51 -17.15
N THR C 268 12.89 23.34 -18.23
CA THR C 268 13.38 23.01 -19.58
C THR C 268 14.27 24.13 -20.12
N CYS C 269 13.87 25.39 -19.98
CA CYS C 269 14.70 26.52 -20.43
C CYS C 269 16.08 26.48 -19.78
N VAL C 270 16.13 26.30 -18.46
CA VAL C 270 17.42 26.33 -17.73
C VAL C 270 18.31 25.15 -18.21
N VAL C 271 17.76 23.94 -18.28
CA VAL C 271 18.55 22.69 -18.54
C VAL C 271 18.90 22.62 -20.03
N HIS C 272 17.96 22.92 -20.93
CA HIS C 272 18.14 22.72 -22.40
C HIS C 272 18.53 24.02 -23.14
N GLU C 273 18.43 25.22 -22.57
CA GLU C 273 18.79 26.47 -23.33
C GLU C 273 19.93 27.25 -22.70
N ARG C 274 20.08 27.27 -21.37
CA ARG C 274 20.90 28.29 -20.66
C ARG C 274 22.17 27.71 -20.04
N THR C 275 22.40 26.40 -20.17
CA THR C 275 23.53 25.69 -19.51
C THR C 275 24.18 24.77 -20.53
N PRO C 276 25.48 24.47 -20.41
CA PRO C 276 26.14 23.60 -21.37
C PRO C 276 25.59 22.17 -21.26
N LYS C 277 25.45 21.52 -22.41
CA LYS C 277 25.08 20.10 -22.58
C LYS C 277 26.08 19.18 -21.84
N GLY C 278 25.59 18.07 -21.30
CA GLY C 278 26.35 17.03 -20.59
C GLY C 278 26.88 17.49 -19.25
N THR C 279 26.24 18.49 -18.62
CA THR C 279 26.76 19.07 -17.37
C THR C 279 25.77 19.04 -16.22
N LEU C 280 24.46 19.03 -16.47
CA LEU C 280 23.38 19.42 -15.50
C LEU C 280 22.08 18.58 -15.61
N GLY C 281 21.49 18.28 -14.45
CA GLY C 281 20.09 17.83 -14.30
C GLY C 281 19.48 18.51 -13.09
N LEU C 282 18.16 18.52 -13.00
CA LEU C 282 17.50 19.04 -11.80
C LEU C 282 16.14 18.38 -11.61
N ILE C 283 15.68 18.47 -10.39
CA ILE C 283 14.29 18.09 -9.99
C ILE C 283 13.60 19.34 -9.45
N ALA C 284 12.31 19.45 -9.72
CA ALA C 284 11.54 20.64 -9.29
C ALA C 284 10.08 20.24 -9.08
N VAL C 285 9.44 20.87 -8.10
CA VAL C 285 7.99 20.79 -7.93
C VAL C 285 7.47 22.23 -7.92
N SER C 286 6.20 22.41 -8.25
CA SER C 286 5.50 23.72 -8.10
C SER C 286 4.58 23.67 -6.89
N ALA C 287 4.14 24.83 -6.39
CA ALA C 287 3.19 24.97 -5.26
C ALA C 287 1.84 24.36 -5.66
N LYS C 288 1.60 24.17 -6.96
CA LYS C 288 0.35 23.54 -7.52
C LYS C 288 0.49 22.02 -7.66
N GLY C 289 1.61 21.41 -7.23
CA GLY C 289 1.83 19.96 -7.27
C GLY C 289 2.32 19.48 -8.63
N GLU C 290 2.83 20.34 -9.50
CA GLU C 290 3.49 19.90 -10.75
C GLU C 290 4.90 19.37 -10.44
N VAL C 291 5.45 18.53 -11.34
CA VAL C 291 6.84 17.99 -11.17
CA VAL C 291 6.81 17.91 -11.20
C VAL C 291 7.58 18.11 -12.51
N ALA C 292 8.88 18.39 -12.47
CA ALA C 292 9.78 18.40 -13.64
C ALA C 292 11.12 17.80 -13.26
N MET C 293 11.72 17.00 -14.14
CA MET C 293 13.08 16.45 -13.89
C MET C 293 13.92 16.43 -15.16
N PRO C 294 14.14 17.58 -15.85
CA PRO C 294 14.95 17.66 -17.06
C PRO C 294 16.44 17.48 -16.74
N TYR C 295 17.20 16.90 -17.66
CA TYR C 295 18.66 16.73 -17.48
C TYR C 295 19.27 16.81 -18.87
N ASN C 296 20.45 17.39 -18.99
CA ASN C 296 21.16 17.53 -20.31
C ASN C 296 22.32 16.54 -20.34
N THR C 297 22.39 15.68 -19.31
CA THR C 297 23.36 14.55 -19.23
C THR C 297 22.77 13.36 -19.97
N THR C 298 23.53 12.27 -20.11
CA THR C 298 23.14 10.92 -20.69
C THR C 298 21.91 10.34 -19.94
N GLY C 299 21.91 10.49 -18.62
CA GLY C 299 20.79 10.08 -17.77
C GLY C 299 20.82 10.74 -16.40
N MET C 300 19.87 10.39 -15.59
CA MET C 300 19.80 10.91 -14.20
C MET C 300 18.98 9.92 -13.43
N PHE C 301 19.55 9.35 -12.39
CA PHE C 301 18.87 8.51 -11.39
C PHE C 301 17.75 9.35 -10.76
N ARG C 302 16.48 9.05 -11.07
CA ARG C 302 15.39 9.95 -10.66
C ARG C 302 14.13 9.15 -10.36
N ALA C 303 13.27 9.75 -9.53
CA ALA C 303 11.98 9.16 -9.10
C ALA C 303 11.04 10.29 -8.75
N CYS C 304 9.75 10.08 -8.95
CA CYS C 304 8.75 11.08 -8.49
C CYS C 304 7.38 10.43 -8.31
N ALA C 305 6.55 11.07 -7.53
CA ALA C 305 5.15 10.64 -7.30
C ALA C 305 4.30 11.87 -7.05
N THR C 306 3.03 11.82 -7.46
CA THR C 306 2.08 12.92 -7.22
C THR C 306 0.79 12.35 -6.63
N GLU C 307 0.07 13.21 -5.91
CA GLU C 307 -1.22 12.84 -5.31
C GLU C 307 -2.18 12.43 -6.43
N ASP C 308 -2.10 13.10 -7.59
CA ASP C 308 -2.83 12.83 -8.88
C ASP C 308 -2.62 11.41 -9.44
N GLY C 309 -1.73 10.58 -8.88
CA GLY C 309 -1.58 9.15 -9.20
C GLY C 309 -0.46 8.86 -10.19
N TYR C 310 0.39 9.84 -10.47
CA TYR C 310 1.57 9.66 -11.35
C TYR C 310 2.74 9.27 -10.47
N SER C 311 3.46 8.20 -10.80
CA SER C 311 4.82 7.96 -10.28
C SER C 311 5.72 7.38 -11.36
N GLU C 312 7.03 7.55 -11.18
CA GLU C 312 8.02 7.15 -12.19
C GLU C 312 9.31 6.89 -11.42
N VAL C 313 10.03 5.86 -11.82
CA VAL C 313 11.47 5.65 -11.47
C VAL C 313 12.20 5.44 -12.80
N ALA C 314 13.34 6.10 -13.01
CA ALA C 314 14.07 5.98 -14.28
C ALA C 314 15.53 6.41 -14.09
N ILE C 315 16.32 6.07 -15.09
CA ILE C 315 17.76 6.41 -15.23
C ILE C 315 17.94 7.10 -16.58
N TRP C 316 17.52 6.44 -17.66
CA TRP C 316 17.73 6.88 -19.06
C TRP C 316 16.47 7.54 -19.59
N PRO C 317 16.55 8.28 -20.72
CA PRO C 317 15.35 8.82 -21.36
C PRO C 317 14.39 7.67 -21.72
N SER C 318 13.11 7.97 -21.95
CA SER C 318 12.09 6.97 -22.35
C SER C 318 11.34 7.45 -23.60
N GLY D 2 31.02 55.52 -21.80
CA GLY D 2 32.44 55.22 -21.50
C GLY D 2 32.55 54.44 -20.19
N TRP D 3 33.71 54.50 -19.52
CA TRP D 3 33.99 53.67 -18.32
C TRP D 3 33.19 54.21 -17.14
N ALA D 4 32.97 53.37 -16.13
CA ALA D 4 32.23 53.71 -14.89
C ALA D 4 32.73 52.80 -13.78
N ILE D 5 32.79 53.31 -12.57
CA ILE D 5 33.23 52.51 -11.41
C ILE D 5 32.39 52.92 -10.21
N ALA D 6 32.14 51.95 -9.32
CA ALA D 6 31.54 52.21 -8.01
C ALA D 6 32.25 51.32 -6.99
N LEU D 7 32.31 51.79 -5.76
CA LEU D 7 32.91 51.00 -4.68
C LEU D 7 32.16 51.29 -3.39
N HIS D 8 32.16 50.33 -2.47
CA HIS D 8 31.55 50.54 -1.14
C HIS D 8 32.51 50.12 -0.04
N GLY D 9 32.20 50.65 1.13
CA GLY D 9 32.82 50.26 2.39
C GLY D 9 31.77 49.79 3.37
N GLY D 10 30.68 49.18 2.90
CA GLY D 10 29.68 48.54 3.76
C GLY D 10 28.46 49.41 4.04
N ALA D 11 27.32 48.72 4.13
CA ALA D 11 26.00 49.31 4.37
C ALA D 11 25.59 48.84 5.75
N GLY D 12 24.84 49.65 6.45
CA GLY D 12 24.53 49.37 7.84
C GLY D 12 23.90 50.55 8.52
N ASP D 13 23.59 50.35 9.79
CA ASP D 13 23.03 51.40 10.68
C ASP D 13 24.17 52.33 11.09
N ILE D 14 24.70 53.05 10.10
CA ILE D 14 25.76 54.07 10.31
C ILE D 14 25.05 55.30 10.87
N PRO D 15 25.14 55.56 12.19
CA PRO D 15 24.27 56.53 12.84
C PRO D 15 24.59 57.95 12.33
N LEU D 16 23.57 58.79 12.16
CA LEU D 16 23.68 60.20 11.71
C LEU D 16 24.62 60.95 12.68
N SER D 17 24.77 60.46 13.91
CA SER D 17 25.66 61.00 14.97
C SER D 17 27.11 60.47 14.87
N LEU D 18 27.47 59.68 13.84
CA LEU D 18 28.81 59.02 13.73
C LEU D 18 29.91 60.05 14.02
N PRO D 19 30.82 59.79 15.00
CA PRO D 19 31.85 60.76 15.34
C PRO D 19 32.70 61.03 14.09
N PRO D 20 32.98 62.32 13.79
CA PRO D 20 33.91 62.70 12.73
C PRO D 20 35.19 61.86 12.71
N GLU D 21 35.73 61.56 13.89
CA GLU D 21 36.99 60.78 14.10
C GLU D 21 36.94 59.49 13.27
N ARG D 22 35.77 58.85 13.23
CA ARG D 22 35.55 57.54 12.57
C ARG D 22 35.02 57.76 11.15
N ARG D 23 34.26 58.84 10.93
CA ARG D 23 33.69 59.20 9.61
C ARG D 23 34.83 59.57 8.66
N HIS D 24 35.70 60.50 9.11
CA HIS D 24 36.83 61.12 8.39
C HIS D 24 37.69 60.11 7.66
N PRO D 25 38.39 59.15 8.34
CA PRO D 25 39.25 58.18 7.66
C PRO D 25 38.52 57.35 6.61
N ARG D 26 37.27 56.96 6.89
CA ARG D 26 36.47 56.12 5.94
C ARG D 26 36.18 56.92 4.67
N GLU D 27 35.73 58.16 4.82
CA GLU D 27 35.46 59.07 3.68
C GLU D 27 36.75 59.27 2.89
N GLU D 28 37.88 59.49 3.56
CA GLU D 28 39.15 59.80 2.85
C GLU D 28 39.61 58.54 2.13
N ALA D 29 39.39 57.38 2.75
CA ALA D 29 39.79 56.08 2.17
C ALA D 29 38.95 55.75 0.92
N LEU D 30 37.64 56.05 0.95
CA LEU D 30 36.75 55.91 -0.22
C LEU D 30 37.35 56.73 -1.36
N ARG D 31 37.75 57.98 -1.06
CA ARG D 31 38.32 58.87 -2.11
C ARG D 31 39.59 58.26 -2.71
N HIS D 32 40.55 57.88 -1.88
CA HIS D 32 41.87 57.28 -2.27
C HIS D 32 41.63 56.05 -3.17
N CYS D 33 40.72 55.17 -2.74
CA CYS D 33 40.39 53.93 -3.48
C CYS D 33 39.66 54.24 -4.79
N LEU D 34 38.76 55.23 -4.83
CA LEU D 34 38.11 55.69 -6.08
C LEU D 34 39.21 56.15 -7.05
N GLN D 35 40.23 56.87 -6.55
CA GLN D 35 41.31 57.41 -7.40
C GLN D 35 42.16 56.27 -7.99
N ILE D 36 42.45 55.23 -7.21
CA ILE D 36 43.10 53.99 -7.71
C ILE D 36 42.25 53.45 -8.88
N GLY D 37 40.93 53.33 -8.73
CA GLY D 37 40.05 52.75 -9.76
C GLY D 37 40.02 53.62 -11.01
N VAL D 38 39.81 54.92 -10.84
CA VAL D 38 39.78 55.89 -11.96
C VAL D 38 41.09 55.82 -12.75
N GLU D 39 42.25 55.91 -12.08
CA GLU D 39 43.56 55.94 -12.80
C GLU D 39 43.68 54.65 -13.63
N ALA D 40 43.27 53.52 -13.06
CA ALA D 40 43.36 52.21 -13.73
C ALA D 40 42.44 52.21 -14.97
N LEU D 41 41.23 52.76 -14.87
CA LEU D 41 40.29 52.77 -16.02
C LEU D 41 40.80 53.76 -17.09
N LYS D 42 41.30 54.93 -16.68
CA LYS D 42 41.84 55.91 -17.66
C LYS D 42 43.01 55.26 -18.42
N ALA D 43 43.80 54.39 -17.77
CA ALA D 43 44.91 53.63 -18.40
C ALA D 43 44.41 52.41 -19.19
N LYS D 44 43.08 52.17 -19.23
CA LYS D 44 42.44 51.04 -19.95
C LYS D 44 42.95 49.71 -19.39
N LEU D 45 43.13 49.62 -18.08
CA LEU D 45 43.35 48.33 -17.40
C LEU D 45 42.04 47.56 -17.49
N PRO D 46 42.08 46.24 -17.76
CA PRO D 46 40.85 45.46 -17.79
C PRO D 46 40.07 45.57 -16.48
N PRO D 47 38.73 45.69 -16.51
CA PRO D 47 37.90 45.82 -15.31
C PRO D 47 38.16 44.75 -14.25
N LEU D 48 38.48 43.53 -14.68
CA LEU D 48 38.81 42.46 -13.71
C LEU D 48 40.02 42.88 -12.88
N ASP D 49 41.04 43.50 -13.51
CA ASP D 49 42.25 44.00 -12.80
C ASP D 49 41.88 45.22 -11.95
N VAL D 50 41.00 46.07 -12.44
CA VAL D 50 40.51 47.29 -11.73
C VAL D 50 39.84 46.91 -10.40
N VAL D 51 38.92 45.94 -10.42
CA VAL D 51 38.14 45.64 -9.19
C VAL D 51 39.05 44.90 -8.22
N GLU D 52 39.97 44.01 -8.68
CA GLU D 52 40.94 43.40 -7.75
C GLU D 52 41.80 44.51 -7.10
N ARG D 53 42.29 45.47 -7.88
CA ARG D 53 43.26 46.46 -7.37
C ARG D 53 42.57 47.32 -6.30
N VAL D 54 41.34 47.78 -6.56
CA VAL D 54 40.56 48.60 -5.59
C VAL D 54 40.25 47.81 -4.33
N VAL D 55 39.82 46.56 -4.49
CA VAL D 55 39.43 45.77 -3.29
C VAL D 55 40.69 45.41 -2.46
N ARG D 56 41.85 45.15 -3.06
CA ARG D 56 43.12 44.94 -2.32
C ARG D 56 43.33 46.14 -1.39
N GLU D 57 43.17 47.34 -1.90
CA GLU D 57 43.44 48.58 -1.10
C GLU D 57 42.41 48.71 0.02
N LEU D 58 41.14 48.39 -0.27
CA LEU D 58 40.04 48.47 0.72
C LEU D 58 40.27 47.45 1.82
N GLU D 59 40.77 46.24 1.49
CA GLU D 59 41.19 45.19 2.46
C GLU D 59 42.24 45.78 3.41
N ASN D 60 43.24 46.46 2.84
CA ASN D 60 44.40 47.03 3.59
C ASN D 60 43.99 48.19 4.52
N ILE D 61 42.91 48.91 4.26
CA ILE D 61 42.45 50.05 5.13
C ILE D 61 41.84 49.47 6.39
N PRO D 62 42.41 49.72 7.60
CA PRO D 62 41.95 49.06 8.83
C PRO D 62 40.54 49.48 9.26
N GLN D 63 40.05 50.60 8.77
CA GLN D 63 38.71 51.04 9.20
C GLN D 63 37.64 50.30 8.41
N PHE D 64 37.99 49.59 7.33
CA PHE D 64 36.96 48.77 6.65
C PHE D 64 37.07 47.30 7.09
N ASN D 65 35.89 46.66 7.18
CA ASN D 65 35.71 45.25 7.62
C ASN D 65 35.99 44.33 6.40
N ALA D 66 37.27 44.10 6.15
CA ALA D 66 37.86 43.19 5.14
C ALA D 66 39.34 43.24 5.41
N GLY D 67 40.09 42.18 5.15
CA GLY D 67 41.56 42.22 5.39
C GLY D 67 41.85 42.71 6.81
N LYS D 68 42.87 43.53 6.97
CA LYS D 68 43.17 44.13 8.28
C LYS D 68 42.00 45.04 8.63
N GLY D 69 41.42 44.89 9.80
CA GLY D 69 40.16 45.58 10.16
C GLY D 69 38.95 44.68 10.07
N SER D 70 39.11 43.44 9.60
CA SER D 70 38.07 42.37 9.66
C SER D 70 37.51 42.25 11.09
N VAL D 71 36.19 42.12 11.21
CA VAL D 71 35.45 41.96 12.48
C VAL D 71 35.85 40.58 13.01
N LEU D 72 35.75 40.39 14.31
CA LEU D 72 36.21 39.17 14.98
C LEU D 72 35.03 38.18 15.05
N THR D 73 35.35 36.92 14.89
CA THR D 73 34.48 35.76 15.25
C THR D 73 34.18 35.77 16.76
N SER D 74 33.25 34.90 17.19
CA SER D 74 32.92 34.68 18.64
C SER D 74 34.18 34.32 19.42
N ASN D 75 35.17 33.71 18.78
CA ASN D 75 36.43 33.26 19.42
C ASN D 75 37.52 34.35 19.38
N GLY D 76 37.19 35.57 18.94
CA GLY D 76 38.14 36.70 18.87
C GLY D 76 39.13 36.60 17.71
N THR D 77 38.80 35.86 16.64
CA THR D 77 39.74 35.50 15.56
C THR D 77 39.26 36.15 14.27
N VAL D 78 40.09 36.14 13.23
CA VAL D 78 39.69 36.71 11.92
C VAL D 78 39.46 35.54 10.98
N GLU D 79 38.31 35.53 10.30
CA GLU D 79 38.00 34.57 9.22
C GLU D 79 37.50 35.37 8.03
N MET D 80 38.30 35.50 6.99
CA MET D 80 38.07 36.45 5.89
C MET D 80 37.55 35.67 4.66
N GLU D 81 36.78 36.35 3.81
CA GLU D 81 36.21 35.71 2.58
C GLU D 81 35.98 36.74 1.50
N ALA D 82 36.01 36.33 0.25
CA ALA D 82 35.98 37.24 -0.91
C ALA D 82 35.47 36.50 -2.11
N SER D 83 34.92 37.22 -3.07
CA SER D 83 34.62 36.65 -4.41
C SER D 83 34.86 37.67 -5.48
N ILE D 84 35.14 37.16 -6.67
CA ILE D 84 35.39 37.97 -7.88
C ILE D 84 34.69 37.32 -9.08
N MET D 85 34.18 38.15 -9.99
CA MET D 85 33.52 37.62 -11.20
C MET D 85 33.77 38.53 -12.40
N ASP D 86 34.13 37.89 -13.53
CA ASP D 86 34.35 38.49 -14.87
C ASP D 86 33.03 38.32 -15.65
N GLY D 87 32.37 39.43 -15.98
CA GLY D 87 31.06 39.44 -16.66
C GLY D 87 31.13 38.93 -18.08
N THR D 88 32.27 39.09 -18.74
CA THR D 88 32.42 38.71 -20.18
C THR D 88 32.49 37.20 -20.33
N THR D 89 33.12 36.48 -19.39
CA THR D 89 33.32 35.00 -19.45
C THR D 89 32.40 34.28 -18.46
N MET D 90 31.92 35.02 -17.46
CA MET D 90 31.25 34.51 -16.25
C MET D 90 32.20 33.59 -15.47
N ASP D 91 33.51 33.79 -15.69
CA ASP D 91 34.60 33.19 -14.87
C ASP D 91 34.43 33.74 -13.44
N CYS D 92 34.63 32.92 -12.43
CA CYS D 92 34.58 33.47 -11.05
C CYS D 92 35.45 32.67 -10.11
N GLY D 93 35.71 33.28 -8.96
CA GLY D 93 36.55 32.74 -7.91
C GLY D 93 36.10 33.23 -6.55
N ALA D 94 36.31 32.43 -5.53
CA ALA D 94 35.81 32.68 -4.17
C ALA D 94 36.69 31.99 -3.15
N VAL D 95 36.73 32.58 -1.97
CA VAL D 95 37.52 32.02 -0.84
C VAL D 95 36.78 32.31 0.45
N SER D 96 36.84 31.39 1.40
CA SER D 96 36.32 31.57 2.77
C SER D 96 37.33 31.05 3.77
N GLY D 97 37.22 31.50 5.02
CA GLY D 97 37.95 30.92 6.16
C GLY D 97 39.42 31.32 6.15
N LEU D 98 39.81 32.42 5.49
CA LEU D 98 41.26 32.80 5.49
C LEU D 98 41.60 33.48 6.82
N THR D 99 42.79 33.16 7.34
CA THR D 99 43.28 33.60 8.67
C THR D 99 44.59 34.38 8.54
N THR D 100 45.41 34.10 7.53
CA THR D 100 46.74 34.73 7.39
C THR D 100 46.96 35.42 6.04
N VAL D 101 46.05 35.26 5.08
CA VAL D 101 46.25 35.83 3.72
C VAL D 101 45.97 37.34 3.78
N VAL D 102 46.94 38.17 3.39
CA VAL D 102 46.79 39.66 3.38
C VAL D 102 45.65 40.10 2.46
N ASN D 103 45.59 39.60 1.23
CA ASN D 103 44.56 40.03 0.25
C ASN D 103 43.68 38.84 -0.18
N ALA D 104 42.56 38.64 0.51
CA ALA D 104 41.59 37.56 0.16
C ALA D 104 41.15 37.67 -1.30
N ILE D 105 40.83 38.87 -1.79
CA ILE D 105 40.29 39.02 -3.18
C ILE D 105 41.27 38.45 -4.21
N SER D 106 42.56 38.67 -4.00
CA SER D 106 43.62 38.18 -4.91
C SER D 106 43.69 36.66 -4.87
N LEU D 107 43.45 36.03 -3.71
CA LEU D 107 43.40 34.55 -3.67
C LEU D 107 42.15 34.04 -4.40
N ALA D 108 41.01 34.72 -4.29
CA ALA D 108 39.79 34.31 -5.03
C ALA D 108 40.14 34.29 -6.52
N ARG D 109 40.82 35.34 -6.98
CA ARG D 109 41.21 35.45 -8.41
C ARG D 109 42.11 34.26 -8.82
N LEU D 110 42.99 33.83 -7.93
CA LEU D 110 43.97 32.75 -8.23
C LEU D 110 43.22 31.42 -8.28
N VAL D 111 42.18 31.25 -7.45
CA VAL D 111 41.38 30.00 -7.53
C VAL D 111 40.83 29.90 -8.95
N MET D 112 40.20 30.99 -9.39
CA MET D 112 39.57 31.10 -10.72
C MET D 112 40.63 30.77 -11.81
N GLU D 113 41.87 31.26 -11.66
CA GLU D 113 42.87 31.25 -12.76
C GLU D 113 43.71 29.97 -12.71
N LYS D 114 43.92 29.39 -11.54
CA LYS D 114 44.98 28.36 -11.33
C LYS D 114 44.38 26.98 -11.08
N THR D 115 43.09 26.89 -10.77
CA THR D 115 42.47 25.60 -10.35
C THR D 115 41.33 25.30 -11.31
N PRO D 116 40.81 24.05 -11.28
CA PRO D 116 39.57 23.71 -11.97
C PRO D 116 38.33 24.13 -11.16
N HIS D 117 38.52 24.81 -10.04
CA HIS D 117 37.43 25.14 -9.09
C HIS D 117 37.09 26.63 -9.06
N ILE D 118 35.95 26.94 -8.45
CA ILE D 118 35.57 28.34 -8.15
C ILE D 118 35.98 28.66 -6.72
N TYR D 119 35.73 27.75 -5.80
CA TYR D 119 35.56 28.11 -4.37
C TYR D 119 36.39 27.16 -3.54
N LEU D 120 37.44 27.68 -2.89
CA LEU D 120 38.18 26.96 -1.80
C LEU D 120 37.94 27.63 -0.45
N ALA D 121 37.93 26.86 0.64
CA ALA D 121 37.64 27.39 1.98
C ALA D 121 38.53 26.75 3.07
N PHE D 122 38.78 27.54 4.11
CA PHE D 122 39.42 27.19 5.40
C PHE D 122 40.78 26.55 5.12
N ASP D 123 41.13 25.42 5.74
CA ASP D 123 42.53 24.91 5.68
C ASP D 123 42.98 24.74 4.23
N GLY D 124 42.14 24.20 3.34
CA GLY D 124 42.49 24.01 1.92
C GLY D 124 42.80 25.31 1.17
N ALA D 125 42.08 26.37 1.50
CA ALA D 125 42.32 27.71 0.93
C ALA D 125 43.66 28.24 1.45
N GLU D 126 43.96 28.07 2.73
CA GLU D 126 45.25 28.51 3.32
C GLU D 126 46.39 27.70 2.70
N GLU D 127 46.21 26.40 2.51
CA GLU D 127 47.23 25.55 1.85
C GLU D 127 47.44 26.01 0.41
N PHE D 128 46.39 26.24 -0.37
CA PHE D 128 46.49 26.79 -1.76
C PHE D 128 47.28 28.13 -1.72
N ALA D 129 47.00 29.00 -0.74
CA ALA D 129 47.68 30.29 -0.58
C ALA D 129 49.21 30.07 -0.50
N ARG D 130 49.65 29.11 0.31
CA ARG D 130 51.09 28.78 0.51
C ARG D 130 51.68 28.27 -0.80
N GLN D 131 51.00 27.36 -1.50
CA GLN D 131 51.41 26.85 -2.83
C GLN D 131 51.63 27.99 -3.83
N GLN D 132 50.76 28.99 -3.82
CA GLN D 132 50.79 30.11 -4.80
C GLN D 132 51.80 31.20 -4.36
N GLY D 133 52.32 31.16 -3.13
CA GLY D 133 53.34 32.11 -2.62
C GLY D 133 52.78 33.51 -2.40
N VAL D 134 51.48 33.67 -2.17
CA VAL D 134 50.89 34.99 -1.84
C VAL D 134 51.38 35.43 -0.46
N GLU D 135 51.31 36.74 -0.20
CA GLU D 135 51.73 37.37 1.09
C GLU D 135 50.81 36.85 2.20
N THR D 136 51.38 36.29 3.27
CA THR D 136 50.70 35.92 4.54
C THR D 136 51.34 36.64 5.72
N LEU D 137 50.55 36.89 6.77
CA LEU D 137 51.04 37.48 8.04
C LEU D 137 50.37 36.73 9.18
N ASP D 138 51.00 36.73 10.35
CA ASP D 138 50.38 36.24 11.60
C ASP D 138 48.97 36.82 11.74
N SER D 139 48.03 36.03 12.26
CA SER D 139 46.60 36.39 12.36
C SER D 139 46.42 37.61 13.27
N SER D 140 47.32 37.86 14.22
CA SER D 140 47.25 39.06 15.10
C SER D 140 47.37 40.32 14.26
N HIS D 141 48.07 40.26 13.11
CA HIS D 141 48.18 41.42 12.20
C HIS D 141 46.81 41.97 11.83
N PHE D 142 45.79 41.11 11.61
CA PHE D 142 44.48 41.53 11.05
C PHE D 142 43.58 42.09 12.15
N ILE D 143 43.95 41.90 13.41
CA ILE D 143 43.12 42.26 14.59
C ILE D 143 43.46 43.69 15.00
N THR D 144 42.46 44.55 15.09
CA THR D 144 42.62 45.96 15.52
C THR D 144 41.97 46.15 16.89
N ALA D 145 42.52 47.08 17.69
CA ALA D 145 41.93 47.50 18.98
C ALA D 145 40.43 47.80 18.83
N GLU D 146 40.04 48.45 17.74
CA GLU D 146 38.65 48.89 17.46
C GLU D 146 37.75 47.62 17.38
N ASN D 147 38.24 46.54 16.78
CA ASN D 147 37.46 45.28 16.61
C ASN D 147 37.44 44.47 17.90
N ILE D 148 38.51 44.58 18.71
CA ILE D 148 38.52 43.95 20.07
C ILE D 148 37.34 44.52 20.83
N GLU D 149 37.15 45.83 20.79
CA GLU D 149 36.09 46.53 21.56
C GLU D 149 34.73 46.27 20.96
N ARG D 150 34.61 46.19 19.64
CA ARG D 150 33.33 45.89 18.95
C ARG D 150 32.84 44.51 19.42
N LEU D 151 33.75 43.56 19.51
CA LEU D 151 33.40 42.19 19.96
C LEU D 151 32.92 42.23 21.40
N LYS D 152 33.62 43.00 22.27
CA LYS D 152 33.18 43.11 23.68
C LYS D 152 31.77 43.68 23.68
N GLN D 153 31.52 44.74 22.92
CA GLN D 153 30.17 45.37 22.88
C GLN D 153 29.12 44.39 22.31
N ALA D 154 29.45 43.66 21.25
CA ALA D 154 28.51 42.64 20.69
C ALA D 154 28.15 41.60 21.75
N LYS D 155 29.17 41.09 22.46
CA LYS D 155 28.99 40.00 23.44
C LYS D 155 28.16 40.53 24.63
N GLU D 156 28.43 41.76 25.06
CA GLU D 156 27.62 42.40 26.14
C GLU D 156 26.18 42.57 25.66
N ALA D 157 25.95 42.98 24.41
CA ALA D 157 24.58 43.11 23.85
C ALA D 157 23.98 41.72 23.62
N ASN D 158 24.53 40.66 24.22
CA ASN D 158 24.08 39.26 24.02
C ASN D 158 23.85 38.59 25.39
N THR D 187 32.51 44.59 5.11
CA THR D 187 32.39 44.29 3.68
C THR D 187 32.91 45.48 2.88
N VAL D 188 33.70 45.19 1.85
CA VAL D 188 34.11 46.20 0.83
C VAL D 188 33.77 45.64 -0.54
N GLY D 189 33.74 46.49 -1.54
CA GLY D 189 33.49 45.99 -2.89
C GLY D 189 33.77 47.01 -3.95
N CYS D 190 33.94 46.51 -5.17
CA CYS D 190 34.16 47.38 -6.35
C CYS D 190 33.51 46.75 -7.58
N VAL D 191 32.77 47.54 -8.35
CA VAL D 191 32.25 47.12 -9.70
C VAL D 191 32.82 48.11 -10.72
N ALA D 192 33.10 47.65 -11.95
CA ALA D 192 33.73 48.50 -12.97
C ALA D 192 33.32 48.01 -14.35
N VAL D 193 33.25 48.96 -15.27
CA VAL D 193 32.92 48.64 -16.67
C VAL D 193 33.79 49.55 -17.54
N ASP D 194 34.30 49.04 -18.65
CA ASP D 194 35.12 49.86 -19.59
C ASP D 194 34.20 50.46 -20.66
N GLY D 195 34.74 51.29 -21.56
CA GLY D 195 33.99 51.84 -22.71
C GLY D 195 33.51 50.76 -23.67
N ASN D 196 33.92 49.50 -23.52
CA ASN D 196 33.51 48.40 -24.43
C ASN D 196 32.48 47.45 -23.80
N GLY D 197 31.98 47.73 -22.61
CA GLY D 197 30.94 46.92 -21.94
C GLY D 197 31.49 45.71 -21.20
N ASN D 198 32.82 45.56 -21.04
CA ASN D 198 33.43 44.51 -20.20
C ASN D 198 33.17 44.89 -18.73
N LEU D 199 32.57 43.99 -17.97
CA LEU D 199 32.03 44.22 -16.60
C LEU D 199 32.77 43.27 -15.64
N ALA D 200 33.08 43.73 -14.42
CA ALA D 200 33.66 42.91 -13.32
C ALA D 200 33.15 43.39 -11.97
N SER D 201 33.07 42.45 -11.03
CA SER D 201 32.68 42.63 -9.62
C SER D 201 33.65 41.90 -8.69
N ALA D 202 33.99 42.58 -7.59
CA ALA D 202 34.78 42.04 -6.48
C ALA D 202 34.19 42.47 -5.14
N THR D 203 34.16 41.55 -4.17
CA THR D 203 33.67 41.78 -2.80
C THR D 203 34.58 41.03 -1.83
N SER D 204 34.82 41.63 -0.66
CA SER D 204 35.71 41.07 0.37
C SER D 204 35.18 41.48 1.74
N THR D 205 35.34 40.65 2.75
CA THR D 205 34.74 40.89 4.08
C THR D 205 35.42 40.13 5.19
N GLY D 206 35.23 40.64 6.42
CA GLY D 206 35.47 39.92 7.66
C GLY D 206 34.26 39.15 8.09
N GLY D 207 33.10 39.57 7.58
CA GLY D 207 31.75 39.01 7.85
C GLY D 207 31.08 39.73 8.98
N LEU D 208 30.62 39.02 10.00
CA LEU D 208 29.71 39.63 10.99
C LEU D 208 30.38 39.53 12.37
N VAL D 209 30.35 40.60 13.17
CA VAL D 209 31.04 40.58 14.52
C VAL D 209 30.40 39.45 15.32
N ASN D 210 31.22 38.68 16.04
CA ASN D 210 30.71 37.64 16.97
C ASN D 210 30.07 36.48 16.19
N LYS D 211 30.31 36.35 14.89
CA LYS D 211 29.86 35.17 14.11
C LYS D 211 30.44 33.89 14.71
N MET D 212 29.69 32.79 14.63
CA MET D 212 30.23 31.46 14.97
C MET D 212 31.43 31.21 14.08
N VAL D 213 32.46 30.57 14.61
CA VAL D 213 33.62 30.17 13.77
C VAL D 213 33.08 29.24 12.67
N GLY D 214 33.65 29.33 11.48
CA GLY D 214 33.17 28.56 10.32
C GLY D 214 31.94 29.16 9.63
N ARG D 215 31.40 30.31 10.07
CA ARG D 215 30.18 30.91 9.44
C ARG D 215 30.60 31.53 8.12
N ILE D 216 29.85 31.21 7.05
CA ILE D 216 29.96 31.82 5.71
C ILE D 216 28.77 32.75 5.47
N GLY D 217 29.07 33.99 5.08
CA GLY D 217 28.07 35.01 4.71
C GLY D 217 27.85 35.05 3.21
N ASP D 218 27.30 36.14 2.71
CA ASP D 218 26.94 36.26 1.27
C ASP D 218 28.15 36.61 0.40
N THR D 219 29.17 37.25 0.96
CA THR D 219 30.27 37.83 0.15
C THR D 219 30.88 36.81 -0.78
N PRO D 220 31.20 35.55 -0.34
CA PRO D 220 31.92 34.65 -1.22
C PRO D 220 31.05 33.85 -2.21
N LEU D 221 29.74 34.02 -2.12
CA LEU D 221 28.71 33.25 -2.85
C LEU D 221 28.33 34.00 -4.10
N ILE D 222 28.70 33.41 -5.22
CA ILE D 222 28.37 33.92 -6.57
C ILE D 222 26.84 33.95 -6.67
N GLY D 223 26.27 35.12 -6.97
CA GLY D 223 24.80 35.29 -6.97
C GLY D 223 24.20 35.92 -5.74
N ALA D 224 24.89 35.92 -4.61
CA ALA D 224 24.43 36.60 -3.39
C ALA D 224 25.21 37.91 -3.23
N GLY D 225 26.50 37.79 -2.96
CA GLY D 225 27.39 38.94 -2.70
C GLY D 225 27.93 39.56 -3.97
N THR D 226 28.18 38.74 -4.99
CA THR D 226 28.98 39.12 -6.16
C THR D 226 28.33 38.49 -7.40
N TYR D 227 28.18 39.29 -8.44
CA TYR D 227 27.72 38.76 -9.76
C TYR D 227 28.15 39.72 -10.85
N ALA D 228 28.50 39.15 -11.99
CA ALA D 228 28.75 39.98 -13.18
C ALA D 228 28.37 39.14 -14.39
N ASP D 229 27.71 39.74 -15.37
CA ASP D 229 27.38 39.04 -16.63
C ASP D 229 27.59 40.02 -17.81
N ALA D 230 26.97 39.77 -18.96
CA ALA D 230 27.11 40.70 -20.12
C ALA D 230 26.37 42.03 -19.87
N ARG D 231 25.44 42.13 -18.92
CA ARG D 231 24.55 43.31 -18.75
C ARG D 231 24.93 44.15 -17.52
N CYS D 232 25.38 43.54 -16.42
CA CYS D 232 25.64 44.31 -15.17
C CYS D 232 26.74 43.64 -14.35
N ALA D 233 27.16 44.36 -13.32
CA ALA D 233 28.14 43.90 -12.32
C ALA D 233 27.67 44.44 -10.98
N VAL D 234 27.54 43.56 -10.00
CA VAL D 234 26.89 43.90 -8.73
C VAL D 234 27.77 43.41 -7.60
N SER D 235 27.90 44.26 -6.60
CA SER D 235 28.48 43.88 -5.30
C SER D 235 27.50 44.31 -4.21
N ALA D 236 27.10 43.36 -3.35
CA ALA D 236 26.14 43.60 -2.25
C ALA D 236 26.86 43.66 -0.89
N THR D 237 26.20 44.28 0.07
CA THR D 237 26.78 44.48 1.43
C THR D 237 25.63 44.60 2.41
N GLY D 238 25.81 44.08 3.63
CA GLY D 238 24.84 44.26 4.74
C GLY D 238 24.74 42.99 5.57
N LYS D 239 23.53 42.56 5.92
CA LYS D 239 23.29 41.36 6.76
C LYS D 239 23.37 40.14 5.86
N GLY D 240 24.44 39.36 6.04
CA GLY D 240 24.82 38.31 5.09
C GLY D 240 23.68 37.33 4.85
N GLU D 241 22.99 36.94 5.92
CA GLU D 241 21.94 35.89 5.84
C GLU D 241 20.78 36.43 4.99
N ALA D 242 20.44 37.72 5.11
CA ALA D 242 19.37 38.34 4.28
C ALA D 242 19.80 38.36 2.81
N ILE D 243 21.09 38.60 2.55
CA ILE D 243 21.62 38.69 1.15
C ILE D 243 21.61 37.28 0.51
N ILE D 244 21.99 36.25 1.25
CA ILE D 244 21.99 34.85 0.75
C ILE D 244 20.54 34.45 0.37
N ARG D 245 19.59 34.71 1.27
CA ARG D 245 18.14 34.37 1.16
C ARG D 245 17.56 35.08 -0.04
N GLY D 246 17.94 36.34 -0.21
CA GLY D 246 17.44 37.23 -1.27
C GLY D 246 18.19 37.08 -2.57
N THR D 247 19.23 36.23 -2.66
CA THR D 247 20.10 36.03 -3.83
C THR D 247 20.36 37.36 -4.54
N VAL D 248 20.89 38.35 -3.83
CA VAL D 248 20.72 39.78 -4.24
C VAL D 248 21.41 40.08 -5.58
N ALA D 249 22.69 39.75 -5.74
CA ALA D 249 23.49 40.12 -6.95
C ALA D 249 22.81 39.45 -8.16
N ARG D 250 22.40 38.18 -8.04
CA ARG D 250 21.76 37.46 -9.15
C ARG D 250 20.40 38.08 -9.50
N ASP D 251 19.59 38.46 -8.51
CA ASP D 251 18.24 39.05 -8.68
C ASP D 251 18.32 40.36 -9.50
N VAL D 252 19.31 41.22 -9.27
CA VAL D 252 19.48 42.45 -10.08
C VAL D 252 19.64 42.08 -11.55
N ALA D 253 20.55 41.17 -11.85
CA ALA D 253 20.84 40.72 -13.22
C ALA D 253 19.61 40.01 -13.80
N ALA D 254 18.89 39.20 -13.02
CA ALA D 254 17.72 38.41 -13.51
C ALA D 254 16.58 39.35 -13.90
N LEU D 255 16.32 40.43 -13.13
CA LEU D 255 15.29 41.45 -13.45
C LEU D 255 15.66 42.17 -14.76
N MET D 256 16.94 42.43 -15.02
CA MET D 256 17.39 43.07 -16.28
C MET D 256 17.20 42.13 -17.46
N GLU D 257 17.66 40.89 -17.34
CA GLU D 257 17.62 39.91 -18.45
C GLU D 257 16.18 39.46 -18.71
N PHE D 258 15.39 39.19 -17.66
CA PHE D 258 14.10 38.46 -17.78
C PHE D 258 12.91 39.42 -17.87
N LYS D 259 12.97 40.60 -17.24
CA LYS D 259 11.90 41.64 -17.33
C LYS D 259 12.37 42.85 -18.13
N GLY D 260 13.61 42.92 -18.55
CA GLY D 260 14.09 44.05 -19.36
C GLY D 260 14.11 45.35 -18.56
N LEU D 261 14.13 45.29 -17.21
CA LEU D 261 14.28 46.48 -16.34
C LEU D 261 15.67 47.09 -16.60
N SER D 262 15.78 48.42 -16.54
CA SER D 262 17.06 49.18 -16.52
C SER D 262 17.87 48.80 -15.27
N LEU D 263 19.16 49.13 -15.25
CA LEU D 263 19.98 48.95 -14.02
C LEU D 263 19.27 49.60 -12.82
N GLU D 264 18.84 50.84 -12.99
CA GLU D 264 18.21 51.61 -11.88
C GLU D 264 16.94 50.91 -11.38
N GLU D 265 16.02 50.57 -12.28
CA GLU D 265 14.75 49.87 -11.96
C GLU D 265 15.07 48.55 -11.20
N ALA D 266 16.04 47.76 -11.65
CA ALA D 266 16.33 46.40 -11.09
C ALA D 266 16.97 46.55 -9.71
N ALA D 267 17.95 47.45 -9.57
CA ALA D 267 18.66 47.70 -8.30
C ALA D 267 17.67 48.24 -7.27
N THR D 268 16.85 49.22 -7.64
CA THR D 268 15.86 49.85 -6.72
C THR D 268 14.82 48.81 -6.30
N CYS D 269 14.36 47.96 -7.21
CA CYS D 269 13.39 46.85 -6.93
C CYS D 269 13.93 45.93 -5.83
N VAL D 270 15.15 45.46 -6.02
CA VAL D 270 15.76 44.44 -5.13
C VAL D 270 15.92 45.03 -3.73
N VAL D 271 16.42 46.27 -3.64
CA VAL D 271 16.77 46.91 -2.35
C VAL D 271 15.51 47.39 -1.65
N HIS D 272 14.57 48.02 -2.39
CA HIS D 272 13.43 48.75 -1.79
C HIS D 272 12.12 47.95 -1.88
N GLU D 273 12.04 46.88 -2.67
CA GLU D 273 10.82 46.04 -2.79
C GLU D 273 11.09 44.61 -2.29
N ARG D 274 12.21 43.96 -2.61
CA ARG D 274 12.33 42.48 -2.46
C ARG D 274 13.03 42.02 -1.17
N THR D 275 13.60 42.93 -0.38
CA THR D 275 14.49 42.58 0.75
C THR D 275 14.04 43.43 1.93
N PRO D 276 14.26 43.00 3.19
CA PRO D 276 13.78 43.79 4.33
C PRO D 276 14.60 45.07 4.53
N LYS D 277 13.91 46.13 4.96
CA LYS D 277 14.52 47.41 5.39
C LYS D 277 15.62 47.14 6.44
N GLY D 278 16.72 47.91 6.38
CA GLY D 278 17.80 47.81 7.37
C GLY D 278 18.72 46.62 7.17
N THR D 279 18.67 45.92 6.04
CA THR D 279 19.48 44.70 5.85
C THR D 279 20.59 44.96 4.82
N LEU D 280 20.30 45.67 3.73
CA LEU D 280 21.06 45.50 2.45
C LEU D 280 21.37 46.83 1.76
N GLY D 281 22.54 46.95 1.14
CA GLY D 281 22.73 47.89 0.01
C GLY D 281 23.61 47.26 -1.02
N LEU D 282 23.78 47.92 -2.15
CA LEU D 282 24.55 47.33 -3.27
C LEU D 282 25.07 48.45 -4.17
N ILE D 283 26.12 48.08 -4.90
CA ILE D 283 26.68 48.92 -5.98
C ILE D 283 26.54 48.12 -7.25
N ALA D 284 26.26 48.80 -8.34
CA ALA D 284 26.05 48.13 -9.63
C ALA D 284 26.49 49.05 -10.76
N VAL D 285 27.06 48.50 -11.83
CA VAL D 285 27.27 49.24 -13.11
C VAL D 285 26.64 48.40 -14.23
N SER D 286 26.26 49.03 -15.33
CA SER D 286 25.70 48.38 -16.55
C SER D 286 26.74 48.39 -17.66
N ALA D 287 26.53 47.52 -18.65
CA ALA D 287 27.37 47.43 -19.86
C ALA D 287 27.41 48.82 -20.54
N LYS D 288 26.40 49.66 -20.34
CA LYS D 288 26.25 51.01 -20.98
C LYS D 288 26.91 52.10 -20.14
N GLY D 289 27.50 51.74 -19.00
CA GLY D 289 28.23 52.69 -18.13
C GLY D 289 27.31 53.44 -17.18
N GLU D 290 26.13 52.90 -16.89
CA GLU D 290 25.23 53.38 -15.81
C GLU D 290 25.76 52.95 -14.45
N VAL D 291 25.50 53.73 -13.40
CA VAL D 291 25.76 53.30 -12.01
C VAL D 291 24.54 53.48 -11.13
N ALA D 292 24.34 52.54 -10.21
CA ALA D 292 23.25 52.53 -9.20
C ALA D 292 23.85 52.11 -7.85
N MET D 293 23.51 52.81 -6.77
CA MET D 293 24.02 52.50 -5.40
C MET D 293 22.92 52.66 -4.36
N PRO D 294 21.80 51.92 -4.53
CA PRO D 294 20.70 51.93 -3.58
C PRO D 294 21.05 51.17 -2.31
N TYR D 295 20.44 51.56 -1.21
CA TYR D 295 20.54 50.88 0.09
C TYR D 295 19.27 51.13 0.89
N ASN D 296 18.91 50.16 1.72
CA ASN D 296 17.71 50.22 2.60
C ASN D 296 18.17 50.33 4.04
N THR D 297 19.48 50.49 4.24
CA THR D 297 20.13 50.79 5.54
C THR D 297 20.15 52.32 5.74
N THR D 298 20.54 52.76 6.94
CA THR D 298 20.71 54.18 7.35
C THR D 298 21.71 54.86 6.43
N GLY D 299 22.82 54.14 6.18
CA GLY D 299 24.01 54.63 5.49
C GLY D 299 24.64 53.53 4.63
N MET D 300 25.45 53.96 3.67
CA MET D 300 26.39 53.05 2.97
C MET D 300 27.56 53.90 2.50
N PHE D 301 28.73 53.60 3.05
CA PHE D 301 30.00 54.24 2.62
C PHE D 301 30.17 53.91 1.15
N ARG D 302 30.14 54.90 0.27
CA ARG D 302 30.12 54.61 -1.16
C ARG D 302 30.82 55.70 -1.96
N ALA D 303 31.16 55.36 -3.20
CA ALA D 303 31.85 56.29 -4.11
C ALA D 303 31.64 55.81 -5.53
N CYS D 304 31.63 56.73 -6.48
CA CYS D 304 31.53 56.37 -7.89
C CYS D 304 32.15 57.45 -8.77
N ALA D 305 32.40 57.06 -10.01
CA ALA D 305 32.95 57.95 -11.04
C ALA D 305 32.59 57.42 -12.43
N THR D 306 32.36 58.34 -13.36
CA THR D 306 32.10 57.98 -14.77
C THR D 306 33.08 58.77 -15.63
N GLU D 307 33.38 58.25 -16.82
CA GLU D 307 34.24 58.88 -17.85
C GLU D 307 33.76 60.32 -18.12
N ASP D 308 32.45 60.55 -18.15
CA ASP D 308 31.87 61.89 -18.51
CA ASP D 308 31.80 61.87 -18.47
C ASP D 308 32.05 62.90 -17.37
N GLY D 309 33.01 62.69 -16.47
CA GLY D 309 33.49 63.74 -15.54
C GLY D 309 32.67 63.80 -14.27
N TYR D 310 31.84 62.79 -13.99
CA TYR D 310 31.06 62.70 -12.75
C TYR D 310 31.84 61.95 -11.67
N SER D 311 31.76 62.39 -10.42
CA SER D 311 32.37 61.66 -9.27
C SER D 311 31.66 62.04 -7.96
N GLU D 312 31.54 61.07 -7.04
CA GLU D 312 30.79 61.27 -5.78
C GLU D 312 31.32 60.33 -4.70
N VAL D 313 31.48 60.87 -3.51
CA VAL D 313 31.71 60.09 -2.27
C VAL D 313 30.55 60.43 -1.34
N ALA D 314 29.96 59.43 -0.67
CA ALA D 314 28.77 59.69 0.17
C ALA D 314 28.64 58.61 1.23
N ILE D 315 27.90 58.96 2.29
CA ILE D 315 27.68 58.05 3.43
C ILE D 315 26.16 57.94 3.62
N TRP D 316 25.49 59.10 3.77
CA TRP D 316 24.04 59.20 4.02
C TRP D 316 23.31 59.65 2.76
N PRO D 317 21.97 59.60 2.71
CA PRO D 317 21.25 60.02 1.51
C PRO D 317 21.35 61.55 1.30
N SER D 318 21.17 62.03 0.06
CA SER D 318 20.92 63.47 -0.26
C SER D 318 19.49 63.86 0.11
N GLY E 2 26.86 71.53 10.35
CA GLY E 2 28.24 71.34 9.81
C GLY E 2 28.52 72.21 8.60
N TRP E 3 29.79 72.35 8.21
CA TRP E 3 30.20 73.20 7.05
C TRP E 3 29.71 72.54 5.75
N ALA E 4 29.57 73.36 4.71
CA ALA E 4 29.26 72.94 3.33
C ALA E 4 29.79 73.97 2.37
N ILE E 5 30.03 73.54 1.13
CA ILE E 5 30.57 74.40 0.07
C ILE E 5 30.02 73.91 -1.25
N ALA E 6 29.68 74.84 -2.11
CA ALA E 6 29.35 74.53 -3.50
C ALA E 6 30.06 75.55 -4.37
N LEU E 7 30.36 75.16 -5.58
CA LEU E 7 30.95 76.11 -6.54
C LEU E 7 30.45 75.74 -7.94
N HIS E 8 30.52 76.70 -8.86
CA HIS E 8 30.14 76.49 -10.28
C HIS E 8 31.12 77.24 -11.18
N GLY E 9 31.25 76.72 -12.40
CA GLY E 9 32.04 77.28 -13.52
C GLY E 9 31.09 77.59 -14.68
N GLY E 10 29.81 77.81 -14.37
CA GLY E 10 28.76 78.27 -15.29
C GLY E 10 27.82 77.17 -15.78
N ALA E 11 26.57 77.57 -16.03
CA ALA E 11 25.46 76.75 -16.59
C ALA E 11 25.18 77.25 -18.00
N GLY E 12 24.97 76.32 -18.93
CA GLY E 12 24.52 76.63 -20.28
C GLY E 12 24.40 75.37 -21.10
N ASP E 13 24.40 75.55 -22.41
CA ASP E 13 24.19 74.44 -23.35
C ASP E 13 25.56 73.79 -23.57
N ILE E 14 26.03 73.04 -22.58
CA ILE E 14 27.33 72.30 -22.61
C ILE E 14 27.04 70.98 -23.34
N PRO E 15 27.54 70.81 -24.59
CA PRO E 15 27.15 69.65 -25.39
C PRO E 15 27.65 68.33 -24.77
N LEU E 16 26.81 67.29 -24.77
CA LEU E 16 27.21 65.93 -24.31
C LEU E 16 28.48 65.49 -25.06
N SER E 17 28.72 66.03 -26.26
CA SER E 17 29.85 65.65 -27.16
C SER E 17 31.12 66.48 -26.87
N LEU E 18 31.14 67.27 -25.79
CA LEU E 18 32.30 68.13 -25.43
C LEU E 18 33.56 67.27 -25.38
N PRO E 19 34.57 67.54 -26.23
CA PRO E 19 35.71 66.62 -26.37
C PRO E 19 36.46 66.42 -25.05
N PRO E 20 37.06 65.23 -24.80
CA PRO E 20 37.80 64.98 -23.57
C PRO E 20 38.86 66.07 -23.28
N GLU E 21 39.46 66.63 -24.33
CA GLU E 21 40.59 67.59 -24.24
C GLU E 21 40.07 68.87 -23.59
N ARG E 22 38.78 69.19 -23.78
CA ARG E 22 38.13 70.40 -23.23
C ARG E 22 37.38 70.07 -21.93
N ARG E 23 36.72 68.91 -21.83
CA ARG E 23 36.06 68.43 -20.57
C ARG E 23 37.07 68.30 -19.42
N HIS E 24 38.18 67.59 -19.62
CA HIS E 24 39.21 67.21 -18.59
C HIS E 24 39.75 68.41 -17.81
N PRO E 25 40.25 69.49 -18.46
CA PRO E 25 40.82 70.62 -17.72
C PRO E 25 39.77 71.30 -16.83
N ARG E 26 38.53 71.35 -17.31
CA ARG E 26 37.41 72.01 -16.61
C ARG E 26 36.99 71.17 -15.39
N GLU E 27 36.86 69.85 -15.57
CA GLU E 27 36.63 68.89 -14.45
C GLU E 27 37.78 69.02 -13.45
N GLU E 28 39.01 69.01 -13.93
CA GLU E 28 40.15 69.08 -12.99
C GLU E 28 40.11 70.42 -12.24
N ALA E 29 39.79 71.53 -12.91
CA ALA E 29 39.66 72.85 -12.23
C ALA E 29 38.63 72.79 -11.10
N LEU E 30 37.45 72.24 -11.38
CA LEU E 30 36.36 72.11 -10.37
C LEU E 30 36.91 71.35 -9.17
N ARG E 31 37.64 70.26 -9.40
CA ARG E 31 38.07 69.36 -8.32
C ARG E 31 39.11 70.09 -7.48
N HIS E 32 40.03 70.83 -8.11
CA HIS E 32 41.10 71.61 -7.43
C HIS E 32 40.45 72.77 -6.65
N CYS E 33 39.50 73.49 -7.25
CA CYS E 33 38.79 74.58 -6.53
C CYS E 33 37.98 74.01 -5.35
N LEU E 34 37.32 72.85 -5.48
CA LEU E 34 36.65 72.19 -4.35
C LEU E 34 37.67 71.90 -3.24
N GLN E 35 38.81 71.27 -3.57
CA GLN E 35 39.89 70.96 -2.59
C GLN E 35 40.36 72.26 -1.88
N ILE E 36 40.56 73.34 -2.61
CA ILE E 36 40.97 74.67 -2.05
C ILE E 36 39.92 75.12 -1.02
N GLY E 37 38.64 75.07 -1.39
CA GLY E 37 37.52 75.51 -0.53
C GLY E 37 37.38 74.65 0.72
N VAL E 38 37.40 73.31 0.56
CA VAL E 38 37.31 72.38 1.72
C VAL E 38 38.53 72.58 2.63
N GLU E 39 39.73 72.65 2.06
CA GLU E 39 40.96 72.97 2.85
C GLU E 39 40.68 74.23 3.67
N ALA E 40 40.18 75.30 3.04
CA ALA E 40 40.00 76.60 3.71
C ALA E 40 38.98 76.46 4.84
N LEU E 41 37.85 75.76 4.63
CA LEU E 41 36.81 75.60 5.69
C LEU E 41 37.39 74.80 6.87
N LYS E 42 38.12 73.73 6.58
CA LYS E 42 38.73 72.85 7.61
C LYS E 42 39.85 73.61 8.32
N ALA E 43 40.45 74.61 7.66
CA ALA E 43 41.47 75.50 8.26
C ALA E 43 40.84 76.63 9.09
N LYS E 44 39.49 76.63 9.24
CA LYS E 44 38.69 77.57 10.05
C LYS E 44 38.66 78.98 9.43
N LEU E 45 38.92 79.13 8.13
CA LEU E 45 38.62 80.41 7.43
C LEU E 45 37.12 80.70 7.49
N PRO E 46 36.72 81.94 7.83
CA PRO E 46 35.31 82.32 7.73
C PRO E 46 34.76 82.13 6.31
N PRO E 47 33.47 81.77 6.15
CA PRO E 47 32.87 81.61 4.81
C PRO E 47 33.17 82.76 3.82
N LEU E 48 33.19 84.01 4.31
CA LEU E 48 33.45 85.18 3.43
C LEU E 48 34.84 85.06 2.80
N ASP E 49 35.85 84.61 3.54
CA ASP E 49 37.23 84.36 3.04
C ASP E 49 37.26 83.12 2.13
N VAL E 50 36.50 82.09 2.49
CA VAL E 50 36.39 80.85 1.70
C VAL E 50 35.86 81.20 0.29
N VAL E 51 34.72 81.90 0.19
CA VAL E 51 34.07 82.13 -1.15
C VAL E 51 34.95 83.07 -1.99
N GLU E 52 35.68 84.01 -1.39
CA GLU E 52 36.60 84.91 -2.14
C GLU E 52 37.80 84.09 -2.62
N ARG E 53 38.33 83.21 -1.77
CA ARG E 53 39.51 82.39 -2.15
C ARG E 53 39.17 81.52 -3.35
N VAL E 54 38.03 80.83 -3.32
CA VAL E 54 37.60 79.87 -4.38
C VAL E 54 37.33 80.65 -5.68
N VAL E 55 36.59 81.74 -5.59
CA VAL E 55 36.26 82.54 -6.79
C VAL E 55 37.52 83.19 -7.39
N ARG E 56 38.51 83.63 -6.62
CA ARG E 56 39.80 84.11 -7.15
C ARG E 56 40.45 83.00 -8.01
N GLU E 57 40.41 81.75 -7.57
CA GLU E 57 41.00 80.64 -8.36
C GLU E 57 40.23 80.45 -9.68
N LEU E 58 38.89 80.46 -9.60
CA LEU E 58 37.98 80.27 -10.76
C LEU E 58 38.19 81.43 -11.75
N GLU E 59 38.39 82.67 -11.28
CA GLU E 59 38.79 83.83 -12.13
C GLU E 59 40.09 83.47 -12.87
N ASN E 60 41.05 82.83 -12.18
CA ASN E 60 42.42 82.65 -12.73
C ASN E 60 42.40 81.51 -13.78
N ILE E 61 41.40 80.60 -13.72
CA ILE E 61 41.31 79.43 -14.64
C ILE E 61 40.86 79.96 -15.97
N PRO E 62 41.70 79.92 -17.03
CA PRO E 62 41.33 80.49 -18.31
C PRO E 62 40.15 79.83 -19.01
N GLN E 63 39.78 78.59 -18.63
CA GLN E 63 38.65 77.89 -19.26
C GLN E 63 37.29 78.42 -18.77
N PHE E 64 37.25 79.18 -17.67
CA PHE E 64 35.96 79.72 -17.14
C PHE E 64 35.83 81.22 -17.45
N ASN E 65 34.60 81.59 -17.73
CA ASN E 65 34.18 82.98 -18.06
C ASN E 65 34.11 83.84 -16.80
N ALA E 66 35.28 84.35 -16.35
CA ALA E 66 35.50 85.25 -15.21
C ALA E 66 36.97 85.49 -15.22
N GLY E 67 37.45 86.68 -14.82
CA GLY E 67 38.89 87.01 -14.82
C GLY E 67 39.55 86.65 -16.14
N LYS E 68 40.72 86.00 -16.14
CA LYS E 68 41.32 85.52 -17.40
C LYS E 68 40.36 84.50 -18.05
N GLY E 69 39.97 84.71 -19.31
CA GLY E 69 39.01 83.84 -20.01
C GLY E 69 37.60 84.38 -19.94
N SER E 70 37.43 85.60 -19.43
CA SER E 70 36.17 86.35 -19.66
C SER E 70 35.81 86.37 -21.16
N VAL E 71 34.53 86.27 -21.45
CA VAL E 71 34.00 86.47 -22.83
C VAL E 71 34.15 87.94 -23.23
N LEU E 72 34.13 88.16 -24.54
CA LEU E 72 34.42 89.50 -25.08
C LEU E 72 33.13 90.25 -25.36
N THR E 73 33.20 91.55 -25.19
CA THR E 73 32.21 92.53 -25.70
C THR E 73 32.17 92.52 -27.24
N SER E 74 31.12 93.12 -27.78
CA SER E 74 30.99 93.51 -29.22
C SER E 74 32.30 94.11 -29.76
N ASN E 75 33.01 94.87 -28.94
CA ASN E 75 34.25 95.63 -29.30
C ASN E 75 35.50 94.75 -29.13
N GLY E 76 35.39 93.47 -28.80
CA GLY E 76 36.59 92.61 -28.61
C GLY E 76 37.33 92.89 -27.30
N THR E 77 36.68 93.47 -26.30
CA THR E 77 37.29 93.86 -25.00
C THR E 77 36.70 93.03 -23.87
N VAL E 78 37.39 93.00 -22.73
CA VAL E 78 36.86 92.38 -21.47
C VAL E 78 36.29 93.47 -20.55
N GLU E 79 35.07 93.26 -20.05
CA GLU E 79 34.46 94.06 -18.98
C GLU E 79 34.00 93.09 -17.92
N MET E 80 34.67 93.06 -16.78
CA MET E 80 34.45 92.01 -15.75
C MET E 80 33.61 92.58 -14.60
N GLU E 81 32.81 91.74 -13.96
CA GLU E 81 31.92 92.10 -12.84
C GLU E 81 31.80 90.94 -11.85
N ALA E 82 31.56 91.28 -10.60
CA ALA E 82 31.51 90.37 -9.45
C ALA E 82 30.75 91.02 -8.32
N SER E 83 30.21 90.20 -7.43
CA SER E 83 29.54 90.59 -6.19
C SER E 83 29.82 89.54 -5.13
N ILE E 84 29.85 90.01 -3.88
CA ILE E 84 30.06 89.19 -2.66
C ILE E 84 29.07 89.62 -1.58
N MET E 85 28.57 88.67 -0.77
CA MET E 85 27.61 88.97 0.28
C MET E 85 27.87 88.10 1.51
N ASP E 86 27.90 88.76 2.66
CA ASP E 86 27.97 88.09 3.97
C ASP E 86 26.55 87.98 4.54
N GLY E 87 26.07 86.76 4.70
CA GLY E 87 24.72 86.43 5.18
C GLY E 87 24.46 86.82 6.62
N THR E 88 25.44 86.84 7.51
CA THR E 88 25.27 87.18 8.95
C THR E 88 25.02 88.69 9.14
N THR E 89 25.70 89.55 8.39
CA THR E 89 25.60 91.05 8.47
C THR E 89 24.74 91.57 7.30
N MET E 90 24.73 90.81 6.22
CA MET E 90 24.17 91.17 4.91
C MET E 90 24.94 92.37 4.34
N ASP E 91 26.20 92.47 4.73
CA ASP E 91 27.23 93.35 4.11
C ASP E 91 27.42 92.80 2.71
N CYS E 92 27.58 93.67 1.74
CA CYS E 92 27.88 93.26 0.35
C CYS E 92 28.74 94.27 -0.39
N GLY E 93 29.32 93.74 -1.45
CA GLY E 93 30.17 94.47 -2.37
C GLY E 93 29.93 93.99 -3.77
N ALA E 94 30.11 94.87 -4.73
CA ALA E 94 29.87 94.68 -6.16
C ALA E 94 30.77 95.60 -6.99
N VAL E 95 31.24 95.09 -8.14
CA VAL E 95 32.03 95.86 -9.13
C VAL E 95 31.55 95.45 -10.52
N SER E 96 31.49 96.43 -11.43
CA SER E 96 31.27 96.25 -12.88
C SER E 96 32.34 96.96 -13.67
N GLY E 97 32.50 96.54 -14.93
CA GLY E 97 33.26 97.31 -15.91
C GLY E 97 34.74 97.30 -15.60
N LEU E 98 35.25 96.23 -15.03
CA LEU E 98 36.71 96.10 -14.77
C LEU E 98 37.45 95.62 -16.04
N THR E 99 38.59 96.23 -16.36
CA THR E 99 39.34 95.96 -17.62
C THR E 99 40.77 95.45 -17.33
N THR E 100 41.32 95.70 -16.15
CA THR E 100 42.76 95.43 -15.81
C THR E 100 42.90 94.68 -14.49
N VAL E 101 41.86 94.66 -13.67
CA VAL E 101 41.91 94.06 -12.31
C VAL E 101 41.94 92.54 -12.46
N VAL E 102 42.97 91.92 -11.90
CA VAL E 102 43.20 90.44 -11.98
C VAL E 102 42.05 89.69 -11.30
N ASN E 103 41.69 90.08 -10.07
CA ASN E 103 40.62 89.40 -9.30
C ASN E 103 39.48 90.39 -8.99
N ALA E 104 38.45 90.43 -9.85
CA ALA E 104 37.20 91.24 -9.65
C ALA E 104 36.59 90.97 -8.28
N ILE E 105 36.52 89.70 -7.80
CA ILE E 105 35.75 89.34 -6.56
C ILE E 105 36.42 90.03 -5.35
N SER E 106 37.74 90.16 -5.38
CA SER E 106 38.55 90.80 -4.31
C SER E 106 38.31 92.30 -4.30
N LEU E 107 38.16 92.93 -5.46
CA LEU E 107 37.78 94.36 -5.51
C LEU E 107 36.36 94.56 -4.98
N ALA E 108 35.40 93.67 -5.31
CA ALA E 108 34.04 93.76 -4.71
C ALA E 108 34.18 93.68 -3.19
N ARG E 109 34.96 92.73 -2.67
CA ARG E 109 35.15 92.67 -1.19
C ARG E 109 35.74 93.99 -0.65
N LEU E 110 36.67 94.61 -1.37
CA LEU E 110 37.31 95.85 -0.84
C LEU E 110 36.29 97.00 -0.85
N VAL E 111 35.42 97.09 -1.86
CA VAL E 111 34.34 98.14 -1.84
C VAL E 111 33.55 98.01 -0.54
N MET E 112 33.12 96.79 -0.18
CA MET E 112 32.36 96.51 1.07
C MET E 112 33.17 97.00 2.29
N GLU E 113 34.44 96.62 2.37
CA GLU E 113 35.26 96.85 3.59
C GLU E 113 35.79 98.27 3.65
N LYS E 114 36.11 98.90 2.52
CA LYS E 114 36.95 100.13 2.53
C LYS E 114 36.15 101.39 2.19
N THR E 115 34.89 101.28 1.78
CA THR E 115 34.10 102.46 1.30
C THR E 115 32.75 102.42 1.99
N PRO E 116 32.01 103.55 2.00
CA PRO E 116 30.66 103.53 2.53
C PRO E 116 29.67 103.01 1.48
N HIS E 117 30.14 102.56 0.31
CA HIS E 117 29.26 102.08 -0.79
C HIS E 117 29.24 100.54 -0.90
N ILE E 118 28.34 100.05 -1.74
CA ILE E 118 28.25 98.63 -2.15
C ILE E 118 28.93 98.48 -3.51
N TYR E 119 28.66 99.41 -4.44
CA TYR E 119 28.78 99.09 -5.87
C TYR E 119 29.50 100.23 -6.55
N LEU E 120 30.69 99.96 -7.05
CA LEU E 120 31.49 100.83 -7.95
C LEU E 120 31.65 100.21 -9.34
N ALA E 121 31.66 101.05 -10.38
CA ALA E 121 31.69 100.54 -11.76
C ALA E 121 32.50 101.43 -12.70
N PHE E 122 33.18 100.76 -13.64
CA PHE E 122 33.88 101.30 -14.84
C PHE E 122 35.07 102.15 -14.37
N ASP E 123 35.22 103.36 -14.86
CA ASP E 123 36.41 104.18 -14.56
C ASP E 123 36.60 104.28 -13.06
N GLY E 124 35.54 104.57 -12.31
CA GLY E 124 35.64 104.81 -10.86
C GLY E 124 36.07 103.54 -10.13
N ALA E 125 35.67 102.36 -10.62
CA ALA E 125 36.04 101.08 -10.01
C ALA E 125 37.55 100.86 -10.28
N GLU E 126 38.04 101.12 -11.48
CA GLU E 126 39.47 100.99 -11.87
C GLU E 126 40.32 101.98 -11.03
N GLU E 127 39.80 103.19 -10.76
CA GLU E 127 40.56 104.21 -9.99
C GLU E 127 40.66 103.76 -8.53
N PHE E 128 39.57 103.24 -7.94
CA PHE E 128 39.54 102.63 -6.58
C PHE E 128 40.55 101.44 -6.49
N ALA E 129 40.60 100.60 -7.53
CA ALA E 129 41.55 99.45 -7.61
C ALA E 129 42.99 99.97 -7.47
N ARG E 130 43.30 101.04 -8.19
CA ARG E 130 44.65 101.66 -8.10
C ARG E 130 44.89 102.26 -6.71
N GLN E 131 43.89 102.95 -6.12
CA GLN E 131 44.02 103.53 -4.75
C GLN E 131 44.31 102.39 -3.78
N GLN E 132 43.69 101.20 -3.98
CA GLN E 132 43.83 100.05 -3.05
C GLN E 132 45.13 99.27 -3.34
N GLY E 133 45.80 99.51 -4.46
CA GLY E 133 47.06 98.81 -4.79
C GLY E 133 46.82 97.34 -5.09
N VAL E 134 45.65 96.97 -5.62
CA VAL E 134 45.43 95.56 -6.04
C VAL E 134 46.18 95.30 -7.34
N GLU E 135 46.33 94.03 -7.63
CA GLU E 135 47.05 93.50 -8.79
C GLU E 135 46.20 93.84 -10.02
N THR E 136 46.83 94.52 -10.98
CA THR E 136 46.29 94.76 -12.32
C THR E 136 47.29 94.31 -13.37
N LEU E 137 46.79 94.08 -14.58
CA LEU E 137 47.61 93.65 -15.74
C LEU E 137 47.03 94.31 -16.97
N ASP E 138 47.82 94.35 -18.04
CA ASP E 138 47.34 94.84 -19.34
C ASP E 138 46.04 94.11 -19.72
N SER E 139 45.13 94.81 -20.37
CA SER E 139 43.81 94.23 -20.76
C SER E 139 43.97 92.95 -21.59
N SER E 140 45.04 92.84 -22.40
CA SER E 140 45.29 91.67 -23.28
C SER E 140 45.48 90.39 -22.45
N HIS E 141 46.04 90.48 -21.25
CA HIS E 141 46.14 89.32 -20.32
C HIS E 141 44.84 88.51 -20.31
N PHE E 142 43.69 89.21 -20.24
CA PHE E 142 42.38 88.59 -19.90
C PHE E 142 41.79 87.93 -21.13
N ILE E 143 42.21 88.36 -22.31
CA ILE E 143 41.67 87.93 -23.63
C ILE E 143 42.38 86.65 -24.09
N THR E 144 41.62 85.60 -24.36
CA THR E 144 42.17 84.30 -24.84
C THR E 144 41.77 84.04 -26.30
N ALA E 145 42.58 83.25 -26.98
CA ALA E 145 42.34 82.85 -28.38
C ALA E 145 40.94 82.22 -28.50
N GLU E 146 40.52 81.36 -27.58
CA GLU E 146 39.17 80.69 -27.66
C GLU E 146 38.07 81.77 -27.61
N ASN E 147 38.28 82.84 -26.84
CA ASN E 147 37.26 83.91 -26.72
C ASN E 147 37.26 84.82 -27.95
N ILE E 148 38.41 85.05 -28.59
CA ILE E 148 38.43 85.80 -29.88
C ILE E 148 37.59 84.99 -30.88
N GLU E 149 37.80 83.67 -30.92
CA GLU E 149 37.06 82.77 -31.82
C GLU E 149 35.56 82.77 -31.46
N ARG E 150 35.22 82.68 -30.17
CA ARG E 150 33.81 82.68 -29.68
C ARG E 150 33.11 83.97 -30.16
N LEU E 151 33.79 85.11 -30.10
CA LEU E 151 33.20 86.41 -30.54
C LEU E 151 32.98 86.39 -32.06
N LYS E 152 33.95 85.86 -32.81
CA LYS E 152 33.84 85.79 -34.29
C LYS E 152 32.59 84.98 -34.66
N GLN E 153 32.38 83.84 -34.01
CA GLN E 153 31.25 82.90 -34.25
C GLN E 153 29.91 83.53 -33.84
N ALA E 154 29.90 84.33 -32.76
CA ALA E 154 28.68 85.00 -32.27
C ALA E 154 28.22 86.05 -33.29
N LYS E 155 29.17 86.87 -33.79
CA LYS E 155 28.92 87.93 -34.81
C LYS E 155 28.47 87.23 -36.10
N GLU E 156 29.18 86.17 -36.52
CA GLU E 156 28.80 85.38 -37.73
C GLU E 156 27.31 85.01 -37.64
N ALA E 157 26.85 84.51 -36.49
CA ALA E 157 25.45 84.04 -36.27
C ALA E 157 24.54 85.21 -35.85
N ASN E 158 24.83 86.44 -36.29
CA ASN E 158 23.95 87.62 -36.14
C ASN E 158 23.77 88.32 -37.50
N THR E 187 30.42 82.93 -16.17
CA THR E 187 30.14 83.04 -14.71
C THR E 187 30.88 81.95 -13.95
N VAL E 188 31.37 82.29 -12.77
CA VAL E 188 31.82 81.34 -11.74
C VAL E 188 31.26 81.81 -10.39
N GLY E 189 31.19 80.91 -9.42
CA GLY E 189 30.59 81.26 -8.13
C GLY E 189 31.04 80.28 -7.06
N CYS E 190 30.90 80.69 -5.83
CA CYS E 190 31.10 79.83 -4.65
C CYS E 190 30.15 80.27 -3.53
N VAL E 191 29.55 79.31 -2.83
CA VAL E 191 28.71 79.53 -1.62
C VAL E 191 29.30 78.62 -0.55
N ALA E 192 29.21 79.04 0.70
CA ALA E 192 29.78 78.29 1.83
C ALA E 192 29.10 78.65 3.15
N VAL E 193 29.18 77.73 4.07
CA VAL E 193 28.58 77.86 5.42
C VAL E 193 29.59 77.20 6.34
N ASP E 194 29.84 77.79 7.51
CA ASP E 194 30.75 77.11 8.46
C ASP E 194 29.87 76.30 9.43
N GLY E 195 30.46 75.70 10.47
CA GLY E 195 29.73 74.89 11.48
C GLY E 195 28.82 75.71 12.40
N ASN E 196 28.86 77.04 12.34
CA ASN E 196 28.07 77.97 13.20
C ASN E 196 26.90 78.59 12.43
N GLY E 197 26.68 78.22 11.17
CA GLY E 197 25.60 78.75 10.32
C GLY E 197 25.90 80.13 9.71
N ASN E 198 27.15 80.63 9.78
CA ASN E 198 27.62 81.82 9.02
C ASN E 198 27.66 81.49 7.52
N LEU E 199 27.10 82.34 6.67
CA LEU E 199 26.87 82.03 5.24
C LEU E 199 27.55 83.11 4.38
N ALA E 200 28.04 82.79 3.20
CA ALA E 200 28.53 83.80 2.25
C ALA E 200 28.34 83.26 0.83
N SER E 201 28.27 84.18 -0.12
CA SER E 201 28.15 83.95 -1.57
C SER E 201 29.11 84.88 -2.30
N ALA E 202 29.68 84.36 -3.37
CA ALA E 202 30.58 85.11 -4.28
C ALA E 202 30.32 84.69 -5.72
N THR E 203 30.14 85.67 -6.62
CA THR E 203 29.91 85.41 -8.06
C THR E 203 30.81 86.34 -8.88
N SER E 204 31.44 85.81 -9.93
CA SER E 204 32.25 86.63 -10.85
C SER E 204 32.07 86.21 -12.29
N THR E 205 32.21 87.14 -13.24
CA THR E 205 31.89 86.85 -14.64
C THR E 205 32.53 87.80 -15.62
N GLY E 206 32.69 87.34 -16.85
CA GLY E 206 32.89 88.17 -18.05
C GLY E 206 31.56 88.64 -18.65
N GLY E 207 30.48 87.98 -18.33
CA GLY E 207 29.13 88.35 -18.79
C GLY E 207 28.79 87.54 -20.05
N LEU E 208 28.25 88.18 -21.08
CA LEU E 208 27.72 87.50 -22.29
C LEU E 208 28.55 87.86 -23.51
N VAL E 209 28.90 86.86 -24.32
CA VAL E 209 29.70 87.06 -25.56
C VAL E 209 28.95 88.05 -26.47
N ASN E 210 29.68 89.04 -26.99
CA ASN E 210 29.15 90.05 -27.93
C ASN E 210 28.19 91.02 -27.21
N LYS E 211 28.25 91.12 -25.88
CA LYS E 211 27.46 92.12 -25.11
C LYS E 211 27.85 93.52 -25.59
N MET E 212 26.90 94.44 -25.56
CA MET E 212 27.22 95.86 -25.76
C MET E 212 28.22 96.32 -24.71
N VAL E 213 29.13 97.19 -25.10
CA VAL E 213 30.02 97.90 -24.16
C VAL E 213 29.14 98.61 -23.12
N GLY E 214 29.47 98.43 -21.84
CA GLY E 214 28.72 98.97 -20.72
C GLY E 214 27.56 98.11 -20.25
N ARG E 215 27.33 96.94 -20.83
CA ARG E 215 26.18 96.09 -20.43
C ARG E 215 26.45 95.48 -19.05
N ILE E 216 25.53 95.65 -18.10
CA ILE E 216 25.65 94.99 -16.77
C ILE E 216 24.67 93.82 -16.77
N GLY E 217 25.14 92.63 -16.35
CA GLY E 217 24.24 91.49 -16.19
C GLY E 217 23.87 91.24 -14.75
N ASP E 218 23.41 90.04 -14.45
CA ASP E 218 22.89 89.71 -13.10
C ASP E 218 24.02 89.60 -12.06
N THR E 219 25.21 89.17 -12.47
CA THR E 219 26.31 88.75 -11.53
C THR E 219 26.58 89.78 -10.42
N PRO E 220 26.77 91.08 -10.72
CA PRO E 220 27.06 92.08 -9.70
C PRO E 220 25.83 92.63 -8.95
N LEU E 221 24.61 92.17 -9.26
CA LEU E 221 23.35 92.74 -8.68
C LEU E 221 22.91 91.83 -7.54
N ILE E 222 23.01 92.41 -6.36
CA ILE E 222 22.55 91.76 -5.12
C ILE E 222 21.05 91.42 -5.22
N GLY E 223 20.74 90.12 -5.07
CA GLY E 223 19.39 89.58 -5.22
C GLY E 223 19.12 88.94 -6.56
N ALA E 224 19.98 89.16 -7.55
CA ALA E 224 19.88 88.52 -8.87
C ALA E 224 20.91 87.36 -8.93
N GLY E 225 22.19 87.67 -9.16
CA GLY E 225 23.30 86.68 -9.26
C GLY E 225 23.80 86.18 -7.90
N THR E 226 23.69 86.99 -6.85
CA THR E 226 24.37 86.80 -5.55
C THR E 226 23.42 87.21 -4.42
N TYR E 227 23.29 86.38 -3.41
CA TYR E 227 22.54 86.72 -2.17
C TYR E 227 22.94 85.80 -1.04
N ALA E 228 23.04 86.38 0.15
CA ALA E 228 23.25 85.57 1.38
C ALA E 228 22.49 86.25 2.52
N ASP E 229 21.84 85.45 3.37
CA ASP E 229 21.11 85.98 4.55
C ASP E 229 21.29 84.99 5.73
N ALA E 230 20.51 85.14 6.84
CA ALA E 230 20.61 84.23 8.00
C ALA E 230 20.34 82.76 7.60
N ARG E 231 19.59 82.47 6.54
CA ARG E 231 19.07 81.11 6.22
C ARG E 231 19.77 80.48 4.99
N CYS E 232 20.23 81.24 4.01
CA CYS E 232 20.86 80.62 2.81
C CYS E 232 21.90 81.53 2.17
N ALA E 233 22.70 80.94 1.29
CA ALA E 233 23.62 81.68 0.39
C ALA E 233 23.46 81.11 -1.01
N VAL E 234 23.29 81.99 -2.01
CA VAL E 234 22.97 81.58 -3.40
C VAL E 234 23.88 82.30 -4.39
N SER E 235 24.36 81.56 -5.40
CA SER E 235 25.08 82.12 -6.55
C SER E 235 24.39 81.56 -7.79
N ALA E 236 23.87 82.43 -8.67
CA ALA E 236 23.23 82.00 -9.93
C ALA E 236 24.14 82.19 -11.15
N THR E 237 23.80 81.50 -12.23
CA THR E 237 24.53 81.54 -13.53
C THR E 237 23.53 81.26 -14.65
N GLY E 238 23.73 81.91 -15.78
CA GLY E 238 23.02 81.65 -17.03
C GLY E 238 22.78 82.96 -17.76
N LYS E 239 21.58 83.09 -18.31
CA LYS E 239 21.22 84.24 -19.17
C LYS E 239 20.95 85.42 -18.24
N GLY E 240 21.86 86.39 -18.22
CA GLY E 240 21.89 87.51 -17.24
C GLY E 240 20.56 88.24 -17.12
N GLU E 241 19.94 88.59 -18.25
CA GLU E 241 18.69 89.39 -18.28
C GLU E 241 17.56 88.61 -17.63
N ALA E 242 17.46 87.30 -17.88
CA ALA E 242 16.41 86.45 -17.26
C ALA E 242 16.60 86.36 -15.74
N ILE E 243 17.84 86.34 -15.26
CA ILE E 243 18.20 86.28 -13.83
C ILE E 243 17.89 87.62 -13.16
N ILE E 244 18.09 88.74 -13.83
CA ILE E 244 17.77 90.08 -13.25
C ILE E 244 16.25 90.20 -13.11
N ARG E 245 15.53 89.93 -14.20
CA ARG E 245 14.04 90.01 -14.25
C ARG E 245 13.46 89.04 -13.22
N GLY E 246 14.14 87.90 -12.96
CA GLY E 246 13.65 86.81 -12.13
C GLY E 246 14.03 87.00 -10.68
N THR E 247 14.87 88.01 -10.40
CA THR E 247 15.52 88.24 -9.07
C THR E 247 15.83 86.87 -8.46
N VAL E 248 16.58 86.03 -9.17
CA VAL E 248 16.69 84.58 -8.82
C VAL E 248 17.29 84.36 -7.40
N ALA E 249 18.46 84.88 -7.04
CA ALA E 249 19.06 84.61 -5.71
C ALA E 249 18.16 85.10 -4.57
N ARG E 250 17.59 86.30 -4.68
CA ARG E 250 16.58 86.80 -3.70
C ARG E 250 15.40 85.83 -3.60
N ASP E 251 14.89 85.34 -4.73
CA ASP E 251 13.65 84.52 -4.72
C ASP E 251 13.85 83.24 -3.93
N VAL E 252 15.03 82.61 -3.98
CA VAL E 252 15.31 81.33 -3.24
C VAL E 252 15.17 81.61 -1.75
N ALA E 253 15.78 82.72 -1.32
CA ALA E 253 15.82 83.13 0.10
C ALA E 253 14.38 83.52 0.52
N ALA E 254 13.61 84.21 -0.34
CA ALA E 254 12.22 84.67 -0.05
C ALA E 254 11.28 83.46 0.09
N LEU E 255 11.34 82.46 -0.80
CA LEU E 255 10.53 81.22 -0.65
C LEU E 255 10.82 80.55 0.69
N MET E 256 12.09 80.50 1.11
CA MET E 256 12.46 79.87 2.40
C MET E 256 11.91 80.72 3.57
N GLU E 257 12.15 82.05 3.58
CA GLU E 257 11.65 82.90 4.70
C GLU E 257 10.11 83.02 4.68
N PHE E 258 9.50 83.25 3.53
CA PHE E 258 8.08 83.66 3.48
C PHE E 258 7.14 82.44 3.33
N LYS E 259 7.59 81.32 2.75
CA LYS E 259 6.74 80.12 2.59
C LYS E 259 7.23 78.96 3.46
N GLY E 260 8.32 79.13 4.21
CA GLY E 260 8.91 78.04 5.01
C GLY E 260 9.48 76.89 4.17
N LEU E 261 9.73 77.08 2.87
CA LEU E 261 10.31 76.01 2.00
C LEU E 261 11.71 75.66 2.50
N SER E 262 12.09 74.39 2.41
CA SER E 262 13.49 73.91 2.60
C SER E 262 14.37 74.52 1.49
N LEU E 263 15.69 74.50 1.66
CA LEU E 263 16.69 74.90 0.64
C LEU E 263 16.39 74.17 -0.66
N GLU E 264 16.29 72.83 -0.61
CA GLU E 264 16.03 72.02 -1.82
C GLU E 264 14.71 72.43 -2.49
N GLU E 265 13.62 72.58 -1.73
CA GLU E 265 12.29 72.97 -2.27
C GLU E 265 12.37 74.35 -2.93
N ALA E 266 12.93 75.32 -2.24
CA ALA E 266 13.01 76.72 -2.70
C ALA E 266 13.86 76.79 -4.00
N ALA E 267 15.00 76.12 -4.04
CA ALA E 267 15.94 76.13 -5.19
C ALA E 267 15.30 75.47 -6.41
N THR E 268 14.74 74.28 -6.22
CA THR E 268 13.95 73.51 -7.23
C THR E 268 12.82 74.36 -7.81
N CYS E 269 12.07 75.05 -6.97
CA CYS E 269 10.90 75.82 -7.40
C CYS E 269 11.35 76.97 -8.32
N VAL E 270 12.35 77.73 -7.90
CA VAL E 270 12.91 78.85 -8.70
C VAL E 270 13.43 78.33 -10.04
N VAL E 271 14.20 77.23 -10.06
CA VAL E 271 14.86 76.75 -11.30
C VAL E 271 13.87 76.01 -12.21
N HIS E 272 13.04 75.11 -11.65
CA HIS E 272 12.25 74.16 -12.48
C HIS E 272 10.80 74.62 -12.69
N GLU E 273 10.30 75.58 -11.91
CA GLU E 273 8.88 76.06 -11.99
C GLU E 273 8.83 77.51 -12.45
N ARG E 274 9.64 78.40 -11.89
CA ARG E 274 9.43 79.88 -11.98
C ARG E 274 10.34 80.53 -13.03
N THR E 275 11.19 79.75 -13.70
CA THR E 275 12.22 80.29 -14.63
C THR E 275 12.15 79.48 -15.93
N PRO E 276 12.34 80.09 -17.12
CA PRO E 276 12.27 79.33 -18.37
C PRO E 276 13.48 78.38 -18.50
N LYS E 277 13.24 77.18 -19.05
CA LYS E 277 14.27 76.14 -19.33
C LYS E 277 15.34 76.73 -20.26
N GLY E 278 16.55 76.17 -20.15
CA GLY E 278 17.72 76.62 -20.92
C GLY E 278 18.26 77.96 -20.46
N THR E 279 17.86 78.48 -19.30
CA THR E 279 18.25 79.87 -18.93
C THR E 279 19.09 79.95 -17.65
N LEU E 280 18.98 78.98 -16.74
CA LEU E 280 19.34 79.21 -15.32
C LEU E 280 19.91 77.96 -14.66
N GLY E 281 21.03 78.13 -13.96
CA GLY E 281 21.50 77.22 -12.90
C GLY E 281 21.82 77.98 -11.62
N LEU E 282 21.77 77.33 -10.47
CA LEU E 282 22.28 77.96 -9.25
C LEU E 282 22.88 76.95 -8.28
N ILE E 283 23.71 77.49 -7.39
CA ILE E 283 24.27 76.75 -6.25
C ILE E 283 23.81 77.45 -4.98
N ALA E 284 23.58 76.68 -3.93
CA ALA E 284 23.01 77.22 -2.68
C ALA E 284 23.44 76.32 -1.53
N VAL E 285 23.61 76.92 -0.37
CA VAL E 285 23.77 76.22 0.93
C VAL E 285 22.86 76.88 1.96
N SER E 286 22.34 76.09 2.92
CA SER E 286 21.58 76.56 4.11
C SER E 286 22.45 76.73 5.33
N ALA E 287 21.91 77.46 6.31
CA ALA E 287 22.51 77.70 7.65
C ALA E 287 22.80 76.34 8.30
N LYS E 288 21.98 75.33 7.97
CA LYS E 288 22.06 73.96 8.53
C LYS E 288 23.02 73.05 7.74
N GLY E 289 23.74 73.52 6.72
CA GLY E 289 24.79 72.73 6.04
C GLY E 289 24.23 71.89 4.90
N GLU E 290 23.03 72.22 4.42
CA GLU E 290 22.44 71.57 3.24
C GLU E 290 23.08 72.22 2.00
N VAL E 291 23.04 71.51 0.88
CA VAL E 291 23.56 71.95 -0.45
CA VAL E 291 23.53 72.02 -0.44
C VAL E 291 22.48 71.67 -1.51
N ALA E 292 22.26 72.60 -2.45
CA ALA E 292 21.41 72.38 -3.63
C ALA E 292 22.11 72.98 -4.87
N MET E 293 22.09 72.26 -5.99
CA MET E 293 22.72 72.75 -7.25
C MET E 293 21.82 72.42 -8.45
N PRO E 294 20.55 72.92 -8.47
CA PRO E 294 19.67 72.67 -9.60
C PRO E 294 19.97 73.56 -10.81
N TYR E 295 19.70 73.05 -12.01
CA TYR E 295 19.90 73.86 -13.23
C TYR E 295 18.88 73.37 -14.25
N ASN E 296 18.45 74.28 -15.14
CA ASN E 296 17.46 73.96 -16.21
C ASN E 296 18.16 74.01 -17.57
N THR E 297 19.48 74.16 -17.57
CA THR E 297 20.34 74.11 -18.78
C THR E 297 20.72 72.64 -19.06
N THR E 298 21.40 72.35 -20.16
CA THR E 298 21.93 71.00 -20.53
C THR E 298 22.92 70.50 -19.47
N GLY E 299 23.67 71.44 -18.89
CA GLY E 299 24.73 71.13 -17.93
C GLY E 299 25.07 72.33 -17.07
N MET E 300 25.83 72.05 -16.04
CA MET E 300 26.42 73.10 -15.19
C MET E 300 27.69 72.52 -14.60
N PHE E 301 28.81 73.15 -14.89
CA PHE E 301 30.09 72.82 -14.23
C PHE E 301 29.94 73.07 -12.74
N ARG E 302 30.03 72.04 -11.92
CA ARG E 302 29.65 72.18 -10.51
C ARG E 302 30.41 71.21 -9.60
N ALA E 303 30.47 71.56 -8.32
CA ALA E 303 31.21 70.77 -7.30
C ALA E 303 30.71 71.19 -5.93
N CYS E 304 30.69 70.24 -4.98
CA CYS E 304 30.22 70.52 -3.62
C CYS E 304 30.80 69.49 -2.68
N ALA E 305 30.76 69.86 -1.42
CA ALA E 305 31.20 68.99 -0.32
C ALA E 305 30.56 69.45 0.99
N THR E 306 30.29 68.47 1.87
CA THR E 306 29.68 68.72 3.17
C THR E 306 30.54 68.08 4.27
N GLU E 307 30.41 68.63 5.47
CA GLU E 307 31.01 68.00 6.69
C GLU E 307 30.49 66.56 6.85
N ASP E 308 29.22 66.28 6.55
CA ASP E 308 28.64 64.90 6.71
C ASP E 308 29.06 63.96 5.56
N GLY E 309 30.15 64.27 4.84
CA GLY E 309 30.91 63.30 4.02
C GLY E 309 30.40 63.16 2.62
N TYR E 310 29.56 64.08 2.18
CA TYR E 310 29.10 64.12 0.79
C TYR E 310 30.07 65.00 -0.01
N SER E 311 30.47 64.52 -1.19
CA SER E 311 31.21 65.38 -2.15
C SER E 311 30.90 64.93 -3.57
N GLU E 312 30.94 65.86 -4.51
CA GLU E 312 30.53 65.63 -5.91
C GLU E 312 31.20 66.64 -6.82
N VAL E 313 31.61 66.17 -7.99
CA VAL E 313 32.08 66.94 -9.17
C VAL E 313 31.24 66.45 -10.35
N ALA E 314 30.66 67.37 -11.11
CA ALA E 314 29.77 67.03 -12.24
C ALA E 314 29.67 68.15 -13.26
N ILE E 315 29.29 67.75 -14.47
CA ILE E 315 29.00 68.65 -15.61
C ILE E 315 27.54 68.43 -16.04
N TRP E 316 27.16 67.16 -16.26
CA TRP E 316 25.82 66.79 -16.78
C TRP E 316 24.99 66.13 -15.68
N PRO E 317 23.69 65.89 -15.92
CA PRO E 317 22.88 65.10 -15.00
C PRO E 317 23.50 63.71 -14.81
N SER E 318 23.41 63.17 -13.58
CA SER E 318 23.97 61.86 -13.18
C SER E 318 22.96 60.74 -13.47
N MET F 1 -11.23 100.16 -7.36
CA MET F 1 -10.95 99.81 -8.79
C MET F 1 -10.97 101.10 -9.62
N GLY F 2 -10.22 101.10 -10.73
CA GLY F 2 -10.00 102.26 -11.61
C GLY F 2 -8.51 102.56 -11.61
N TRP F 3 -8.07 103.58 -12.34
CA TRP F 3 -6.62 103.92 -12.35
C TRP F 3 -6.19 104.47 -10.98
N ALA F 4 -4.88 104.42 -10.74
CA ALA F 4 -4.25 105.02 -9.54
C ALA F 4 -2.83 105.40 -9.92
N ILE F 5 -2.30 106.44 -9.29
CA ILE F 5 -0.89 106.87 -9.50
C ILE F 5 -0.33 107.33 -8.17
N ALA F 6 0.98 107.17 -7.99
CA ALA F 6 1.71 107.78 -6.88
C ALA F 6 3.05 108.23 -7.43
N LEU F 7 3.60 109.29 -6.85
CA LEU F 7 4.94 109.81 -7.18
C LEU F 7 5.64 110.29 -5.92
N HIS F 8 6.95 110.25 -5.95
CA HIS F 8 7.80 110.84 -4.89
C HIS F 8 8.88 111.72 -5.49
N GLY F 9 9.35 112.66 -4.69
CA GLY F 9 10.58 113.40 -4.95
C GLY F 9 11.53 113.21 -3.80
N GLY F 10 11.59 111.98 -3.26
CA GLY F 10 12.64 111.52 -2.34
C GLY F 10 12.24 111.52 -0.87
N ALA F 11 12.73 110.50 -0.16
CA ALA F 11 12.57 110.33 1.30
C ALA F 11 13.90 110.62 1.97
N GLY F 12 13.86 111.30 3.10
CA GLY F 12 15.05 111.62 3.89
C GLY F 12 14.71 112.37 5.14
N ASP F 13 15.75 112.79 5.85
CA ASP F 13 15.61 113.70 7.01
C ASP F 13 15.26 115.08 6.46
N ILE F 14 14.01 115.24 6.03
CA ILE F 14 13.43 116.53 5.59
C ILE F 14 12.99 117.24 6.86
N PRO F 15 13.76 118.24 7.32
CA PRO F 15 13.57 118.75 8.68
C PRO F 15 12.22 119.49 8.78
N LEU F 16 11.51 119.32 9.88
CA LEU F 16 10.21 119.98 10.16
C LEU F 16 10.31 121.50 9.97
N SER F 17 11.51 122.08 10.16
CA SER F 17 11.78 123.53 10.03
C SER F 17 12.19 123.88 8.59
N LEU F 18 12.07 122.96 7.61
CA LEU F 18 12.45 123.23 6.20
C LEU F 18 11.91 124.61 5.84
N PRO F 19 12.75 125.52 5.28
CA PRO F 19 12.28 126.85 4.94
C PRO F 19 11.17 126.77 3.91
N PRO F 20 10.14 127.64 4.01
CA PRO F 20 9.09 127.74 3.00
C PRO F 20 9.61 127.82 1.56
N GLU F 21 10.72 128.53 1.32
CA GLU F 21 11.24 128.79 -0.05
C GLU F 21 11.81 127.48 -0.63
N ARG F 22 12.16 126.53 0.23
CA ARG F 22 12.64 125.19 -0.22
C ARG F 22 11.45 124.23 -0.28
N ARG F 23 10.53 124.30 0.67
CA ARG F 23 9.31 123.44 0.75
C ARG F 23 8.39 123.74 -0.45
N HIS F 24 8.09 125.03 -0.66
CA HIS F 24 7.05 125.56 -1.60
C HIS F 24 7.24 125.06 -3.03
N PRO F 25 8.39 125.35 -3.71
CA PRO F 25 8.61 124.88 -5.08
C PRO F 25 8.46 123.37 -5.26
N ARG F 26 8.88 122.60 -4.25
CA ARG F 26 8.85 121.12 -4.31
C ARG F 26 7.40 120.64 -4.20
N GLU F 27 6.65 121.17 -3.22
CA GLU F 27 5.20 120.90 -3.07
C GLU F 27 4.51 121.18 -4.42
N GLU F 28 4.83 122.33 -5.01
CA GLU F 28 4.15 122.78 -6.25
C GLU F 28 4.58 121.88 -7.41
N ALA F 29 5.87 121.48 -7.44
CA ALA F 29 6.38 120.49 -8.44
C ALA F 29 5.63 119.17 -8.30
N LEU F 30 5.33 118.71 -7.07
CA LEU F 30 4.59 117.45 -6.82
C LEU F 30 3.22 117.54 -7.49
N ARG F 31 2.48 118.60 -7.18
CA ARG F 31 1.11 118.82 -7.71
C ARG F 31 1.17 118.88 -9.23
N HIS F 32 2.15 119.60 -9.79
CA HIS F 32 2.36 119.79 -11.27
C HIS F 32 2.55 118.43 -11.93
N CYS F 33 3.42 117.62 -11.34
CA CYS F 33 3.77 116.29 -11.91
C CYS F 33 2.58 115.36 -11.71
N LEU F 34 1.87 115.42 -10.58
CA LEU F 34 0.64 114.61 -10.36
C LEU F 34 -0.40 114.85 -11.46
N GLN F 35 -0.57 116.12 -11.85
CA GLN F 35 -1.51 116.56 -12.91
C GLN F 35 -1.11 115.95 -14.27
N ILE F 36 0.18 115.96 -14.60
CA ILE F 36 0.67 115.32 -15.85
C ILE F 36 0.19 113.86 -15.88
N GLY F 37 0.38 113.15 -14.75
CA GLY F 37 0.09 111.70 -14.62
C GLY F 37 -1.40 111.45 -14.68
N VAL F 38 -2.17 112.26 -13.94
CA VAL F 38 -3.65 112.14 -13.91
C VAL F 38 -4.22 112.36 -15.33
N GLU F 39 -3.75 113.38 -16.06
CA GLU F 39 -4.25 113.72 -17.42
C GLU F 39 -3.94 112.56 -18.36
N ALA F 40 -2.74 111.96 -18.23
CA ALA F 40 -2.34 110.80 -19.05
C ALA F 40 -3.28 109.61 -18.74
N LEU F 41 -3.54 109.29 -17.48
CA LEU F 41 -4.36 108.11 -17.13
C LEU F 41 -5.80 108.36 -17.51
N LYS F 42 -6.29 109.60 -17.37
CA LYS F 42 -7.70 109.88 -17.77
C LYS F 42 -7.81 109.70 -19.27
N ALA F 43 -6.73 109.94 -20.02
CA ALA F 43 -6.69 109.77 -21.49
C ALA F 43 -6.35 108.33 -21.89
N LYS F 44 -6.27 107.40 -20.91
CA LYS F 44 -5.97 105.96 -21.12
C LYS F 44 -4.58 105.75 -21.74
N LEU F 45 -3.60 106.60 -21.45
CA LEU F 45 -2.21 106.33 -21.88
C LEU F 45 -1.68 105.11 -21.12
N PRO F 46 -0.99 104.14 -21.76
CA PRO F 46 -0.46 102.99 -21.03
C PRO F 46 0.37 103.44 -19.82
N PRO F 47 0.21 102.79 -18.65
CA PRO F 47 1.01 103.10 -17.46
C PRO F 47 2.51 103.23 -17.74
N LEU F 48 3.06 102.41 -18.64
CA LEU F 48 4.52 102.49 -18.90
C LEU F 48 4.83 103.89 -19.41
N ASP F 49 3.93 104.45 -20.23
CA ASP F 49 4.12 105.79 -20.85
C ASP F 49 3.84 106.84 -19.78
N VAL F 50 2.89 106.56 -18.90
CA VAL F 50 2.53 107.48 -17.79
C VAL F 50 3.78 107.68 -16.92
N VAL F 51 4.40 106.59 -16.49
CA VAL F 51 5.45 106.73 -15.45
C VAL F 51 6.69 107.36 -16.09
N GLU F 52 6.97 107.07 -17.36
CA GLU F 52 8.05 107.73 -18.12
C GLU F 52 7.75 109.23 -18.22
N ARG F 53 6.55 109.61 -18.61
CA ARG F 53 6.20 111.05 -18.80
C ARG F 53 6.31 111.80 -17.47
N VAL F 54 5.85 111.20 -16.37
CA VAL F 54 5.88 111.83 -15.03
C VAL F 54 7.33 111.97 -14.60
N VAL F 55 8.11 110.89 -14.71
CA VAL F 55 9.52 110.92 -14.23
C VAL F 55 10.34 111.90 -15.06
N ARG F 56 10.15 112.01 -16.38
CA ARG F 56 10.81 113.02 -17.24
C ARG F 56 10.64 114.42 -16.64
N GLU F 57 9.41 114.74 -16.22
CA GLU F 57 9.13 116.07 -15.62
C GLU F 57 9.85 116.22 -14.27
N LEU F 58 9.86 115.17 -13.46
CA LEU F 58 10.51 115.23 -12.13
C LEU F 58 12.02 115.37 -12.34
N GLU F 59 12.61 114.75 -13.38
CA GLU F 59 14.04 114.94 -13.73
C GLU F 59 14.27 116.43 -14.02
N ASN F 60 13.38 117.03 -14.82
CA ASN F 60 13.53 118.44 -15.25
C ASN F 60 13.34 119.44 -14.09
N ILE F 61 12.64 119.12 -13.00
CA ILE F 61 12.47 120.04 -11.83
C ILE F 61 13.83 120.16 -11.18
N PRO F 62 14.49 121.36 -11.14
CA PRO F 62 15.82 121.47 -10.55
C PRO F 62 15.88 121.23 -9.04
N GLN F 63 14.77 121.34 -8.30
CA GLN F 63 14.79 121.13 -6.84
C GLN F 63 14.73 119.63 -6.51
N PHE F 64 14.49 118.78 -7.49
CA PHE F 64 14.60 117.32 -7.23
C PHE F 64 15.95 116.75 -7.70
N ASN F 65 16.40 115.75 -6.94
CA ASN F 65 17.70 115.05 -7.14
C ASN F 65 17.52 113.93 -8.19
N ALA F 66 17.54 114.35 -9.46
CA ALA F 66 17.40 113.57 -10.70
C ALA F 66 17.55 114.56 -11.83
N GLY F 67 18.12 114.15 -12.96
CA GLY F 67 18.26 115.01 -14.15
C GLY F 67 18.89 116.34 -13.76
N LYS F 68 18.29 117.45 -14.12
CA LYS F 68 18.87 118.76 -13.70
C LYS F 68 18.56 118.97 -12.22
N GLY F 69 19.56 119.23 -11.40
CA GLY F 69 19.37 119.21 -9.94
C GLY F 69 19.88 117.96 -9.30
N SER F 70 20.43 117.04 -10.08
CA SER F 70 21.24 115.92 -9.54
C SER F 70 22.28 116.42 -8.55
N VAL F 71 22.36 115.69 -7.45
CA VAL F 71 23.45 115.88 -6.45
C VAL F 71 24.78 115.55 -7.12
N LEU F 72 25.85 116.08 -6.53
CA LEU F 72 27.20 115.99 -7.10
C LEU F 72 27.99 114.87 -6.44
N THR F 73 28.81 114.21 -7.24
CA THR F 73 29.88 113.28 -6.80
C THR F 73 30.92 114.02 -5.94
N SER F 74 31.73 113.26 -5.22
CA SER F 74 32.97 113.77 -4.56
C SER F 74 33.77 114.68 -5.51
N ASN F 75 33.73 114.44 -6.82
CA ASN F 75 34.53 115.20 -7.80
C ASN F 75 33.77 116.41 -8.36
N GLY F 76 32.64 116.81 -7.77
CA GLY F 76 31.81 117.93 -8.25
C GLY F 76 31.12 117.66 -9.58
N THR F 77 30.88 116.39 -9.95
CA THR F 77 30.33 116.01 -11.29
C THR F 77 28.94 115.43 -11.09
N VAL F 78 28.17 115.27 -12.16
CA VAL F 78 26.84 114.60 -12.13
C VAL F 78 26.97 113.23 -12.81
N GLU F 79 26.43 112.23 -12.14
CA GLU F 79 26.34 110.83 -12.60
C GLU F 79 24.93 110.35 -12.30
N MET F 80 24.08 110.25 -13.33
CA MET F 80 22.64 110.01 -13.17
C MET F 80 22.33 108.54 -13.49
N GLU F 81 21.31 108.02 -12.85
CA GLU F 81 20.83 106.63 -13.06
C GLU F 81 19.31 106.50 -12.93
N ALA F 82 18.74 105.48 -13.60
CA ALA F 82 17.27 105.38 -13.70
C ALA F 82 16.94 103.95 -14.03
N SER F 83 15.75 103.51 -13.61
CA SER F 83 15.20 102.20 -14.07
C SER F 83 13.70 102.32 -14.32
N ILE F 84 13.21 101.39 -15.12
CA ILE F 84 11.78 101.39 -15.53
C ILE F 84 11.38 99.94 -15.67
N MET F 85 10.18 99.61 -15.25
CA MET F 85 9.70 98.22 -15.40
C MET F 85 8.22 98.20 -15.76
N ASP F 86 7.87 97.33 -16.71
CA ASP F 86 6.46 97.07 -17.11
C ASP F 86 6.00 95.79 -16.42
N GLY F 87 5.02 95.87 -15.54
CA GLY F 87 4.61 94.71 -14.73
C GLY F 87 3.87 93.68 -15.54
N THR F 88 3.27 94.01 -16.67
CA THR F 88 2.50 93.00 -17.48
C THR F 88 3.44 91.96 -18.11
N THR F 89 4.60 92.41 -18.61
CA THR F 89 5.59 91.63 -19.39
C THR F 89 6.82 91.33 -18.55
N MET F 90 7.05 92.19 -17.54
CA MET F 90 8.26 92.24 -16.70
C MET F 90 9.47 92.59 -17.55
N ASP F 91 9.23 93.23 -18.69
CA ASP F 91 10.25 94.00 -19.45
C ASP F 91 10.75 95.12 -18.53
N CYS F 92 12.04 95.34 -18.57
CA CYS F 92 12.67 96.40 -17.75
C CYS F 92 13.91 96.95 -18.45
N GLY F 93 14.25 98.17 -18.03
CA GLY F 93 15.40 98.91 -18.52
C GLY F 93 16.02 99.72 -17.44
N ALA F 94 17.31 99.97 -17.59
CA ALA F 94 18.14 100.60 -16.57
C ALA F 94 19.37 101.21 -17.21
N VAL F 95 19.79 102.32 -16.64
CA VAL F 95 20.98 103.09 -17.04
C VAL F 95 21.66 103.61 -15.78
N SER F 96 22.99 103.60 -15.78
CA SER F 96 23.82 104.33 -14.78
C SER F 96 24.85 105.19 -15.48
N GLY F 97 25.47 106.06 -14.71
CA GLY F 97 26.67 106.83 -15.11
C GLY F 97 26.39 107.81 -16.24
N LEU F 98 25.18 108.36 -16.35
CA LEU F 98 24.91 109.37 -17.39
C LEU F 98 25.38 110.75 -16.93
N THR F 99 26.00 111.48 -17.85
CA THR F 99 26.65 112.80 -17.59
C THR F 99 26.08 113.91 -18.47
N THR F 100 25.45 113.61 -19.62
CA THR F 100 24.95 114.60 -20.60
C THR F 100 23.49 114.33 -20.99
N VAL F 101 22.94 113.15 -20.71
CA VAL F 101 21.57 112.77 -21.13
C VAL F 101 20.54 113.56 -20.32
N VAL F 102 19.64 114.32 -20.98
CA VAL F 102 18.65 115.18 -20.28
C VAL F 102 17.68 114.31 -19.48
N ASN F 103 17.21 113.20 -20.04
CA ASN F 103 16.15 112.39 -19.39
C ASN F 103 16.62 110.93 -19.27
N ALA F 104 17.19 110.59 -18.12
CA ALA F 104 17.77 109.25 -17.82
C ALA F 104 16.69 108.17 -17.99
N ILE F 105 15.47 108.41 -17.49
CA ILE F 105 14.38 107.42 -17.52
C ILE F 105 14.05 107.04 -18.97
N SER F 106 14.05 107.99 -19.90
CA SER F 106 13.75 107.70 -21.33
C SER F 106 14.89 106.89 -21.93
N LEU F 107 16.14 107.03 -21.49
CA LEU F 107 17.23 106.14 -22.01
C LEU F 107 17.03 104.71 -21.44
N ALA F 108 16.68 104.58 -20.16
CA ALA F 108 16.36 103.26 -19.54
C ALA F 108 15.32 102.60 -20.42
N ARG F 109 14.30 103.36 -20.83
CA ARG F 109 13.21 102.78 -21.64
C ARG F 109 13.80 102.34 -22.99
N LEU F 110 14.65 103.15 -23.62
CA LEU F 110 15.20 102.74 -24.94
C LEU F 110 16.11 101.50 -24.78
N VAL F 111 16.77 101.32 -23.64
CA VAL F 111 17.60 100.09 -23.46
C VAL F 111 16.65 98.89 -23.58
N MET F 112 15.56 98.91 -22.80
CA MET F 112 14.52 97.86 -22.77
C MET F 112 13.99 97.62 -24.20
N GLU F 113 13.72 98.68 -24.98
CA GLU F 113 13.03 98.55 -26.29
C GLU F 113 14.00 98.28 -27.46
N LYS F 114 15.24 98.76 -27.42
CA LYS F 114 16.10 98.80 -28.64
C LYS F 114 17.30 97.82 -28.58
N THR F 115 17.50 97.10 -27.47
CA THR F 115 18.69 96.27 -27.20
C THR F 115 18.19 94.93 -26.70
N PRO F 116 19.02 93.88 -26.73
CA PRO F 116 18.70 92.61 -26.06
C PRO F 116 19.05 92.66 -24.55
N HIS F 117 19.42 93.83 -24.03
CA HIS F 117 19.90 94.00 -22.64
C HIS F 117 18.86 94.74 -21.80
N ILE F 118 19.03 94.69 -20.49
CA ILE F 118 18.30 95.53 -19.52
C ILE F 118 19.14 96.77 -19.14
N TYR F 119 20.42 96.63 -18.87
CA TYR F 119 21.21 97.64 -18.10
C TYR F 119 22.48 98.02 -18.86
N LEU F 120 22.59 99.30 -19.28
CA LEU F 120 23.85 99.90 -19.84
C LEU F 120 24.31 100.99 -18.88
N ALA F 121 25.61 101.16 -18.74
CA ALA F 121 26.21 102.09 -17.77
C ALA F 121 27.46 102.81 -18.33
N PHE F 122 27.61 104.05 -17.89
CA PHE F 122 28.78 104.96 -18.10
C PHE F 122 29.04 105.12 -19.60
N ASP F 123 30.27 104.99 -20.08
CA ASP F 123 30.63 105.36 -21.49
C ASP F 123 29.68 104.68 -22.49
N GLY F 124 29.41 103.38 -22.36
CA GLY F 124 28.51 102.62 -23.24
C GLY F 124 27.07 103.11 -23.26
N ALA F 125 26.56 103.57 -22.13
CA ALA F 125 25.22 104.17 -22.01
C ALA F 125 25.21 105.53 -22.75
N GLU F 126 26.28 106.33 -22.58
CA GLU F 126 26.43 107.63 -23.26
C GLU F 126 26.52 107.39 -24.76
N GLU F 127 27.23 106.34 -25.21
CA GLU F 127 27.36 106.04 -26.66
C GLU F 127 26.01 105.57 -27.23
N PHE F 128 25.30 104.68 -26.54
CA PHE F 128 23.91 104.29 -26.89
C PHE F 128 23.01 105.54 -27.02
N ALA F 129 23.09 106.50 -26.08
CA ALA F 129 22.29 107.75 -26.09
C ALA F 129 22.50 108.50 -27.42
N ARG F 130 23.75 108.59 -27.88
CA ARG F 130 24.10 109.31 -29.15
C ARG F 130 23.61 108.53 -30.37
N GLN F 131 23.71 107.20 -30.35
CA GLN F 131 23.17 106.30 -31.41
C GLN F 131 21.65 106.49 -31.48
N GLN F 132 21.01 106.68 -30.33
CA GLN F 132 19.53 106.81 -30.27
C GLN F 132 19.10 108.25 -30.62
N GLY F 133 20.01 109.22 -30.61
CA GLY F 133 19.70 110.63 -30.92
C GLY F 133 18.85 111.32 -29.85
N VAL F 134 18.91 110.87 -28.58
CA VAL F 134 18.19 111.55 -27.46
C VAL F 134 18.86 112.90 -27.16
N GLU F 135 18.11 113.80 -26.53
CA GLU F 135 18.55 115.14 -26.09
C GLU F 135 19.75 115.00 -25.11
N THR F 136 20.89 115.60 -25.43
CA THR F 136 22.07 115.77 -24.54
C THR F 136 22.42 117.26 -24.42
N LEU F 137 22.99 117.62 -23.28
CA LEU F 137 23.51 118.97 -23.00
C LEU F 137 24.87 118.81 -22.33
N ASP F 138 25.70 119.86 -22.33
CA ASP F 138 26.96 119.85 -21.54
C ASP F 138 26.63 119.52 -20.08
N SER F 139 27.54 118.83 -19.39
CA SER F 139 27.29 118.37 -18.01
C SER F 139 27.07 119.57 -17.06
N SER F 140 27.53 120.78 -17.42
CA SER F 140 27.30 121.98 -16.60
C SER F 140 25.79 122.29 -16.53
N HIS F 141 25.03 122.00 -17.57
CA HIS F 141 23.56 122.18 -17.55
C HIS F 141 22.96 121.59 -16.27
N PHE F 142 23.49 120.44 -15.80
CA PHE F 142 22.82 119.64 -14.76
C PHE F 142 23.19 120.13 -13.38
N ILE F 143 24.26 120.90 -13.28
CA ILE F 143 24.84 121.35 -11.97
C ILE F 143 24.13 122.64 -11.55
N THR F 144 23.60 122.67 -10.34
CA THR F 144 22.91 123.88 -9.81
C THR F 144 23.73 124.51 -8.67
N ALA F 145 23.57 125.81 -8.46
CA ALA F 145 24.21 126.53 -7.34
C ALA F 145 23.97 125.80 -6.03
N GLU F 146 22.74 125.33 -5.82
CA GLU F 146 22.26 124.70 -4.57
C GLU F 146 23.10 123.44 -4.32
N ASN F 147 23.41 122.71 -5.37
CA ASN F 147 24.13 121.40 -5.22
C ASN F 147 25.65 121.65 -5.08
N ILE F 148 26.19 122.74 -5.64
CA ILE F 148 27.60 123.15 -5.36
C ILE F 148 27.74 123.35 -3.84
N GLU F 149 26.79 124.03 -3.21
CA GLU F 149 26.78 124.35 -1.76
C GLU F 149 26.54 123.08 -0.93
N ARG F 150 25.63 122.22 -1.36
CA ARG F 150 25.34 120.93 -0.68
C ARG F 150 26.62 120.06 -0.71
N LEU F 151 27.38 120.08 -1.80
CA LEU F 151 28.65 119.28 -1.82
C LEU F 151 29.69 119.88 -0.87
N LYS F 152 29.85 121.22 -0.82
CA LYS F 152 30.76 121.85 0.17
C LYS F 152 30.35 121.42 1.58
N GLN F 153 29.07 121.49 1.91
CA GLN F 153 28.55 121.15 3.27
C GLN F 153 28.80 119.67 3.59
N ALA F 154 28.61 118.77 2.63
CA ALA F 154 28.86 117.32 2.81
C ALA F 154 30.34 117.05 3.10
N LYS F 155 31.28 117.68 2.40
CA LYS F 155 32.75 117.46 2.60
C LYS F 155 33.20 118.05 3.95
N GLU F 156 32.60 119.15 4.38
CA GLU F 156 32.89 119.74 5.72
C GLU F 156 32.43 118.75 6.80
N ALA F 157 31.21 118.22 6.71
CA ALA F 157 30.61 117.24 7.66
C ALA F 157 31.48 115.97 7.77
N ASN F 158 32.39 115.74 6.82
CA ASN F 158 33.15 114.47 6.65
C ASN F 158 34.65 114.71 6.82
N THR F 187 16.42 111.50 -5.69
CA THR F 187 15.59 110.44 -6.27
C THR F 187 14.19 110.95 -6.51
N VAL F 188 13.64 110.55 -7.64
CA VAL F 188 12.22 110.77 -8.02
C VAL F 188 11.63 109.45 -8.50
N GLY F 189 10.32 109.34 -8.49
CA GLY F 189 9.69 108.13 -9.03
C GLY F 189 8.23 108.27 -9.25
N CYS F 190 7.69 107.31 -9.98
CA CYS F 190 6.24 107.26 -10.29
C CYS F 190 5.85 105.80 -10.49
N VAL F 191 4.77 105.40 -9.83
CA VAL F 191 4.10 104.10 -10.08
C VAL F 191 2.69 104.37 -10.62
N ALA F 192 2.21 103.55 -11.56
CA ALA F 192 0.85 103.74 -12.08
C ALA F 192 0.19 102.41 -12.41
N VAL F 193 -1.13 102.41 -12.31
CA VAL F 193 -1.96 101.28 -12.74
C VAL F 193 -3.20 101.85 -13.46
N ASP F 194 -3.67 101.14 -14.47
CA ASP F 194 -4.93 101.50 -15.17
C ASP F 194 -6.10 100.70 -14.59
N GLY F 195 -7.31 100.91 -15.12
CA GLY F 195 -8.54 100.17 -14.78
C GLY F 195 -8.47 98.67 -15.07
N ASN F 196 -7.49 98.23 -15.87
CA ASN F 196 -7.35 96.83 -16.37
C ASN F 196 -6.32 96.04 -15.55
N GLY F 197 -5.62 96.69 -14.61
CA GLY F 197 -4.59 96.07 -13.77
C GLY F 197 -3.18 96.11 -14.37
N ASN F 198 -2.94 96.81 -15.48
CA ASN F 198 -1.57 97.00 -16.04
C ASN F 198 -0.79 98.01 -15.18
N LEU F 199 0.42 97.61 -14.79
CA LEU F 199 1.25 98.26 -13.73
C LEU F 199 2.58 98.66 -14.33
N ALA F 200 3.14 99.78 -13.88
CA ALA F 200 4.53 100.13 -14.28
C ALA F 200 5.15 100.98 -13.19
N SER F 201 6.47 101.01 -13.16
CA SER F 201 7.26 101.77 -12.17
C SER F 201 8.43 102.40 -12.91
N ALA F 202 8.77 103.63 -12.50
CA ALA F 202 9.93 104.38 -13.01
C ALA F 202 10.61 105.11 -11.83
N THR F 203 11.94 105.11 -11.80
CA THR F 203 12.73 105.76 -10.73
C THR F 203 13.94 106.39 -11.41
N SER F 204 14.33 107.59 -10.96
CA SER F 204 15.48 108.32 -11.53
C SER F 204 16.17 109.07 -10.40
N THR F 205 17.49 109.20 -10.48
CA THR F 205 18.25 109.87 -9.39
C THR F 205 19.58 110.43 -9.86
N GLY F 206 20.12 111.41 -9.10
CA GLY F 206 21.54 111.82 -9.07
C GLY F 206 22.37 111.03 -8.10
N GLY F 207 21.71 110.30 -7.20
CA GLY F 207 22.34 109.44 -6.20
C GLY F 207 22.59 110.18 -4.90
N LEU F 208 23.77 110.03 -4.32
CA LEU F 208 24.03 110.49 -2.95
C LEU F 208 25.13 111.53 -3.05
N VAL F 209 24.98 112.63 -2.30
CA VAL F 209 25.93 113.78 -2.39
C VAL F 209 27.30 113.29 -1.91
N ASN F 210 28.35 113.65 -2.61
CA ASN F 210 29.75 113.27 -2.30
C ASN F 210 30.01 111.76 -2.46
N LYS F 211 29.20 111.04 -3.23
CA LYS F 211 29.49 109.66 -3.64
C LYS F 211 30.81 109.61 -4.40
N MET F 212 31.52 108.49 -4.27
CA MET F 212 32.69 108.21 -5.10
C MET F 212 32.20 108.17 -6.54
N VAL F 213 33.00 108.69 -7.46
CA VAL F 213 32.70 108.51 -8.91
C VAL F 213 32.60 107.01 -9.21
N GLY F 214 31.65 106.68 -10.06
CA GLY F 214 31.36 105.27 -10.39
C GLY F 214 30.48 104.58 -9.37
N ARG F 215 30.00 105.28 -8.33
CA ARG F 215 29.12 104.60 -7.32
C ARG F 215 27.71 104.36 -7.92
N ILE F 216 27.19 103.15 -7.77
CA ILE F 216 25.83 102.79 -8.22
C ILE F 216 24.97 102.53 -6.98
N GLY F 217 23.83 103.23 -6.88
CA GLY F 217 22.86 103.08 -5.79
C GLY F 217 21.75 102.09 -6.13
N ASP F 218 20.66 102.09 -5.38
CA ASP F 218 19.52 101.16 -5.60
C ASP F 218 18.65 101.55 -6.80
N THR F 219 18.59 102.82 -7.21
CA THR F 219 17.62 103.33 -8.22
C THR F 219 17.64 102.45 -9.48
N PRO F 220 18.81 102.14 -10.09
CA PRO F 220 18.76 101.47 -11.38
C PRO F 220 18.67 99.95 -11.30
N LEU F 221 18.64 99.41 -10.09
CA LEU F 221 18.74 97.94 -9.82
C LEU F 221 17.31 97.39 -9.68
N ILE F 222 16.88 96.61 -10.69
CA ILE F 222 15.55 95.93 -10.70
C ILE F 222 15.45 95.06 -9.44
N GLY F 223 14.41 95.26 -8.64
CA GLY F 223 14.22 94.51 -7.37
C GLY F 223 14.68 95.25 -6.16
N ALA F 224 15.39 96.36 -6.34
CA ALA F 224 15.86 97.22 -5.24
C ALA F 224 15.06 98.53 -5.27
N GLY F 225 15.37 99.41 -6.23
CA GLY F 225 14.72 100.72 -6.43
C GLY F 225 13.40 100.62 -7.19
N THR F 226 13.30 99.68 -8.13
CA THR F 226 12.20 99.65 -9.11
C THR F 226 11.77 98.20 -9.25
N TYR F 227 10.48 97.96 -9.23
CA TYR F 227 9.94 96.61 -9.55
C TYR F 227 8.48 96.76 -9.93
N ALA F 228 8.06 96.00 -10.95
CA ALA F 228 6.63 95.85 -11.21
C ALA F 228 6.40 94.41 -11.66
N ASP F 229 5.22 93.92 -11.31
CA ASP F 229 4.78 92.57 -11.73
C ASP F 229 3.25 92.57 -11.92
N ALA F 230 2.60 91.40 -11.98
CA ALA F 230 1.13 91.35 -12.21
C ALA F 230 0.36 91.84 -10.97
N ARG F 231 0.96 91.96 -9.79
CA ARG F 231 0.26 92.35 -8.54
C ARG F 231 0.59 93.77 -8.06
N CYS F 232 1.80 94.25 -8.20
CA CYS F 232 2.16 95.59 -7.68
C CYS F 232 3.18 96.31 -8.56
N ALA F 233 3.33 97.62 -8.30
CA ALA F 233 4.42 98.44 -8.86
C ALA F 233 4.95 99.29 -7.72
N VAL F 234 6.28 99.30 -7.57
CA VAL F 234 6.99 99.86 -6.39
C VAL F 234 8.14 100.71 -6.91
N SER F 235 8.27 101.91 -6.34
CA SER F 235 9.46 102.77 -6.44
C SER F 235 9.93 103.17 -5.04
N ALA F 236 11.16 102.83 -4.73
CA ALA F 236 11.80 103.12 -3.43
C ALA F 236 12.70 104.38 -3.53
N THR F 237 12.95 104.99 -2.39
CA THR F 237 13.83 106.18 -2.21
C THR F 237 14.38 106.15 -0.78
N GLY F 238 15.60 106.66 -0.64
CA GLY F 238 16.32 106.90 0.62
C GLY F 238 17.78 106.56 0.48
N LYS F 239 18.33 105.86 1.46
CA LYS F 239 19.78 105.51 1.53
C LYS F 239 19.99 104.30 0.61
N GLY F 240 20.66 104.53 -0.50
CA GLY F 240 20.84 103.60 -1.63
C GLY F 240 21.34 102.23 -1.16
N GLU F 241 22.35 102.21 -0.30
CA GLU F 241 23.00 100.95 0.15
C GLU F 241 22.00 100.14 0.99
N ALA F 242 21.18 100.78 1.83
CA ALA F 242 20.19 100.08 2.69
C ALA F 242 19.14 99.46 1.78
N ILE F 243 18.79 100.15 0.71
CA ILE F 243 17.71 99.68 -0.20
C ILE F 243 18.20 98.47 -1.02
N ILE F 244 19.46 98.50 -1.47
CA ILE F 244 20.10 97.36 -2.17
C ILE F 244 20.09 96.16 -1.23
N ARG F 245 20.71 96.30 -0.06
CA ARG F 245 20.80 95.25 1.01
C ARG F 245 19.41 94.66 1.27
N GLY F 246 18.41 95.53 1.32
CA GLY F 246 17.03 95.20 1.70
C GLY F 246 16.22 94.74 0.53
N THR F 247 16.78 94.75 -0.67
CA THR F 247 16.05 94.37 -1.92
C THR F 247 14.58 94.87 -1.88
N VAL F 248 14.40 96.14 -1.68
CA VAL F 248 13.11 96.67 -1.13
C VAL F 248 11.94 96.44 -2.09
N ALA F 249 12.05 96.81 -3.37
CA ALA F 249 10.91 96.78 -4.32
C ALA F 249 10.50 95.32 -4.54
N ARG F 250 11.46 94.39 -4.65
CA ARG F 250 11.16 92.94 -4.80
C ARG F 250 10.52 92.40 -3.51
N ASP F 251 10.99 92.79 -2.32
CA ASP F 251 10.47 92.32 -1.00
C ASP F 251 8.97 92.66 -0.86
N VAL F 252 8.54 93.85 -1.26
CA VAL F 252 7.09 94.20 -1.30
C VAL F 252 6.33 93.18 -2.14
N ALA F 253 6.76 92.93 -3.37
CA ALA F 253 6.07 92.05 -4.33
C ALA F 253 6.09 90.61 -3.81
N ALA F 254 7.19 90.18 -3.17
CA ALA F 254 7.37 88.80 -2.66
C ALA F 254 6.44 88.54 -1.48
N LEU F 255 6.27 89.51 -0.58
CA LEU F 255 5.33 89.37 0.55
C LEU F 255 3.90 89.19 0.04
N MET F 256 3.54 89.91 -1.03
CA MET F 256 2.20 89.76 -1.67
C MET F 256 2.09 88.39 -2.35
N GLU F 257 3.09 88.00 -3.17
CA GLU F 257 3.01 86.76 -3.99
C GLU F 257 3.16 85.52 -3.11
N PHE F 258 4.05 85.55 -2.11
CA PHE F 258 4.42 84.34 -1.35
C PHE F 258 3.68 84.24 -0.02
N LYS F 259 3.16 85.34 0.52
CA LYS F 259 2.45 85.33 1.83
C LYS F 259 1.00 85.79 1.65
N GLY F 260 0.61 86.23 0.46
CA GLY F 260 -0.75 86.73 0.19
C GLY F 260 -1.08 88.01 0.95
N LEU F 261 -0.07 88.74 1.47
CA LEU F 261 -0.28 90.06 2.15
C LEU F 261 -0.95 91.02 1.15
N SER F 262 -1.77 91.96 1.64
CA SER F 262 -2.26 93.13 0.86
C SER F 262 -1.08 94.06 0.52
N LEU F 263 -1.24 94.92 -0.48
CA LEU F 263 -0.29 96.02 -0.77
C LEU F 263 0.10 96.69 0.56
N GLU F 264 -0.88 97.11 1.33
CA GLU F 264 -0.62 97.94 2.52
C GLU F 264 0.18 97.13 3.54
N GLU F 265 -0.19 95.86 3.76
CA GLU F 265 0.49 94.97 4.74
C GLU F 265 1.97 94.79 4.34
N ALA F 266 2.22 94.49 3.07
CA ALA F 266 3.56 94.18 2.50
C ALA F 266 4.46 95.42 2.59
N ALA F 267 3.96 96.56 2.10
CA ALA F 267 4.66 97.87 2.14
C ALA F 267 5.01 98.27 3.58
N THR F 268 4.03 98.33 4.47
CA THR F 268 4.25 98.60 5.92
C THR F 268 5.33 97.68 6.48
N CYS F 269 5.21 96.38 6.24
CA CYS F 269 6.18 95.34 6.70
C CYS F 269 7.61 95.72 6.24
N VAL F 270 7.82 96.01 4.96
CA VAL F 270 9.18 96.29 4.43
C VAL F 270 9.70 97.56 5.10
N VAL F 271 8.91 98.63 5.17
CA VAL F 271 9.40 99.96 5.63
C VAL F 271 9.55 99.93 7.16
N HIS F 272 8.60 99.34 7.91
CA HIS F 272 8.52 99.52 9.38
C HIS F 272 8.95 98.27 10.17
N GLU F 273 9.14 97.13 9.52
CA GLU F 273 9.69 95.89 10.13
C GLU F 273 11.06 95.49 9.56
N ARG F 274 11.28 95.50 8.25
CA ARG F 274 12.43 94.75 7.67
C ARG F 274 13.62 95.68 7.33
N THR F 275 13.55 96.99 7.55
CA THR F 275 14.62 97.92 7.13
C THR F 275 14.87 98.92 8.24
N PRO F 276 16.10 99.47 8.35
CA PRO F 276 16.42 100.39 9.45
C PRO F 276 15.64 101.72 9.40
N LYS F 277 15.26 102.25 10.56
CA LYS F 277 14.60 103.58 10.66
C LYS F 277 15.55 104.64 10.11
N GLY F 278 15.02 105.66 9.43
CA GLY F 278 15.84 106.77 8.92
C GLY F 278 16.46 106.49 7.55
N THR F 279 16.05 105.44 6.85
CA THR F 279 16.73 105.01 5.60
C THR F 279 15.82 105.01 4.38
N LEU F 280 14.54 104.64 4.49
CA LEU F 280 13.73 104.15 3.34
C LEU F 280 12.32 104.75 3.35
N GLY F 281 11.82 105.12 2.18
CA GLY F 281 10.37 105.12 1.91
C GLY F 281 10.11 104.53 0.55
N LEU F 282 8.85 104.27 0.25
CA LEU F 282 8.49 103.85 -1.11
C LEU F 282 7.09 104.33 -1.47
N ILE F 283 6.81 104.28 -2.75
CA ILE F 283 5.43 104.38 -3.24
C ILE F 283 5.08 103.06 -3.92
N ALA F 284 3.82 102.71 -3.84
CA ALA F 284 3.34 101.49 -4.48
C ALA F 284 1.87 101.61 -4.90
N VAL F 285 1.53 100.95 -6.00
CA VAL F 285 0.12 100.71 -6.39
C VAL F 285 -0.07 99.22 -6.61
N SER F 286 -1.30 98.75 -6.44
CA SER F 286 -1.67 97.33 -6.67
C SER F 286 -2.48 97.24 -7.97
N ALA F 287 -2.57 96.04 -8.53
CA ALA F 287 -3.38 95.72 -9.73
C ALA F 287 -4.85 96.14 -9.50
N LYS F 288 -5.32 96.19 -8.23
CA LYS F 288 -6.73 96.55 -7.84
C LYS F 288 -6.90 98.06 -7.62
N GLY F 289 -5.84 98.84 -7.76
CA GLY F 289 -5.91 100.30 -7.67
C GLY F 289 -5.63 100.82 -6.28
N GLU F 290 -5.08 100.02 -5.38
CA GLU F 290 -4.72 100.48 -4.02
C GLU F 290 -3.42 101.29 -4.14
N VAL F 291 -3.22 102.22 -3.20
CA VAL F 291 -1.99 103.06 -3.10
C VAL F 291 -1.42 102.88 -1.69
N ALA F 292 -0.09 102.77 -1.59
CA ALA F 292 0.60 102.78 -0.28
C ALA F 292 1.86 103.62 -0.43
N MET F 293 2.18 104.42 0.59
CA MET F 293 3.30 105.39 0.55
C MET F 293 3.94 105.47 1.92
N PRO F 294 4.34 104.33 2.52
CA PRO F 294 4.96 104.31 3.84
C PRO F 294 6.39 104.83 3.73
N TYR F 295 6.91 105.36 4.83
CA TYR F 295 8.33 105.75 4.91
C TYR F 295 8.75 105.70 6.36
N ASN F 296 10.03 105.36 6.60
CA ASN F 296 10.62 105.32 7.97
C ASN F 296 11.56 106.52 8.19
N THR F 297 11.66 107.41 7.21
CA THR F 297 12.33 108.75 7.29
C THR F 297 11.44 109.81 7.97
N THR F 298 12.01 110.98 8.29
CA THR F 298 11.28 112.17 8.85
C THR F 298 10.15 112.57 7.92
N GLY F 299 10.45 112.58 6.62
CA GLY F 299 9.51 113.00 5.57
C GLY F 299 9.73 112.28 4.25
N MET F 300 8.75 112.40 3.37
CA MET F 300 8.89 111.97 1.95
C MET F 300 7.97 112.81 1.09
N PHE F 301 8.56 113.55 0.18
CA PHE F 301 7.88 114.38 -0.83
C PHE F 301 7.05 113.42 -1.67
N ARG F 302 5.73 113.49 -1.63
CA ARG F 302 4.88 112.47 -2.25
C ARG F 302 3.52 113.04 -2.68
N ALA F 303 2.88 112.34 -3.61
CA ALA F 303 1.57 112.77 -4.15
C ALA F 303 0.89 111.50 -4.67
N CYS F 304 -0.43 111.44 -4.65
CA CYS F 304 -1.14 110.31 -5.27
C CYS F 304 -2.51 110.77 -5.72
N ALA F 305 -3.07 109.98 -6.61
CA ALA F 305 -4.45 110.22 -7.08
C ALA F 305 -5.07 108.90 -7.45
N THR F 306 -6.39 108.86 -7.36
CA THR F 306 -7.14 107.67 -7.80
C THR F 306 -8.35 108.11 -8.61
N GLU F 307 -8.79 107.27 -9.53
CA GLU F 307 -9.97 107.51 -10.41
C GLU F 307 -11.18 107.94 -9.57
N ASP F 308 -11.34 107.35 -8.37
CA ASP F 308 -12.46 107.52 -7.40
C ASP F 308 -12.49 108.93 -6.77
N GLY F 309 -11.67 109.86 -7.26
CA GLY F 309 -11.70 111.29 -6.92
C GLY F 309 -10.90 111.60 -5.67
N TYR F 310 -9.92 110.75 -5.34
CA TYR F 310 -8.99 111.02 -4.22
C TYR F 310 -7.71 111.59 -4.78
N SER F 311 -7.17 112.65 -4.17
CA SER F 311 -5.81 113.17 -4.48
C SER F 311 -5.17 113.79 -3.24
N GLU F 312 -3.85 113.70 -3.15
CA GLU F 312 -3.08 114.09 -1.93
C GLU F 312 -1.67 114.50 -2.35
N VAL F 313 -1.20 115.59 -1.80
CA VAL F 313 0.23 115.98 -1.83
C VAL F 313 0.66 116.08 -0.38
N ALA F 314 1.84 115.57 -0.01
CA ALA F 314 2.27 115.55 1.40
C ALA F 314 3.79 115.50 1.53
N ILE F 315 4.33 116.02 2.63
CA ILE F 315 5.78 115.92 2.95
C ILE F 315 5.94 115.15 4.26
N TRP F 316 5.19 115.54 5.29
CA TRP F 316 5.38 115.04 6.67
C TRP F 316 4.22 114.13 7.02
N PRO F 317 4.31 113.37 8.12
CA PRO F 317 3.21 112.51 8.56
C PRO F 317 1.93 113.25 8.99
N SER F 318 0.81 112.52 8.92
CA SER F 318 -0.58 112.95 9.26
C SER F 318 -1.03 113.99 8.23
N GLY G 2 1.18 127.38 11.38
CA GLY G 2 0.96 127.84 9.98
C GLY G 2 -0.52 127.91 9.66
N TRP G 3 -0.87 128.46 8.49
CA TRP G 3 -2.27 128.50 8.00
C TRP G 3 -2.77 127.09 7.67
N ALA G 4 -4.08 126.90 7.77
CA ALA G 4 -4.75 125.64 7.38
C ALA G 4 -6.18 125.96 6.97
N ILE G 5 -6.70 125.22 6.00
CA ILE G 5 -8.11 125.38 5.54
C ILE G 5 -8.69 124.00 5.31
N ALA G 6 -9.99 123.87 5.56
CA ALA G 6 -10.75 122.70 5.11
C ALA G 6 -12.10 123.20 4.62
N LEU G 7 -12.71 122.41 3.74
CA LEU G 7 -14.05 122.75 3.22
C LEU G 7 -14.76 121.45 3.00
N HIS G 8 -16.08 121.49 3.02
CA HIS G 8 -16.92 120.35 2.64
C HIS G 8 -18.04 120.79 1.70
N GLY G 9 -18.54 119.81 0.94
CA GLY G 9 -19.77 119.92 0.13
C GLY G 9 -20.82 118.95 0.61
N GLY G 10 -20.82 118.62 1.91
CA GLY G 10 -21.83 117.75 2.53
C GLY G 10 -21.40 116.32 2.70
N ALA G 11 -21.85 115.75 3.81
CA ALA G 11 -21.67 114.35 4.24
C ALA G 11 -23.02 113.65 4.07
N GLY G 12 -23.00 112.41 3.58
CA GLY G 12 -24.21 111.56 3.53
C GLY G 12 -23.96 110.22 2.86
N ASP G 13 -25.03 109.58 2.40
CA ASP G 13 -24.94 108.27 1.72
C ASP G 13 -24.62 108.51 0.23
N ILE G 14 -23.37 108.89 -0.02
CA ILE G 14 -22.81 109.08 -1.38
C ILE G 14 -22.41 107.69 -1.88
N PRO G 15 -23.20 107.07 -2.77
CA PRO G 15 -22.90 105.70 -3.20
C PRO G 15 -21.56 105.61 -3.95
N LEU G 16 -20.82 104.52 -3.71
CA LEU G 16 -19.55 104.20 -4.41
C LEU G 16 -19.79 104.11 -5.92
N SER G 17 -21.05 103.94 -6.35
CA SER G 17 -21.44 103.83 -7.78
C SER G 17 -21.82 105.20 -8.39
N LEU G 18 -21.60 106.32 -7.70
CA LEU G 18 -21.86 107.68 -8.25
C LEU G 18 -21.26 107.77 -9.65
N PRO G 19 -22.05 108.01 -10.72
CA PRO G 19 -21.50 108.00 -12.08
C PRO G 19 -20.41 109.07 -12.22
N PRO G 20 -19.33 108.82 -13.00
CA PRO G 20 -18.31 109.84 -13.23
C PRO G 20 -18.93 111.18 -13.63
N GLU G 21 -20.05 111.11 -14.36
CA GLU G 21 -20.79 112.28 -14.89
C GLU G 21 -21.06 113.24 -13.74
N ARG G 22 -21.39 112.68 -12.56
CA ARG G 22 -21.83 113.41 -11.34
C ARG G 22 -20.67 113.58 -10.35
N ARG G 23 -19.78 112.59 -10.22
CA ARG G 23 -18.54 112.65 -9.40
C ARG G 23 -17.65 113.82 -9.86
N HIS G 24 -17.35 113.88 -11.16
CA HIS G 24 -16.40 114.82 -11.82
C HIS G 24 -16.63 116.29 -11.43
N PRO G 25 -17.79 116.92 -11.74
CA PRO G 25 -17.99 118.33 -11.42
C PRO G 25 -17.87 118.63 -9.92
N ARG G 26 -18.21 117.64 -9.09
CA ARG G 26 -18.19 117.80 -7.62
C ARG G 26 -16.73 117.80 -7.16
N GLU G 27 -15.92 116.88 -7.67
CA GLU G 27 -14.45 116.83 -7.43
C GLU G 27 -13.82 118.15 -7.88
N GLU G 28 -14.13 118.64 -9.10
CA GLU G 28 -13.54 119.87 -9.69
C GLU G 28 -13.96 121.07 -8.82
N ALA G 29 -15.21 121.12 -8.39
CA ALA G 29 -15.74 122.18 -7.49
C ALA G 29 -14.89 122.23 -6.22
N LEU G 30 -14.69 121.09 -5.59
CA LEU G 30 -13.91 121.00 -4.33
C LEU G 30 -12.49 121.51 -4.57
N ARG G 31 -11.87 121.09 -5.67
CA ARG G 31 -10.49 121.44 -5.96
C ARG G 31 -10.39 122.93 -6.28
N HIS G 32 -11.34 123.49 -7.00
CA HIS G 32 -11.39 124.94 -7.31
C HIS G 32 -11.63 125.75 -6.02
N CYS G 33 -12.60 125.34 -5.18
CA CYS G 33 -12.84 126.06 -3.90
C CYS G 33 -11.59 126.00 -3.03
N LEU G 34 -10.89 124.85 -2.97
CA LEU G 34 -9.63 124.73 -2.21
C LEU G 34 -8.61 125.74 -2.74
N GLN G 35 -8.51 125.89 -4.05
CA GLN G 35 -7.55 126.82 -4.72
C GLN G 35 -7.89 128.26 -4.34
N ILE G 36 -9.17 128.62 -4.38
CA ILE G 36 -9.68 129.96 -3.96
C ILE G 36 -9.26 130.22 -2.52
N GLY G 37 -9.51 129.25 -1.63
CA GLY G 37 -9.23 129.38 -0.19
C GLY G 37 -7.75 129.55 0.08
N VAL G 38 -6.93 128.65 -0.48
CA VAL G 38 -5.44 128.71 -0.35
C VAL G 38 -4.93 130.06 -0.88
N GLU G 39 -5.35 130.46 -2.09
CA GLU G 39 -4.88 131.72 -2.72
C GLU G 39 -5.21 132.88 -1.76
N ALA G 40 -6.40 132.86 -1.17
CA ALA G 40 -6.87 133.93 -0.26
C ALA G 40 -5.97 133.96 0.98
N LEU G 41 -5.68 132.79 1.58
CA LEU G 41 -4.80 132.78 2.78
C LEU G 41 -3.39 133.33 2.43
N LYS G 42 -2.82 132.89 1.32
CA LYS G 42 -1.48 133.31 0.81
C LYS G 42 -1.50 134.80 0.45
N ALA G 43 -2.66 135.41 0.19
CA ALA G 43 -2.79 136.85 -0.13
C ALA G 43 -3.04 137.67 1.14
N LYS G 44 -2.98 137.02 2.32
CA LYS G 44 -3.09 137.60 3.68
C LYS G 44 -4.52 138.08 3.97
N LEU G 45 -5.55 137.51 3.34
CA LEU G 45 -6.95 137.67 3.81
C LEU G 45 -7.10 137.05 5.19
N PRO G 46 -7.77 137.74 6.14
CA PRO G 46 -8.11 137.14 7.43
C PRO G 46 -9.04 135.95 7.26
N PRO G 47 -8.98 134.95 8.17
CA PRO G 47 -9.81 133.75 8.08
C PRO G 47 -11.32 134.00 7.92
N LEU G 48 -11.85 135.07 8.53
CA LEU G 48 -13.27 135.43 8.36
C LEU G 48 -13.58 135.74 6.88
N ASP G 49 -12.75 136.50 6.19
CA ASP G 49 -12.87 136.79 4.73
C ASP G 49 -12.67 135.50 3.92
N VAL G 50 -11.75 134.65 4.34
CA VAL G 50 -11.46 133.40 3.62
C VAL G 50 -12.70 132.50 3.67
N VAL G 51 -13.30 132.27 4.85
CA VAL G 51 -14.38 131.24 4.98
C VAL G 51 -15.61 131.77 4.25
N GLU G 52 -15.84 133.08 4.27
CA GLU G 52 -16.95 133.72 3.54
C GLU G 52 -16.75 133.49 2.03
N ARG G 53 -15.54 133.74 1.52
CA ARG G 53 -15.26 133.74 0.06
C ARG G 53 -15.48 132.33 -0.48
N VAL G 54 -14.97 131.33 0.24
CA VAL G 54 -15.05 129.91 -0.14
C VAL G 54 -16.52 129.49 -0.07
N VAL G 55 -17.22 129.85 1.00
CA VAL G 55 -18.65 129.41 1.08
C VAL G 55 -19.49 130.14 0.04
N ARG G 56 -19.16 131.37 -0.36
CA ARG G 56 -19.90 132.02 -1.46
C ARG G 56 -19.75 131.17 -2.73
N GLU G 57 -18.58 130.60 -3.00
CA GLU G 57 -18.36 129.83 -4.24
C GLU G 57 -19.14 128.52 -4.17
N LEU G 58 -19.14 127.85 -3.01
CA LEU G 58 -19.84 126.58 -2.75
C LEU G 58 -21.37 126.78 -2.82
N GLU G 59 -21.91 127.94 -2.38
CA GLU G 59 -23.32 128.35 -2.61
C GLU G 59 -23.60 128.44 -4.13
N ASN G 60 -22.71 129.05 -4.91
CA ASN G 60 -22.94 129.30 -6.38
C ASN G 60 -22.88 128.00 -7.16
N ILE G 61 -22.18 126.99 -6.66
CA ILE G 61 -22.01 125.70 -7.37
C ILE G 61 -23.32 124.94 -7.31
N PRO G 62 -24.00 124.69 -8.45
CA PRO G 62 -25.36 124.13 -8.37
C PRO G 62 -25.40 122.68 -7.88
N GLN G 63 -24.28 121.94 -7.89
CA GLN G 63 -24.28 120.50 -7.46
C GLN G 63 -24.28 120.38 -5.92
N PHE G 64 -24.08 121.46 -5.18
CA PHE G 64 -24.06 121.40 -3.69
C PHE G 64 -25.30 122.09 -3.12
N ASN G 65 -25.78 121.52 -2.03
CA ASN G 65 -27.03 121.93 -1.29
C ASN G 65 -26.76 123.14 -0.38
N ALA G 66 -26.82 124.32 -0.99
CA ALA G 66 -26.60 125.68 -0.43
C ALA G 66 -26.77 126.61 -1.62
N GLY G 67 -27.21 127.85 -1.42
CA GLY G 67 -27.44 128.79 -2.54
C GLY G 67 -28.18 128.13 -3.67
N LYS G 68 -27.71 128.35 -4.92
CA LYS G 68 -28.31 127.65 -6.09
C LYS G 68 -27.99 126.15 -5.96
N GLY G 69 -28.99 125.30 -6.06
CA GLY G 69 -28.79 123.87 -5.81
C GLY G 69 -29.23 123.46 -4.41
N SER G 70 -29.79 124.40 -3.63
CA SER G 70 -30.47 124.06 -2.36
C SER G 70 -31.61 123.04 -2.61
N VAL G 71 -31.76 122.10 -1.71
CA VAL G 71 -32.87 121.12 -1.71
C VAL G 71 -34.17 121.88 -1.43
N LEU G 72 -35.28 121.26 -1.77
CA LEU G 72 -36.61 121.90 -1.73
C LEU G 72 -37.37 121.47 -0.48
N THR G 73 -38.13 122.41 0.02
CA THR G 73 -39.17 122.21 1.07
C THR G 73 -40.26 121.28 0.53
N SER G 74 -41.08 120.78 1.42
CA SER G 74 -42.33 120.05 1.07
C SER G 74 -43.18 120.80 0.02
N ASN G 75 -43.16 122.14 0.01
CA ASN G 75 -43.92 123.01 -0.92
C ASN G 75 -43.15 123.29 -2.22
N GLY G 76 -42.00 122.66 -2.48
CA GLY G 76 -41.24 122.89 -3.71
C GLY G 76 -40.53 124.24 -3.77
N THR G 77 -40.11 124.78 -2.63
CA THR G 77 -39.53 126.13 -2.49
C THR G 77 -38.14 125.98 -1.90
N VAL G 78 -37.34 127.03 -2.03
CA VAL G 78 -36.00 127.10 -1.39
C VAL G 78 -36.12 127.96 -0.14
N GLU G 79 -35.59 127.45 0.98
CA GLU G 79 -35.43 128.23 2.23
C GLU G 79 -33.99 128.01 2.68
N MET G 80 -33.15 129.00 2.48
CA MET G 80 -31.69 128.90 2.72
C MET G 80 -31.32 129.46 4.09
N GLU G 81 -30.27 128.90 4.66
CA GLU G 81 -29.76 129.31 5.99
C GLU G 81 -28.25 129.15 6.06
N ALA G 82 -27.62 129.95 6.92
CA ALA G 82 -26.16 130.01 7.05
C ALA G 82 -25.76 130.66 8.37
N SER G 83 -24.54 130.39 8.79
CA SER G 83 -23.89 131.01 9.98
C SER G 83 -22.40 131.15 9.76
N ILE G 84 -21.81 132.10 10.47
CA ILE G 84 -20.37 132.45 10.40
C ILE G 84 -19.92 132.78 11.79
N MET G 85 -18.67 132.43 12.13
CA MET G 85 -18.18 132.75 13.50
C MET G 85 -16.68 133.03 13.46
N ASP G 86 -16.29 134.09 14.18
CA ASP G 86 -14.88 134.50 14.36
C ASP G 86 -14.42 133.96 15.71
N GLY G 87 -13.41 133.11 15.72
CA GLY G 87 -12.87 132.46 16.93
C GLY G 87 -12.20 133.42 17.90
N THR G 88 -11.55 134.47 17.40
CA THR G 88 -10.74 135.40 18.22
C THR G 88 -11.66 136.30 19.06
N THR G 89 -12.81 136.71 18.51
CA THR G 89 -13.80 137.59 19.19
C THR G 89 -15.03 136.79 19.60
N MET G 90 -15.25 135.64 18.98
CA MET G 90 -16.50 134.86 19.10
C MET G 90 -17.71 135.73 18.67
N ASP G 91 -17.46 136.72 17.81
CA ASP G 91 -18.50 137.41 17.01
C ASP G 91 -19.14 136.38 16.08
N CYS G 92 -20.43 136.50 15.81
CA CYS G 92 -21.11 135.55 14.94
C CYS G 92 -22.35 136.15 14.32
N GLY G 93 -22.78 135.48 13.27
CA GLY G 93 -23.91 135.93 12.43
C GLY G 93 -24.60 134.73 11.87
N ALA G 94 -25.90 134.83 11.68
CA ALA G 94 -26.76 133.71 11.31
C ALA G 94 -27.99 134.23 10.58
N VAL G 95 -28.37 133.52 9.54
CA VAL G 95 -29.65 133.73 8.77
C VAL G 95 -30.39 132.41 8.52
N SER G 96 -31.73 132.48 8.51
CA SER G 96 -32.62 131.39 8.11
C SER G 96 -33.71 131.96 7.19
N GLY G 97 -34.32 131.09 6.40
CA GLY G 97 -35.59 131.38 5.69
C GLY G 97 -35.34 132.31 4.52
N LEU G 98 -34.16 132.26 3.91
CA LEU G 98 -33.83 133.14 2.75
C LEU G 98 -34.35 132.49 1.46
N THR G 99 -35.04 133.27 0.64
CA THR G 99 -35.70 132.78 -0.60
C THR G 99 -35.13 133.46 -1.84
N THR G 100 -34.48 134.63 -1.74
CA THR G 100 -34.03 135.38 -2.96
C THR G 100 -32.56 135.78 -2.86
N VAL G 101 -31.92 135.60 -1.70
CA VAL G 101 -30.57 136.17 -1.45
C VAL G 101 -29.59 135.21 -2.10
N VAL G 102 -28.71 135.70 -2.97
CA VAL G 102 -27.81 134.85 -3.78
C VAL G 102 -26.82 134.12 -2.87
N ASN G 103 -26.21 134.85 -1.92
CA ASN G 103 -25.21 134.32 -0.97
C ASN G 103 -25.68 134.49 0.50
N ALA G 104 -26.30 133.43 1.06
CA ALA G 104 -26.77 133.39 2.48
C ALA G 104 -25.61 133.73 3.44
N ILE G 105 -24.42 133.19 3.21
CA ILE G 105 -23.29 133.33 4.17
C ILE G 105 -22.94 134.81 4.30
N SER G 106 -22.97 135.56 3.20
CA SER G 106 -22.61 136.99 3.20
C SER G 106 -23.68 137.77 3.98
N LEU G 107 -24.94 137.36 3.97
CA LEU G 107 -25.96 138.08 4.78
C LEU G 107 -25.73 137.79 6.27
N ALA G 108 -25.44 136.53 6.67
CA ALA G 108 -25.05 136.16 8.05
C ALA G 108 -23.94 137.09 8.50
N ARG G 109 -22.91 137.30 7.67
CA ARG G 109 -21.80 138.19 8.11
C ARG G 109 -22.31 139.61 8.36
N LEU G 110 -23.18 140.12 7.48
CA LEU G 110 -23.69 141.50 7.59
C LEU G 110 -24.60 141.62 8.83
N VAL G 111 -25.34 140.58 9.24
CA VAL G 111 -26.12 140.63 10.52
C VAL G 111 -25.12 140.86 11.67
N MET G 112 -24.02 140.13 11.61
CA MET G 112 -22.95 140.26 12.62
C MET G 112 -22.39 141.69 12.65
N GLU G 113 -22.08 142.27 11.50
CA GLU G 113 -21.31 143.53 11.39
C GLU G 113 -22.23 144.76 11.48
N LYS G 114 -23.47 144.66 11.01
CA LYS G 114 -24.32 145.87 10.76
C LYS G 114 -25.44 146.01 11.80
N THR G 115 -25.71 144.98 12.60
CA THR G 115 -26.83 145.01 13.59
C THR G 115 -26.32 144.67 14.98
N PRO G 116 -27.12 144.93 16.04
CA PRO G 116 -26.78 144.48 17.39
C PRO G 116 -27.17 143.00 17.63
N HIS G 117 -27.49 142.27 16.58
CA HIS G 117 -28.06 140.89 16.72
C HIS G 117 -27.09 139.89 16.13
N ILE G 118 -27.32 138.61 16.40
CA ILE G 118 -26.61 137.51 15.70
C ILE G 118 -27.47 136.96 14.56
N TYR G 119 -28.80 136.84 14.76
CA TYR G 119 -29.65 135.90 14.01
C TYR G 119 -30.95 136.57 13.58
N LEU G 120 -31.09 136.74 12.27
CA LEU G 120 -32.34 137.20 11.58
C LEU G 120 -32.89 136.08 10.72
N ALA G 121 -34.22 136.00 10.56
CA ALA G 121 -34.84 134.87 9.85
C ALA G 121 -36.10 135.30 9.10
N PHE G 122 -36.28 134.70 7.92
CA PHE G 122 -37.52 134.73 7.11
C PHE G 122 -37.77 136.17 6.66
N ASP G 123 -38.98 136.71 6.75
CA ASP G 123 -39.31 138.02 6.14
C ASP G 123 -38.30 139.08 6.59
N GLY G 124 -37.98 139.14 7.90
CA GLY G 124 -37.10 140.17 8.49
C GLY G 124 -35.69 140.09 7.91
N ALA G 125 -35.20 138.86 7.68
CA ALA G 125 -33.88 138.63 7.06
C ALA G 125 -33.93 139.12 5.59
N GLU G 126 -34.98 138.80 4.84
CA GLU G 126 -35.16 139.31 3.43
C GLU G 126 -35.21 140.84 3.41
N GLU G 127 -35.80 141.46 4.42
CA GLU G 127 -35.97 142.93 4.47
C GLU G 127 -34.60 143.54 4.73
N PHE G 128 -33.84 142.97 5.67
CA PHE G 128 -32.46 143.38 5.97
C PHE G 128 -31.57 143.26 4.72
N ALA G 129 -31.74 142.19 3.95
CA ALA G 129 -30.98 141.95 2.71
C ALA G 129 -31.19 143.12 1.77
N ARG G 130 -32.44 143.54 1.60
CA ARG G 130 -32.82 144.68 0.72
C ARG G 130 -32.28 146.02 1.27
N GLN G 131 -32.39 146.29 2.59
CA GLN G 131 -31.78 147.48 3.24
C GLN G 131 -30.27 147.49 2.96
N GLN G 132 -29.61 146.33 2.99
CA GLN G 132 -28.14 146.22 2.79
C GLN G 132 -27.79 146.26 1.29
N GLY G 133 -28.78 146.12 0.40
CA GLY G 133 -28.55 146.15 -1.05
C GLY G 133 -27.72 144.98 -1.55
N VAL G 134 -27.84 143.81 -0.93
CA VAL G 134 -27.09 142.61 -1.40
C VAL G 134 -27.78 142.10 -2.68
N GLU G 135 -27.09 141.25 -3.41
CA GLU G 135 -27.59 140.62 -4.66
C GLU G 135 -28.79 139.73 -4.31
N THR G 136 -29.90 139.94 -5.02
CA THR G 136 -31.06 139.01 -4.98
C THR G 136 -31.48 138.64 -6.40
N LEU G 137 -32.12 137.48 -6.55
CA LEU G 137 -32.73 136.98 -7.81
C LEU G 137 -34.06 136.33 -7.46
N ASP G 138 -34.90 136.10 -8.46
CA ASP G 138 -36.16 135.33 -8.31
C ASP G 138 -35.89 133.97 -7.65
N SER G 139 -36.82 133.45 -6.86
CA SER G 139 -36.61 132.18 -6.11
C SER G 139 -36.41 131.02 -7.09
N SER G 140 -36.97 131.12 -8.31
CA SER G 140 -36.78 130.12 -9.39
C SER G 140 -35.29 129.93 -9.75
N HIS G 141 -34.47 130.97 -9.66
CA HIS G 141 -32.99 130.85 -9.87
C HIS G 141 -32.40 129.68 -9.08
N PHE G 142 -32.81 129.52 -7.82
CA PHE G 142 -32.16 128.61 -6.85
C PHE G 142 -32.63 127.17 -7.08
N ILE G 143 -33.78 127.01 -7.70
CA ILE G 143 -34.41 125.68 -7.96
C ILE G 143 -33.75 125.03 -9.20
N THR G 144 -33.22 123.82 -9.05
CA THR G 144 -32.61 123.03 -10.16
C THR G 144 -33.55 121.88 -10.55
N ALA G 145 -33.38 121.31 -11.74
CA ALA G 145 -34.15 120.13 -12.21
C ALA G 145 -33.89 118.93 -11.30
N GLU G 146 -32.66 118.74 -10.87
CA GLU G 146 -32.18 117.57 -10.08
C GLU G 146 -32.90 117.60 -8.72
N ASN G 147 -33.23 118.79 -8.24
CA ASN G 147 -33.86 118.99 -6.89
C ASN G 147 -35.37 118.82 -6.97
N ILE G 148 -35.98 119.25 -8.06
CA ILE G 148 -37.40 118.92 -8.37
C ILE G 148 -37.52 117.40 -8.34
N GLU G 149 -36.60 116.69 -8.99
CA GLU G 149 -36.64 115.21 -9.07
C GLU G 149 -36.39 114.63 -7.68
N ARG G 150 -35.38 115.12 -6.95
CA ARG G 150 -35.08 114.65 -5.57
C ARG G 150 -36.35 114.75 -4.69
N LEU G 151 -37.09 115.84 -4.77
CA LEU G 151 -38.29 116.06 -3.93
C LEU G 151 -39.39 115.07 -4.33
N LYS G 152 -39.58 114.89 -5.65
CA LYS G 152 -40.53 113.87 -6.16
C LYS G 152 -40.22 112.52 -5.51
N GLN G 153 -38.96 112.11 -5.50
CA GLN G 153 -38.49 110.79 -5.00
C GLN G 153 -38.66 110.75 -3.48
N ALA G 154 -38.35 111.85 -2.77
CA ALA G 154 -38.54 111.92 -1.31
C ALA G 154 -40.03 111.74 -0.96
N LYS G 155 -40.93 112.47 -1.64
CA LYS G 155 -42.39 112.39 -1.36
C LYS G 155 -42.86 110.97 -1.63
N GLU G 156 -42.33 110.32 -2.67
CA GLU G 156 -42.75 108.95 -3.06
C GLU G 156 -42.35 107.99 -1.93
N ALA G 157 -41.07 108.01 -1.54
CA ALA G 157 -40.48 107.17 -0.46
C ALA G 157 -41.12 107.48 0.91
N ASN G 158 -41.85 108.58 1.04
CA ASN G 158 -42.50 109.03 2.30
C ASN G 158 -44.01 108.75 2.21
N ARG G 159 -44.55 108.56 1.00
CA ARG G 159 -45.99 108.33 0.74
C ARG G 159 -46.40 107.00 1.36
N VAL G 160 -47.47 107.01 2.17
CA VAL G 160 -48.04 105.79 2.82
C VAL G 160 -49.29 105.33 2.06
N GLN G 161 -49.69 104.08 2.28
CA GLN G 161 -50.80 103.36 1.59
C GLN G 161 -50.40 103.16 0.12
N THR G 187 -25.61 120.91 2.55
CA THR G 187 -24.72 121.72 3.41
C THR G 187 -23.37 121.92 2.72
N VAL G 188 -22.78 123.09 2.90
CA VAL G 188 -21.37 123.37 2.50
C VAL G 188 -20.70 124.13 3.63
N GLY G 189 -19.37 124.12 3.70
CA GLY G 189 -18.70 124.77 4.85
C GLY G 189 -17.24 124.98 4.57
N CYS G 190 -16.66 125.93 5.29
CA CYS G 190 -15.21 126.23 5.28
C CYS G 190 -14.75 126.63 6.67
N VAL G 191 -13.65 126.05 7.13
CA VAL G 191 -12.94 126.45 8.37
C VAL G 191 -11.54 126.87 7.95
N ALA G 192 -11.02 127.94 8.55
CA ALA G 192 -9.64 128.42 8.26
C ALA G 192 -8.95 128.95 9.52
N VAL G 193 -7.62 128.81 9.51
CA VAL G 193 -6.74 129.42 10.53
C VAL G 193 -5.57 130.08 9.77
N ASP G 194 -5.12 131.24 10.26
CA ASP G 194 -3.93 131.90 9.62
C ASP G 194 -2.69 131.50 10.42
N GLY G 195 -1.53 132.10 10.13
CA GLY G 195 -0.27 131.80 10.83
C GLY G 195 -0.22 132.34 12.26
N ASN G 196 -1.22 133.13 12.66
CA ASN G 196 -1.27 133.84 13.98
C ASN G 196 -2.33 133.22 14.91
N GLY G 197 -2.96 132.09 14.56
CA GLY G 197 -3.91 131.37 15.42
C GLY G 197 -5.34 131.92 15.33
N ASN G 198 -5.60 132.90 14.45
CA ASN G 198 -6.96 133.47 14.24
C ASN G 198 -7.81 132.44 13.48
N LEU G 199 -9.00 132.12 14.00
CA LEU G 199 -9.84 131.00 13.47
C LEU G 199 -11.17 131.51 12.94
N ALA G 200 -11.77 130.87 11.93
CA ALA G 200 -13.18 131.23 11.57
C ALA G 200 -13.84 130.02 10.92
N SER G 201 -15.16 129.94 11.01
CA SER G 201 -16.00 128.86 10.45
C SER G 201 -17.20 129.52 9.77
N ALA G 202 -17.60 128.94 8.63
CA ALA G 202 -18.78 129.36 7.85
C ALA G 202 -19.47 128.08 7.36
N THR G 203 -20.79 128.03 7.47
CA THR G 203 -21.60 126.90 6.99
C THR G 203 -22.86 127.48 6.32
N SER G 204 -23.33 126.84 5.25
CA SER G 204 -24.46 127.33 4.41
C SER G 204 -25.20 126.12 3.81
N THR G 205 -26.54 126.15 3.75
CA THR G 205 -27.35 124.98 3.33
C THR G 205 -28.71 125.41 2.78
N GLY G 206 -29.35 124.50 2.01
CA GLY G 206 -30.79 124.47 1.76
C GLY G 206 -31.57 123.63 2.79
N GLY G 207 -30.89 122.78 3.53
CA GLY G 207 -31.42 121.98 4.65
C GLY G 207 -31.71 120.56 4.21
N LEU G 208 -32.93 120.09 4.45
CA LEU G 208 -33.31 118.69 4.25
C LEU G 208 -34.39 118.66 3.17
N VAL G 209 -34.24 117.80 2.18
CA VAL G 209 -35.29 117.61 1.13
C VAL G 209 -36.61 117.23 1.82
N ASN G 210 -37.69 117.87 1.37
CA ASN G 210 -39.09 117.67 1.80
C ASN G 210 -39.28 118.18 3.24
N LYS G 211 -38.38 119.02 3.75
CA LYS G 211 -38.57 119.66 5.07
C LYS G 211 -39.90 120.42 5.05
N MET G 212 -40.53 120.53 6.21
CA MET G 212 -41.67 121.43 6.37
C MET G 212 -41.16 122.87 6.18
N VAL G 213 -42.03 123.66 5.60
CA VAL G 213 -41.83 125.11 5.41
C VAL G 213 -41.63 125.73 6.80
N GLY G 214 -40.58 126.50 6.96
CA GLY G 214 -40.21 127.15 8.24
C GLY G 214 -39.26 126.31 9.07
N ARG G 215 -38.86 125.10 8.62
CA ARG G 215 -38.01 124.22 9.42
C ARG G 215 -36.59 124.79 9.47
N ILE G 216 -36.02 124.83 10.66
CA ILE G 216 -34.65 125.31 10.90
C ILE G 216 -33.81 124.11 11.33
N GLY G 217 -32.72 123.84 10.60
CA GLY G 217 -31.76 122.81 11.00
C GLY G 217 -30.56 123.32 11.77
N ASP G 218 -29.46 122.57 11.74
CA ASP G 218 -28.26 122.83 12.60
C ASP G 218 -27.42 123.96 12.04
N THR G 219 -27.40 124.14 10.71
CA THR G 219 -26.45 125.02 9.98
C THR G 219 -26.41 126.42 10.57
N PRO G 220 -27.57 127.09 10.80
CA PRO G 220 -27.59 128.46 11.32
C PRO G 220 -27.35 128.60 12.83
N LEU G 221 -27.32 127.49 13.56
CA LEU G 221 -27.29 127.47 15.05
C LEU G 221 -25.82 127.39 15.48
N ILE G 222 -25.34 128.45 16.10
CA ILE G 222 -24.01 128.53 16.76
C ILE G 222 -23.93 127.45 17.85
N GLY G 223 -22.91 126.61 17.76
CA GLY G 223 -22.68 125.47 18.66
C GLY G 223 -23.15 124.17 18.05
N ALA G 224 -23.93 124.22 16.96
CA ALA G 224 -24.48 123.01 16.31
C ALA G 224 -23.72 122.77 14.99
N GLY G 225 -24.06 123.51 13.94
CA GLY G 225 -23.42 123.45 12.62
C GLY G 225 -22.11 124.23 12.54
N THR G 226 -21.94 125.29 13.32
CA THR G 226 -20.85 126.28 13.19
C THR G 226 -20.38 126.65 14.60
N TYR G 227 -19.08 126.69 14.81
CA TYR G 227 -18.48 127.17 16.07
C TYR G 227 -17.01 127.52 15.84
N ALA G 228 -16.54 128.60 16.43
CA ALA G 228 -15.08 128.88 16.45
C ALA G 228 -14.77 129.62 17.73
N ASP G 229 -13.62 129.32 18.29
CA ASP G 229 -13.13 129.98 19.54
C ASP G 229 -11.61 130.13 19.43
N ALA G 230 -10.92 130.31 20.57
CA ALA G 230 -9.45 130.51 20.59
C ALA G 230 -8.72 129.26 20.09
N ARG G 231 -9.33 128.07 20.19
CA ARG G 231 -8.66 126.75 20.08
C ARG G 231 -9.04 126.04 18.78
N CYS G 232 -10.27 126.18 18.28
CA CYS G 232 -10.67 125.48 17.04
C CYS G 232 -11.74 126.25 16.26
N ALA G 233 -11.94 125.80 15.02
CA ALA G 233 -13.06 126.19 14.14
C ALA G 233 -13.66 124.92 13.54
N VAL G 234 -14.99 124.81 13.62
CA VAL G 234 -15.75 123.57 13.29
C VAL G 234 -16.93 123.96 12.39
N SER G 235 -17.13 123.17 11.32
CA SER G 235 -18.32 123.21 10.46
C SER G 235 -18.83 121.78 10.32
N ALA G 236 -20.08 121.54 10.69
CA ALA G 236 -20.70 120.19 10.68
C ALA G 236 -21.64 120.04 9.49
N THR G 237 -21.96 118.82 9.12
CA THR G 237 -22.89 118.47 8.02
C THR G 237 -23.53 117.12 8.27
N GLY G 238 -24.78 116.98 7.88
CA GLY G 238 -25.48 115.69 7.91
C GLY G 238 -26.92 115.86 8.33
N LYS G 239 -27.38 114.98 9.23
CA LYS G 239 -28.81 115.00 9.66
C LYS G 239 -28.97 116.13 10.67
N GLY G 240 -29.58 117.23 10.25
CA GLY G 240 -29.76 118.47 11.02
C GLY G 240 -30.21 118.24 12.46
N GLU G 241 -31.25 117.45 12.66
CA GLU G 241 -31.90 117.25 13.99
C GLU G 241 -30.93 116.53 14.92
N ALA G 242 -30.18 115.52 14.44
CA ALA G 242 -29.08 114.89 15.22
C ALA G 242 -27.99 115.91 15.59
N ILE G 243 -27.62 116.81 14.68
CA ILE G 243 -26.50 117.76 14.94
C ILE G 243 -26.95 118.82 15.95
N ILE G 244 -28.20 119.21 15.97
CA ILE G 244 -28.74 120.19 16.97
C ILE G 244 -28.74 119.52 18.37
N ARG G 245 -29.34 118.34 18.44
CA ARG G 245 -29.49 117.56 19.71
C ARG G 245 -28.09 117.25 20.26
N GLY G 246 -27.12 116.99 19.36
CA GLY G 246 -25.76 116.58 19.71
C GLY G 246 -24.84 117.77 19.97
N THR G 247 -25.31 118.99 19.73
CA THR G 247 -24.51 120.26 19.83
C THR G 247 -23.09 120.00 19.33
N VAL G 248 -22.99 119.48 18.10
CA VAL G 248 -21.74 118.88 17.55
C VAL G 248 -20.58 119.90 17.55
N ALA G 249 -20.70 121.05 16.89
CA ALA G 249 -19.58 122.02 16.73
C ALA G 249 -19.09 122.45 18.12
N ARG G 250 -20.04 122.79 19.01
CA ARG G 250 -19.72 123.09 20.43
C ARG G 250 -18.94 121.94 21.09
N ASP G 251 -19.39 120.69 20.93
CA ASP G 251 -18.83 119.52 21.67
C ASP G 251 -17.36 119.29 21.31
N VAL G 252 -16.94 119.52 20.06
CA VAL G 252 -15.52 119.39 19.61
C VAL G 252 -14.68 120.38 20.40
N ALA G 253 -15.12 121.65 20.47
CA ALA G 253 -14.40 122.72 21.19
C ALA G 253 -14.41 122.43 22.71
N ALA G 254 -15.49 121.84 23.24
CA ALA G 254 -15.65 121.60 24.69
C ALA G 254 -14.66 120.51 25.14
N LEU G 255 -14.58 119.42 24.38
CA LEU G 255 -13.62 118.31 24.64
C LEU G 255 -12.17 118.81 24.61
N MET G 256 -11.84 119.72 23.70
CA MET G 256 -10.47 120.31 23.62
C MET G 256 -10.24 121.17 24.87
N GLU G 257 -11.23 122.02 25.26
CA GLU G 257 -11.03 122.97 26.38
C GLU G 257 -11.12 122.24 27.73
N PHE G 258 -12.11 121.38 27.93
CA PHE G 258 -12.42 120.85 29.27
C PHE G 258 -11.72 119.51 29.54
N LYS G 259 -11.37 118.74 28.50
CA LYS G 259 -10.69 117.43 28.66
C LYS G 259 -9.26 117.49 28.10
N GLY G 260 -8.83 118.64 27.56
CA GLY G 260 -7.49 118.82 26.98
C GLY G 260 -7.24 117.96 25.73
N LEU G 261 -8.27 117.44 25.06
CA LEU G 261 -8.11 116.58 23.85
C LEU G 261 -7.50 117.42 22.72
N SER G 262 -6.65 116.78 21.90
CA SER G 262 -6.18 117.29 20.59
C SER G 262 -7.39 117.53 19.67
N LEU G 263 -7.23 118.33 18.60
CA LEU G 263 -8.24 118.48 17.49
C LEU G 263 -8.66 117.09 17.02
N GLU G 264 -7.71 116.24 16.62
CA GLU G 264 -7.99 114.89 16.06
C GLU G 264 -8.80 114.05 17.07
N GLU G 265 -8.38 114.05 18.33
CA GLU G 265 -9.03 113.26 19.40
C GLU G 265 -10.48 113.73 19.59
N ALA G 266 -10.68 115.04 19.66
CA ALA G 266 -12.00 115.67 19.97
C ALA G 266 -12.94 115.44 18.79
N ALA G 267 -12.43 115.63 17.56
CA ALA G 267 -13.21 115.48 16.32
C ALA G 267 -13.60 114.01 16.14
N THR G 268 -12.66 113.08 16.27
CA THR G 268 -12.93 111.63 16.17
C THR G 268 -13.93 111.21 17.23
N CYS G 269 -13.82 111.72 18.45
CA CYS G 269 -14.70 111.34 19.60
C CYS G 269 -16.16 111.72 19.33
N VAL G 270 -16.40 112.92 18.84
CA VAL G 270 -17.75 113.42 18.48
C VAL G 270 -18.33 112.57 17.35
N VAL G 271 -17.55 112.31 16.29
CA VAL G 271 -18.08 111.69 15.04
C VAL G 271 -18.22 110.17 15.25
N HIS G 272 -17.25 109.51 15.89
CA HIS G 272 -17.19 108.02 15.89
C HIS G 272 -17.67 107.44 17.22
N GLU G 273 -17.73 108.20 18.31
CA GLU G 273 -18.19 107.67 19.62
C GLU G 273 -19.56 108.25 20.01
N ARG G 274 -19.74 109.56 19.91
CA ARG G 274 -20.85 110.27 20.61
C ARG G 274 -22.06 110.49 19.70
N THR G 275 -21.99 110.08 18.43
CA THR G 275 -23.00 110.44 17.41
C THR G 275 -23.43 109.17 16.69
N PRO G 276 -24.72 109.05 16.30
CA PRO G 276 -25.16 107.88 15.56
C PRO G 276 -24.48 107.78 14.19
N LYS G 277 -23.93 106.60 13.87
CA LYS G 277 -23.47 106.18 12.52
C LYS G 277 -24.48 106.66 11.44
N GLY G 278 -23.96 107.13 10.31
CA GLY G 278 -24.73 107.60 9.13
C GLY G 278 -25.44 108.93 9.34
N THR G 279 -25.07 109.75 10.33
CA THR G 279 -25.74 111.05 10.55
C THR G 279 -24.82 112.25 10.32
N LEU G 280 -23.49 112.10 10.33
CA LEU G 280 -22.61 113.26 10.66
C LEU G 280 -21.21 113.17 10.08
N GLY G 281 -20.75 114.31 9.56
CA GLY G 281 -19.35 114.57 9.26
C GLY G 281 -19.02 115.98 9.65
N LEU G 282 -17.75 116.27 9.83
CA LEU G 282 -17.37 117.66 10.12
C LEU G 282 -15.97 117.91 9.63
N ILE G 283 -15.65 119.20 9.51
CA ILE G 283 -14.28 119.66 9.22
C ILE G 283 -13.91 120.53 10.39
N ALA G 284 -12.64 120.50 10.78
CA ALA G 284 -12.13 121.30 11.90
C ALA G 284 -10.68 121.71 11.60
N VAL G 285 -10.30 122.89 12.09
CA VAL G 285 -8.88 123.29 12.16
C VAL G 285 -8.60 123.75 13.59
N SER G 286 -7.36 123.67 14.04
CA SER G 286 -6.95 124.13 15.40
C SER G 286 -6.17 125.43 15.24
N ALA G 287 -5.95 126.14 16.35
CA ALA G 287 -5.15 127.38 16.43
C ALA G 287 -3.70 127.10 15.95
N LYS G 288 -3.24 125.87 16.07
CA LYS G 288 -1.85 125.45 15.73
C LYS G 288 -1.75 125.05 14.26
N GLY G 289 -2.87 125.02 13.51
CA GLY G 289 -2.86 124.74 12.06
C GLY G 289 -3.00 123.25 11.76
N GLU G 290 -3.55 122.48 12.69
CA GLU G 290 -3.95 121.08 12.46
C GLU G 290 -5.30 121.05 11.72
N VAL G 291 -5.57 119.95 11.04
CA VAL G 291 -6.82 119.76 10.25
C VAL G 291 -7.42 118.40 10.63
N ALA G 292 -8.73 118.30 10.75
CA ALA G 292 -9.46 117.03 10.97
C ALA G 292 -10.73 117.03 10.11
N MET G 293 -11.06 115.93 9.46
CA MET G 293 -12.26 115.88 8.59
C MET G 293 -12.95 114.53 8.75
N PRO G 294 -13.29 114.11 10.00
CA PRO G 294 -13.91 112.80 10.18
C PRO G 294 -15.39 112.79 9.78
N TYR G 295 -15.90 111.62 9.41
CA TYR G 295 -17.33 111.45 9.04
C TYR G 295 -17.75 110.01 9.31
N ASN G 296 -18.99 109.82 9.78
CA ASN G 296 -19.58 108.50 10.11
C ASN G 296 -20.58 108.11 9.02
N THR G 297 -20.57 108.85 7.91
CA THR G 297 -21.40 108.61 6.70
C THR G 297 -20.57 107.77 5.73
N THR G 298 -21.18 107.38 4.62
CA THR G 298 -20.55 106.64 3.49
C THR G 298 -19.41 107.47 2.91
N GLY G 299 -19.61 108.78 2.86
CA GLY G 299 -18.78 109.71 2.09
C GLY G 299 -18.98 111.13 2.62
N MET G 300 -18.07 112.02 2.27
CA MET G 300 -18.20 113.46 2.56
C MET G 300 -17.32 114.16 1.54
N PHE G 301 -17.92 114.90 0.64
CA PHE G 301 -17.21 115.79 -0.30
C PHE G 301 -16.32 116.71 0.53
N ARG G 302 -14.99 116.59 0.39
CA ARG G 302 -14.12 117.38 1.30
C ARG G 302 -12.80 117.76 0.61
N ALA G 303 -12.13 118.79 1.13
CA ALA G 303 -10.77 119.23 0.70
C ALA G 303 -10.12 119.97 1.83
N CYS G 304 -8.78 119.95 1.89
CA CYS G 304 -8.04 120.69 2.90
C CYS G 304 -6.62 120.95 2.40
N ALA G 305 -5.99 121.96 2.97
CA ALA G 305 -4.56 122.27 2.72
C ALA G 305 -3.96 122.93 3.95
N THR G 306 -2.64 122.75 4.11
CA THR G 306 -1.86 123.33 5.23
C THR G 306 -0.61 124.01 4.66
N GLU G 307 -0.16 125.04 5.36
CA GLU G 307 1.13 125.70 5.04
C GLU G 307 2.25 124.65 5.02
N ASP G 308 2.19 123.64 5.90
CA ASP G 308 3.17 122.50 5.97
C ASP G 308 3.14 121.56 4.75
N GLY G 309 2.34 121.84 3.73
CA GLY G 309 2.46 121.14 2.43
C GLY G 309 1.54 119.96 2.26
N TYR G 310 0.61 119.74 3.20
CA TYR G 310 -0.43 118.70 3.09
C TYR G 310 -1.59 119.30 2.31
N SER G 311 -2.02 118.67 1.23
CA SER G 311 -3.36 118.94 0.65
C SER G 311 -4.04 117.65 0.20
N GLU G 312 -5.37 117.66 0.21
CA GLU G 312 -6.21 116.51 -0.08
C GLU G 312 -7.54 117.02 -0.63
N VAL G 313 -8.06 116.25 -1.59
CA VAL G 313 -9.46 116.27 -2.10
C VAL G 313 -9.98 114.84 -2.09
N ALA G 314 -11.18 114.60 -1.56
CA ALA G 314 -11.74 113.25 -1.49
C ALA G 314 -13.26 113.29 -1.34
N ILE G 315 -13.84 112.11 -1.52
CA ILE G 315 -15.29 111.83 -1.41
C ILE G 315 -15.47 110.65 -0.44
N TRP G 316 -14.82 109.52 -0.68
CA TRP G 316 -14.89 108.29 0.15
C TRP G 316 -13.61 108.11 0.99
N PRO G 317 -13.60 107.17 1.95
CA PRO G 317 -12.37 106.86 2.69
C PRO G 317 -11.15 106.54 1.79
N SER G 318 -9.95 106.77 2.30
CA SER G 318 -8.63 106.34 1.74
C SER G 318 -8.04 107.46 0.90
N GLY H 2 -35.23 112.93 45.72
CA GLY H 2 -36.63 113.41 45.61
C GLY H 2 -36.73 114.42 44.47
N TRP H 3 -37.95 114.90 44.17
CA TRP H 3 -38.17 115.87 43.06
C TRP H 3 -37.57 117.22 43.43
N ALA H 4 -37.21 118.01 42.41
CA ALA H 4 -36.85 119.44 42.54
C ALA H 4 -37.36 120.20 41.32
N ILE H 5 -37.65 121.47 41.55
CA ILE H 5 -38.14 122.40 40.49
C ILE H 5 -37.53 123.78 40.71
N ALA H 6 -37.17 124.44 39.62
CA ALA H 6 -36.82 125.87 39.66
C ALA H 6 -37.51 126.57 38.51
N LEU H 7 -37.86 127.84 38.72
CA LEU H 7 -38.39 128.68 37.63
C LEU H 7 -37.78 130.07 37.65
N HIS H 8 -37.82 130.74 36.52
CA HIS H 8 -37.43 132.16 36.45
C HIS H 8 -38.48 132.95 35.69
N GLY H 9 -38.46 134.25 35.97
CA GLY H 9 -39.25 135.30 35.30
C GLY H 9 -38.32 136.32 34.72
N GLY H 10 -37.07 135.93 34.44
CA GLY H 10 -36.07 136.73 33.70
C GLY H 10 -35.04 137.40 34.60
N ALA H 11 -33.88 137.66 34.02
CA ALA H 11 -32.72 138.30 34.67
C ALA H 11 -32.32 139.54 33.88
N GLY H 12 -31.86 140.57 34.59
CA GLY H 12 -31.47 141.84 33.99
C GLY H 12 -31.24 142.88 35.07
N ASP H 13 -31.13 144.13 34.64
CA ASP H 13 -30.96 145.26 35.57
C ASP H 13 -32.32 145.56 36.24
N ILE H 14 -32.76 144.68 37.13
CA ILE H 14 -33.93 144.90 38.02
C ILE H 14 -33.45 145.80 39.16
N PRO H 15 -33.74 147.12 39.11
CA PRO H 15 -33.11 148.06 40.04
C PRO H 15 -33.63 147.80 41.46
N LEU H 16 -32.76 147.90 42.48
CA LEU H 16 -33.13 147.77 43.92
C LEU H 16 -34.26 148.75 44.26
N SER H 17 -34.41 149.80 43.45
CA SER H 17 -35.44 150.87 43.58
C SER H 17 -36.82 150.34 43.15
N LEU H 18 -36.89 149.15 42.53
CA LEU H 18 -38.09 148.67 41.80
C LEU H 18 -39.34 148.91 42.64
N PRO H 19 -40.34 149.61 42.07
CA PRO H 19 -41.53 150.00 42.82
C PRO H 19 -42.28 148.75 43.26
N PRO H 20 -42.82 148.74 44.50
CA PRO H 20 -43.73 147.68 44.95
C PRO H 20 -44.72 147.23 43.86
N GLU H 21 -45.35 148.20 43.20
CA GLU H 21 -46.44 148.03 42.20
C GLU H 21 -46.05 147.03 41.12
N ARG H 22 -44.78 147.05 40.69
CA ARG H 22 -44.23 146.17 39.61
C ARG H 22 -43.66 144.90 40.24
N ARG H 23 -43.02 145.04 41.41
CA ARG H 23 -42.35 143.93 42.12
C ARG H 23 -43.41 142.93 42.57
N HIS H 24 -44.51 143.43 43.12
CA HIS H 24 -45.55 142.66 43.88
C HIS H 24 -46.20 141.64 42.98
N PRO H 25 -46.84 142.03 41.85
CA PRO H 25 -47.46 141.07 40.95
C PRO H 25 -46.48 139.97 40.51
N ARG H 26 -45.22 140.33 40.26
CA ARG H 26 -44.23 139.36 39.68
C ARG H 26 -43.85 138.35 40.78
N GLU H 27 -43.61 138.82 42.00
CA GLU H 27 -43.32 137.94 43.17
C GLU H 27 -44.48 136.96 43.33
N GLU H 28 -45.72 137.44 43.28
CA GLU H 28 -46.92 136.58 43.51
C GLU H 28 -47.07 135.61 42.34
N ALA H 29 -46.79 136.06 41.11
CA ALA H 29 -46.83 135.17 39.92
C ALA H 29 -45.83 134.04 40.09
N LEU H 30 -44.62 134.34 40.56
CA LEU H 30 -43.57 133.34 40.86
C LEU H 30 -44.11 132.33 41.86
N ARG H 31 -44.72 132.79 42.97
CA ARG H 31 -45.22 131.85 44.00
C ARG H 31 -46.32 130.99 43.37
N HIS H 32 -47.26 131.62 42.66
CA HIS H 32 -48.41 130.94 42.00
C HIS H 32 -47.87 129.85 41.09
N CYS H 33 -46.91 130.19 40.21
CA CYS H 33 -46.41 129.22 39.18
C CYS H 33 -45.59 128.12 39.87
N LEU H 34 -44.89 128.44 40.97
CA LEU H 34 -44.13 127.43 41.74
C LEU H 34 -45.12 126.37 42.24
N GLN H 35 -46.26 126.80 42.82
CA GLN H 35 -47.29 125.88 43.39
C GLN H 35 -47.83 124.93 42.31
N ILE H 36 -48.12 125.44 41.11
CA ILE H 36 -48.50 124.63 39.92
C ILE H 36 -47.48 123.50 39.74
N GLY H 37 -46.18 123.81 39.76
CA GLY H 37 -45.11 122.82 39.49
C GLY H 37 -45.00 121.83 40.62
N VAL H 38 -45.01 122.31 41.87
CA VAL H 38 -44.93 121.44 43.07
C VAL H 38 -46.13 120.48 43.06
N GLU H 39 -47.35 120.98 42.80
CA GLU H 39 -48.56 120.12 42.81
C GLU H 39 -48.39 119.03 41.75
N ALA H 40 -47.85 119.39 40.58
CA ALA H 40 -47.64 118.45 39.45
C ALA H 40 -46.62 117.37 39.87
N LEU H 41 -45.50 117.76 40.51
CA LEU H 41 -44.44 116.81 40.92
C LEU H 41 -44.94 115.96 42.10
N LYS H 42 -45.71 116.55 43.03
CA LYS H 42 -46.28 115.73 44.14
C LYS H 42 -47.13 114.61 43.52
N ALA H 43 -47.85 114.91 42.43
CA ALA H 43 -48.78 113.99 41.74
C ALA H 43 -48.01 113.03 40.82
N LYS H 44 -46.67 113.10 40.81
CA LYS H 44 -45.77 112.29 39.94
C LYS H 44 -46.10 112.52 38.46
N LEU H 45 -46.43 113.74 38.07
CA LEU H 45 -46.51 114.12 36.64
C LEU H 45 -45.09 114.10 36.07
N PRO H 46 -44.90 113.56 34.86
CA PRO H 46 -43.58 113.59 34.22
C PRO H 46 -43.03 115.02 34.17
N PRO H 47 -41.72 115.19 34.46
CA PRO H 47 -41.03 116.49 34.35
C PRO H 47 -41.28 117.24 33.03
N LEU H 48 -41.36 116.52 31.90
CA LEU H 48 -41.61 117.20 30.60
C LEU H 48 -42.99 117.86 30.68
N ASP H 49 -43.98 117.19 31.30
CA ASP H 49 -45.35 117.77 31.50
C ASP H 49 -45.30 118.91 32.50
N VAL H 50 -44.47 118.78 33.52
CA VAL H 50 -44.35 119.79 34.61
C VAL H 50 -43.85 121.11 34.03
N VAL H 51 -42.77 121.07 33.26
CA VAL H 51 -42.09 122.32 32.78
C VAL H 51 -43.01 122.96 31.75
N GLU H 52 -43.74 122.19 30.93
CA GLU H 52 -44.70 122.75 29.95
C GLU H 52 -45.83 123.49 30.71
N ARG H 53 -46.46 122.85 31.68
CA ARG H 53 -47.58 123.45 32.46
C ARG H 53 -47.12 124.76 33.13
N VAL H 54 -45.96 124.76 33.77
CA VAL H 54 -45.45 125.97 34.52
C VAL H 54 -45.19 127.10 33.51
N VAL H 55 -44.56 126.80 32.37
CA VAL H 55 -44.21 127.84 31.36
C VAL H 55 -45.48 128.38 30.66
N ARG H 56 -46.48 127.56 30.40
CA ARG H 56 -47.81 127.99 29.91
C ARG H 56 -48.37 129.06 30.85
N GLU H 57 -48.37 128.80 32.15
CA GLU H 57 -48.86 129.81 33.13
C GLU H 57 -47.95 131.05 33.13
N LEU H 58 -46.62 130.89 33.03
CA LEU H 58 -45.67 132.04 33.02
C LEU H 58 -45.89 132.89 31.77
N GLU H 59 -46.21 132.25 30.63
CA GLU H 59 -46.57 132.92 29.37
C GLU H 59 -47.84 133.76 29.60
N ASN H 60 -48.87 133.15 30.18
CA ASN H 60 -50.15 133.88 30.47
C ASN H 60 -49.97 135.05 31.47
N ILE H 61 -48.93 135.10 32.30
CA ILE H 61 -48.73 136.23 33.25
C ILE H 61 -48.35 137.46 32.42
N PRO H 62 -49.18 138.53 32.37
CA PRO H 62 -48.85 139.66 31.49
C PRO H 62 -47.61 140.43 31.96
N GLN H 63 -47.22 140.33 33.24
CA GLN H 63 -46.02 141.08 33.71
C GLN H 63 -44.72 140.35 33.35
N PHE H 64 -44.79 139.15 32.77
CA PHE H 64 -43.56 138.45 32.28
C PHE H 64 -43.48 138.50 30.75
N ASN H 65 -42.26 138.70 30.27
CA ASN H 65 -41.85 138.79 28.84
C ASN H 65 -41.81 137.40 28.21
N ALA H 66 -42.99 136.95 27.80
CA ALA H 66 -43.33 135.66 27.17
C ALA H 66 -44.85 135.68 27.03
N GLY H 67 -45.39 135.06 25.99
CA GLY H 67 -46.85 135.07 25.77
C GLY H 67 -47.44 136.47 25.84
N LYS H 68 -48.53 136.61 26.57
CA LYS H 68 -49.13 137.94 26.79
C LYS H 68 -48.15 138.69 27.67
N GLY H 69 -47.74 139.89 27.29
CA GLY H 69 -46.69 140.63 27.99
C GLY H 69 -45.35 140.51 27.30
N SER H 70 -45.27 139.83 26.15
CA SER H 70 -44.04 139.82 25.33
C SER H 70 -43.64 141.26 24.99
N VAL H 71 -42.36 141.55 25.09
CA VAL H 71 -41.79 142.85 24.65
C VAL H 71 -42.03 143.02 23.14
N LEU H 72 -41.95 144.25 22.68
CA LEU H 72 -42.33 144.63 21.31
C LEU H 72 -41.06 144.70 20.46
N THR H 73 -41.17 144.27 19.21
CA THR H 73 -40.19 144.57 18.12
C THR H 73 -40.12 146.10 17.87
N SER H 74 -39.11 146.51 17.10
CA SER H 74 -38.99 147.85 16.48
C SER H 74 -40.28 148.28 15.76
N ASN H 75 -41.04 147.36 15.20
CA ASN H 75 -42.32 147.65 14.48
C ASN H 75 -43.54 147.60 15.42
N GLY H 76 -43.34 147.57 16.74
CA GLY H 76 -44.45 147.56 17.71
C GLY H 76 -45.24 146.26 17.67
N THR H 77 -44.61 145.14 17.31
CA THR H 77 -45.28 143.83 17.19
C THR H 77 -44.67 142.84 18.18
N VAL H 78 -45.34 141.71 18.35
CA VAL H 78 -44.93 140.55 19.18
C VAL H 78 -44.50 139.42 18.24
N GLU H 79 -43.31 138.92 18.48
CA GLU H 79 -42.68 137.72 17.87
C GLU H 79 -42.17 136.87 19.01
N MET H 80 -42.86 135.78 19.29
CA MET H 80 -42.64 134.95 20.50
C MET H 80 -41.83 133.71 20.11
N GLU H 81 -41.03 133.17 21.02
CA GLU H 81 -40.21 131.94 20.77
C GLU H 81 -40.01 131.13 22.03
N ALA H 82 -39.87 129.83 21.89
CA ALA H 82 -39.79 128.93 23.05
C ALA H 82 -39.02 127.70 22.66
N SER H 83 -38.48 126.99 23.66
CA SER H 83 -37.94 125.64 23.44
C SER H 83 -38.15 124.74 24.65
N ILE H 84 -38.15 123.44 24.39
CA ILE H 84 -38.37 122.40 25.42
C ILE H 84 -37.43 121.23 25.18
N MET H 85 -36.91 120.63 26.22
CA MET H 85 -36.03 119.44 26.08
C MET H 85 -36.29 118.44 27.20
N ASP H 86 -36.41 117.18 26.78
CA ASP H 86 -36.53 115.97 27.62
C ASP H 86 -35.12 115.39 27.78
N GLY H 87 -34.56 115.44 28.98
CA GLY H 87 -33.21 114.94 29.26
C GLY H 87 -33.06 113.43 29.16
N THR H 88 -34.13 112.65 29.35
CA THR H 88 -34.08 111.16 29.30
C THR H 88 -33.75 110.69 27.87
N THR H 89 -34.39 111.29 26.87
CA THR H 89 -34.37 110.89 25.44
C THR H 89 -33.57 111.88 24.61
N MET H 90 -33.38 113.10 25.15
CA MET H 90 -32.82 114.30 24.48
C MET H 90 -33.64 114.70 23.25
N ASP H 91 -34.90 114.26 23.22
CA ASP H 91 -36.00 114.84 22.41
C ASP H 91 -36.11 116.33 22.75
N CYS H 92 -36.32 117.14 21.74
CA CYS H 92 -36.49 118.61 21.93
C CYS H 92 -37.38 119.16 20.82
N GLY H 93 -37.93 120.35 21.10
CA GLY H 93 -38.74 121.16 20.19
C GLY H 93 -38.50 122.64 20.39
N ALA H 94 -38.71 123.41 19.36
CA ALA H 94 -38.48 124.86 19.35
C ALA H 94 -39.38 125.52 18.33
N VAL H 95 -39.78 126.73 18.64
CA VAL H 95 -40.53 127.61 17.71
C VAL H 95 -39.95 129.01 17.81
N SER H 96 -39.97 129.75 16.72
CA SER H 96 -39.80 131.22 16.73
C SER H 96 -40.89 131.91 15.90
N GLY H 97 -40.99 133.22 16.03
CA GLY H 97 -41.73 134.10 15.10
C GLY H 97 -43.24 133.89 15.22
N LEU H 98 -43.70 133.43 16.37
CA LEU H 98 -45.16 133.29 16.64
C LEU H 98 -45.75 134.66 16.94
N THR H 99 -46.93 134.91 16.36
CA THR H 99 -47.64 136.21 16.46
C THR H 99 -49.06 136.04 17.04
N THR H 100 -49.67 134.85 16.99
CA THR H 100 -51.08 134.65 17.42
C THR H 100 -51.22 133.48 18.39
N VAL H 101 -50.17 132.68 18.54
CA VAL H 101 -50.21 131.41 19.30
C VAL H 101 -50.16 131.79 20.78
N VAL H 102 -51.17 131.36 21.55
CA VAL H 102 -51.31 131.77 22.99
C VAL H 102 -50.15 131.22 23.82
N ASN H 103 -49.79 129.93 23.67
CA ASN H 103 -48.72 129.25 24.42
C ASN H 103 -47.66 128.70 23.46
N ALA H 104 -46.65 129.50 23.18
CA ALA H 104 -45.44 129.11 22.39
C ALA H 104 -44.86 127.79 22.90
N ILE H 105 -44.70 127.58 24.22
CA ILE H 105 -43.99 126.38 24.76
C ILE H 105 -44.73 125.12 24.33
N SER H 106 -46.06 125.15 24.26
CA SER H 106 -46.88 123.97 23.90
C SER H 106 -46.72 123.68 22.40
N LEU H 107 -46.55 124.71 21.59
CA LEU H 107 -46.31 124.51 20.14
C LEU H 107 -44.91 123.92 19.95
N ALA H 108 -43.92 124.38 20.70
CA ALA H 108 -42.57 123.73 20.71
C ALA H 108 -42.70 122.24 21.01
N ARG H 109 -43.48 121.88 22.05
CA ARG H 109 -43.63 120.44 22.39
C ARG H 109 -44.31 119.67 21.22
N LEU H 110 -45.28 120.29 20.55
CA LEU H 110 -46.01 119.61 19.44
C LEU H 110 -45.07 119.41 18.24
N VAL H 111 -44.10 120.31 18.02
CA VAL H 111 -43.08 120.11 16.92
C VAL H 111 -42.32 118.83 17.23
N MET H 112 -41.84 118.70 18.48
CA MET H 112 -41.08 117.54 18.97
C MET H 112 -41.92 116.27 18.77
N GLU H 113 -43.19 116.28 19.17
CA GLU H 113 -44.02 115.04 19.18
C GLU H 113 -44.63 114.73 17.81
N LYS H 114 -44.94 115.73 16.99
CA LYS H 114 -45.85 115.53 15.82
C LYS H 114 -45.11 115.60 14.47
N THR H 115 -43.84 115.98 14.44
CA THR H 115 -43.12 116.25 13.17
C THR H 115 -41.78 115.52 13.23
N PRO H 116 -41.07 115.32 12.09
CA PRO H 116 -39.71 114.78 12.13
C PRO H 116 -38.65 115.85 12.45
N HIS H 117 -39.07 117.06 12.85
CA HIS H 117 -38.18 118.23 13.02
C HIS H 117 -38.11 118.64 14.50
N ILE H 118 -37.15 119.48 14.81
CA ILE H 118 -37.04 120.10 16.16
C ILE H 118 -37.64 121.49 16.11
N TYR H 119 -37.39 122.25 15.05
CA TYR H 119 -37.47 123.73 15.05
C TYR H 119 -38.25 124.18 13.83
N LEU H 120 -39.43 124.79 14.07
CA LEU H 120 -40.19 125.54 13.05
C LEU H 120 -40.28 127.02 13.43
N ALA H 121 -40.30 127.90 12.43
CA ALA H 121 -40.31 129.36 12.64
C ALA H 121 -41.18 130.13 11.64
N PHE H 122 -41.75 131.20 12.18
CA PHE H 122 -42.49 132.28 11.49
C PHE H 122 -43.68 131.68 10.76
N ASP H 123 -43.91 131.97 9.48
CA ASP H 123 -45.16 131.57 8.79
C ASP H 123 -45.41 130.07 8.93
N GLY H 124 -44.41 129.24 8.75
CA GLY H 124 -44.57 127.79 8.84
C GLY H 124 -44.93 127.31 10.24
N ALA H 125 -44.40 127.95 11.27
CA ALA H 125 -44.76 127.68 12.69
C ALA H 125 -46.26 128.01 12.92
N GLU H 126 -46.70 129.15 12.40
CA GLU H 126 -48.10 129.64 12.54
C GLU H 126 -49.01 128.72 11.73
N GLU H 127 -48.56 128.25 10.56
CA GLU H 127 -49.36 127.30 9.76
C GLU H 127 -49.43 125.96 10.50
N PHE H 128 -48.32 125.45 11.06
CA PHE H 128 -48.32 124.25 11.94
C PHE H 128 -49.32 124.41 13.10
N ALA H 129 -49.34 125.57 13.75
CA ALA H 129 -50.24 125.91 14.88
C ALA H 129 -51.73 125.66 14.50
N ARG H 130 -52.12 126.05 13.31
CA ARG H 130 -53.49 125.92 12.75
C ARG H 130 -53.78 124.44 12.47
N GLN H 131 -52.89 123.74 11.75
CA GLN H 131 -53.01 122.29 11.51
C GLN H 131 -53.25 121.56 12.84
N GLN H 132 -52.56 121.96 13.91
CA GLN H 132 -52.64 121.24 15.22
C GLN H 132 -53.85 121.70 16.04
N GLY H 133 -54.51 122.80 15.68
CA GLY H 133 -55.74 123.27 16.35
C GLY H 133 -55.49 123.91 17.69
N VAL H 134 -54.27 124.41 17.98
CA VAL H 134 -53.96 125.06 19.29
C VAL H 134 -54.66 126.43 19.37
N GLU H 135 -54.79 126.96 20.58
CA GLU H 135 -55.48 128.26 20.83
C GLU H 135 -54.68 129.38 20.14
N THR H 136 -55.34 130.22 19.34
CA THR H 136 -54.77 131.48 18.80
C THR H 136 -55.70 132.65 19.14
N LEU H 137 -55.13 133.83 19.34
CA LEU H 137 -55.90 135.09 19.46
C LEU H 137 -55.30 136.11 18.50
N ASP H 138 -56.03 137.18 18.26
CA ASP H 138 -55.51 138.37 17.54
C ASP H 138 -54.16 138.77 18.15
N SER H 139 -53.30 139.36 17.32
CA SER H 139 -51.97 139.92 17.70
C SER H 139 -52.06 140.97 18.82
N SER H 140 -53.07 141.85 18.77
CA SER H 140 -53.32 142.91 19.79
C SER H 140 -53.44 142.28 21.18
N HIS H 141 -53.95 141.05 21.30
CA HIS H 141 -54.11 140.36 22.62
C HIS H 141 -52.79 140.31 23.41
N PHE H 142 -51.65 140.15 22.72
CA PHE H 142 -50.33 139.91 23.38
C PHE H 142 -49.72 141.23 23.83
N ILE H 143 -50.20 142.36 23.29
CA ILE H 143 -49.57 143.70 23.47
C ILE H 143 -50.13 144.36 24.73
N THR H 144 -49.30 144.77 25.67
CA THR H 144 -49.78 145.41 26.92
C THR H 144 -49.37 146.90 26.93
N ALA H 145 -50.09 147.76 27.67
CA ALA H 145 -49.76 149.21 27.80
C ALA H 145 -48.32 149.41 28.28
N GLU H 146 -47.88 148.60 29.24
CA GLU H 146 -46.51 148.61 29.81
C GLU H 146 -45.49 148.51 28.65
N ASN H 147 -45.73 147.63 27.70
CA ASN H 147 -44.75 147.27 26.62
C ASN H 147 -44.82 148.32 25.52
N ILE H 148 -46.00 148.91 25.27
CA ILE H 148 -46.11 150.13 24.41
C ILE H 148 -45.14 151.17 24.96
N GLU H 149 -45.24 151.51 26.26
CA GLU H 149 -44.36 152.51 26.92
C GLU H 149 -42.89 152.06 26.88
N ARG H 150 -42.59 150.79 27.15
CA ARG H 150 -41.18 150.30 27.16
C ARG H 150 -40.55 150.49 25.78
N LEU H 151 -41.31 150.25 24.71
CA LEU H 151 -40.80 150.44 23.33
C LEU H 151 -40.52 151.93 23.09
N LYS H 152 -41.42 152.85 23.47
CA LYS H 152 -41.11 154.31 23.38
C LYS H 152 -39.77 154.59 24.05
N GLN H 153 -39.57 154.13 25.27
CA GLN H 153 -38.39 154.45 26.11
C GLN H 153 -37.13 153.85 25.47
N ALA H 154 -37.24 152.62 24.96
CA ALA H 154 -36.16 151.91 24.25
C ALA H 154 -35.73 152.73 23.05
N LYS H 155 -36.69 153.21 22.25
CA LYS H 155 -36.39 154.02 21.05
C LYS H 155 -35.75 155.35 21.45
N GLU H 156 -36.24 156.02 22.50
CA GLU H 156 -35.66 157.32 22.93
C GLU H 156 -34.20 157.10 23.40
N ALA H 157 -33.94 156.05 24.18
CA ALA H 157 -32.61 155.72 24.76
C ALA H 157 -31.56 155.55 23.66
N ASN H 158 -31.99 155.39 22.40
CA ASN H 158 -31.09 155.42 21.21
C ASN H 158 -30.96 156.88 20.73
N THR H 187 -38.26 136.81 29.16
CA THR H 187 -37.94 135.37 29.23
C THR H 187 -38.56 134.78 30.49
N VAL H 188 -39.09 133.57 30.37
CA VAL H 188 -39.53 132.75 31.53
C VAL H 188 -38.97 131.36 31.33
N GLY H 189 -38.91 130.57 32.39
CA GLY H 189 -38.31 129.24 32.30
C GLY H 189 -38.72 128.36 33.46
N CYS H 190 -38.70 127.06 33.23
CA CYS H 190 -38.88 126.06 34.32
C CYS H 190 -37.97 124.86 34.06
N VAL H 191 -37.23 124.42 35.07
CA VAL H 191 -36.50 123.12 35.04
C VAL H 191 -37.06 122.23 36.15
N ALA H 192 -37.09 120.93 35.91
CA ALA H 192 -37.65 119.97 36.88
C ALA H 192 -36.99 118.61 36.75
N VAL H 193 -36.95 117.92 37.90
CA VAL H 193 -36.44 116.55 38.06
C VAL H 193 -37.40 115.79 38.99
N ASP H 194 -37.71 114.53 38.68
CA ASP H 194 -38.50 113.65 39.56
C ASP H 194 -37.53 112.88 40.49
N GLY H 195 -38.06 112.08 41.41
CA GLY H 195 -37.22 111.28 42.33
C GLY H 195 -36.44 110.18 41.62
N ASN H 196 -36.68 109.96 40.32
CA ASN H 196 -36.05 108.89 39.49
C ASN H 196 -34.99 109.47 38.55
N GLY H 197 -34.70 110.76 38.60
CA GLY H 197 -33.61 111.38 37.81
C GLY H 197 -34.06 111.80 36.41
N ASN H 198 -35.36 111.75 36.09
CA ASN H 198 -35.90 112.25 34.78
C ASN H 198 -35.93 113.78 34.82
N LEU H 199 -35.33 114.42 33.82
CA LEU H 199 -35.03 115.88 33.80
C LEU H 199 -35.74 116.49 32.59
N ALA H 200 -36.26 117.70 32.72
CA ALA H 200 -36.74 118.49 31.55
C ALA H 200 -36.50 119.97 31.80
N SER H 201 -36.44 120.69 30.70
CA SER H 201 -36.26 122.15 30.66
C SER H 201 -37.21 122.78 29.66
N ALA H 202 -37.81 123.91 30.02
CA ALA H 202 -38.69 124.72 29.13
C ALA H 202 -38.36 126.21 29.24
N THR H 203 -38.28 126.91 28.12
CA THR H 203 -37.99 128.37 28.15
C THR H 203 -38.87 129.04 27.11
N SER H 204 -39.41 130.23 27.40
CA SER H 204 -40.28 130.98 26.44
C SER H 204 -39.98 132.46 26.60
N THR H 205 -40.12 133.24 25.55
CA THR H 205 -39.81 134.68 25.61
C THR H 205 -40.51 135.49 24.53
N GLY H 206 -40.54 136.81 24.75
CA GLY H 206 -40.85 137.82 23.74
C GLY H 206 -39.58 138.35 23.10
N GLY H 207 -38.44 138.04 23.70
CA GLY H 207 -37.12 138.47 23.21
C GLY H 207 -36.67 139.77 23.81
N LEU H 208 -36.17 140.65 22.96
CA LEU H 208 -35.54 141.91 23.42
C LEU H 208 -36.37 143.08 22.88
N VAL H 209 -36.68 144.05 23.73
CA VAL H 209 -37.46 145.23 23.31
C VAL H 209 -36.72 145.96 22.18
N ASN H 210 -37.45 146.41 21.17
CA ASN H 210 -36.94 147.13 19.96
C ASN H 210 -36.04 146.18 19.11
N LYS H 211 -36.12 144.86 19.28
CA LYS H 211 -35.45 143.89 18.35
C LYS H 211 -35.87 144.18 16.90
N MET H 212 -34.98 143.93 15.93
CA MET H 212 -35.39 143.92 14.52
C MET H 212 -36.42 142.82 14.31
N VAL H 213 -37.40 143.04 13.43
CA VAL H 213 -38.36 141.96 13.08
C VAL H 213 -37.52 140.82 12.47
N GLY H 214 -37.87 139.61 12.87
CA GLY H 214 -37.18 138.37 12.50
C GLY H 214 -35.96 138.06 13.33
N ARG H 215 -35.69 138.82 14.40
CA ARG H 215 -34.52 138.55 15.28
C ARG H 215 -34.79 137.29 16.11
N ILE H 216 -33.86 136.34 16.09
CA ILE H 216 -33.92 135.13 16.93
C ILE H 216 -32.90 135.28 18.05
N GLY H 217 -33.36 135.11 19.30
CA GLY H 217 -32.53 135.11 20.54
C GLY H 217 -32.01 133.72 20.91
N ASP H 218 -31.56 133.55 22.14
CA ASP H 218 -31.04 132.26 22.65
C ASP H 218 -32.19 131.33 23.08
N THR H 219 -33.37 131.87 23.41
CA THR H 219 -34.44 131.08 24.05
C THR H 219 -34.75 129.84 23.19
N PRO H 220 -34.93 129.93 21.86
CA PRO H 220 -35.35 128.76 21.12
C PRO H 220 -34.19 127.85 20.70
N LEU H 221 -32.95 128.19 21.03
CA LEU H 221 -31.75 127.47 20.52
C LEU H 221 -31.37 126.45 21.59
N ILE H 222 -31.55 125.17 21.26
CA ILE H 222 -31.10 124.01 22.09
C ILE H 222 -29.59 124.15 22.32
N GLY H 223 -29.13 124.13 23.58
CA GLY H 223 -27.72 124.40 23.94
C GLY H 223 -27.42 125.82 24.36
N ALA H 224 -28.26 126.81 24.00
CA ALA H 224 -28.06 128.24 24.37
C ALA H 224 -29.00 128.56 25.53
N GLY H 225 -30.32 128.64 25.29
CA GLY H 225 -31.31 128.99 26.34
C GLY H 225 -31.92 127.77 27.03
N THR H 226 -31.91 126.58 26.39
CA THR H 226 -32.57 125.34 26.88
C THR H 226 -31.64 124.16 26.61
N TYR H 227 -31.45 123.32 27.61
CA TYR H 227 -30.73 122.02 27.47
C TYR H 227 -31.10 121.11 28.62
N ALA H 228 -31.32 119.83 28.32
CA ALA H 228 -31.46 118.82 29.37
C ALA H 228 -30.80 117.55 28.85
N ASP H 229 -30.16 116.80 29.74
CA ASP H 229 -29.53 115.49 29.44
C ASP H 229 -29.68 114.57 30.65
N ALA H 230 -28.94 113.45 30.70
CA ALA H 230 -28.98 112.51 31.85
C ALA H 230 -28.55 113.21 33.16
N ARG H 231 -27.78 114.31 33.15
CA ARG H 231 -27.16 114.88 34.39
C ARG H 231 -27.89 116.14 34.90
N CYS H 232 -28.39 116.97 34.00
CA CYS H 232 -28.88 118.33 34.35
C CYS H 232 -29.95 118.79 33.39
N ALA H 233 -30.69 119.80 33.84
CA ALA H 233 -31.67 120.55 33.03
C ALA H 233 -31.43 122.00 33.33
N VAL H 234 -31.34 122.81 32.28
CA VAL H 234 -30.91 124.23 32.37
C VAL H 234 -31.81 125.09 31.49
N SER H 235 -32.24 126.22 32.03
CA SER H 235 -32.95 127.30 31.31
C SER H 235 -32.18 128.59 31.61
N ALA H 236 -31.76 129.32 30.59
CA ALA H 236 -31.00 130.58 30.72
C ALA H 236 -31.91 131.77 30.42
N THR H 237 -31.47 132.94 30.85
CA THR H 237 -32.21 134.21 30.65
C THR H 237 -31.21 135.38 30.73
N GLY H 238 -31.47 136.40 29.93
CA GLY H 238 -30.72 137.67 29.91
C GLY H 238 -30.56 138.14 28.47
N LYS H 239 -29.39 138.66 28.13
CA LYS H 239 -29.08 139.23 26.78
C LYS H 239 -28.85 138.06 25.81
N GLY H 240 -29.81 137.82 24.93
CA GLY H 240 -29.84 136.70 23.96
C GLY H 240 -28.51 136.49 23.24
N GLU H 241 -27.89 137.57 22.71
CA GLU H 241 -26.70 137.47 21.83
C GLU H 241 -25.53 136.94 22.69
N ALA H 242 -25.37 137.35 23.97
CA ALA H 242 -24.36 136.84 24.93
C ALA H 242 -24.62 135.35 25.24
N ILE H 243 -25.89 134.95 25.37
CA ILE H 243 -26.22 133.54 25.72
C ILE H 243 -25.94 132.61 24.51
N ILE H 244 -26.24 133.06 23.30
CA ILE H 244 -25.91 132.31 22.04
C ILE H 244 -24.38 132.12 21.96
N ARG H 245 -23.62 133.22 22.00
CA ARG H 245 -22.14 133.15 21.94
C ARG H 245 -21.58 132.21 22.98
N GLY H 246 -22.10 132.32 24.21
CA GLY H 246 -21.66 131.57 25.39
C GLY H 246 -22.18 130.14 25.42
N THR H 247 -23.01 129.71 24.46
CA THR H 247 -23.72 128.40 24.44
C THR H 247 -24.05 127.96 25.89
N VAL H 248 -24.81 128.79 26.61
CA VAL H 248 -24.74 128.74 28.12
C VAL H 248 -25.29 127.40 28.61
N ALA H 249 -26.49 126.97 28.16
CA ALA H 249 -27.13 125.77 28.78
C ALA H 249 -26.25 124.54 28.44
N ARG H 250 -25.71 124.44 27.23
CA ARG H 250 -24.79 123.31 26.88
C ARG H 250 -23.47 123.37 27.71
N ASP H 251 -22.92 124.56 27.92
CA ASP H 251 -21.67 124.74 28.70
C ASP H 251 -21.81 124.16 30.11
N VAL H 252 -22.93 124.40 30.79
CA VAL H 252 -23.16 123.82 32.15
C VAL H 252 -23.09 122.29 32.07
N ALA H 253 -23.82 121.67 31.12
CA ALA H 253 -23.92 120.21 30.99
C ALA H 253 -22.54 119.63 30.61
N ALA H 254 -21.79 120.36 29.77
CA ALA H 254 -20.45 119.97 29.28
C ALA H 254 -19.43 120.01 30.41
N LEU H 255 -19.44 121.07 31.23
CA LEU H 255 -18.59 121.15 32.45
C LEU H 255 -18.88 119.98 33.39
N MET H 256 -20.16 119.57 33.55
CA MET H 256 -20.52 118.39 34.40
C MET H 256 -20.03 117.09 33.74
N GLU H 257 -20.27 116.91 32.43
CA GLU H 257 -20.03 115.62 31.73
C GLU H 257 -18.51 115.42 31.54
N PHE H 258 -17.76 116.46 31.16
CA PHE H 258 -16.36 116.37 30.66
C PHE H 258 -15.34 116.69 31.76
N LYS H 259 -15.68 117.58 32.68
CA LYS H 259 -14.77 118.05 33.74
C LYS H 259 -15.22 117.48 35.09
N GLY H 260 -16.38 116.81 35.14
CA GLY H 260 -16.89 116.13 36.34
C GLY H 260 -17.34 117.10 37.43
N LEU H 261 -17.61 118.37 37.09
CA LEU H 261 -18.04 119.41 38.06
C LEU H 261 -19.44 119.04 38.58
N SER H 262 -19.71 119.41 39.83
CA SER H 262 -21.07 119.36 40.42
C SER H 262 -21.95 120.38 39.67
N LEU H 263 -23.26 120.22 39.76
CA LEU H 263 -24.22 121.22 39.22
C LEU H 263 -23.75 122.61 39.66
N GLU H 264 -23.55 122.77 40.97
CA GLU H 264 -23.20 124.08 41.58
C GLU H 264 -21.95 124.67 40.92
N GLU H 265 -20.87 123.90 40.87
CA GLU H 265 -19.57 124.33 40.32
C GLU H 265 -19.71 124.74 38.84
N ALA H 266 -20.44 123.95 38.05
CA ALA H 266 -20.64 124.18 36.59
C ALA H 266 -21.44 125.47 36.39
N ALA H 267 -22.60 125.57 37.04
CA ALA H 267 -23.49 126.75 36.90
C ALA H 267 -22.71 127.99 37.36
N THR H 268 -22.02 127.98 38.51
CA THR H 268 -21.26 129.16 39.01
C THR H 268 -20.18 129.56 38.01
N CYS H 269 -19.47 128.57 37.45
CA CYS H 269 -18.36 128.82 36.50
C CYS H 269 -18.92 129.52 35.25
N VAL H 270 -19.99 129.00 34.67
CA VAL H 270 -20.57 129.58 33.44
C VAL H 270 -20.98 131.03 33.72
N VAL H 271 -21.67 131.28 34.84
CA VAL H 271 -22.30 132.61 35.09
C VAL H 271 -21.24 133.59 35.58
N HIS H 272 -20.32 133.16 36.45
CA HIS H 272 -19.34 134.06 37.14
C HIS H 272 -17.93 134.03 36.56
N GLU H 273 -17.60 133.12 35.62
CA GLU H 273 -16.25 133.07 34.99
C GLU H 273 -16.32 133.18 33.46
N ARG H 274 -17.28 132.54 32.80
CA ARG H 274 -17.23 132.34 31.33
C ARG H 274 -18.07 133.38 30.56
N THR H 275 -18.97 134.11 31.20
CA THR H 275 -19.85 135.09 30.53
C THR H 275 -19.64 136.47 31.16
N PRO H 276 -19.84 137.56 30.41
CA PRO H 276 -19.69 138.90 30.98
C PRO H 276 -20.74 139.23 32.05
N LYS H 277 -20.32 140.01 33.04
CA LYS H 277 -21.19 140.62 34.09
C LYS H 277 -22.33 141.41 33.44
N GLY H 278 -23.54 141.34 34.04
CA GLY H 278 -24.74 142.06 33.58
C GLY H 278 -25.44 141.44 32.38
N THR H 279 -25.17 140.17 32.00
CA THR H 279 -25.67 139.61 30.73
C THR H 279 -26.63 138.43 31.00
N LEU H 280 -26.40 137.61 32.04
CA LEU H 280 -26.93 136.23 32.10
C LEU H 280 -27.37 135.85 33.52
N GLY H 281 -28.50 135.15 33.59
CA GLY H 281 -28.81 134.26 34.71
C GLY H 281 -29.21 132.91 34.22
N LEU H 282 -29.31 131.93 35.11
CA LEU H 282 -29.90 130.62 34.74
C LEU H 282 -30.47 129.91 35.95
N ILE H 283 -31.35 128.96 35.64
CA ILE H 283 -31.77 127.97 36.64
C ILE H 283 -31.32 126.60 36.15
N ALA H 284 -31.05 125.72 37.08
CA ALA H 284 -30.66 124.33 36.78
C ALA H 284 -31.05 123.40 37.94
N VAL H 285 -31.40 122.16 37.57
CA VAL H 285 -31.54 121.02 38.50
C VAL H 285 -30.64 119.92 37.98
N SER H 286 -30.17 119.10 38.90
CA SER H 286 -29.36 117.89 38.63
C SER H 286 -30.24 116.66 38.73
N ALA H 287 -29.80 115.54 38.14
CA ALA H 287 -30.46 114.23 38.29
C ALA H 287 -30.63 113.87 39.78
N LYS H 288 -29.75 114.37 40.65
CA LYS H 288 -29.69 114.07 42.12
C LYS H 288 -30.61 115.00 42.93
N GLY H 289 -31.42 115.82 42.25
CA GLY H 289 -32.37 116.75 42.89
C GLY H 289 -31.67 117.96 43.48
N GLU H 290 -30.49 118.35 42.98
CA GLU H 290 -29.82 119.60 43.39
C GLU H 290 -30.39 120.77 42.60
N VAL H 291 -30.35 121.99 43.13
CA VAL H 291 -30.87 123.21 42.45
C VAL H 291 -29.74 124.23 42.41
N ALA H 292 -29.54 124.90 41.28
CA ALA H 292 -28.67 126.11 41.20
C ALA H 292 -29.38 127.21 40.42
N MET H 293 -29.25 128.44 40.89
CA MET H 293 -29.91 129.63 40.27
C MET H 293 -28.97 130.82 40.30
N PRO H 294 -27.73 130.69 39.78
CA PRO H 294 -26.78 131.81 39.78
C PRO H 294 -27.12 132.80 38.66
N TYR H 295 -26.77 134.07 38.88
CA TYR H 295 -26.93 135.15 37.89
C TYR H 295 -25.83 136.21 38.05
N ASN H 296 -25.45 136.88 36.97
CA ASN H 296 -24.41 137.93 37.00
C ASN H 296 -25.06 139.28 36.73
N THR H 297 -26.40 139.30 36.66
CA THR H 297 -27.25 140.51 36.59
C THR H 297 -27.48 141.05 38.02
N THR H 298 -28.05 142.25 38.13
CA THR H 298 -28.45 142.87 39.43
C THR H 298 -29.43 141.91 40.13
N GLY H 299 -30.34 141.34 39.37
CA GLY H 299 -31.42 140.51 39.90
C GLY H 299 -31.83 139.39 38.96
N MET H 300 -32.68 138.52 39.48
CA MET H 300 -33.37 137.52 38.65
C MET H 300 -34.61 137.03 39.41
N PHE H 301 -35.78 137.31 38.85
CA PHE H 301 -37.06 136.78 39.36
C PHE H 301 -36.99 135.26 39.34
N ARG H 302 -37.03 134.61 40.50
CA ARG H 302 -36.75 133.16 40.57
C ARG H 302 -37.49 132.52 41.72
N ALA H 303 -37.64 131.21 41.63
CA ALA H 303 -38.30 130.44 42.68
C ALA H 303 -37.87 128.99 42.56
N CYS H 304 -37.87 128.26 43.66
CA CYS H 304 -37.52 126.82 43.62
C CYS H 304 -38.17 126.09 44.79
N ALA H 305 -38.20 124.77 44.68
CA ALA H 305 -38.65 123.91 45.77
C ALA H 305 -38.04 122.53 45.63
N THR H 306 -37.92 121.84 46.76
CA THR H 306 -37.48 120.42 46.75
C THR H 306 -38.46 119.62 47.60
N GLU H 307 -38.57 118.33 47.32
CA GLU H 307 -39.38 117.38 48.10
C GLU H 307 -39.02 117.44 49.59
N ASP H 308 -37.76 117.77 49.92
CA ASP H 308 -37.25 117.88 51.32
C ASP H 308 -37.78 119.12 52.04
N GLY H 309 -38.77 119.81 51.47
CA GLY H 309 -39.55 120.84 52.19
C GLY H 309 -38.88 122.19 52.12
N TYR H 310 -37.94 122.34 51.19
CA TYR H 310 -37.34 123.66 50.86
C TYR H 310 -38.15 124.35 49.75
N SER H 311 -38.41 125.65 49.91
CA SER H 311 -39.02 126.49 48.85
C SER H 311 -38.54 127.92 49.03
N GLU H 312 -38.41 128.65 47.92
CA GLU H 312 -37.87 130.02 47.96
C GLU H 312 -38.43 130.79 46.77
N VAL H 313 -38.74 132.05 47.02
CA VAL H 313 -39.02 133.06 45.98
C VAL H 313 -38.08 134.22 46.23
N ALA H 314 -37.48 134.77 45.18
CA ALA H 314 -36.50 135.85 45.32
C ALA H 314 -36.34 136.66 44.04
N ILE H 315 -35.78 137.85 44.21
CA ILE H 315 -35.44 138.78 43.10
C ILE H 315 -33.94 139.11 43.20
N TRP H 316 -33.49 139.55 44.37
CA TRP H 316 -32.12 140.07 44.58
C TRP H 316 -31.29 139.08 45.40
N PRO H 317 -29.96 139.24 45.51
CA PRO H 317 -29.16 138.33 46.31
C PRO H 317 -29.57 138.41 47.79
N SER H 318 -29.42 137.32 48.53
CA SER H 318 -29.62 137.26 50.01
C SER H 318 -28.52 138.07 50.70
N GLY I 2 -37.23 -2.54 53.04
CA GLY I 2 -38.53 -1.91 52.79
C GLY I 2 -38.41 -0.85 51.70
N TRP I 3 -39.53 -0.28 51.27
CA TRP I 3 -39.51 0.69 50.15
C TRP I 3 -38.87 1.99 50.63
N ALA I 4 -38.37 2.80 49.69
CA ALA I 4 -37.90 4.17 49.98
C ALA I 4 -38.05 4.95 48.70
N ILE I 5 -38.14 6.25 48.84
CA ILE I 5 -38.31 7.19 47.71
C ILE I 5 -37.61 8.48 48.07
N ALA I 6 -36.96 9.07 47.08
CA ALA I 6 -36.47 10.45 47.18
C ALA I 6 -36.81 11.18 45.88
N LEU I 7 -36.97 12.49 45.99
CA LEU I 7 -37.22 13.35 44.81
C LEU I 7 -36.54 14.68 45.00
N HIS I 8 -36.34 15.43 43.91
CA HIS I 8 -35.69 16.75 43.99
C HIS I 8 -36.35 17.62 42.94
N GLY I 9 -36.29 18.94 43.17
CA GLY I 9 -36.63 20.02 42.24
C GLY I 9 -35.46 20.91 42.01
N GLY I 10 -34.25 20.35 42.06
CA GLY I 10 -33.02 21.01 41.59
C GLY I 10 -32.15 21.51 42.73
N ALA I 11 -30.84 21.50 42.51
CA ALA I 11 -29.84 22.11 43.43
C ALA I 11 -29.25 23.34 42.77
N GLY I 12 -28.85 24.31 43.58
CA GLY I 12 -28.23 25.57 43.12
C GLY I 12 -28.15 26.56 44.25
N ASP I 13 -27.88 27.81 43.90
CA ASP I 13 -27.70 28.91 44.88
C ASP I 13 -29.09 29.45 45.20
N ILE I 14 -29.83 28.69 46.00
CA ILE I 14 -31.20 29.06 46.44
C ILE I 14 -31.02 30.00 47.61
N PRO I 15 -31.30 31.33 47.44
CA PRO I 15 -30.99 32.31 48.47
C PRO I 15 -31.83 32.05 49.73
N LEU I 16 -31.20 32.17 50.89
CA LEU I 16 -31.85 31.98 52.21
C LEU I 16 -32.91 33.06 52.40
N SER I 17 -32.92 34.08 51.53
CA SER I 17 -33.88 35.22 51.52
C SER I 17 -35.03 34.93 50.54
N LEU I 18 -35.10 33.73 49.99
CA LEU I 18 -36.17 33.37 49.04
C LEU I 18 -37.50 33.79 49.66
N PRO I 19 -38.24 34.71 49.02
CA PRO I 19 -39.46 35.21 49.64
C PRO I 19 -40.48 34.10 49.89
N PRO I 20 -41.27 34.18 50.98
CA PRO I 20 -42.26 33.14 51.28
C PRO I 20 -43.13 32.80 50.06
N GLU I 21 -43.38 33.80 49.21
CA GLU I 21 -44.37 33.72 48.10
C GLU I 21 -43.81 32.75 47.06
N ARG I 22 -42.48 32.65 46.99
CA ARG I 22 -41.73 31.73 46.08
C ARG I 22 -41.41 30.41 46.80
N ARG I 23 -41.03 30.46 48.09
CA ARG I 23 -40.74 29.25 48.91
C ARG I 23 -41.96 28.31 48.98
N HIS I 24 -43.13 28.84 49.37
CA HIS I 24 -44.37 28.10 49.76
C HIS I 24 -44.81 27.13 48.66
N PRO I 25 -45.05 27.61 47.41
CA PRO I 25 -45.58 26.73 46.37
C PRO I 25 -44.56 25.62 46.04
N ARG I 26 -43.27 25.89 46.25
CA ARG I 26 -42.17 24.95 45.92
C ARG I 26 -42.15 23.86 47.00
N GLU I 27 -42.25 24.29 48.25
CA GLU I 27 -42.42 23.38 49.42
C GLU I 27 -43.69 22.54 49.24
N GLU I 28 -44.80 23.13 48.80
CA GLU I 28 -46.09 22.40 48.69
C GLU I 28 -45.96 21.36 47.54
N ALA I 29 -45.30 21.71 46.44
CA ALA I 29 -45.03 20.80 45.29
C ALA I 29 -44.21 19.57 45.75
N LEU I 30 -43.15 19.77 46.51
CA LEU I 30 -42.32 18.65 47.05
C LEU I 30 -43.20 17.75 47.92
N ARG I 31 -44.06 18.31 48.76
CA ARG I 31 -44.84 17.50 49.75
C ARG I 31 -45.87 16.69 48.96
N HIS I 32 -46.41 17.31 47.93
CA HIS I 32 -47.49 16.68 47.15
C HIS I 32 -46.88 15.54 46.34
N CYS I 33 -45.76 15.83 45.68
CA CYS I 33 -45.04 14.81 44.88
C CYS I 33 -44.61 13.66 45.80
N LEU I 34 -44.14 13.94 47.02
CA LEU I 34 -43.73 12.87 47.96
C LEU I 34 -44.96 12.00 48.31
N GLN I 35 -46.12 12.64 48.52
CA GLN I 35 -47.41 11.92 48.80
C GLN I 35 -47.76 11.03 47.60
N ILE I 36 -47.68 11.56 46.40
CA ILE I 36 -47.94 10.82 45.12
C ILE I 36 -47.07 9.56 45.09
N GLY I 37 -45.76 9.69 45.33
CA GLY I 37 -44.83 8.55 45.24
C GLY I 37 -45.08 7.54 46.35
N VAL I 38 -45.33 8.04 47.55
CA VAL I 38 -45.55 7.13 48.70
C VAL I 38 -46.85 6.37 48.45
N GLU I 39 -47.88 7.03 47.97
CA GLU I 39 -49.19 6.37 47.66
C GLU I 39 -48.93 5.29 46.63
N ALA I 40 -48.11 5.59 45.63
CA ALA I 40 -47.81 4.67 44.51
C ALA I 40 -47.07 3.42 45.04
N LEU I 41 -46.05 3.58 45.87
CA LEU I 41 -45.29 2.44 46.45
C LEU I 41 -46.22 1.59 47.34
N LYS I 42 -47.03 2.24 48.17
CA LYS I 42 -48.01 1.59 49.11
C LYS I 42 -49.07 0.87 48.27
N ALA I 43 -49.29 1.31 47.02
CA ALA I 43 -50.30 0.69 46.14
C ALA I 43 -49.66 -0.39 45.28
N LYS I 44 -48.42 -0.77 45.61
CA LYS I 44 -47.62 -1.84 44.95
C LYS I 44 -47.32 -1.47 43.49
N LEU I 45 -47.18 -0.18 43.13
CA LEU I 45 -46.62 0.16 41.78
C LEU I 45 -45.14 -0.19 41.77
N PRO I 46 -44.64 -0.79 40.68
CA PRO I 46 -43.21 -1.02 40.53
C PRO I 46 -42.46 0.30 40.57
N PRO I 47 -41.21 0.34 41.08
CA PRO I 47 -40.42 1.58 41.14
C PRO I 47 -40.30 2.29 39.79
N LEU I 48 -40.24 1.56 38.66
CA LEU I 48 -40.14 2.23 37.33
C LEU I 48 -41.40 3.09 37.10
N ASP I 49 -42.57 2.64 37.52
CA ASP I 49 -43.85 3.39 37.36
C ASP I 49 -43.90 4.49 38.42
N VAL I 50 -43.32 4.25 39.58
CA VAL I 50 -43.30 5.29 40.66
C VAL I 50 -42.50 6.49 40.19
N VAL I 51 -41.23 6.30 39.77
CA VAL I 51 -40.31 7.43 39.39
C VAL I 51 -40.90 8.17 38.18
N GLU I 52 -41.51 7.47 37.22
CA GLU I 52 -42.17 8.12 36.05
C GLU I 52 -43.34 8.95 36.54
N ARG I 53 -44.16 8.42 37.44
CA ARG I 53 -45.35 9.16 37.93
C ARG I 53 -44.91 10.45 38.65
N VAL I 54 -43.90 10.38 39.51
CA VAL I 54 -43.43 11.54 40.32
C VAL I 54 -42.81 12.58 39.37
N VAL I 55 -41.98 12.12 38.46
CA VAL I 55 -41.30 13.07 37.54
C VAL I 55 -42.32 13.75 36.62
N ARG I 56 -43.36 13.06 36.12
CA ARG I 56 -44.46 13.71 35.38
C ARG I 56 -45.03 14.86 36.20
N GLU I 57 -45.27 14.67 37.49
CA GLU I 57 -45.87 15.74 38.32
C GLU I 57 -44.89 16.92 38.44
N LEU I 58 -43.61 16.63 38.67
CA LEU I 58 -42.54 17.65 38.82
C LEU I 58 -42.36 18.42 37.51
N GLU I 59 -42.48 17.75 36.36
CA GLU I 59 -42.46 18.39 35.02
C GLU I 59 -43.65 19.38 34.92
N ASN I 60 -44.83 19.04 35.43
CA ASN I 60 -46.09 19.84 35.25
C ASN I 60 -46.08 21.05 36.21
N ILE I 61 -45.28 21.03 37.27
CA ILE I 61 -45.13 22.16 38.23
C ILE I 61 -44.29 23.26 37.58
N PRO I 62 -44.86 24.46 37.29
CA PRO I 62 -44.16 25.52 36.57
C PRO I 62 -42.99 26.16 37.31
N GLN I 63 -42.93 25.98 38.63
CA GLN I 63 -41.86 26.50 39.50
C GLN I 63 -40.59 25.66 39.36
N PHE I 64 -40.65 24.47 38.76
CA PHE I 64 -39.44 23.62 38.56
C PHE I 64 -39.07 23.54 37.06
N ASN I 65 -37.76 23.59 36.85
CA ASN I 65 -37.02 23.55 35.56
C ASN I 65 -37.02 22.13 34.95
N ALA I 66 -38.17 21.76 34.40
CA ALA I 66 -38.48 20.51 33.68
C ALA I 66 -39.88 20.73 33.13
N GLY I 67 -40.27 20.18 31.99
CA GLY I 67 -41.62 20.37 31.44
C GLY I 67 -42.01 21.84 31.44
N LYS I 68 -43.23 22.16 31.87
CA LYS I 68 -43.62 23.58 32.00
C LYS I 68 -42.74 24.26 33.05
N GLY I 69 -42.13 25.39 32.69
CA GLY I 69 -41.20 26.11 33.57
C GLY I 69 -39.76 25.69 33.32
N SER I 70 -39.51 24.95 32.24
CA SER I 70 -38.15 24.77 31.66
C SER I 70 -37.47 26.13 31.45
N VAL I 71 -36.19 26.19 31.73
CA VAL I 71 -35.36 27.39 31.42
C VAL I 71 -35.23 27.54 29.90
N LEU I 72 -34.90 28.75 29.45
CA LEU I 72 -34.89 29.08 28.02
C LEU I 72 -33.48 28.98 27.45
N THR I 73 -33.44 28.52 26.21
CA THR I 73 -32.20 28.57 25.37
C THR I 73 -31.80 30.03 25.15
N SER I 74 -30.61 30.25 24.60
CA SER I 74 -30.13 31.58 24.13
C SER I 74 -31.14 32.25 23.18
N ASN I 75 -31.90 31.45 22.43
CA ASN I 75 -32.95 31.86 21.46
C ASN I 75 -34.36 32.00 22.09
N GLY I 76 -34.50 32.02 23.42
CA GLY I 76 -35.81 32.20 24.08
C GLY I 76 -36.75 31.02 23.87
N THR I 77 -36.23 29.82 23.58
CA THR I 77 -37.03 28.59 23.35
C THR I 77 -36.77 27.57 24.47
N VAL I 78 -37.62 26.58 24.54
CA VAL I 78 -37.53 25.39 25.44
C VAL I 78 -37.03 24.18 24.64
N GLU I 79 -36.06 23.52 25.22
CA GLU I 79 -35.48 22.27 24.68
C GLU I 79 -35.34 21.37 25.89
N MET I 80 -36.22 20.37 25.96
CA MET I 80 -36.40 19.55 27.19
C MET I 80 -35.71 18.20 26.98
N GLU I 81 -35.21 17.64 28.07
CA GLU I 81 -34.50 16.33 28.08
C GLU I 81 -34.74 15.55 29.38
N ALA I 82 -34.66 14.22 29.31
CA ALA I 82 -34.95 13.35 30.45
C ALA I 82 -34.32 11.99 30.22
N SER I 83 -34.15 11.24 31.30
CA SER I 83 -33.75 9.82 31.21
C SER I 83 -34.32 9.06 32.38
N ILE I 84 -34.49 7.75 32.17
CA ILE I 84 -35.08 6.75 33.11
C ILE I 84 -34.26 5.48 33.03
N MET I 85 -34.03 4.85 34.19
CA MET I 85 -33.31 3.57 34.22
C MET I 85 -33.95 2.62 35.26
N ASP I 86 -34.14 1.38 34.83
CA ASP I 86 -34.55 0.28 35.73
C ASP I 86 -33.30 -0.46 36.19
N GLY I 87 -33.10 -0.58 37.49
CA GLY I 87 -31.87 -1.13 38.09
C GLY I 87 -31.76 -2.63 38.03
N THR I 88 -32.87 -3.34 37.95
CA THR I 88 -32.96 -4.83 37.91
C THR I 88 -32.48 -5.34 36.55
N THR I 89 -32.91 -4.72 35.44
CA THR I 89 -32.60 -5.09 34.03
C THR I 89 -31.46 -4.24 33.46
N MET I 90 -31.22 -3.10 34.08
CA MET I 90 -30.41 -1.98 33.55
C MET I 90 -30.92 -1.53 32.17
N ASP I 91 -32.21 -1.76 31.91
CA ASP I 91 -32.99 -1.14 30.80
C ASP I 91 -32.99 0.37 31.01
N CYS I 92 -32.88 1.15 29.95
CA CYS I 92 -32.94 2.62 30.08
C CYS I 92 -33.45 3.29 28.81
N GLY I 93 -33.90 4.52 29.02
CA GLY I 93 -34.43 5.39 27.97
C GLY I 93 -34.02 6.81 28.23
N ALA I 94 -33.89 7.57 27.14
CA ALA I 94 -33.48 8.97 27.12
C ALA I 94 -34.03 9.69 25.90
N VAL I 95 -34.33 10.97 26.12
CA VAL I 95 -34.75 11.94 25.08
C VAL I 95 -34.03 13.27 25.31
N SER I 96 -33.73 13.98 24.22
CA SER I 96 -33.21 15.37 24.22
C SER I 96 -33.97 16.15 23.14
N GLY I 97 -33.99 17.47 23.29
CA GLY I 97 -34.42 18.38 22.21
C GLY I 97 -35.93 18.39 22.05
N LEU I 98 -36.67 18.16 23.12
CA LEU I 98 -38.16 18.13 23.02
C LEU I 98 -38.66 19.57 23.13
N THR I 99 -39.58 19.96 22.25
CA THR I 99 -40.14 21.34 22.17
C THR I 99 -41.66 21.33 22.45
N THR I 100 -42.39 20.21 22.29
CA THR I 100 -43.88 20.21 22.38
C THR I 100 -44.42 19.10 23.27
N VAL I 101 -43.58 18.13 23.62
CA VAL I 101 -44.00 16.97 24.43
C VAL I 101 -44.24 17.44 25.87
N VAL I 102 -45.42 17.18 26.42
CA VAL I 102 -45.80 17.64 27.79
C VAL I 102 -44.94 16.94 28.84
N ASN I 103 -44.74 15.62 28.70
CA ASN I 103 -43.98 14.84 29.68
C ASN I 103 -42.78 14.13 29.02
N ALA I 104 -41.60 14.75 29.08
CA ALA I 104 -40.35 14.20 28.50
C ALA I 104 -40.08 12.85 29.13
N ILE I 105 -40.21 12.68 30.46
CA ILE I 105 -39.85 11.39 31.12
C ILE I 105 -40.63 10.21 30.53
N SER I 106 -41.91 10.38 30.17
CA SER I 106 -42.77 9.30 29.63
C SER I 106 -42.30 8.97 28.21
N LEU I 107 -41.75 9.94 27.47
CA LEU I 107 -41.22 9.69 26.11
C LEU I 107 -39.90 8.90 26.25
N ALA I 108 -39.05 9.22 27.24
CA ALA I 108 -37.85 8.42 27.57
C ALA I 108 -38.26 6.97 27.87
N ARG I 109 -39.30 6.77 28.70
CA ARG I 109 -39.82 5.42 28.99
C ARG I 109 -40.30 4.73 27.72
N LEU I 110 -40.96 5.45 26.81
CA LEU I 110 -41.45 4.77 25.58
C LEU I 110 -40.28 4.44 24.61
N VAL I 111 -39.20 5.21 24.55
CA VAL I 111 -38.03 4.80 23.71
C VAL I 111 -37.54 3.44 24.21
N MET I 112 -37.36 3.32 25.52
CA MET I 112 -36.92 2.09 26.20
C MET I 112 -37.87 0.93 25.82
N GLU I 113 -39.18 1.16 25.88
CA GLU I 113 -40.17 0.05 25.77
C GLU I 113 -40.46 -0.28 24.30
N LYS I 114 -40.46 0.69 23.39
CA LYS I 114 -41.12 0.53 22.07
C LYS I 114 -40.11 0.52 20.93
N THR I 115 -38.82 0.76 21.18
CA THR I 115 -37.76 0.79 20.15
C THR I 115 -36.63 -0.14 20.54
N PRO I 116 -35.72 -0.48 19.60
CA PRO I 116 -34.47 -1.14 19.97
C PRO I 116 -33.38 -0.17 20.45
N HIS I 117 -33.73 1.10 20.69
CA HIS I 117 -32.75 2.14 21.09
C HIS I 117 -33.02 2.60 22.51
N ILE I 118 -32.05 3.33 23.06
CA ILE I 118 -32.12 4.01 24.37
C ILE I 118 -32.47 5.47 24.16
N TYR I 119 -31.88 6.14 23.16
CA TYR I 119 -31.78 7.62 23.17
C TYR I 119 -32.20 8.18 21.82
N LEU I 120 -33.33 8.91 21.79
CA LEU I 120 -33.78 9.72 20.60
C LEU I 120 -33.70 11.20 20.94
N ALA I 121 -33.32 12.07 19.98
CA ALA I 121 -33.17 13.51 20.22
C ALA I 121 -33.76 14.34 19.07
N PHE I 122 -34.26 15.51 19.42
CA PHE I 122 -34.66 16.62 18.51
C PHE I 122 -35.72 16.13 17.50
N ASP I 123 -35.63 16.43 16.20
CA ASP I 123 -36.73 16.14 15.25
C ASP I 123 -37.17 14.68 15.33
N GLY I 124 -36.24 13.74 15.39
CA GLY I 124 -36.61 12.32 15.43
C GLY I 124 -37.29 11.92 16.74
N ALA I 125 -36.95 12.53 17.88
CA ALA I 125 -37.66 12.32 19.16
C ALA I 125 -39.10 12.86 19.05
N GLU I 126 -39.29 14.03 18.43
CA GLU I 126 -40.63 14.69 18.26
C GLU I 126 -41.47 13.86 17.28
N GLU I 127 -40.86 13.27 16.24
CA GLU I 127 -41.57 12.38 15.30
C GLU I 127 -42.01 11.14 16.06
N PHE I 128 -41.13 10.54 16.87
CA PHE I 128 -41.47 9.30 17.62
C PHE I 128 -42.68 9.61 18.54
N ALA I 129 -42.66 10.74 19.22
CA ALA I 129 -43.75 11.23 20.10
C ALA I 129 -45.10 11.18 19.36
N ARG I 130 -45.13 11.69 18.14
CA ARG I 130 -46.37 11.72 17.32
C ARG I 130 -46.78 10.29 16.93
N GLN I 131 -45.84 9.44 16.49
CA GLN I 131 -46.10 7.99 16.23
C GLN I 131 -46.77 7.38 17.46
N GLN I 132 -46.29 7.75 18.64
CA GLN I 132 -46.72 7.15 19.92
C GLN I 132 -48.03 7.78 20.42
N GLY I 133 -48.45 8.92 19.86
CA GLY I 133 -49.71 9.59 20.24
C GLY I 133 -49.67 10.20 21.63
N VAL I 134 -48.47 10.56 22.13
CA VAL I 134 -48.33 11.21 23.47
C VAL I 134 -48.87 12.65 23.39
N GLU I 135 -49.18 13.22 24.54
CA GLU I 135 -49.79 14.56 24.63
C GLU I 135 -48.70 15.58 24.22
N THR I 136 -49.04 16.48 23.30
CA THR I 136 -48.18 17.63 22.93
C THR I 136 -49.01 18.92 22.95
N LEU I 137 -48.33 20.05 23.06
CA LEU I 137 -48.91 21.41 23.20
C LEU I 137 -47.98 22.36 22.44
N ASP I 138 -48.48 23.53 22.06
CA ASP I 138 -47.62 24.57 21.47
C ASP I 138 -46.42 24.81 22.39
N SER I 139 -45.24 25.06 21.83
CA SER I 139 -44.01 25.36 22.61
C SER I 139 -44.26 26.52 23.60
N SER I 140 -45.14 27.49 23.28
CA SER I 140 -45.37 28.66 24.17
C SER I 140 -45.93 28.19 25.52
N HIS I 141 -46.61 27.05 25.58
CA HIS I 141 -47.15 26.50 26.85
C HIS I 141 -46.03 26.38 27.89
N PHE I 142 -44.79 26.01 27.50
CA PHE I 142 -43.74 25.57 28.44
C PHE I 142 -43.00 26.78 28.99
N ILE I 143 -43.14 27.93 28.31
CA ILE I 143 -42.42 29.19 28.64
C ILE I 143 -43.19 29.93 29.75
N THR I 144 -42.54 30.31 30.85
CA THR I 144 -43.15 31.12 31.93
C THR I 144 -42.54 32.53 31.92
N ALA I 145 -43.22 33.52 32.49
CA ALA I 145 -42.68 34.88 32.67
C ALA I 145 -41.39 34.84 33.48
N GLU I 146 -41.38 34.07 34.55
CA GLU I 146 -40.17 33.88 35.40
C GLU I 146 -38.98 33.56 34.46
N ASN I 147 -39.16 32.65 33.51
CA ASN I 147 -37.99 32.19 32.70
C ASN I 147 -37.59 33.20 31.63
N ILE I 148 -38.53 34.00 31.11
CA ILE I 148 -38.23 35.17 30.23
C ILE I 148 -37.35 36.15 31.01
N GLU I 149 -37.73 36.48 32.25
CA GLU I 149 -36.95 37.39 33.13
C GLU I 149 -35.56 36.78 33.38
N ARG I 150 -35.52 35.47 33.67
CA ARG I 150 -34.29 34.72 33.99
C ARG I 150 -33.31 34.84 32.83
N LEU I 151 -33.79 34.69 31.60
CA LEU I 151 -32.95 34.75 30.38
C LEU I 151 -32.44 36.17 30.19
N LYS I 152 -33.31 37.15 30.44
CA LYS I 152 -32.94 38.59 30.37
C LYS I 152 -31.74 38.81 31.30
N GLN I 153 -31.82 38.33 32.54
CA GLN I 153 -30.78 38.50 33.58
C GLN I 153 -29.49 37.79 33.15
N ALA I 154 -29.62 36.58 32.59
CA ALA I 154 -28.44 35.79 32.15
C ALA I 154 -27.71 36.54 31.04
N LYS I 155 -28.41 37.03 30.02
CA LYS I 155 -27.78 37.68 28.85
C LYS I 155 -27.07 38.97 29.31
N GLU I 156 -27.60 39.62 30.35
CA GLU I 156 -27.06 40.88 30.94
C GLU I 156 -25.76 40.56 31.68
N ALA I 157 -25.82 39.63 32.64
CA ALA I 157 -24.65 39.12 33.38
C ALA I 157 -23.61 38.61 32.38
N ASN I 158 -24.07 37.97 31.30
CA ASN I 158 -23.19 37.47 30.21
C ASN I 158 -23.06 38.56 29.13
N THR I 187 -33.82 21.12 36.70
CA THR I 187 -33.82 19.65 36.87
C THR I 187 -34.78 19.19 37.94
N VAL I 188 -35.44 18.05 37.72
CA VAL I 188 -36.28 17.38 38.76
C VAL I 188 -35.88 15.92 38.66
N GLY I 189 -36.11 15.18 39.74
CA GLY I 189 -35.81 13.74 39.72
C GLY I 189 -36.56 12.98 40.76
N CYS I 190 -36.56 11.67 40.59
CA CYS I 190 -37.16 10.74 41.57
C CYS I 190 -36.43 9.42 41.51
N VAL I 191 -36.09 8.86 42.67
CA VAL I 191 -35.45 7.55 42.80
C VAL I 191 -36.33 6.73 43.73
N ALA I 192 -36.48 5.42 43.46
CA ALA I 192 -37.32 4.58 44.34
C ALA I 192 -36.84 3.15 44.38
N VAL I 193 -37.10 2.51 45.50
CA VAL I 193 -36.84 1.06 45.69
C VAL I 193 -38.08 0.46 46.36
N ASP I 194 -38.43 -0.77 46.00
CA ASP I 194 -39.59 -1.44 46.66
C ASP I 194 -39.03 -2.32 47.77
N GLY I 195 -39.90 -3.10 48.43
CA GLY I 195 -39.51 -4.04 49.50
C GLY I 195 -38.71 -5.24 49.00
N ASN I 196 -38.66 -5.46 47.68
CA ASN I 196 -37.95 -6.61 47.04
C ASN I 196 -36.60 -6.22 46.44
N GLY I 197 -36.14 -4.98 46.64
CA GLY I 197 -34.80 -4.53 46.23
C GLY I 197 -34.77 -3.97 44.80
N ASN I 198 -35.92 -3.91 44.12
CA ASN I 198 -36.08 -3.39 42.74
C ASN I 198 -35.91 -1.87 42.75
N LEU I 199 -35.04 -1.33 41.92
CA LEU I 199 -34.62 0.10 41.97
C LEU I 199 -34.94 0.78 40.65
N ALA I 200 -35.22 2.09 40.68
CA ALA I 200 -35.41 2.87 39.44
C ALA I 200 -35.00 4.30 39.69
N SER I 201 -34.60 4.99 38.63
CA SER I 201 -34.24 6.40 38.64
C SER I 201 -34.88 7.11 37.44
N ALA I 202 -35.44 8.31 37.68
CA ALA I 202 -35.92 9.20 36.60
C ALA I 202 -35.43 10.64 36.81
N THR I 203 -35.02 11.34 35.75
CA THR I 203 -34.51 12.75 35.80
C THR I 203 -35.04 13.49 34.54
N SER I 204 -35.53 14.71 34.70
CA SER I 204 -36.09 15.57 33.62
C SER I 204 -35.64 17.02 33.81
N THR I 205 -35.42 17.76 32.73
CA THR I 205 -34.86 19.10 32.90
C THR I 205 -35.19 19.98 31.71
N GLY I 206 -35.10 21.31 31.89
CA GLY I 206 -34.98 22.26 30.78
C GLY I 206 -33.53 22.60 30.48
N GLY I 207 -32.61 22.21 31.35
CA GLY I 207 -31.16 22.43 31.18
C GLY I 207 -30.70 23.72 31.84
N LEU I 208 -29.89 24.52 31.15
CA LEU I 208 -29.17 25.68 31.70
C LEU I 208 -29.69 26.93 31.02
N VAL I 209 -30.07 27.95 31.78
CA VAL I 209 -30.58 29.24 31.21
C VAL I 209 -29.52 29.80 30.23
N ASN I 210 -29.95 30.22 29.04
CA ASN I 210 -29.13 30.85 27.98
C ASN I 210 -28.20 29.79 27.33
N LYS I 211 -28.55 28.50 27.41
CA LYS I 211 -27.77 27.45 26.70
C LYS I 211 -27.87 27.66 25.18
N MET I 212 -26.82 27.26 24.45
CA MET I 212 -26.85 27.26 22.99
C MET I 212 -27.94 26.28 22.59
N VAL I 213 -28.68 26.62 21.53
CA VAL I 213 -29.69 25.70 20.92
C VAL I 213 -28.94 24.41 20.57
N GLY I 214 -29.56 23.28 20.93
CA GLY I 214 -28.99 21.96 20.69
C GLY I 214 -28.00 21.52 21.75
N ARG I 215 -27.79 22.30 22.82
CA ARG I 215 -26.92 21.87 23.94
C ARG I 215 -27.59 20.67 24.67
N ILE I 216 -26.81 19.61 24.89
CA ILE I 216 -27.19 18.47 25.75
C ILE I 216 -26.44 18.54 27.09
N GLY I 217 -27.18 18.39 28.21
CA GLY I 217 -26.60 18.39 29.55
C GLY I 217 -26.43 16.99 30.12
N ASP I 218 -26.29 16.86 31.43
CA ASP I 218 -26.09 15.54 32.11
C ASP I 218 -27.38 14.72 32.25
N THR I 219 -28.55 15.37 32.24
CA THR I 219 -29.85 14.75 32.58
C THR I 219 -30.13 13.53 31.74
N PRO I 220 -29.98 13.58 30.39
CA PRO I 220 -30.34 12.45 29.56
C PRO I 220 -29.23 11.38 29.42
N LEU I 221 -28.04 11.60 29.99
CA LEU I 221 -26.83 10.77 29.81
C LEU I 221 -26.82 9.76 30.95
N ILE I 222 -27.00 8.49 30.56
CA ILE I 222 -26.95 7.37 31.51
C ILE I 222 -25.54 7.34 32.10
N GLY I 223 -25.45 7.43 33.42
CA GLY I 223 -24.18 7.44 34.18
C GLY I 223 -23.79 8.82 34.59
N ALA I 224 -24.39 9.88 34.02
CA ALA I 224 -24.15 11.28 34.46
C ALA I 224 -25.29 11.72 35.39
N GLY I 225 -26.45 12.07 34.82
CA GLY I 225 -27.66 12.52 35.52
C GLY I 225 -28.41 11.38 36.18
N THR I 226 -28.45 10.21 35.57
CA THR I 226 -29.34 9.09 35.94
C THR I 226 -28.56 7.78 35.91
N TYR I 227 -28.77 6.95 36.91
CA TYR I 227 -28.25 5.57 36.87
C TYR I 227 -29.02 4.72 37.88
N ALA I 228 -29.23 3.45 37.57
CA ALA I 228 -29.70 2.50 38.59
C ALA I 228 -29.10 1.15 38.23
N ASP I 229 -28.77 0.37 39.25
CA ASP I 229 -28.25 -1.02 39.08
C ASP I 229 -28.87 -1.87 40.20
N ALA I 230 -28.29 -3.05 40.48
CA ALA I 230 -28.73 -3.97 41.56
C ALA I 230 -28.60 -3.33 42.95
N ARG I 231 -27.68 -2.37 43.13
CA ARG I 231 -27.30 -1.81 44.46
C ARG I 231 -27.89 -0.43 44.75
N CYS I 232 -28.05 0.46 43.78
CA CYS I 232 -28.57 1.83 44.06
C CYS I 232 -29.27 2.43 42.84
N ALA I 233 -29.96 3.55 43.08
CA ALA I 233 -30.59 4.40 42.06
C ALA I 233 -30.26 5.84 42.43
N VAL I 234 -29.80 6.59 41.43
CA VAL I 234 -29.24 7.96 41.62
C VAL I 234 -29.85 8.89 40.59
N SER I 235 -30.26 10.07 41.03
CA SER I 235 -30.63 11.18 40.15
C SER I 235 -29.83 12.40 40.62
N ALA I 236 -29.03 12.96 39.72
CA ALA I 236 -28.19 14.14 40.01
C ALA I 236 -28.81 15.42 39.47
N THR I 237 -28.28 16.54 39.94
CA THR I 237 -28.73 17.90 39.54
C THR I 237 -27.66 18.93 39.87
N GLY I 238 -27.53 19.93 39.03
CA GLY I 238 -26.55 21.02 39.19
C GLY I 238 -26.03 21.49 37.85
N LYS I 239 -24.74 21.82 37.78
CA LYS I 239 -24.11 22.33 36.53
C LYS I 239 -23.81 21.10 35.66
N GLY I 240 -24.59 20.92 34.60
CA GLY I 240 -24.57 19.72 33.72
C GLY I 240 -23.18 19.34 33.24
N GLU I 241 -22.37 20.30 32.81
CA GLU I 241 -21.06 20.01 32.18
C GLU I 241 -20.18 19.38 33.26
N ALA I 242 -20.25 19.84 34.52
CA ALA I 242 -19.46 19.24 35.62
C ALA I 242 -19.94 17.80 35.89
N ILE I 243 -21.23 17.54 35.72
CA ILE I 243 -21.84 16.24 36.12
C ILE I 243 -21.48 15.22 35.03
N ILE I 244 -21.48 15.69 33.79
CA ILE I 244 -21.04 14.86 32.64
C ILE I 244 -19.57 14.49 32.86
N ARG I 245 -18.72 15.50 33.06
CA ARG I 245 -17.26 15.31 33.20
C ARG I 245 -17.01 14.35 34.37
N GLY I 246 -17.80 14.47 35.44
CA GLY I 246 -17.64 13.73 36.71
C GLY I 246 -18.42 12.40 36.75
N THR I 247 -19.11 12.01 35.67
CA THR I 247 -19.94 10.78 35.53
C THR I 247 -20.64 10.50 36.86
N VAL I 248 -21.32 11.49 37.39
CA VAL I 248 -21.64 11.52 38.86
C VAL I 248 -22.47 10.29 39.26
N ALA I 249 -23.55 9.98 38.54
CA ALA I 249 -24.51 8.94 38.97
C ALA I 249 -23.83 7.56 38.89
N ARG I 250 -22.99 7.36 37.87
CA ARG I 250 -22.20 6.12 37.73
C ARG I 250 -21.20 6.00 38.88
N ASP I 251 -20.57 7.09 39.28
CA ASP I 251 -19.46 7.08 40.26
C ASP I 251 -20.02 6.65 41.64
N VAL I 252 -21.22 7.08 42.01
CA VAL I 252 -21.87 6.65 43.28
C VAL I 252 -22.01 5.13 43.27
N ALA I 253 -22.53 4.56 42.18
CA ALA I 253 -22.74 3.11 42.04
C ALA I 253 -21.38 2.39 42.00
N ALA I 254 -20.39 2.99 41.35
CA ALA I 254 -19.00 2.44 41.21
C ALA I 254 -18.32 2.35 42.58
N LEU I 255 -18.44 3.39 43.40
CA LEU I 255 -17.84 3.37 44.76
C LEU I 255 -18.48 2.28 45.62
N MET I 256 -19.79 2.04 45.48
CA MET I 256 -20.48 1.00 46.28
C MET I 256 -20.04 -0.38 45.78
N GLU I 257 -19.93 -0.59 44.47
CA GLU I 257 -19.58 -1.94 43.96
C GLU I 257 -18.07 -2.20 44.12
N PHE I 258 -17.23 -1.22 43.80
CA PHE I 258 -15.76 -1.43 43.66
C PHE I 258 -15.03 -1.19 44.99
N LYS I 259 -15.53 -0.31 45.88
CA LYS I 259 -14.89 -0.05 47.21
C LYS I 259 -15.75 -0.64 48.34
N GLY I 260 -16.88 -1.26 48.04
CA GLY I 260 -17.87 -1.69 49.05
C GLY I 260 -18.32 -0.55 49.95
N LEU I 261 -18.29 0.71 49.50
CA LEU I 261 -18.81 1.85 50.30
C LEU I 261 -20.32 1.69 50.45
N SER I 262 -20.85 2.12 51.59
CA SER I 262 -22.31 2.24 51.79
C SER I 262 -22.85 3.35 50.86
N LEU I 263 -24.16 3.37 50.65
CA LEU I 263 -24.86 4.46 49.91
C LEU I 263 -24.47 5.83 50.49
N GLU I 264 -24.63 6.01 51.79
CA GLU I 264 -24.20 7.25 52.48
C GLU I 264 -22.77 7.66 52.10
N GLU I 265 -21.81 6.74 52.28
CA GLU I 265 -20.36 7.00 52.09
C GLU I 265 -20.08 7.37 50.63
N ALA I 266 -20.67 6.60 49.72
CA ALA I 266 -20.49 6.76 48.26
C ALA I 266 -21.05 8.12 47.81
N ALA I 267 -22.31 8.41 48.13
CA ALA I 267 -22.97 9.69 47.79
C ALA I 267 -22.21 10.88 48.41
N THR I 268 -21.83 10.82 49.71
CA THR I 268 -21.03 11.89 50.37
C THR I 268 -19.71 12.13 49.66
N CYS I 269 -18.99 11.06 49.34
CA CYS I 269 -17.68 11.12 48.68
C CYS I 269 -17.80 11.87 47.35
N VAL I 270 -18.76 11.48 46.52
CA VAL I 270 -18.91 12.08 45.16
C VAL I 270 -19.23 13.57 45.32
N VAL I 271 -20.11 13.91 46.25
CA VAL I 271 -20.66 15.28 46.34
C VAL I 271 -19.64 16.18 47.04
N HIS I 272 -19.08 15.73 48.17
CA HIS I 272 -18.28 16.58 49.09
C HIS I 272 -16.76 16.38 48.87
N GLU I 273 -16.33 15.28 48.26
CA GLU I 273 -14.87 15.04 48.06
C GLU I 273 -14.50 15.21 46.58
N ARG I 274 -15.31 14.75 45.62
CA ARG I 274 -14.82 14.50 44.24
C ARG I 274 -15.29 15.58 43.26
N THR I 275 -16.23 16.46 43.64
CA THR I 275 -16.86 17.47 42.74
C THR I 275 -16.73 18.85 43.37
N PRO I 276 -16.53 19.92 42.56
CA PRO I 276 -16.32 21.24 43.13
C PRO I 276 -17.57 21.74 43.88
N LYS I 277 -17.34 22.52 44.93
CA LYS I 277 -18.35 23.31 45.67
C LYS I 277 -19.28 24.04 44.68
N GLY I 278 -20.59 24.13 45.00
CA GLY I 278 -21.61 24.92 44.27
C GLY I 278 -21.99 24.32 42.92
N THR I 279 -21.69 23.05 42.64
CA THR I 279 -21.92 22.52 41.28
C THR I 279 -22.99 21.43 41.29
N LEU I 280 -23.24 20.75 42.43
CA LEU I 280 -23.90 19.42 42.41
C LEU I 280 -24.72 19.10 43.67
N GLY I 281 -25.90 18.51 43.44
CA GLY I 281 -26.65 17.77 44.47
C GLY I 281 -27.11 16.46 43.86
N LEU I 282 -27.45 15.49 44.69
CA LEU I 282 -28.04 14.25 44.13
C LEU I 282 -28.95 13.62 45.17
N ILE I 283 -29.81 12.71 44.72
CA ILE I 283 -30.62 11.84 45.62
C ILE I 283 -30.29 10.42 45.23
N ALA I 284 -30.32 9.54 46.21
CA ALA I 284 -29.98 8.12 45.97
C ALA I 284 -30.75 7.27 46.96
N VAL I 285 -31.13 6.07 46.52
CA VAL I 285 -31.66 4.98 47.37
C VAL I 285 -30.85 3.72 47.12
N SER I 286 -30.73 2.86 48.13
CA SER I 286 -30.05 1.54 48.03
C SER I 286 -31.08 0.43 47.92
N ALA I 287 -30.67 -0.74 47.42
CA ALA I 287 -31.49 -1.96 47.34
C ALA I 287 -32.01 -2.33 48.74
N LYS I 288 -31.36 -1.86 49.79
CA LYS I 288 -31.74 -2.16 51.21
C LYS I 288 -32.74 -1.12 51.78
N GLY I 289 -33.10 -0.07 51.03
CA GLY I 289 -34.06 0.98 51.46
C GLY I 289 -33.40 2.12 52.20
N GLU I 290 -32.10 2.31 52.04
CA GLU I 290 -31.38 3.49 52.57
C GLU I 290 -31.67 4.66 51.64
N VAL I 291 -31.57 5.89 52.14
CA VAL I 291 -31.75 7.12 51.32
C VAL I 291 -30.60 8.09 51.63
N ALA I 292 -30.11 8.80 50.62
CA ALA I 292 -29.07 9.83 50.78
C ALA I 292 -29.42 10.99 49.87
N MET I 293 -29.31 12.23 50.37
CA MET I 293 -29.57 13.43 49.53
C MET I 293 -28.52 14.50 49.76
N PRO I 294 -27.21 14.19 49.58
CA PRO I 294 -26.17 15.21 49.74
C PRO I 294 -26.13 16.23 48.59
N TYR I 295 -25.76 17.48 48.87
CA TYR I 295 -25.55 18.54 47.86
C TYR I 295 -24.42 19.45 48.34
N ASN I 296 -23.65 20.02 47.39
CA ASN I 296 -22.52 20.97 47.68
C ASN I 296 -22.98 22.39 47.35
N THR I 297 -24.25 22.57 47.01
CA THR I 297 -24.83 23.88 46.69
C THR I 297 -25.39 24.50 47.97
N THR I 298 -25.89 25.72 47.90
CA THR I 298 -26.55 26.44 49.01
C THR I 298 -27.83 25.71 49.44
N GLY I 299 -28.52 25.12 48.47
CA GLY I 299 -29.83 24.51 48.65
C GLY I 299 -30.04 23.36 47.67
N MET I 300 -31.05 22.55 47.96
CA MET I 300 -31.60 21.59 46.98
C MET I 300 -33.03 21.30 47.44
N PHE I 301 -34.00 21.62 46.58
CA PHE I 301 -35.44 21.32 46.83
C PHE I 301 -35.50 19.79 46.86
N ARG I 302 -35.88 19.23 48.00
CA ARG I 302 -35.81 17.75 48.17
C ARG I 302 -36.85 17.21 49.15
N ALA I 303 -37.14 15.91 49.01
CA ALA I 303 -38.11 15.21 49.87
C ALA I 303 -37.74 13.75 49.86
N CYS I 304 -38.12 13.04 50.90
CA CYS I 304 -37.92 11.58 50.89
C CYS I 304 -38.85 10.95 51.92
N ALA I 305 -39.05 9.65 51.78
CA ALA I 305 -39.84 8.84 52.72
C ALA I 305 -39.31 7.40 52.68
N THR I 306 -39.36 6.71 53.84
CA THR I 306 -38.99 5.29 53.92
C THR I 306 -40.09 4.52 54.64
N GLU I 307 -40.19 3.23 54.32
CA GLU I 307 -41.17 2.32 54.96
C GLU I 307 -40.88 2.30 56.46
N ASP I 308 -39.61 2.50 56.85
CA ASP I 308 -39.11 2.60 58.26
C ASP I 308 -39.73 3.77 59.04
N GLY I 309 -40.45 4.67 58.39
CA GLY I 309 -41.19 5.76 59.05
C GLY I 309 -40.43 7.08 59.03
N TYR I 310 -39.33 7.17 58.28
CA TYR I 310 -38.63 8.47 58.09
C TYR I 310 -39.30 9.20 56.90
N SER I 311 -39.64 10.49 57.05
CA SER I 311 -39.95 11.36 55.89
C SER I 311 -39.43 12.76 56.15
N GLU I 312 -39.12 13.51 55.09
CA GLU I 312 -38.51 14.85 55.20
C GLU I 312 -38.84 15.61 53.92
N VAL I 313 -39.17 16.88 54.11
CA VAL I 313 -39.18 17.91 53.04
C VAL I 313 -38.23 19.01 53.48
N ALA I 314 -37.40 19.50 52.57
CA ALA I 314 -36.38 20.51 52.88
C ALA I 314 -35.98 21.30 51.63
N ILE I 315 -35.32 22.42 51.88
CA ILE I 315 -34.66 23.28 50.86
C ILE I 315 -33.22 23.54 51.29
N TRP I 316 -33.02 24.00 52.52
CA TRP I 316 -31.69 24.34 53.08
C TRP I 316 -31.25 23.24 54.03
N PRO I 317 -29.98 23.27 54.48
CA PRO I 317 -29.55 22.34 55.51
C PRO I 317 -30.42 22.50 56.78
N SER I 318 -30.48 21.44 57.59
CA SER I 318 -30.95 21.48 59.00
C SER I 318 -29.84 20.96 59.92
N GLY J 2 7.40 5.61 27.63
CA GLY J 2 7.45 6.34 26.34
C GLY J 2 6.04 6.47 25.81
N TRP J 3 5.88 7.04 24.60
CA TRP J 3 4.55 7.22 23.98
C TRP J 3 3.96 5.86 23.60
N ALA J 4 2.64 5.86 23.44
CA ALA J 4 1.87 4.69 23.00
C ALA J 4 0.62 5.18 22.26
N ILE J 5 0.19 4.42 21.29
CA ILE J 5 -1.07 4.76 20.56
C ILE J 5 -1.83 3.48 20.22
N ALA J 6 -3.15 3.55 20.23
CA ALA J 6 -3.99 2.51 19.66
C ALA J 6 -5.08 3.16 18.85
N LEU J 7 -5.59 2.43 17.86
CA LEU J 7 -6.73 2.89 17.09
C LEU J 7 -7.62 1.71 16.71
N HIS J 8 -8.87 2.01 16.43
CA HIS J 8 -9.79 0.97 15.94
C HIS J 8 -10.58 1.48 14.75
N GLY J 9 -11.06 0.52 13.96
CA GLY J 9 -12.07 0.71 12.91
C GLY J 9 -13.29 -0.15 13.16
N GLY J 10 -13.61 -0.43 14.43
CA GLY J 10 -14.91 -0.99 14.81
C GLY J 10 -14.84 -2.50 15.05
N ALA J 11 -15.69 -2.92 15.96
CA ALA J 11 -15.80 -4.28 16.50
C ALA J 11 -17.16 -4.80 16.10
N GLY J 12 -17.23 -6.07 15.74
CA GLY J 12 -18.48 -6.72 15.41
C GLY J 12 -18.25 -8.10 14.84
N ASP J 13 -19.31 -8.67 14.28
CA ASP J 13 -19.29 -10.04 13.72
C ASP J 13 -18.64 -9.93 12.35
N ILE J 14 -17.33 -9.63 12.34
CA ILE J 14 -16.47 -9.59 11.13
C ILE J 14 -16.16 -11.05 10.81
N PRO J 15 -16.85 -11.67 9.82
CA PRO J 15 -16.72 -13.12 9.60
C PRO J 15 -15.27 -13.49 9.23
N LEU J 16 -14.77 -14.63 9.73
CA LEU J 16 -13.41 -15.15 9.44
C LEU J 16 -13.26 -15.36 7.92
N SER J 17 -14.39 -15.45 7.19
CA SER J 17 -14.47 -15.71 5.73
C SER J 17 -14.46 -14.39 4.95
N LEU J 18 -14.19 -13.26 5.61
CA LEU J 18 -14.39 -11.88 5.06
C LEU J 18 -13.69 -11.76 3.72
N PRO J 19 -14.43 -11.32 2.66
CA PRO J 19 -13.84 -11.18 1.33
C PRO J 19 -12.59 -10.32 1.44
N PRO J 20 -11.41 -10.87 1.06
CA PRO J 20 -10.18 -10.08 1.00
C PRO J 20 -10.34 -8.65 0.46
N GLU J 21 -11.20 -8.47 -0.54
CA GLU J 21 -11.46 -7.18 -1.24
C GLU J 21 -11.97 -6.14 -0.24
N ARG J 22 -12.68 -6.59 0.79
CA ARG J 22 -13.24 -5.74 1.87
C ARG J 22 -12.25 -5.68 3.03
N ARG J 23 -11.53 -6.78 3.28
CA ARG J 23 -10.51 -6.85 4.36
C ARG J 23 -9.34 -5.91 4.01
N HIS J 24 -8.85 -6.04 2.77
CA HIS J 24 -7.59 -5.43 2.25
C HIS J 24 -7.54 -3.95 2.58
N PRO J 25 -8.46 -3.12 2.01
CA PRO J 25 -8.45 -1.67 2.21
C PRO J 25 -8.60 -1.21 3.66
N ARG J 26 -9.32 -1.96 4.49
CA ARG J 26 -9.46 -1.64 5.94
C ARG J 26 -8.12 -1.88 6.67
N GLU J 27 -7.48 -3.03 6.47
CA GLU J 27 -6.13 -3.32 7.02
C GLU J 27 -5.16 -2.21 6.60
N GLU J 28 -5.18 -1.82 5.32
CA GLU J 28 -4.24 -0.80 4.77
C GLU J 28 -4.57 0.57 5.37
N ALA J 29 -5.86 0.89 5.52
CA ALA J 29 -6.29 2.15 6.16
C ALA J 29 -5.78 2.18 7.61
N LEU J 30 -5.85 1.06 8.34
CA LEU J 30 -5.40 0.99 9.76
C LEU J 30 -3.91 1.35 9.80
N ARG J 31 -3.14 0.72 8.92
CA ARG J 31 -1.69 0.93 8.84
C ARG J 31 -1.44 2.42 8.54
N HIS J 32 -2.12 3.00 7.54
CA HIS J 32 -1.91 4.42 7.12
C HIS J 32 -2.22 5.35 8.30
N CYS J 33 -3.37 5.12 8.95
CA CYS J 33 -3.76 6.00 10.09
C CYS J 33 -2.84 5.79 11.29
N LEU J 34 -2.36 4.56 11.55
CA LEU J 34 -1.33 4.31 12.60
C LEU J 34 -0.08 5.16 12.33
N GLN J 35 0.33 5.26 11.06
CA GLN J 35 1.56 6.02 10.70
C GLN J 35 1.35 7.53 10.94
N ILE J 36 0.16 8.07 10.65
CA ILE J 36 -0.21 9.47 11.03
C ILE J 36 0.04 9.65 12.53
N GLY J 37 -0.44 8.71 13.35
CA GLY J 37 -0.36 8.83 14.82
C GLY J 37 1.06 8.76 15.29
N VAL J 38 1.80 7.77 14.79
CA VAL J 38 3.21 7.54 15.17
C VAL J 38 4.02 8.79 14.85
N GLU J 39 3.92 9.33 13.63
CA GLU J 39 4.74 10.49 13.19
C GLU J 39 4.38 11.71 14.06
N ALA J 40 3.11 11.85 14.45
CA ALA J 40 2.69 12.97 15.34
C ALA J 40 3.32 12.78 16.73
N LEU J 41 3.35 11.56 17.27
CA LEU J 41 3.93 11.31 18.63
C LEU J 41 5.46 11.43 18.58
N LYS J 42 6.11 10.95 17.52
CA LYS J 42 7.57 11.08 17.36
C LYS J 42 7.91 12.56 17.30
N ALA J 43 7.02 13.39 16.76
CA ALA J 43 7.19 14.87 16.68
C ALA J 43 6.79 15.58 17.98
N LYS J 44 6.35 14.83 18.99
CA LYS J 44 5.86 15.33 20.31
C LYS J 44 4.66 16.29 20.12
N LEU J 45 3.77 16.00 19.17
CA LEU J 45 2.43 16.64 19.14
C LEU J 45 1.65 16.19 20.39
N PRO J 46 0.94 17.12 21.08
CA PRO J 46 0.11 16.74 22.23
C PRO J 46 -0.88 15.64 21.86
N PRO J 47 -1.11 14.66 22.76
CA PRO J 47 -2.07 13.57 22.53
C PRO J 47 -3.45 14.03 22.04
N LEU J 48 -3.95 15.19 22.49
CA LEU J 48 -5.28 15.68 22.05
C LEU J 48 -5.22 15.98 20.56
N ASP J 49 -4.10 16.54 20.07
CA ASP J 49 -3.89 16.81 18.62
C ASP J 49 -3.75 15.50 17.84
N VAL J 50 -3.05 14.54 18.43
CA VAL J 50 -2.78 13.21 17.82
C VAL J 50 -4.10 12.49 17.55
N VAL J 51 -4.97 12.39 18.56
CA VAL J 51 -6.22 11.58 18.43
C VAL J 51 -7.15 12.29 17.47
N GLU J 52 -7.23 13.65 17.49
CA GLU J 52 -8.05 14.37 16.50
C GLU J 52 -7.53 14.06 15.07
N ARG J 53 -6.22 14.16 14.86
CA ARG J 53 -5.63 14.01 13.50
C ARG J 53 -5.90 12.59 12.99
N VAL J 54 -5.76 11.59 13.84
CA VAL J 54 -5.92 10.17 13.41
C VAL J 54 -7.41 9.95 13.10
N VAL J 55 -8.32 10.40 13.97
CA VAL J 55 -9.76 10.14 13.76
C VAL J 55 -10.26 10.91 12.52
N ARG J 56 -9.73 12.08 12.22
CA ARG J 56 -10.07 12.86 11.01
C ARG J 56 -9.80 11.94 9.82
N GLU J 57 -8.61 11.33 9.78
CA GLU J 57 -8.23 10.45 8.64
C GLU J 57 -9.15 9.22 8.61
N LEU J 58 -9.43 8.62 9.77
CA LEU J 58 -10.33 7.43 9.84
C LEU J 58 -11.75 7.80 9.39
N GLU J 59 -12.26 8.98 9.73
CA GLU J 59 -13.54 9.51 9.19
C GLU J 59 -13.50 9.54 7.64
N ASN J 60 -12.43 10.11 7.07
CA ASN J 60 -12.31 10.33 5.60
C ASN J 60 -12.23 8.99 4.84
N ILE J 61 -11.80 7.89 5.46
CA ILE J 61 -11.74 6.56 4.78
C ILE J 61 -13.14 5.97 4.62
N PRO J 62 -13.67 5.82 3.37
CA PRO J 62 -15.07 5.43 3.16
C PRO J 62 -15.41 4.02 3.67
N GLN J 63 -14.39 3.18 3.87
CA GLN J 63 -14.58 1.79 4.34
C GLN J 63 -14.87 1.75 5.84
N PHE J 64 -14.64 2.86 6.56
CA PHE J 64 -14.96 2.91 8.01
C PHE J 64 -16.26 3.69 8.25
N ASN J 65 -17.03 3.16 9.19
CA ASN J 65 -18.35 3.69 9.59
C ASN J 65 -18.16 4.93 10.49
N ALA J 66 -17.90 6.07 9.85
CA ALA J 66 -17.69 7.40 10.45
C ALA J 66 -17.41 8.31 9.28
N GLY J 67 -17.67 9.61 9.37
CA GLY J 67 -17.40 10.52 8.25
C GLY J 67 -18.01 9.99 6.95
N LYS J 68 -17.24 10.04 5.87
CA LYS J 68 -17.70 9.43 4.60
C LYS J 68 -17.65 7.93 4.78
N GLY J 69 -18.71 7.22 4.46
CA GLY J 69 -18.77 5.79 4.79
C GLY J 69 -19.63 5.50 6.00
N SER J 70 -20.22 6.51 6.60
CA SER J 70 -21.16 6.36 7.74
C SER J 70 -22.32 5.48 7.28
N VAL J 71 -22.75 4.56 8.13
CA VAL J 71 -23.95 3.74 7.89
C VAL J 71 -25.18 4.66 7.79
N LEU J 72 -26.25 4.16 7.20
CA LEU J 72 -27.46 4.95 6.91
C LEU J 72 -28.49 4.71 8.02
N THR J 73 -29.20 5.77 8.36
CA THR J 73 -30.47 5.72 9.14
C THR J 73 -31.53 4.91 8.39
N SER J 74 -32.61 4.56 9.08
CA SER J 74 -33.83 3.99 8.48
C SER J 74 -34.29 4.80 7.25
N ASN J 75 -34.03 6.11 7.22
CA ASN J 75 -34.49 7.06 6.17
C ASN J 75 -33.47 7.24 5.02
N GLY J 76 -32.43 6.42 4.96
CA GLY J 76 -31.37 6.47 3.92
C GLY J 76 -30.50 7.71 4.03
N THR J 77 -30.32 8.23 5.26
CA THR J 77 -29.57 9.48 5.55
C THR J 77 -28.41 9.17 6.50
N VAL J 78 -27.45 10.10 6.57
CA VAL J 78 -26.27 10.00 7.45
C VAL J 78 -26.47 10.98 8.61
N GLU J 79 -26.29 10.47 9.82
CA GLU J 79 -26.30 11.27 11.06
C GLU J 79 -25.05 10.86 11.84
N MET J 80 -24.08 11.75 11.97
CA MET J 80 -22.72 11.40 12.46
C MET J 80 -22.56 11.97 13.87
N GLU J 81 -21.74 11.30 14.68
CA GLU J 81 -21.49 11.72 16.09
C GLU J 81 -20.07 11.33 16.51
N ALA J 82 -19.56 12.02 17.51
CA ALA J 82 -18.15 11.94 17.86
C ALA J 82 -17.98 12.54 19.24
N SER J 83 -16.93 12.12 19.94
CA SER J 83 -16.52 12.79 21.21
C SER J 83 -15.01 12.67 21.39
N ILE J 84 -14.50 13.59 22.18
CA ILE J 84 -13.04 13.76 22.41
C ILE J 84 -12.83 14.14 23.88
N MET J 85 -11.80 13.60 24.50
CA MET J 85 -11.51 13.94 25.91
C MET J 85 -9.99 13.98 26.15
N ASP J 86 -9.57 15.03 26.86
CA ASP J 86 -8.19 15.33 27.32
C ASP J 86 -8.11 14.84 28.76
N GLY J 87 -7.34 13.81 29.02
CA GLY J 87 -7.25 13.18 30.34
C GLY J 87 -6.60 14.07 31.38
N THR J 88 -5.72 14.98 30.97
CA THR J 88 -4.97 15.87 31.90
C THR J 88 -5.92 16.89 32.58
N THR J 89 -6.85 17.44 31.82
CA THR J 89 -7.81 18.50 32.27
C THR J 89 -9.21 17.94 32.46
N MET J 90 -9.49 16.80 31.83
CA MET J 90 -10.82 16.19 31.67
C MET J 90 -11.79 17.15 30.98
N ASP J 91 -11.24 18.05 30.19
CA ASP J 91 -11.94 18.81 29.14
C ASP J 91 -12.54 17.77 28.20
N CYS J 92 -13.70 18.07 27.66
CA CYS J 92 -14.27 17.17 26.64
C CYS J 92 -15.29 17.89 25.78
N GLY J 93 -15.47 17.31 24.61
CA GLY J 93 -16.42 17.78 23.59
C GLY J 93 -17.13 16.65 22.90
N ALA J 94 -18.33 16.92 22.43
CA ALA J 94 -19.23 15.92 21.85
C ALA J 94 -20.16 16.58 20.85
N VAL J 95 -20.45 15.85 19.77
CA VAL J 95 -21.48 16.23 18.74
C VAL J 95 -22.30 15.02 18.30
N SER J 96 -23.58 15.25 18.05
CA SER J 96 -24.49 14.26 17.40
C SER J 96 -25.25 14.94 16.28
N GLY J 97 -25.88 14.13 15.45
CA GLY J 97 -26.84 14.58 14.42
C GLY J 97 -26.19 15.43 13.33
N LEU J 98 -24.92 15.21 13.03
CA LEU J 98 -24.22 15.94 11.94
C LEU J 98 -24.52 15.28 10.57
N THR J 99 -24.90 16.13 9.61
CA THR J 99 -25.37 15.68 8.28
C THR J 99 -24.48 16.24 7.17
N THR J 100 -23.69 17.31 7.37
CA THR J 100 -22.88 17.94 6.29
C THR J 100 -21.44 18.19 6.73
N VAL J 101 -21.10 18.02 8.01
CA VAL J 101 -19.74 18.35 8.54
C VAL J 101 -18.80 17.21 8.14
N VAL J 102 -17.68 17.52 7.49
CA VAL J 102 -16.73 16.49 6.95
C VAL J 102 -16.08 15.74 8.11
N ASN J 103 -15.62 16.45 9.15
CA ASN J 103 -14.90 15.83 10.29
C ASN J 103 -15.66 16.14 11.60
N ALA J 104 -16.53 15.23 12.02
CA ALA J 104 -17.32 15.30 13.28
C ALA J 104 -16.37 15.48 14.46
N ILE J 105 -15.23 14.79 14.50
CA ILE J 105 -14.37 14.78 15.73
C ILE J 105 -13.79 16.19 15.92
N SER J 106 -13.50 16.86 14.82
CA SER J 106 -12.99 18.25 14.84
C SER J 106 -14.07 19.23 15.31
N LEU J 107 -15.36 19.04 15.00
CA LEU J 107 -16.43 19.92 15.57
C LEU J 107 -16.54 19.63 17.08
N ALA J 108 -16.45 18.36 17.51
CA ALA J 108 -16.48 18.01 18.96
C ALA J 108 -15.40 18.81 19.70
N ARG J 109 -14.17 18.82 19.15
CA ARG J 109 -13.04 19.57 19.77
C ARG J 109 -13.38 21.08 19.84
N LEU J 110 -14.02 21.64 18.81
CA LEU J 110 -14.34 23.09 18.81
C LEU J 110 -15.43 23.36 19.83
N VAL J 111 -16.34 22.40 20.09
CA VAL J 111 -17.39 22.63 21.13
C VAL J 111 -16.67 22.84 22.46
N MET J 112 -15.74 21.94 22.76
CA MET J 112 -14.90 21.93 23.97
C MET J 112 -14.14 23.26 24.07
N GLU J 113 -13.58 23.75 22.97
CA GLU J 113 -12.66 24.93 23.01
C GLU J 113 -13.39 26.27 22.93
N LYS J 114 -14.53 26.32 22.26
CA LYS J 114 -15.12 27.60 21.81
C LYS J 114 -16.40 27.94 22.57
N THR J 115 -16.96 27.03 23.37
CA THR J 115 -18.30 27.20 23.99
C THR J 115 -18.15 26.87 25.47
N PRO J 116 -19.15 27.23 26.29
CA PRO J 116 -19.16 26.80 27.69
C PRO J 116 -19.71 25.37 27.85
N HIS J 117 -19.94 24.64 26.74
CA HIS J 117 -20.68 23.36 26.74
C HIS J 117 -19.73 22.22 26.37
N ILE J 118 -20.19 21.01 26.63
CA ILE J 118 -19.51 19.77 26.18
C ILE J 118 -20.13 19.31 24.87
N TYR J 119 -21.47 19.37 24.77
CA TYR J 119 -22.25 18.54 23.81
C TYR J 119 -23.25 19.39 23.06
N LEU J 120 -23.10 19.48 21.75
CA LEU J 120 -24.14 20.05 20.85
C LEU J 120 -24.65 18.98 19.87
N ALA J 121 -25.90 19.11 19.42
CA ALA J 121 -26.54 18.07 18.61
C ALA J 121 -27.53 18.65 17.59
N PHE J 122 -27.59 17.98 16.44
CA PHE J 122 -28.51 18.17 15.31
C PHE J 122 -28.42 19.62 14.82
N ASP J 123 -29.55 20.31 14.67
CA ASP J 123 -29.57 21.65 14.04
C ASP J 123 -28.57 22.61 14.71
N GLY J 124 -28.57 22.73 16.06
CA GLY J 124 -27.67 23.68 16.73
C GLY J 124 -26.20 23.37 16.48
N ALA J 125 -25.88 22.09 16.35
CA ALA J 125 -24.52 21.61 16.09
C ALA J 125 -24.16 22.02 14.66
N GLU J 126 -25.08 21.84 13.71
CA GLU J 126 -24.88 22.21 12.26
C GLU J 126 -24.73 23.75 12.17
N GLU J 127 -25.47 24.52 13.00
CA GLU J 127 -25.36 26.01 13.03
C GLU J 127 -24.01 26.41 13.61
N PHE J 128 -23.58 25.78 14.71
CA PHE J 128 -22.22 25.99 15.29
C PHE J 128 -21.13 25.73 14.23
N ALA J 129 -21.24 24.64 13.46
CA ALA J 129 -20.28 24.24 12.42
C ALA J 129 -20.14 25.42 11.43
N ARG J 130 -21.26 26.05 11.08
CA ARG J 130 -21.29 27.19 10.13
C ARG J 130 -20.63 28.43 10.76
N GLN J 131 -20.99 28.79 12.00
CA GLN J 131 -20.36 29.90 12.76
C GLN J 131 -18.84 29.72 12.78
N GLN J 132 -18.38 28.48 12.92
CA GLN J 132 -16.93 28.16 13.09
C GLN J 132 -16.25 28.07 11.71
N GLY J 133 -17.00 28.04 10.62
CA GLY J 133 -16.45 27.98 9.25
C GLY J 133 -15.78 26.65 8.93
N VAL J 134 -16.16 25.53 9.56
CA VAL J 134 -15.49 24.22 9.28
C VAL J 134 -15.96 23.75 7.89
N GLU J 135 -15.24 22.82 7.29
CA GLU J 135 -15.56 22.23 5.96
C GLU J 135 -16.91 21.48 6.08
N THR J 136 -17.83 21.77 5.17
CA THR J 136 -19.13 21.08 5.01
C THR J 136 -19.28 20.70 3.53
N LEU J 137 -20.01 19.64 3.28
CA LEU J 137 -20.33 19.15 1.91
C LEU J 137 -21.77 18.67 1.96
N ASP J 138 -22.38 18.61 0.79
CA ASP J 138 -23.70 18.01 0.57
C ASP J 138 -23.75 16.65 1.26
N SER J 139 -24.91 16.27 1.81
CA SER J 139 -25.11 15.03 2.59
C SER J 139 -24.92 13.80 1.70
N SER J 140 -25.15 13.92 0.39
CA SER J 140 -24.84 12.86 -0.63
C SER J 140 -23.36 12.45 -0.59
N HIS J 141 -22.42 13.38 -0.31
CA HIS J 141 -20.97 13.08 -0.24
C HIS J 141 -20.71 11.91 0.71
N PHE J 142 -21.47 11.83 1.81
CA PHE J 142 -21.22 10.88 2.92
C PHE J 142 -21.73 9.49 2.56
N ILE J 143 -22.64 9.39 1.58
CA ILE J 143 -23.40 8.14 1.32
C ILE J 143 -22.61 7.32 0.31
N THR J 144 -22.33 6.06 0.61
CA THR J 144 -21.54 5.20 -0.31
C THR J 144 -22.47 4.12 -0.85
N ALA J 145 -22.14 3.57 -2.03
CA ALA J 145 -22.91 2.50 -2.66
C ALA J 145 -22.99 1.30 -1.71
N GLU J 146 -21.89 0.96 -1.04
CA GLU J 146 -21.87 -0.20 -0.12
C GLU J 146 -22.88 0.02 1.03
N ASN J 147 -23.07 1.26 1.49
CA ASN J 147 -24.00 1.54 2.62
C ASN J 147 -25.45 1.50 2.15
N ILE J 148 -25.71 1.91 0.91
CA ILE J 148 -27.05 1.76 0.24
C ILE J 148 -27.44 0.29 0.31
N GLU J 149 -26.51 -0.61 -0.02
CA GLU J 149 -26.77 -2.06 -0.06
C GLU J 149 -26.86 -2.61 1.38
N ARG J 150 -26.04 -2.11 2.31
CA ARG J 150 -26.12 -2.55 3.72
C ARG J 150 -27.49 -2.17 4.31
N LEU J 151 -28.09 -1.05 3.91
CA LEU J 151 -29.40 -0.63 4.45
C LEU J 151 -30.51 -1.48 3.83
N LYS J 152 -30.47 -1.69 2.50
CA LYS J 152 -31.39 -2.63 1.82
C LYS J 152 -31.41 -3.96 2.57
N GLN J 153 -30.22 -4.52 2.88
CA GLN J 153 -30.02 -5.85 3.51
C GLN J 153 -30.53 -5.83 4.96
N ALA J 154 -30.40 -4.69 5.66
CA ALA J 154 -30.82 -4.55 7.07
C ALA J 154 -32.35 -4.55 7.14
N LYS J 155 -32.99 -3.90 6.17
CA LYS J 155 -34.47 -3.83 6.12
C LYS J 155 -35.04 -5.22 5.77
N GLU J 156 -34.51 -5.90 4.75
CA GLU J 156 -34.96 -7.27 4.39
C GLU J 156 -34.80 -8.18 5.61
N ALA J 157 -33.68 -8.12 6.32
CA ALA J 157 -33.35 -8.94 7.51
C ALA J 157 -34.37 -8.69 8.64
N ASN J 158 -35.03 -7.52 8.65
CA ASN J 158 -35.91 -7.05 9.75
C ASN J 158 -37.39 -7.20 9.36
N THR J 187 -17.91 2.86 13.55
CA THR J 187 -17.18 3.52 14.64
C THR J 187 -15.70 3.44 14.33
N VAL J 188 -14.99 4.49 14.69
CA VAL J 188 -13.51 4.54 14.61
C VAL J 188 -13.07 5.22 15.92
N GLY J 189 -11.82 5.08 16.25
CA GLY J 189 -11.29 5.84 17.38
C GLY J 189 -9.82 5.73 17.51
N CYS J 190 -9.30 6.55 18.41
CA CYS J 190 -7.85 6.64 18.67
C CYS J 190 -7.60 7.08 20.10
N VAL J 191 -6.70 6.40 20.80
CA VAL J 191 -6.25 6.79 22.17
C VAL J 191 -4.74 6.99 22.06
N ALA J 192 -4.20 7.97 22.75
CA ALA J 192 -2.75 8.24 22.73
C ALA J 192 -2.26 8.71 24.09
N VAL J 193 -1.01 8.39 24.38
CA VAL J 193 -0.31 8.87 25.59
C VAL J 193 1.11 9.23 25.18
N ASP J 194 1.65 10.31 25.75
CA ASP J 194 3.04 10.76 25.51
C ASP J 194 3.93 10.19 26.62
N GLY J 195 5.23 10.47 26.58
CA GLY J 195 6.20 10.02 27.59
C GLY J 195 6.01 10.67 28.95
N ASN J 196 5.17 11.71 29.04
CA ASN J 196 4.90 12.49 30.28
C ASN J 196 3.57 12.06 30.93
N GLY J 197 2.86 11.07 30.37
CA GLY J 197 1.60 10.53 30.93
C GLY J 197 0.38 11.37 30.58
N ASN J 198 0.48 12.35 29.67
CA ASN J 198 -0.69 13.06 29.09
C ASN J 198 -1.49 12.10 28.17
N LEU J 199 -2.79 11.93 28.45
CA LEU J 199 -3.69 10.93 27.79
C LEU J 199 -4.78 11.68 27.03
N ALA J 200 -5.20 11.16 25.88
CA ALA J 200 -6.38 11.69 25.14
C ALA J 200 -7.10 10.53 24.46
N SER J 201 -8.40 10.68 24.26
CA SER J 201 -9.28 9.73 23.53
C SER J 201 -10.18 10.49 22.55
N ALA J 202 -10.38 9.93 21.34
CA ALA J 202 -11.32 10.38 20.29
C ALA J 202 -12.07 9.17 19.71
N THR J 203 -13.36 9.34 19.49
CA THR J 203 -14.26 8.32 18.90
C THR J 203 -15.22 9.04 17.96
N SER J 204 -15.54 8.42 16.82
CA SER J 204 -16.43 9.01 15.78
C SER J 204 -17.17 7.87 15.10
N THR J 205 -18.39 8.10 14.66
CA THR J 205 -19.25 7.04 14.08
C THR J 205 -20.37 7.61 13.22
N GLY J 206 -20.88 6.76 12.33
CA GLY J 206 -22.19 6.90 11.66
C GLY J 206 -23.32 6.25 12.44
N GLY J 207 -22.98 5.39 13.43
CA GLY J 207 -23.92 4.71 14.34
C GLY J 207 -24.30 3.33 13.83
N LEU J 208 -25.58 3.01 13.86
CA LEU J 208 -26.07 1.64 13.64
C LEU J 208 -26.89 1.66 12.35
N VAL J 209 -26.71 0.69 11.44
CA VAL J 209 -27.43 0.70 10.14
C VAL J 209 -28.93 0.60 10.42
N ASN J 210 -29.75 1.36 9.69
CA ASN J 210 -31.22 1.33 9.85
C ASN J 210 -31.64 1.91 11.21
N LYS J 211 -30.78 2.66 11.90
CA LYS J 211 -31.21 3.32 13.17
C LYS J 211 -32.33 4.30 12.87
N MET J 212 -33.23 4.55 13.85
CA MET J 212 -34.29 5.56 13.68
C MET J 212 -33.57 6.89 13.56
N VAL J 213 -34.12 7.88 12.84
CA VAL J 213 -33.54 9.25 12.77
C VAL J 213 -33.60 9.86 14.17
N GLY J 214 -32.55 10.59 14.56
CA GLY J 214 -32.41 11.09 15.95
C GLY J 214 -31.91 10.08 16.97
N ARG J 215 -31.56 8.85 16.58
CA ARG J 215 -30.97 7.84 17.50
C ARG J 215 -29.53 8.24 17.88
N ILE J 216 -29.27 8.31 19.18
CA ILE J 216 -27.91 8.64 19.68
C ILE J 216 -27.35 7.37 20.29
N GLY J 217 -26.13 7.00 19.92
CA GLY J 217 -25.44 5.82 20.43
C GLY J 217 -24.46 6.15 21.54
N ASP J 218 -23.54 5.25 21.82
CA ASP J 218 -22.57 5.43 22.93
C ASP J 218 -21.43 6.38 22.52
N THR J 219 -21.07 6.47 21.22
CA THR J 219 -19.85 7.18 20.74
C THR J 219 -19.80 8.61 21.26
N PRO J 220 -20.84 9.48 21.22
CA PRO J 220 -20.65 10.84 21.67
C PRO J 220 -20.80 11.05 23.19
N LEU J 221 -21.10 10.00 23.94
CA LEU J 221 -21.42 10.08 25.40
C LEU J 221 -20.16 9.83 26.21
N ILE J 222 -19.62 10.89 26.81
CA ILE J 222 -18.49 10.85 27.77
C ILE J 222 -18.77 9.82 28.87
N GLY J 223 -17.86 8.87 29.01
CA GLY J 223 -18.00 7.75 29.94
C GLY J 223 -18.61 6.53 29.33
N ALA J 224 -19.16 6.58 28.10
CA ALA J 224 -19.66 5.36 27.44
C ALA J 224 -18.68 4.98 26.32
N GLY J 225 -18.65 5.75 25.24
CA GLY J 225 -17.75 5.52 24.09
C GLY J 225 -16.36 6.06 24.31
N THR J 226 -16.24 7.18 25.04
CA THR J 226 -14.98 7.95 25.15
C THR J 226 -14.77 8.33 26.61
N TYR J 227 -13.55 8.19 27.07
CA TYR J 227 -13.15 8.71 28.40
C TYR J 227 -11.64 8.81 28.45
N ALA J 228 -11.13 9.83 29.13
CA ALA J 228 -9.70 9.92 29.48
C ALA J 228 -9.60 10.66 30.81
N ASP J 229 -8.65 10.23 31.62
CA ASP J 229 -8.38 10.83 32.95
C ASP J 229 -6.86 10.80 33.16
N ALA J 230 -6.41 11.01 34.40
CA ALA J 230 -4.97 10.99 34.74
C ALA J 230 -4.38 9.58 34.51
N ARG J 231 -5.18 8.50 34.54
CA ARG J 231 -4.65 7.12 34.60
C ARG J 231 -4.85 6.39 33.27
N CYS J 232 -5.88 6.70 32.48
CA CYS J 232 -6.13 5.95 31.22
C CYS J 232 -6.83 6.78 30.15
N ALA J 233 -6.86 6.25 28.93
CA ALA J 233 -7.68 6.79 27.82
C ALA J 233 -8.33 5.62 27.09
N VAL J 234 -9.64 5.73 26.85
CA VAL J 234 -10.47 4.58 26.42
C VAL J 234 -11.39 5.03 25.29
N SER J 235 -11.44 4.22 24.24
CA SER J 235 -12.40 4.37 23.13
C SER J 235 -13.09 3.03 22.91
N ALA J 236 -14.41 3.00 23.03
CA ALA J 236 -15.18 1.75 22.90
C ALA J 236 -15.84 1.70 21.53
N THR J 237 -16.21 0.51 21.11
CA THR J 237 -16.86 0.26 19.80
C THR J 237 -17.67 -1.04 19.90
N GLY J 238 -18.79 -1.09 19.17
CA GLY J 238 -19.68 -2.25 19.06
C GLY J 238 -21.13 -1.81 19.14
N LYS J 239 -21.94 -2.54 19.90
CA LYS J 239 -23.41 -2.27 19.92
C LYS J 239 -23.66 -1.07 20.85
N GLY J 240 -24.06 0.07 20.33
CA GLY J 240 -24.10 1.33 21.10
C GLY J 240 -24.92 1.19 22.37
N GLU J 241 -26.08 0.53 22.31
CA GLU J 241 -27.00 0.47 23.48
C GLU J 241 -26.36 -0.37 24.59
N ALA J 242 -25.69 -1.47 24.28
CA ALA J 242 -24.93 -2.28 25.25
C ALA J 242 -23.84 -1.40 25.90
N ILE J 243 -23.22 -0.53 25.13
CA ILE J 243 -22.06 0.26 25.64
C ILE J 243 -22.56 1.40 26.55
N ILE J 244 -23.73 1.97 26.25
CA ILE J 244 -24.35 3.02 27.11
C ILE J 244 -24.72 2.41 28.47
N ARG J 245 -25.41 1.27 28.43
CA ARG J 245 -25.94 0.53 29.60
C ARG J 245 -24.75 0.12 30.44
N GLY J 246 -23.70 -0.31 29.76
CA GLY J 246 -22.44 -0.78 30.38
C GLY J 246 -21.48 0.31 30.79
N THR J 247 -21.76 1.61 30.56
CA THR J 247 -20.83 2.74 30.79
C THR J 247 -19.39 2.28 30.63
N VAL J 248 -19.02 1.80 29.44
CA VAL J 248 -17.80 0.98 29.26
C VAL J 248 -16.52 1.80 29.53
N ALA J 249 -16.32 2.95 28.89
CA ALA J 249 -15.08 3.75 28.98
C ALA J 249 -14.84 4.19 30.44
N ARG J 250 -15.88 4.65 31.12
CA ARG J 250 -15.74 5.06 32.55
C ARG J 250 -15.48 3.82 33.44
N ASP J 251 -16.08 2.69 33.17
CA ASP J 251 -15.90 1.45 33.97
C ASP J 251 -14.44 1.00 33.97
N VAL J 252 -13.76 1.03 32.82
CA VAL J 252 -12.30 0.73 32.74
C VAL J 252 -11.58 1.67 33.72
N ALA J 253 -11.85 2.97 33.65
CA ALA J 253 -11.12 3.98 34.44
C ALA J 253 -11.49 3.87 35.94
N ALA J 254 -12.74 3.55 36.26
CA ALA J 254 -13.23 3.37 37.65
C ALA J 254 -12.60 2.12 38.29
N LEU J 255 -12.46 1.01 37.56
CA LEU J 255 -11.81 -0.21 38.11
C LEU J 255 -10.34 0.09 38.44
N MET J 256 -9.66 0.94 37.64
CA MET J 256 -8.24 1.33 37.87
C MET J 256 -8.16 2.23 39.12
N GLU J 257 -8.97 3.29 39.18
CA GLU J 257 -8.98 4.29 40.28
C GLU J 257 -9.46 3.63 41.58
N PHE J 258 -10.56 2.87 41.59
CA PHE J 258 -11.24 2.43 42.84
C PHE J 258 -10.79 1.03 43.26
N LYS J 259 -10.34 0.18 42.34
CA LYS J 259 -9.90 -1.19 42.69
C LYS J 259 -8.39 -1.34 42.53
N GLY J 260 -7.71 -0.35 41.95
CA GLY J 260 -6.25 -0.40 41.74
C GLY J 260 -5.86 -1.42 40.68
N LEU J 261 -6.80 -1.84 39.83
CA LEU J 261 -6.55 -2.78 38.71
C LEU J 261 -5.57 -2.15 37.71
N SER J 262 -4.71 -2.97 37.11
CA SER J 262 -3.89 -2.58 35.93
C SER J 262 -4.83 -2.27 34.74
N LEU J 263 -4.32 -1.58 33.73
CA LEU J 263 -5.06 -1.30 32.47
C LEU J 263 -5.58 -2.63 31.92
N GLU J 264 -4.72 -3.66 31.80
CA GLU J 264 -5.08 -4.97 31.21
C GLU J 264 -6.19 -5.64 32.05
N GLU J 265 -6.04 -5.65 33.38
CA GLU J 265 -7.01 -6.28 34.29
C GLU J 265 -8.38 -5.60 34.17
N ALA J 266 -8.39 -4.27 34.18
CA ALA J 266 -9.62 -3.45 34.10
C ALA J 266 -10.30 -3.65 32.75
N ALA J 267 -9.53 -3.52 31.65
CA ALA J 267 -10.04 -3.64 30.26
C ALA J 267 -10.61 -5.04 30.06
N THR J 268 -9.88 -6.09 30.46
CA THR J 268 -10.33 -7.50 30.35
C THR J 268 -11.61 -7.72 31.13
N CYS J 269 -11.69 -7.20 32.35
CA CYS J 269 -12.88 -7.34 33.22
C CYS J 269 -14.14 -6.77 32.55
N VAL J 270 -14.01 -5.60 31.93
CA VAL J 270 -15.16 -4.87 31.32
C VAL J 270 -15.65 -5.65 30.11
N VAL J 271 -14.72 -6.05 29.24
CA VAL J 271 -15.04 -6.72 27.95
C VAL J 271 -15.47 -8.16 28.22
N HIS J 272 -14.76 -8.90 29.09
CA HIS J 272 -14.92 -10.39 29.21
C HIS J 272 -15.67 -10.80 30.48
N GLU J 273 -16.03 -9.88 31.36
CA GLU J 273 -16.87 -10.19 32.57
C GLU J 273 -18.13 -9.33 32.59
N ARG J 274 -18.04 -8.01 32.43
CA ARG J 274 -19.15 -7.09 32.78
C ARG J 274 -20.16 -6.85 31.64
N THR J 275 -19.83 -7.20 30.40
CA THR J 275 -20.66 -6.89 29.22
C THR J 275 -21.01 -8.18 28.47
N PRO J 276 -22.12 -8.22 27.72
CA PRO J 276 -22.49 -9.42 26.98
C PRO J 276 -21.50 -9.77 25.86
N LYS J 277 -21.24 -11.06 25.69
CA LYS J 277 -20.43 -11.54 24.55
C LYS J 277 -21.12 -11.06 23.26
N GLY J 278 -20.32 -10.76 22.22
CA GLY J 278 -20.81 -10.40 20.88
C GLY J 278 -21.22 -8.95 20.75
N THR J 279 -20.91 -8.10 21.73
CA THR J 279 -21.43 -6.70 21.75
C THR J 279 -20.32 -5.66 21.62
N LEU J 280 -19.13 -5.86 22.17
CA LEU J 280 -18.16 -4.74 22.09
C LEU J 280 -16.69 -5.09 22.26
N GLY J 281 -15.91 -4.07 21.94
CA GLY J 281 -14.46 -4.05 22.12
C GLY J 281 -14.06 -2.66 22.46
N LEU J 282 -12.83 -2.52 22.94
CA LEU J 282 -12.31 -1.20 23.23
C LEU J 282 -10.81 -1.17 23.00
N ILE J 283 -10.28 0.04 22.90
CA ILE J 283 -8.82 0.29 22.90
C ILE J 283 -8.57 1.17 24.11
N ALA J 284 -7.41 1.04 24.70
CA ALA J 284 -7.01 1.80 25.90
C ALA J 284 -5.51 1.94 25.92
N VAL J 285 -5.04 3.05 26.45
CA VAL J 285 -3.63 3.25 26.85
C VAL J 285 -3.64 3.75 28.28
N SER J 286 -2.56 3.49 28.99
CA SER J 286 -2.34 3.94 30.38
C SER J 286 -1.35 5.10 30.38
N ALA J 287 -1.31 5.81 31.52
CA ALA J 287 -0.37 6.93 31.79
C ALA J 287 1.07 6.39 31.69
N LYS J 288 1.29 5.11 31.98
CA LYS J 288 2.62 4.41 31.92
C LYS J 288 2.95 3.87 30.52
N GLY J 289 2.10 4.09 29.51
CA GLY J 289 2.37 3.67 28.12
C GLY J 289 1.95 2.23 27.84
N GLU J 290 1.11 1.64 28.67
CA GLU J 290 0.58 0.29 28.38
C GLU J 290 -0.56 0.41 27.35
N VAL J 291 -0.76 -0.63 26.53
CA VAL J 291 -1.82 -0.74 25.49
C VAL J 291 -2.68 -1.98 25.81
N ALA J 292 -4.01 -1.88 25.76
CA ALA J 292 -4.93 -3.04 25.84
C ALA J 292 -6.03 -2.91 24.77
N MET J 293 -6.33 -3.98 24.04
CA MET J 293 -7.35 -3.93 22.95
C MET J 293 -8.23 -5.16 22.98
N PRO J 294 -8.91 -5.45 24.13
CA PRO J 294 -9.78 -6.61 24.26
C PRO J 294 -11.10 -6.40 23.51
N TYR J 295 -11.71 -7.49 23.08
CA TYR J 295 -13.01 -7.44 22.39
C TYR J 295 -13.75 -8.77 22.62
N ASN J 296 -15.07 -8.73 22.66
CA ASN J 296 -15.90 -9.93 22.94
C ASN J 296 -16.68 -10.28 21.68
N THR J 297 -16.38 -9.57 20.60
CA THR J 297 -16.88 -9.79 19.22
C THR J 297 -15.95 -10.80 18.51
N THR J 298 -16.32 -11.22 17.29
CA THR J 298 -15.53 -12.15 16.45
C THR J 298 -14.20 -11.46 16.13
N GLY J 299 -14.27 -10.16 15.86
CA GLY J 299 -13.12 -9.39 15.39
C GLY J 299 -13.14 -7.94 15.80
N MET J 300 -12.02 -7.28 15.71
CA MET J 300 -11.99 -5.79 15.81
C MET J 300 -10.81 -5.29 15.00
N PHE J 301 -11.10 -4.49 13.97
CA PHE J 301 -10.08 -3.80 13.17
C PHE J 301 -9.30 -2.88 14.13
N ARG J 302 -8.02 -3.12 14.31
CA ARG J 302 -7.25 -2.46 15.38
C ARG J 302 -5.78 -2.39 14.99
N ALA J 303 -5.09 -1.43 15.56
CA ALA J 303 -3.66 -1.21 15.30
C ALA J 303 -3.08 -0.52 16.53
N CYS J 304 -1.80 -0.72 16.79
CA CYS J 304 -1.17 -0.03 17.92
C CYS J 304 0.31 0.06 17.69
N ALA J 305 0.94 0.94 18.45
CA ALA J 305 2.39 1.16 18.36
C ALA J 305 2.87 1.77 19.67
N THR J 306 4.07 1.42 20.09
CA THR J 306 4.68 1.98 21.32
C THR J 306 6.06 2.49 20.95
N GLU J 307 6.60 3.42 21.75
CA GLU J 307 7.92 4.06 21.52
C GLU J 307 9.05 3.01 21.47
N ASP J 308 8.92 1.93 22.24
CA ASP J 308 9.96 0.85 22.33
C ASP J 308 9.94 -0.03 21.07
N GLY J 309 9.36 0.40 19.96
CA GLY J 309 9.56 -0.25 18.65
C GLY J 309 8.52 -1.32 18.36
N TYR J 310 7.49 -1.43 19.20
CA TYR J 310 6.38 -2.41 19.02
C TYR J 310 5.31 -1.78 18.11
N SER J 311 4.85 -2.55 17.13
CA SER J 311 3.67 -2.15 16.33
C SER J 311 2.94 -3.41 15.84
N GLU J 312 1.63 -3.30 15.68
CA GLU J 312 0.73 -4.40 15.28
C GLU J 312 -0.48 -3.83 14.57
N VAL J 313 -0.95 -4.57 13.59
CA VAL J 313 -2.27 -4.34 12.94
C VAL J 313 -2.98 -5.69 13.00
N ALA J 314 -4.29 -5.73 13.24
CA ALA J 314 -5.01 -7.01 13.36
C ALA J 314 -6.52 -6.83 13.24
N ILE J 315 -7.20 -7.94 12.99
CA ILE J 315 -8.67 -8.03 12.80
C ILE J 315 -9.18 -9.12 13.74
N TRP J 316 -8.55 -10.30 13.67
CA TRP J 316 -8.98 -11.50 14.42
C TRP J 316 -7.98 -11.80 15.54
N PRO J 317 -8.34 -12.66 16.52
CA PRO J 317 -7.46 -12.93 17.67
C PRO J 317 -6.05 -13.47 17.35
N GLY K 2 -4.06 -19.04 3.96
CA GLY K 2 -3.44 -17.95 3.15
C GLY K 2 -1.94 -17.83 3.39
N TRP K 3 -1.28 -16.90 2.69
CA TRP K 3 0.18 -16.66 2.82
C TRP K 3 0.47 -16.11 4.23
N ALA K 4 1.69 -16.32 4.69
CA ALA K 4 2.23 -15.81 5.97
C ALA K 4 3.74 -15.73 5.85
N ILE K 5 4.34 -14.85 6.63
CA ILE K 5 5.80 -14.58 6.58
C ILE K 5 6.24 -14.19 7.97
N ALA K 6 7.40 -14.66 8.38
CA ALA K 6 8.03 -14.12 9.57
C ALA K 6 9.51 -13.93 9.28
N LEU K 7 10.14 -13.04 10.00
CA LEU K 7 11.59 -12.79 9.88
C LEU K 7 12.18 -12.37 11.22
N HIS K 8 13.47 -12.57 11.38
CA HIS K 8 14.19 -12.18 12.62
C HIS K 8 15.53 -11.58 12.24
N GLY K 9 16.05 -10.76 13.14
CA GLY K 9 17.41 -10.20 13.16
C GLY K 9 18.10 -10.64 14.45
N GLY K 10 17.75 -11.84 14.95
CA GLY K 10 18.47 -12.46 16.07
C GLY K 10 17.84 -12.23 17.45
N ALA K 11 18.06 -13.21 18.31
CA ALA K 11 17.57 -13.25 19.71
C ALA K 11 18.78 -13.22 20.66
N GLY K 12 18.60 -12.67 21.84
CA GLY K 12 19.68 -12.56 22.82
C GLY K 12 19.35 -11.53 23.85
N ASP K 13 20.36 -11.05 24.56
CA ASP K 13 20.15 -10.12 25.69
C ASP K 13 20.19 -8.72 25.13
N ILE K 14 19.11 -8.32 24.44
CA ILE K 14 18.94 -6.95 23.90
C ILE K 14 18.45 -6.12 25.08
N PRO K 15 19.29 -5.21 25.63
CA PRO K 15 18.90 -4.43 26.81
C PRO K 15 17.67 -3.53 26.58
N LEU K 16 16.81 -3.42 27.60
CA LEU K 16 15.60 -2.54 27.54
C LEU K 16 16.07 -1.08 27.37
N SER K 17 17.28 -0.77 27.84
CA SER K 17 17.92 0.56 27.73
C SER K 17 18.58 0.75 26.35
N LEU K 18 18.38 -0.16 25.40
CA LEU K 18 18.97 0.00 24.05
C LEU K 18 18.69 1.42 23.59
N PRO K 19 19.72 2.23 23.28
CA PRO K 19 19.51 3.63 22.96
C PRO K 19 18.66 3.78 21.70
N PRO K 20 17.78 4.80 21.66
CA PRO K 20 17.00 5.10 20.47
C PRO K 20 17.81 5.08 19.15
N GLU K 21 19.06 5.55 19.19
CA GLU K 21 19.85 5.73 17.96
C GLU K 21 20.25 4.35 17.43
N ARG K 22 20.23 3.32 18.29
CA ARG K 22 20.50 1.92 17.90
C ARG K 22 19.18 1.18 17.66
N ARG K 23 18.15 1.40 18.49
CA ARG K 23 16.79 0.81 18.34
C ARG K 23 16.21 1.14 16.93
N HIS K 24 16.15 2.43 16.58
CA HIS K 24 15.46 3.00 15.38
C HIS K 24 15.84 2.23 14.12
N PRO K 25 17.13 2.20 13.71
CA PRO K 25 17.54 1.60 12.44
C PRO K 25 17.17 0.11 12.37
N ARG K 26 17.23 -0.57 13.51
CA ARG K 26 16.95 -2.03 13.62
C ARG K 26 15.46 -2.24 13.39
N GLU K 27 14.61 -1.43 14.02
CA GLU K 27 13.14 -1.47 13.81
C GLU K 27 12.84 -1.11 12.35
N GLU K 28 13.50 -0.09 11.79
CA GLU K 28 13.22 0.33 10.39
C GLU K 28 13.60 -0.81 9.45
N ALA K 29 14.75 -1.43 9.70
CA ALA K 29 15.27 -2.58 8.92
C ALA K 29 14.24 -3.71 8.93
N LEU K 30 13.69 -4.05 10.08
CA LEU K 30 12.66 -5.12 10.22
C LEU K 30 11.42 -4.75 9.39
N ARG K 31 10.97 -3.50 9.48
CA ARG K 31 9.72 -3.07 8.81
C ARG K 31 9.92 -3.09 7.28
N HIS K 32 11.11 -2.74 6.81
CA HIS K 32 11.44 -2.67 5.36
C HIS K 32 11.56 -4.11 4.84
N CYS K 33 12.24 -4.98 5.57
CA CYS K 33 12.34 -6.41 5.15
C CYS K 33 10.96 -7.07 5.15
N LEU K 34 10.05 -6.75 6.10
CA LEU K 34 8.65 -7.29 6.10
C LEU K 34 7.93 -6.84 4.82
N GLN K 35 7.97 -5.54 4.52
CA GLN K 35 7.40 -4.98 3.26
C GLN K 35 7.99 -5.72 2.06
N ILE K 36 9.32 -5.88 1.98
CA ILE K 36 9.95 -6.64 0.86
C ILE K 36 9.33 -8.04 0.76
N GLY K 37 9.15 -8.75 1.89
CA GLY K 37 8.66 -10.13 1.82
C GLY K 37 7.18 -10.15 1.51
N VAL K 38 6.43 -9.19 2.04
CA VAL K 38 4.97 -9.16 1.75
C VAL K 38 4.75 -8.86 0.26
N GLU K 39 5.46 -7.88 -0.29
CA GLU K 39 5.38 -7.47 -1.73
C GLU K 39 5.74 -8.68 -2.61
N ALA K 40 6.74 -9.44 -2.20
CA ALA K 40 7.18 -10.64 -2.94
C ALA K 40 6.05 -11.69 -2.95
N LEU K 41 5.41 -11.98 -1.80
CA LEU K 41 4.34 -13.00 -1.71
C LEU K 41 3.15 -12.55 -2.56
N LYS K 42 2.81 -11.27 -2.46
CA LYS K 42 1.71 -10.67 -3.27
C LYS K 42 2.08 -10.57 -4.75
N ALA K 43 3.36 -10.58 -5.13
CA ALA K 43 3.81 -10.59 -6.55
C ALA K 43 3.87 -12.02 -7.07
N LYS K 44 3.45 -12.99 -6.23
CA LYS K 44 3.36 -14.45 -6.47
C LYS K 44 4.75 -15.10 -6.64
N LEU K 45 5.78 -14.56 -5.98
CA LEU K 45 7.07 -15.29 -5.81
C LEU K 45 6.81 -16.52 -4.94
N PRO K 46 7.34 -17.69 -5.34
CA PRO K 46 7.31 -18.87 -4.49
C PRO K 46 8.01 -18.58 -3.17
N PRO K 47 7.60 -19.25 -2.08
CA PRO K 47 8.26 -19.08 -0.79
C PRO K 47 9.77 -19.22 -0.81
N LEU K 48 10.35 -20.14 -1.61
CA LEU K 48 11.83 -20.29 -1.68
C LEU K 48 12.48 -18.96 -2.11
N ASP K 49 11.89 -18.27 -3.10
CA ASP K 49 12.41 -16.98 -3.61
C ASP K 49 12.16 -15.90 -2.56
N VAL K 50 11.00 -15.90 -1.91
CA VAL K 50 10.68 -14.94 -0.81
C VAL K 50 11.73 -15.03 0.30
N VAL K 51 12.02 -16.22 0.84
CA VAL K 51 12.90 -16.27 2.03
C VAL K 51 14.31 -15.89 1.56
N GLU K 52 14.72 -16.20 0.33
CA GLU K 52 16.05 -15.83 -0.17
C GLU K 52 16.10 -14.30 -0.30
N ARG K 53 15.05 -13.70 -0.86
CA ARG K 53 15.08 -12.24 -1.09
C ARG K 53 15.19 -11.50 0.25
N VAL K 54 14.42 -11.91 1.24
CA VAL K 54 14.36 -11.22 2.56
C VAL K 54 15.71 -11.42 3.24
N VAL K 55 16.23 -12.64 3.23
CA VAL K 55 17.51 -12.89 3.94
C VAL K 55 18.66 -12.12 3.27
N ARG K 56 18.69 -12.00 1.95
CA ARG K 56 19.70 -11.18 1.23
C ARG K 56 19.67 -9.75 1.76
N GLU K 57 18.49 -9.22 1.99
CA GLU K 57 18.37 -7.85 2.56
C GLU K 57 18.91 -7.83 4.00
N LEU K 58 18.59 -8.82 4.82
CA LEU K 58 19.01 -8.83 6.23
C LEU K 58 20.52 -9.01 6.30
N GLU K 59 21.12 -9.81 5.39
CA GLU K 59 22.58 -9.93 5.22
C GLU K 59 23.17 -8.55 4.96
N ASN K 60 22.58 -7.79 4.04
CA ASN K 60 23.14 -6.48 3.59
C ASN K 60 23.02 -5.41 4.69
N ILE K 61 22.10 -5.53 5.65
CA ILE K 61 21.92 -4.56 6.78
C ILE K 61 23.10 -4.71 7.75
N PRO K 62 23.97 -3.68 7.89
CA PRO K 62 25.14 -3.80 8.74
C PRO K 62 24.83 -3.96 10.23
N GLN K 63 23.61 -3.60 10.66
CA GLN K 63 23.20 -3.73 12.08
C GLN K 63 22.89 -5.19 12.45
N PHE K 64 22.77 -6.10 11.48
CA PHE K 64 22.44 -7.51 11.82
C PHE K 64 23.65 -8.40 11.54
N ASN K 65 23.78 -9.42 12.38
CA ASN K 65 24.90 -10.42 12.40
C ASN K 65 24.66 -11.51 11.34
N ALA K 66 24.94 -11.15 10.10
CA ALA K 66 24.83 -11.97 8.88
C ALA K 66 25.35 -11.08 7.77
N GLY K 67 26.01 -11.60 6.73
CA GLY K 67 26.60 -10.74 5.68
C GLY K 67 27.44 -9.60 6.24
N LYS K 68 27.25 -8.38 5.72
CA LYS K 68 27.94 -7.22 6.30
C LYS K 68 27.40 -6.99 7.72
N GLY K 69 28.29 -6.87 8.70
CA GLY K 69 27.88 -6.75 10.11
C GLY K 69 27.92 -8.10 10.81
N SER K 70 28.45 -9.12 10.12
CA SER K 70 28.82 -10.40 10.78
C SER K 70 29.80 -10.15 11.94
N VAL K 71 29.59 -10.86 13.05
CA VAL K 71 30.54 -10.86 14.20
C VAL K 71 31.87 -11.44 13.73
N LEU K 72 32.90 -11.22 14.52
CA LEU K 72 34.29 -11.55 14.18
C LEU K 72 34.68 -12.80 14.97
N THR K 73 35.47 -13.61 14.31
CA THR K 73 36.18 -14.76 14.92
C THR K 73 37.19 -14.21 15.93
N SER K 74 37.79 -15.13 16.68
CA SER K 74 38.88 -14.82 17.63
C SER K 74 40.02 -14.07 16.94
N ASN K 75 40.25 -14.34 15.65
CA ASN K 75 41.34 -13.78 14.82
C ASN K 75 40.89 -12.49 14.11
N GLY K 76 39.75 -11.91 14.46
CA GLY K 76 39.28 -10.61 13.91
C GLY K 76 38.83 -10.69 12.45
N THR K 77 38.36 -11.87 12.00
CA THR K 77 37.92 -12.14 10.61
C THR K 77 36.43 -12.46 10.59
N VAL K 78 35.81 -12.42 9.41
CA VAL K 78 34.41 -12.83 9.22
C VAL K 78 34.37 -14.23 8.58
N GLU K 79 33.62 -15.15 9.18
CA GLU K 79 33.32 -16.49 8.61
C GLU K 79 31.80 -16.66 8.61
N MET K 80 31.20 -16.61 7.44
CA MET K 80 29.71 -16.53 7.32
C MET K 80 29.13 -17.90 6.93
N GLU K 81 27.87 -18.15 7.31
CA GLU K 81 27.20 -19.45 7.07
C GLU K 81 25.68 -19.23 6.98
N ALA K 82 25.03 -20.10 6.23
CA ALA K 82 23.60 -19.98 5.87
C ALA K 82 23.11 -21.35 5.44
N SER K 83 21.80 -21.53 5.56
CA SER K 83 21.08 -22.68 4.98
C SER K 83 19.67 -22.24 4.54
N ILE K 84 19.18 -23.00 3.57
CA ILE K 84 17.83 -22.83 2.98
C ILE K 84 17.19 -24.20 2.83
N MET K 85 15.88 -24.28 3.08
CA MET K 85 15.12 -25.51 2.85
C MET K 85 13.74 -25.25 2.22
N ASP K 86 13.45 -25.98 1.15
CA ASP K 86 12.10 -26.03 0.53
C ASP K 86 11.28 -27.15 1.17
N GLY K 87 10.14 -26.81 1.80
CA GLY K 87 9.32 -27.76 2.55
C GLY K 87 8.54 -28.70 1.65
N THR K 88 8.27 -28.34 0.42
CA THR K 88 7.45 -29.19 -0.51
C THR K 88 8.33 -30.29 -1.13
N THR K 89 9.59 -30.00 -1.41
CA THR K 89 10.57 -30.96 -1.99
C THR K 89 11.44 -31.63 -0.92
N MET K 90 11.53 -31.06 0.28
CA MET K 90 12.54 -31.41 1.33
C MET K 90 13.96 -31.13 0.80
N ASP K 91 14.12 -30.36 -0.29
CA ASP K 91 15.48 -30.09 -0.79
C ASP K 91 16.05 -28.94 0.00
N CYS K 92 17.35 -28.93 0.14
CA CYS K 92 18.02 -27.94 0.99
C CYS K 92 19.41 -27.66 0.50
N GLY K 93 19.95 -26.55 0.98
CA GLY K 93 21.35 -26.17 0.73
C GLY K 93 21.93 -25.46 1.92
N ALA K 94 23.27 -25.51 2.04
CA ALA K 94 24.00 -25.00 3.23
C ALA K 94 25.42 -24.63 2.83
N VAL K 95 25.93 -23.59 3.45
CA VAL K 95 27.31 -23.10 3.23
C VAL K 95 27.89 -22.67 4.57
N SER K 96 29.18 -22.93 4.80
CA SER K 96 29.92 -22.39 5.97
C SER K 96 31.26 -21.84 5.47
N GLY K 97 31.88 -21.02 6.28
CA GLY K 97 33.26 -20.53 6.14
C GLY K 97 33.40 -19.54 5.00
N LEU K 98 32.36 -18.77 4.68
CA LEU K 98 32.47 -17.80 3.56
C LEU K 98 33.12 -16.53 4.06
N THR K 99 34.08 -16.01 3.31
CA THR K 99 34.95 -14.86 3.69
C THR K 99 34.72 -13.67 2.75
N THR K 100 34.29 -13.89 1.50
CA THR K 100 34.16 -12.80 0.49
C THR K 100 32.77 -12.77 -0.18
N VAL K 101 31.91 -13.77 0.03
CA VAL K 101 30.60 -13.86 -0.65
C VAL K 101 29.64 -12.86 0.00
N VAL K 102 29.07 -11.96 -0.80
CA VAL K 102 28.19 -10.88 -0.29
C VAL K 102 26.92 -11.49 0.34
N ASN K 103 26.26 -12.43 -0.35
CA ASN K 103 24.98 -13.04 0.07
C ASN K 103 25.15 -14.56 0.29
N ALA K 104 25.51 -14.98 1.50
CA ALA K 104 25.71 -16.40 1.85
C ALA K 104 24.44 -17.20 1.51
N ILE K 105 23.23 -16.71 1.79
CA ILE K 105 21.99 -17.50 1.56
C ILE K 105 21.83 -17.88 0.08
N SER K 106 22.25 -17.00 -0.82
CA SER K 106 22.12 -17.21 -2.28
C SER K 106 23.11 -18.32 -2.70
N LEU K 107 24.28 -18.42 -2.06
CA LEU K 107 25.23 -19.51 -2.39
C LEU K 107 24.67 -20.85 -1.89
N ALA K 108 24.05 -20.84 -0.70
CA ALA K 108 23.34 -22.03 -0.15
C ALA K 108 22.31 -22.47 -1.17
N ARG K 109 21.52 -21.53 -1.71
CA ARG K 109 20.49 -21.91 -2.70
C ARG K 109 21.18 -22.53 -3.93
N LEU K 110 22.29 -21.96 -4.39
CA LEU K 110 23.05 -22.47 -5.55
C LEU K 110 23.65 -23.87 -5.28
N VAL K 111 24.14 -24.18 -4.08
CA VAL K 111 24.61 -25.57 -3.80
C VAL K 111 23.45 -26.54 -4.05
N MET K 112 22.25 -26.20 -3.56
CA MET K 112 21.02 -27.01 -3.72
C MET K 112 20.73 -27.19 -5.21
N GLU K 113 20.75 -26.09 -5.98
CA GLU K 113 20.31 -26.11 -7.41
C GLU K 113 21.36 -26.67 -8.34
N LYS K 114 22.64 -26.46 -8.05
CA LYS K 114 23.70 -26.60 -9.10
C LYS K 114 24.66 -27.74 -8.80
N THR K 115 24.54 -28.44 -7.66
CA THR K 115 25.48 -29.53 -7.27
C THR K 115 24.71 -30.77 -6.85
N PRO K 116 25.36 -31.95 -6.75
CA PRO K 116 24.65 -33.11 -6.19
C PRO K 116 24.66 -33.07 -4.66
N HIS K 117 25.09 -31.99 -4.04
CA HIS K 117 25.35 -31.95 -2.58
C HIS K 117 24.38 -30.99 -1.90
N ILE K 118 24.38 -30.99 -0.58
CA ILE K 118 23.59 -30.04 0.23
C ILE K 118 24.57 -28.98 0.74
N TYR K 119 25.77 -29.37 1.16
CA TYR K 119 26.58 -28.52 2.07
C TYR K 119 28.02 -28.42 1.57
N LEU K 120 28.46 -27.20 1.25
CA LEU K 120 29.91 -26.94 0.98
C LEU K 120 30.43 -25.93 1.99
N ALA K 121 31.71 -26.00 2.35
CA ALA K 121 32.27 -25.14 3.40
C ALA K 121 33.71 -24.72 3.06
N PHE K 122 34.06 -23.53 3.53
CA PHE K 122 35.43 -22.93 3.56
C PHE K 122 35.96 -22.79 2.12
N ASP K 123 37.20 -23.20 1.80
CA ASP K 123 37.82 -23.03 0.47
C ASP K 123 36.90 -23.56 -0.64
N GLY K 124 36.37 -24.78 -0.51
CA GLY K 124 35.55 -25.39 -1.58
C GLY K 124 34.29 -24.59 -1.87
N ALA K 125 33.70 -23.99 -0.84
CA ALA K 125 32.48 -23.14 -0.99
C ALA K 125 32.88 -21.84 -1.73
N GLU K 126 33.99 -21.21 -1.32
CA GLU K 126 34.51 -19.96 -1.95
C GLU K 126 34.88 -20.27 -3.42
N GLU K 127 35.45 -21.45 -3.70
CA GLU K 127 35.77 -21.83 -5.09
C GLU K 127 34.48 -22.06 -5.89
N PHE K 128 33.47 -22.72 -5.30
CA PHE K 128 32.12 -22.83 -5.90
C PHE K 128 31.52 -21.45 -6.23
N ALA K 129 31.61 -20.50 -5.29
CA ALA K 129 31.08 -19.13 -5.47
C ALA K 129 31.66 -18.56 -6.77
N ARG K 130 32.96 -18.75 -7.01
CA ARG K 130 33.65 -18.18 -8.21
C ARG K 130 33.22 -18.89 -9.51
N GLN K 131 33.13 -20.21 -9.50
CA GLN K 131 32.56 -21.00 -10.61
C GLN K 131 31.19 -20.44 -10.96
N GLN K 132 30.36 -20.10 -9.96
CA GLN K 132 28.98 -19.62 -10.16
C GLN K 132 28.94 -18.15 -10.61
N GLY K 133 30.00 -17.38 -10.36
CA GLY K 133 30.08 -15.95 -10.71
C GLY K 133 29.22 -15.09 -9.81
N VAL K 134 28.92 -15.50 -8.56
CA VAL K 134 28.23 -14.63 -7.55
C VAL K 134 29.14 -13.47 -7.13
N GLU K 135 28.52 -12.43 -6.58
CA GLU K 135 29.16 -11.17 -6.14
C GLU K 135 30.07 -11.51 -4.96
N THR K 136 31.32 -11.08 -5.06
CA THR K 136 32.33 -11.16 -3.99
C THR K 136 32.96 -9.79 -3.74
N LEU K 137 33.33 -9.56 -2.50
CA LEU K 137 34.03 -8.32 -2.09
C LEU K 137 35.12 -8.66 -1.10
N ASP K 138 36.07 -7.74 -0.98
CA ASP K 138 37.20 -7.86 -0.04
C ASP K 138 36.64 -8.16 1.37
N SER K 139 37.29 -9.03 2.14
CA SER K 139 36.76 -9.46 3.47
C SER K 139 36.55 -8.26 4.39
N SER K 140 37.31 -7.17 4.20
CA SER K 140 37.21 -5.91 4.99
C SER K 140 35.84 -5.26 4.81
N HIS K 141 35.20 -5.45 3.65
CA HIS K 141 33.79 -5.01 3.41
C HIS K 141 32.88 -5.44 4.56
N PHE K 142 33.05 -6.66 5.10
CA PHE K 142 32.07 -7.34 5.97
C PHE K 142 32.23 -6.87 7.41
N ILE K 143 33.42 -6.36 7.74
CA ILE K 143 33.84 -5.98 9.12
C ILE K 143 33.37 -4.54 9.42
N THR K 144 32.69 -4.33 10.54
CA THR K 144 32.19 -3.00 10.97
C THR K 144 32.87 -2.57 12.27
N ALA K 145 32.85 -1.28 12.53
CA ALA K 145 33.49 -0.65 13.70
C ALA K 145 32.84 -1.23 14.97
N GLU K 146 31.52 -1.38 15.00
CA GLU K 146 30.79 -1.96 16.17
C GLU K 146 31.34 -3.38 16.46
N ASN K 147 31.69 -4.14 15.43
CA ASN K 147 32.07 -5.57 15.61
C ASN K 147 33.54 -5.71 16.00
N ILE K 148 34.42 -4.82 15.50
CA ILE K 148 35.79 -4.67 16.05
C ILE K 148 35.68 -4.44 17.56
N GLU K 149 34.83 -3.49 18.00
CA GLU K 149 34.62 -3.11 19.41
C GLU K 149 34.02 -4.30 20.20
N ARG K 150 33.01 -4.99 19.66
CA ARG K 150 32.37 -6.17 20.31
C ARG K 150 33.41 -7.25 20.60
N LEU K 151 34.38 -7.45 19.71
CA LEU K 151 35.43 -8.50 19.84
C LEU K 151 36.43 -8.06 20.92
N LYS K 152 36.67 -6.75 21.06
CA LYS K 152 37.51 -6.24 22.16
C LYS K 152 36.84 -6.55 23.51
N GLN K 153 35.55 -6.22 23.65
CA GLN K 153 34.75 -6.45 24.88
C GLN K 153 34.80 -7.93 25.27
N ALA K 154 34.72 -8.85 24.29
CA ALA K 154 34.62 -10.32 24.51
C ALA K 154 35.97 -10.88 24.98
N LYS K 155 37.04 -10.46 24.32
CA LYS K 155 38.41 -10.86 24.72
C LYS K 155 38.66 -10.31 26.14
N GLU K 156 38.33 -9.04 26.40
CA GLU K 156 38.62 -8.42 27.72
C GLU K 156 37.79 -9.17 28.78
N ALA K 157 36.51 -9.43 28.50
CA ALA K 157 35.63 -10.25 29.36
C ALA K 157 36.02 -11.74 29.28
N ASN K 158 37.32 -12.06 29.32
CA ASN K 158 37.86 -13.43 29.18
C ASN K 158 39.31 -13.51 29.71
N THR K 187 22.65 -13.70 13.74
CA THR K 187 21.74 -14.54 12.90
C THR K 187 20.61 -13.69 12.38
N VAL K 188 20.20 -13.95 11.14
CA VAL K 188 18.94 -13.43 10.53
C VAL K 188 18.18 -14.61 9.93
N GLY K 189 16.90 -14.44 9.67
CA GLY K 189 16.12 -15.53 9.08
C GLY K 189 14.83 -15.04 8.48
N CYS K 190 14.25 -15.89 7.67
CA CYS K 190 12.91 -15.69 7.07
C CYS K 190 12.24 -17.05 6.89
N VAL K 191 10.98 -17.12 7.27
CA VAL K 191 10.11 -18.29 6.95
C VAL K 191 8.87 -17.79 6.21
N ALA K 192 8.42 -18.54 5.20
CA ALA K 192 7.27 -18.12 4.39
C ALA K 192 6.40 -19.32 4.01
N VAL K 193 5.11 -19.03 3.86
CA VAL K 193 4.15 -19.97 3.25
C VAL K 193 3.31 -19.17 2.24
N ASP K 194 2.96 -19.78 1.11
CA ASP K 194 2.06 -19.12 0.13
C ASP K 194 0.63 -19.60 0.39
N GLY K 195 -0.32 -19.21 -0.45
CA GLY K 195 -1.74 -19.55 -0.32
C GLY K 195 -2.03 -21.03 -0.54
N ASN K 196 -1.07 -21.76 -1.10
CA ASN K 196 -1.21 -23.17 -1.57
C ASN K 196 -0.57 -24.14 -0.58
N GLY K 197 0.10 -23.65 0.48
CA GLY K 197 0.68 -24.50 1.52
C GLY K 197 2.17 -24.76 1.33
N ASN K 198 2.80 -24.16 0.30
CA ASN K 198 4.26 -24.35 0.04
C ASN K 198 5.04 -23.58 1.09
N LEU K 199 5.93 -24.26 1.78
CA LEU K 199 6.67 -23.67 2.92
C LEU K 199 8.15 -23.52 2.55
N ALA K 200 8.87 -22.53 3.07
CA ALA K 200 10.35 -22.49 3.00
C ALA K 200 10.94 -21.78 4.21
N SER K 201 12.20 -22.05 4.49
CA SER K 201 13.01 -21.42 5.53
C SER K 201 14.41 -21.10 5.02
N ALA K 202 14.97 -19.98 5.49
CA ALA K 202 16.30 -19.45 5.18
C ALA K 202 16.86 -18.82 6.46
N THR K 203 18.12 -19.10 6.78
CA THR K 203 18.82 -18.56 7.95
C THR K 203 20.23 -18.22 7.52
N SER K 204 20.76 -17.12 8.00
CA SER K 204 22.12 -16.67 7.65
C SER K 204 22.75 -15.99 8.86
N THR K 205 24.05 -16.16 9.04
CA THR K 205 24.71 -15.62 10.27
C THR K 205 26.21 -15.39 10.08
N GLY K 206 26.80 -14.57 10.94
CA GLY K 206 28.26 -14.47 11.19
C GLY K 206 28.73 -15.40 12.32
N GLY K 207 27.79 -15.95 13.09
CA GLY K 207 28.06 -16.91 14.19
C GLY K 207 28.14 -16.19 15.53
N LEU K 208 29.17 -16.51 16.31
CA LEU K 208 29.35 -16.07 17.71
C LEU K 208 30.63 -15.24 17.77
N VAL K 209 30.58 -14.07 18.41
CA VAL K 209 31.78 -13.21 18.59
C VAL K 209 32.88 -13.99 19.30
N ASN K 210 34.11 -13.91 18.80
CA ASN K 210 35.34 -14.51 19.38
C ASN K 210 35.32 -16.04 19.18
N LYS K 211 34.49 -16.58 18.28
CA LYS K 211 34.50 -18.04 17.93
C LYS K 211 35.89 -18.40 17.40
N MET K 212 36.32 -19.65 17.64
CA MET K 212 37.56 -20.16 17.06
C MET K 212 37.37 -20.15 15.56
N VAL K 213 38.42 -19.89 14.80
CA VAL K 213 38.37 -19.98 13.32
C VAL K 213 38.00 -21.42 12.99
N GLY K 214 37.09 -21.56 12.02
CA GLY K 214 36.54 -22.82 11.55
C GLY K 214 35.37 -23.34 12.37
N ARG K 215 34.90 -22.61 13.37
CA ARG K 215 33.77 -23.04 14.23
C ARG K 215 32.48 -22.98 13.42
N ILE K 216 31.67 -24.04 13.45
CA ILE K 216 30.36 -24.05 12.74
C ILE K 216 29.26 -24.09 13.81
N GLY K 217 28.22 -23.23 13.70
CA GLY K 217 27.09 -23.25 14.62
C GLY K 217 25.86 -23.88 14.04
N ASP K 218 24.70 -23.55 14.57
CA ASP K 218 23.45 -24.24 14.22
C ASP K 218 22.97 -23.79 12.84
N THR K 219 23.25 -22.53 12.43
CA THR K 219 22.62 -21.87 11.26
C THR K 219 22.65 -22.74 9.99
N PRO K 220 23.79 -23.35 9.56
CA PRO K 220 23.85 -24.07 8.29
C PRO K 220 23.45 -25.55 8.40
N LEU K 221 23.12 -25.99 9.61
CA LEU K 221 22.76 -27.40 9.89
C LEU K 221 21.25 -27.57 9.78
N ILE K 222 20.84 -28.29 8.74
CA ILE K 222 19.43 -28.74 8.53
C ILE K 222 18.94 -29.52 9.76
N GLY K 223 17.90 -28.99 10.41
CA GLY K 223 17.24 -29.60 11.58
C GLY K 223 17.65 -28.92 12.85
N ALA K 224 18.66 -28.05 12.78
CA ALA K 224 19.09 -27.23 13.93
C ALA K 224 18.60 -25.81 13.71
N GLY K 225 19.23 -25.06 12.81
CA GLY K 225 18.87 -23.64 12.55
C GLY K 225 17.73 -23.47 11.56
N THR K 226 17.61 -24.39 10.61
CA THR K 226 16.68 -24.31 9.46
C THR K 226 15.98 -25.64 9.28
N TYR K 227 14.68 -25.62 9.02
CA TYR K 227 13.95 -26.84 8.61
C TYR K 227 12.62 -26.41 8.00
N ALA K 228 12.21 -27.10 6.94
CA ALA K 228 10.87 -26.92 6.36
C ALA K 228 10.40 -28.28 5.86
N ASP K 229 9.11 -28.54 5.97
CA ASP K 229 8.52 -29.81 5.48
C ASP K 229 7.11 -29.47 4.98
N ALA K 230 6.23 -30.49 4.85
CA ALA K 230 4.84 -30.30 4.36
C ALA K 230 4.01 -29.51 5.38
N ARG K 231 4.40 -29.53 6.65
CA ARG K 231 3.56 -29.01 7.77
C ARG K 231 4.08 -27.66 8.31
N CYS K 232 5.38 -27.39 8.29
CA CYS K 232 5.90 -26.13 8.88
C CYS K 232 7.26 -25.71 8.28
N ALA K 233 7.63 -24.47 8.55
CA ALA K 233 8.97 -23.92 8.24
C ALA K 233 9.44 -23.16 9.46
N VAL K 234 10.71 -23.32 9.82
CA VAL K 234 11.27 -22.91 11.13
C VAL K 234 12.66 -22.32 10.88
N SER K 235 12.92 -21.16 11.47
CA SER K 235 14.27 -20.56 11.51
C SER K 235 14.60 -20.20 12.97
N ALA K 236 15.66 -20.79 13.53
CA ALA K 236 16.08 -20.56 14.94
C ALA K 236 17.24 -19.58 15.00
N THR K 237 17.50 -19.06 16.19
CA THR K 237 18.54 -18.04 16.46
C THR K 237 18.84 -18.06 17.96
N GLY K 238 20.09 -17.82 18.30
CA GLY K 238 20.56 -17.77 19.70
C GLY K 238 21.91 -18.42 19.86
N LYS K 239 22.11 -19.14 20.95
CA LYS K 239 23.43 -19.75 21.26
C LYS K 239 23.54 -21.02 20.42
N GLY K 240 24.43 -20.98 19.42
CA GLY K 240 24.50 -22.03 18.37
C GLY K 240 24.66 -23.43 18.93
N GLU K 241 25.54 -23.61 19.93
CA GLU K 241 25.88 -24.96 20.50
C GLU K 241 24.63 -25.55 21.14
N ALA K 242 23.77 -24.73 21.78
CA ALA K 242 22.51 -25.20 22.41
C ALA K 242 21.48 -25.60 21.34
N ILE K 243 21.46 -24.90 20.21
CA ILE K 243 20.50 -25.15 19.10
C ILE K 243 20.88 -26.45 18.37
N ILE K 244 22.18 -26.68 18.21
CA ILE K 244 22.70 -27.95 17.62
C ILE K 244 22.30 -29.11 18.55
N ARG K 245 22.73 -29.06 19.81
CA ARG K 245 22.43 -30.10 20.84
C ARG K 245 20.91 -30.35 20.85
N GLY K 246 20.10 -29.29 20.75
CA GLY K 246 18.64 -29.36 20.89
C GLY K 246 17.87 -29.67 19.62
N THR K 247 18.54 -29.81 18.46
CA THR K 247 17.93 -30.05 17.13
C THR K 247 16.63 -29.23 16.98
N VAL K 248 16.74 -27.93 17.21
CA VAL K 248 15.55 -27.10 17.48
C VAL K 248 14.58 -27.09 16.32
N ALA K 249 15.01 -26.71 15.11
CA ALA K 249 14.09 -26.61 13.94
C ALA K 249 13.41 -27.98 13.70
N ARG K 250 14.20 -29.05 13.67
CA ARG K 250 13.64 -30.43 13.55
C ARG K 250 12.59 -30.68 14.66
N ASP K 251 12.90 -30.35 15.91
CA ASP K 251 12.04 -30.73 17.06
C ASP K 251 10.65 -30.10 16.90
N VAL K 252 10.57 -28.85 16.43
CA VAL K 252 9.27 -28.15 16.23
C VAL K 252 8.44 -28.97 15.24
N ALA K 253 9.10 -29.44 14.18
CA ALA K 253 8.42 -30.16 13.08
C ALA K 253 8.03 -31.55 13.59
N ALA K 254 8.85 -32.20 14.40
CA ALA K 254 8.58 -33.58 14.87
C ALA K 254 7.42 -33.57 15.89
N LEU K 255 7.38 -32.59 16.79
CA LEU K 255 6.21 -32.38 17.70
C LEU K 255 4.91 -32.22 16.89
N MET K 256 4.94 -31.50 15.77
CA MET K 256 3.76 -31.35 14.90
C MET K 256 3.41 -32.71 14.28
N GLU K 257 4.40 -33.38 13.68
CA GLU K 257 4.15 -34.65 12.95
C GLU K 257 3.80 -35.77 13.94
N PHE K 258 4.57 -35.92 15.02
CA PHE K 258 4.58 -37.16 15.84
C PHE K 258 3.56 -37.08 17.00
N LYS K 259 3.27 -35.89 17.52
CA LYS K 259 2.26 -35.68 18.61
C LYS K 259 1.03 -34.91 18.13
N GLY K 260 0.98 -34.51 16.86
CA GLY K 260 -0.14 -33.72 16.32
C GLY K 260 -0.29 -32.37 16.99
N LEU K 261 0.78 -31.84 17.61
CA LEU K 261 0.78 -30.47 18.23
C LEU K 261 0.49 -29.45 17.13
N SER K 262 -0.24 -28.39 17.48
CA SER K 262 -0.34 -27.18 16.61
C SER K 262 1.06 -26.53 16.49
N LEU K 263 1.20 -25.64 15.51
CA LEU K 263 2.41 -24.78 15.36
C LEU K 263 2.70 -24.04 16.66
N GLU K 264 1.73 -23.33 17.22
CA GLU K 264 1.93 -22.53 18.45
C GLU K 264 2.37 -23.47 19.59
N GLU K 265 1.73 -24.64 19.71
CA GLU K 265 2.01 -25.62 20.79
C GLU K 265 3.44 -26.15 20.66
N ALA K 266 3.83 -26.56 19.46
CA ALA K 266 5.14 -27.20 19.17
C ALA K 266 6.26 -26.20 19.46
N ALA K 267 6.12 -25.00 18.92
CA ALA K 267 7.08 -23.88 18.98
C ALA K 267 7.27 -23.43 20.43
N THR K 268 6.16 -23.22 21.17
CA THR K 268 6.19 -22.89 22.62
C THR K 268 6.88 -23.99 23.42
N CYS K 269 6.52 -25.25 23.17
CA CYS K 269 7.12 -26.39 23.89
C CYS K 269 8.64 -26.31 23.71
N VAL K 270 9.12 -26.18 22.48
CA VAL K 270 10.60 -26.28 22.23
C VAL K 270 11.31 -25.11 22.93
N VAL K 271 10.73 -23.90 22.90
CA VAL K 271 11.42 -22.66 23.38
C VAL K 271 11.31 -22.57 24.91
N HIS K 272 10.15 -22.90 25.49
CA HIS K 272 9.86 -22.62 26.92
C HIS K 272 9.91 -23.88 27.80
N GLU K 273 10.07 -25.08 27.22
CA GLU K 273 10.11 -26.33 28.03
C GLU K 273 11.34 -27.16 27.75
N ARG K 274 11.80 -27.24 26.49
CA ARG K 274 12.79 -28.25 26.07
C ARG K 274 14.18 -27.65 25.90
N THR K 275 14.38 -26.33 26.10
CA THR K 275 15.70 -25.63 25.92
C THR K 275 15.96 -24.65 27.05
N PRO K 276 17.23 -24.41 27.41
CA PRO K 276 17.54 -23.53 28.53
C PRO K 276 17.13 -22.08 28.23
N LYS K 277 16.75 -21.36 29.27
CA LYS K 277 16.42 -19.91 29.23
C LYS K 277 17.63 -19.13 28.71
N GLY K 278 17.42 -18.03 27.98
CA GLY K 278 18.51 -17.16 27.49
C GLY K 278 19.23 -17.73 26.28
N THR K 279 18.78 -18.84 25.70
CA THR K 279 19.56 -19.52 24.63
C THR K 279 18.91 -19.34 23.27
N LEU K 280 17.56 -19.23 23.20
CA LEU K 280 16.83 -19.56 21.94
C LEU K 280 15.68 -18.61 21.68
N GLY K 281 15.57 -18.19 20.42
CA GLY K 281 14.34 -17.69 19.80
C GLY K 281 14.09 -18.40 18.48
N LEU K 282 12.84 -18.41 18.00
CA LEU K 282 12.58 -18.93 16.64
C LEU K 282 11.35 -18.31 16.01
N ILE K 283 11.35 -18.35 14.69
CA ILE K 283 10.20 -17.92 13.88
C ILE K 283 9.72 -19.18 13.15
N ALA K 284 8.41 -19.33 13.00
CA ALA K 284 7.83 -20.49 12.34
C ALA K 284 6.54 -20.09 11.64
N VAL K 285 6.25 -20.76 10.52
CA VAL K 285 4.91 -20.68 9.88
C VAL K 285 4.42 -22.09 9.61
N SER K 286 3.11 -22.29 9.61
CA SER K 286 2.49 -23.60 9.27
C SER K 286 1.99 -23.58 7.83
N ALA K 287 1.68 -24.77 7.30
CA ALA K 287 1.05 -24.97 5.99
C ALA K 287 -0.32 -24.26 5.92
N LYS K 288 -0.99 -24.05 7.06
CA LYS K 288 -2.32 -23.40 7.13
C LYS K 288 -2.21 -21.86 7.22
N GLY K 289 -0.99 -21.31 7.25
CA GLY K 289 -0.71 -19.87 7.28
C GLY K 289 -0.67 -19.30 8.69
N GLU K 290 -0.46 -20.13 9.71
CA GLU K 290 -0.23 -19.67 11.10
C GLU K 290 1.19 -19.15 11.23
N VAL K 291 1.44 -18.35 12.28
CA VAL K 291 2.76 -17.77 12.62
C VAL K 291 2.97 -17.93 14.13
N ALA K 292 4.18 -18.35 14.53
CA ALA K 292 4.66 -18.38 15.93
C ALA K 292 6.05 -17.74 15.97
N MET K 293 6.31 -16.88 16.96
CA MET K 293 7.67 -16.29 17.15
C MET K 293 8.09 -16.29 18.62
N PRO K 294 8.04 -17.47 19.29
CA PRO K 294 8.48 -17.57 20.68
C PRO K 294 10.00 -17.42 20.87
N TYR K 295 10.40 -16.87 22.01
CA TYR K 295 11.83 -16.70 22.37
C TYR K 295 11.98 -16.74 23.90
N ASN K 296 13.06 -17.35 24.39
CA ASN K 296 13.34 -17.46 25.85
C ASN K 296 14.46 -16.49 26.23
N THR K 297 14.83 -15.59 25.32
CA THR K 297 15.81 -14.49 25.53
C THR K 297 15.07 -13.23 26.02
N THR K 298 15.80 -12.17 26.41
CA THR K 298 15.24 -10.84 26.76
C THR K 298 14.43 -10.28 25.60
N GLY K 299 14.93 -10.53 24.40
CA GLY K 299 14.45 -9.89 23.17
C GLY K 299 14.67 -10.77 21.96
N MET K 300 13.92 -10.47 20.91
CA MET K 300 14.24 -10.97 19.57
C MET K 300 13.69 -10.00 18.55
N PHE K 301 14.58 -9.41 17.76
CA PHE K 301 14.25 -8.53 16.61
C PHE K 301 13.40 -9.35 15.65
N ARG K 302 12.12 -8.99 15.49
CA ARG K 302 11.20 -9.87 14.76
C ARG K 302 10.10 -9.04 14.07
N ALA K 303 9.52 -9.65 13.04
CA ALA K 303 8.39 -9.09 12.27
C ALA K 303 7.63 -10.21 11.59
N CYS K 304 6.33 -10.02 11.34
CA CYS K 304 5.52 -11.05 10.65
C CYS K 304 4.31 -10.39 10.01
N ALA K 305 3.73 -11.06 9.04
CA ALA K 305 2.49 -10.62 8.38
C ALA K 305 1.72 -11.85 7.90
N THR K 306 0.40 -11.75 7.87
CA THR K 306 -0.45 -12.85 7.38
C THR K 306 -1.42 -12.27 6.35
N GLU K 307 -1.82 -13.10 5.39
CA GLU K 307 -2.96 -12.80 4.51
C GLU K 307 -4.23 -12.48 5.35
N ASP K 308 -4.37 -13.04 6.56
CA ASP K 308 -5.57 -12.77 7.41
C ASP K 308 -5.41 -11.44 8.15
N GLY K 309 -4.40 -10.65 7.79
CA GLY K 309 -4.32 -9.20 8.04
C GLY K 309 -3.75 -8.92 9.40
N TYR K 310 -3.01 -9.86 9.95
CA TYR K 310 -2.16 -9.61 11.12
C TYR K 310 -0.81 -9.13 10.61
N SER K 311 -0.24 -8.09 11.20
CA SER K 311 1.22 -7.80 11.08
C SER K 311 1.74 -7.25 12.40
N GLU K 312 3.04 -7.38 12.61
CA GLU K 312 3.75 -7.02 13.85
C GLU K 312 5.23 -6.82 13.56
N VAL K 313 5.79 -5.75 14.12
CA VAL K 313 7.24 -5.50 14.27
C VAL K 313 7.51 -5.38 15.77
N ALA K 314 8.56 -6.02 16.30
CA ALA K 314 8.81 -6.02 17.75
C ALA K 314 10.25 -6.40 18.06
N ILE K 315 10.65 -6.02 19.26
CA ILE K 315 11.98 -6.31 19.84
C ILE K 315 11.75 -7.02 21.16
N TRP K 316 10.96 -6.42 22.06
CA TRP K 316 10.67 -6.96 23.42
C TRP K 316 9.28 -7.57 23.50
N PRO K 317 8.92 -8.23 24.63
CA PRO K 317 7.54 -8.66 24.87
C PRO K 317 6.55 -7.47 24.78
N GLY L 2 21.82 -55.34 30.71
CA GLY L 2 23.33 -55.39 30.76
C GLY L 2 23.93 -54.55 29.63
N TRP L 3 25.26 -54.61 29.40
CA TRP L 3 25.90 -53.75 28.37
C TRP L 3 25.50 -54.26 26.95
N ALA L 4 25.54 -53.37 25.95
CA ALA L 4 25.31 -53.74 24.54
C ALA L 4 26.14 -52.84 23.64
N ILE L 5 26.52 -53.36 22.48
CA ILE L 5 27.38 -52.60 21.55
C ILE L 5 26.99 -52.99 20.14
N ALA L 6 27.03 -52.01 19.24
CA ALA L 6 26.86 -52.28 17.82
C ALA L 6 27.85 -51.44 17.06
N LEU L 7 28.30 -51.94 15.89
CA LEU L 7 29.24 -51.19 15.05
C LEU L 7 28.92 -51.47 13.58
N HIS L 8 29.28 -50.51 12.74
CA HIS L 8 29.14 -50.67 11.27
C HIS L 8 30.41 -50.22 10.57
N GLY L 9 30.61 -50.77 9.39
CA GLY L 9 31.60 -50.30 8.42
C GLY L 9 30.93 -49.90 7.11
N GLY L 10 29.75 -49.30 7.16
CA GLY L 10 29.11 -48.72 5.98
C GLY L 10 28.05 -49.61 5.35
N ALA L 11 26.99 -48.94 4.92
CA ALA L 11 25.84 -49.51 4.18
C ALA L 11 25.89 -48.96 2.77
N GLY L 12 25.67 -49.83 1.82
CA GLY L 12 25.52 -49.46 0.42
C GLY L 12 25.10 -50.65 -0.41
N ASP L 13 25.22 -50.45 -1.71
CA ASP L 13 25.03 -51.51 -2.71
C ASP L 13 26.30 -52.38 -2.65
N ILE L 14 26.44 -53.17 -1.59
CA ILE L 14 27.47 -54.22 -1.43
C ILE L 14 26.95 -55.43 -2.19
N PRO L 15 27.51 -55.73 -3.39
CA PRO L 15 26.93 -56.72 -4.29
C PRO L 15 27.10 -58.12 -3.67
N LEU L 16 26.08 -58.98 -3.83
CA LEU L 16 26.06 -60.33 -3.23
C LEU L 16 27.17 -61.20 -3.85
N SER L 17 27.79 -60.75 -4.95
CA SER L 17 28.92 -61.44 -5.62
C SER L 17 30.28 -60.84 -5.21
N LEU L 18 30.30 -59.93 -4.21
CA LEU L 18 31.51 -59.25 -3.69
C LEU L 18 32.63 -60.27 -3.60
N PRO L 19 33.81 -60.01 -4.21
CA PRO L 19 34.91 -60.98 -4.17
C PRO L 19 35.23 -61.35 -2.73
N PRO L 20 35.56 -62.63 -2.46
CA PRO L 20 36.03 -63.06 -1.15
C PRO L 20 37.15 -62.16 -0.60
N GLU L 21 38.10 -61.77 -1.46
CA GLU L 21 39.32 -61.04 -1.03
C GLU L 21 38.95 -59.66 -0.47
N ARG L 22 37.82 -59.10 -0.91
CA ARG L 22 37.33 -57.79 -0.37
C ARG L 22 36.45 -58.06 0.85
N ARG L 23 35.67 -59.14 0.84
CA ARG L 23 34.70 -59.46 1.92
C ARG L 23 35.49 -59.83 3.18
N HIS L 24 36.52 -60.70 3.01
CA HIS L 24 37.33 -61.36 4.07
C HIS L 24 37.86 -60.36 5.08
N PRO L 25 38.70 -59.38 4.65
CA PRO L 25 39.30 -58.40 5.56
C PRO L 25 38.28 -57.53 6.28
N ARG L 26 37.18 -57.16 5.62
CA ARG L 26 36.10 -56.35 6.25
C ARG L 26 35.38 -57.19 7.30
N GLU L 27 35.08 -58.45 7.01
CA GLU L 27 34.46 -59.37 8.00
C GLU L 27 35.37 -59.44 9.24
N GLU L 28 36.65 -59.75 9.02
CA GLU L 28 37.63 -59.93 10.12
C GLU L 28 37.85 -58.63 10.89
N ALA L 29 37.90 -57.47 10.21
CA ALA L 29 37.92 -56.14 10.88
C ALA L 29 36.69 -55.97 11.76
N LEU L 30 35.49 -56.32 11.29
CA LEU L 30 34.29 -56.17 12.16
C LEU L 30 34.53 -56.96 13.43
N ARG L 31 35.04 -58.17 13.27
CA ARG L 31 35.18 -59.11 14.41
C ARG L 31 36.20 -58.52 15.37
N HIS L 32 37.37 -58.08 14.86
CA HIS L 32 38.47 -57.48 15.69
C HIS L 32 37.91 -56.28 16.47
N CYS L 33 37.22 -55.37 15.77
CA CYS L 33 36.73 -54.11 16.41
C CYS L 33 35.62 -54.42 17.41
N LEU L 34 34.73 -55.39 17.14
CA LEU L 34 33.71 -55.84 18.12
C LEU L 34 34.42 -56.28 19.40
N GLN L 35 35.54 -57.00 19.30
CA GLN L 35 36.27 -57.54 20.50
C GLN L 35 36.84 -56.37 21.30
N ILE L 36 37.33 -55.33 20.61
CA ILE L 36 37.87 -54.13 21.30
C ILE L 36 36.72 -53.60 22.18
N GLY L 37 35.53 -53.43 21.60
CA GLY L 37 34.39 -52.82 22.29
C GLY L 37 33.93 -53.70 23.44
N VAL L 38 33.88 -55.02 23.22
CA VAL L 38 33.34 -55.96 24.25
C VAL L 38 34.29 -55.93 25.46
N GLU L 39 35.60 -56.00 25.23
CA GLU L 39 36.63 -56.01 26.29
C GLU L 39 36.52 -54.72 27.11
N ALA L 40 36.32 -53.59 26.41
CA ALA L 40 36.11 -52.27 27.05
C ALA L 40 34.89 -52.35 27.97
N LEU L 41 33.75 -52.90 27.50
CA LEU L 41 32.48 -52.87 28.26
C LEU L 41 32.57 -53.86 29.43
N LYS L 42 33.23 -55.00 29.21
CA LYS L 42 33.49 -55.99 30.29
C LYS L 42 34.33 -55.32 31.37
N ALA L 43 35.33 -54.48 30.98
CA ALA L 43 36.21 -53.72 31.89
C ALA L 43 35.48 -52.49 32.48
N LYS L 44 34.21 -52.28 32.13
CA LYS L 44 33.33 -51.17 32.60
C LYS L 44 33.93 -49.81 32.20
N LEU L 45 34.58 -49.74 31.04
CA LEU L 45 34.97 -48.43 30.45
C LEU L 45 33.70 -47.65 30.11
N PRO L 46 33.64 -46.33 30.37
CA PRO L 46 32.47 -45.53 30.01
C PRO L 46 32.16 -45.65 28.52
N PRO L 47 30.88 -45.84 28.14
CA PRO L 47 30.48 -45.93 26.74
C PRO L 47 31.10 -44.84 25.84
N LEU L 48 31.25 -43.61 26.34
CA LEU L 48 31.85 -42.54 25.54
C LEU L 48 33.27 -42.93 25.14
N ASP L 49 34.03 -43.62 26.02
CA ASP L 49 35.41 -44.08 25.72
C ASP L 49 35.38 -45.32 24.84
N VAL L 50 34.36 -46.15 25.03
CA VAL L 50 34.17 -47.39 24.25
C VAL L 50 34.03 -46.97 22.79
N VAL L 51 33.13 -46.05 22.50
CA VAL L 51 32.79 -45.76 21.07
C VAL L 51 33.98 -45.08 20.41
N GLU L 52 34.71 -44.19 21.11
CA GLU L 52 35.93 -43.56 20.55
C GLU L 52 36.97 -44.66 20.24
N ARG L 53 37.23 -45.57 21.18
CA ARG L 53 38.24 -46.64 20.98
C ARG L 53 37.94 -47.46 19.72
N VAL L 54 36.69 -47.90 19.55
CA VAL L 54 36.28 -48.81 18.44
C VAL L 54 36.41 -48.03 17.13
N VAL L 55 35.90 -46.79 17.10
CA VAL L 55 35.95 -45.96 15.86
C VAL L 55 37.40 -45.63 15.46
N ARG L 56 38.29 -45.37 16.41
CA ARG L 56 39.74 -45.18 16.15
C ARG L 56 40.25 -46.40 15.39
N GLU L 57 39.84 -47.59 15.81
CA GLU L 57 40.35 -48.81 15.13
C GLU L 57 39.73 -48.94 13.73
N LEU L 58 38.43 -48.64 13.61
CA LEU L 58 37.72 -48.70 12.30
C LEU L 58 38.31 -47.70 11.29
N GLU L 59 38.70 -46.48 11.76
CA GLU L 59 39.46 -45.45 10.98
C GLU L 59 40.77 -46.08 10.49
N ASN L 60 41.51 -46.74 11.37
CA ASN L 60 42.83 -47.35 11.06
C ASN L 60 42.73 -48.49 10.02
N ILE L 61 41.58 -49.18 9.89
CA ILE L 61 41.32 -50.32 8.94
C ILE L 61 41.29 -49.75 7.52
N PRO L 62 42.26 -50.07 6.63
CA PRO L 62 42.29 -49.46 5.29
C PRO L 62 41.06 -49.78 4.41
N GLN L 63 40.45 -50.94 4.65
CA GLN L 63 39.29 -51.39 3.85
C GLN L 63 38.04 -50.57 4.15
N PHE L 64 38.02 -49.76 5.21
CA PHE L 64 36.81 -48.97 5.57
C PHE L 64 37.07 -47.49 5.25
N ASN L 65 35.98 -46.88 4.81
CA ASN L 65 35.94 -45.47 4.33
C ASN L 65 35.80 -44.56 5.55
N ALA L 66 36.94 -44.30 6.18
CA ALA L 66 37.18 -43.38 7.31
C ALA L 66 38.68 -43.43 7.52
N GLY L 67 39.31 -42.37 8.06
CA GLY L 67 40.76 -42.40 8.33
C GLY L 67 41.53 -42.89 7.10
N LYS L 68 42.47 -43.80 7.32
CA LYS L 68 43.21 -44.40 6.17
C LYS L 68 42.24 -45.28 5.37
N GLY L 69 42.17 -45.07 4.08
CA GLY L 69 41.18 -45.73 3.23
C GLY L 69 39.90 -44.90 3.05
N SER L 70 39.88 -43.66 3.52
CA SER L 70 38.87 -42.62 3.13
C SER L 70 38.81 -42.51 1.61
N VAL L 71 37.60 -42.47 1.06
CA VAL L 71 37.34 -42.24 -0.38
C VAL L 71 37.92 -40.87 -0.75
N LEU L 72 38.16 -40.68 -2.02
CA LEU L 72 38.77 -39.43 -2.55
C LEU L 72 37.67 -38.49 -3.02
N THR L 73 37.95 -37.23 -2.86
CA THR L 73 37.23 -36.10 -3.50
C THR L 73 37.49 -36.11 -5.01
N SER L 74 36.73 -35.30 -5.71
CA SER L 74 36.88 -35.02 -7.15
C SER L 74 38.33 -34.70 -7.48
N ASN L 75 39.07 -34.10 -6.53
CA ASN L 75 40.48 -33.63 -6.71
C ASN L 75 41.51 -34.70 -6.29
N GLY L 76 41.09 -35.93 -5.96
CA GLY L 76 42.02 -37.01 -5.54
C GLY L 76 42.62 -36.78 -4.16
N THR L 77 41.92 -36.07 -3.28
CA THR L 77 42.40 -35.73 -1.93
C THR L 77 41.49 -36.39 -0.90
N VAL L 78 41.95 -36.45 0.33
CA VAL L 78 41.14 -36.95 1.48
C VAL L 78 40.66 -35.77 2.32
N GLU L 79 39.37 -35.78 2.64
CA GLU L 79 38.72 -34.83 3.59
C GLU L 79 37.85 -35.66 4.51
N MET L 80 38.31 -35.83 5.74
CA MET L 80 37.76 -36.74 6.77
C MET L 80 36.86 -35.94 7.73
N GLU L 81 35.81 -36.58 8.20
CA GLU L 81 34.88 -35.95 9.19
C GLU L 81 34.32 -37.00 10.15
N ALA L 82 33.89 -36.53 11.32
CA ALA L 82 33.49 -37.44 12.43
C ALA L 82 32.62 -36.67 13.39
N SER L 83 31.82 -37.38 14.17
CA SER L 83 31.09 -36.79 15.32
C SER L 83 30.91 -37.82 16.41
N ILE L 84 30.82 -37.31 17.62
CA ILE L 84 30.66 -38.12 18.86
C ILE L 84 29.58 -37.47 19.72
N MET L 85 28.77 -38.26 20.43
CA MET L 85 27.79 -37.69 21.38
C MET L 85 27.66 -38.56 22.63
N ASP L 86 27.66 -37.92 23.81
CA ASP L 86 27.38 -38.57 25.13
C ASP L 86 25.88 -38.38 25.43
N GLY L 87 25.13 -39.47 25.52
CA GLY L 87 23.67 -39.38 25.69
C GLY L 87 23.26 -38.96 27.09
N THR L 88 24.10 -39.14 28.10
CA THR L 88 23.76 -38.75 29.50
C THR L 88 23.74 -37.21 29.65
N THR L 89 24.68 -36.51 29.00
CA THR L 89 24.90 -35.05 29.13
C THR L 89 24.37 -34.34 27.88
N MET L 90 24.26 -35.09 26.78
CA MET L 90 24.07 -34.61 25.39
C MET L 90 25.20 -33.66 24.96
N ASP L 91 26.36 -33.83 25.58
CA ASP L 91 27.64 -33.23 25.14
C ASP L 91 27.98 -33.85 23.78
N CYS L 92 28.50 -33.06 22.85
CA CYS L 92 28.93 -33.62 21.56
C CYS L 92 30.05 -32.82 20.94
N GLY L 93 30.70 -33.46 19.97
CA GLY L 93 31.84 -32.91 19.23
C GLY L 93 31.82 -33.40 17.80
N ALA L 94 32.42 -32.61 16.91
CA ALA L 94 32.34 -32.84 15.47
C ALA L 94 33.50 -32.12 14.81
N VAL L 95 34.03 -32.73 13.74
CA VAL L 95 35.09 -32.18 12.86
C VAL L 95 34.76 -32.52 11.42
N SER L 96 35.06 -31.59 10.53
CA SER L 96 35.09 -31.83 9.06
C SER L 96 36.40 -31.34 8.49
N GLY L 97 36.69 -31.72 7.24
CA GLY L 97 37.77 -31.12 6.44
C GLY L 97 39.15 -31.54 6.92
N LEU L 98 39.29 -32.70 7.54
CA LEU L 98 40.59 -33.15 8.12
C LEU L 98 41.41 -33.85 7.01
N THR L 99 42.67 -33.46 6.88
CA THR L 99 43.56 -33.91 5.78
C THR L 99 44.79 -34.65 6.32
N THR L 100 45.20 -34.43 7.57
CA THR L 100 46.44 -35.03 8.13
C THR L 100 46.18 -35.74 9.45
N VAL L 101 45.01 -35.58 10.05
CA VAL L 101 44.74 -36.11 11.41
C VAL L 101 44.46 -37.62 11.30
N VAL L 102 45.21 -38.44 12.03
CA VAL L 102 45.09 -39.93 11.99
C VAL L 102 43.70 -40.37 12.46
N ASN L 103 43.23 -39.88 13.62
CA ASN L 103 41.91 -40.31 14.18
C ASN L 103 40.99 -39.08 14.31
N ALA L 104 40.13 -38.88 13.32
CA ALA L 104 39.15 -37.75 13.25
C ALA L 104 38.24 -37.85 14.47
N ILE L 105 37.80 -39.07 14.85
CA ILE L 105 36.80 -39.22 15.95
C ILE L 105 37.41 -38.67 17.25
N SER L 106 38.72 -38.81 17.42
CA SER L 106 39.46 -38.38 18.64
C SER L 106 39.56 -36.85 18.69
N LEU L 107 39.72 -36.22 17.55
CA LEU L 107 39.71 -34.73 17.51
C LEU L 107 38.29 -34.23 17.79
N ALA L 108 37.26 -34.87 17.25
CA ALA L 108 35.85 -34.51 17.57
C ALA L 108 35.69 -34.51 19.09
N ARG L 109 36.18 -35.57 19.74
CA ARG L 109 36.06 -35.67 21.23
C ARG L 109 36.76 -34.49 21.91
N LEU L 110 37.92 -34.09 21.39
CA LEU L 110 38.73 -33.00 21.96
C LEU L 110 38.01 -31.66 21.71
N VAL L 111 37.26 -31.49 20.61
CA VAL L 111 36.52 -30.20 20.45
C VAL L 111 35.54 -30.10 21.62
N MET L 112 34.81 -31.18 21.86
CA MET L 112 33.75 -31.31 22.90
C MET L 112 34.36 -30.99 24.28
N GLU L 113 35.55 -31.50 24.58
CA GLU L 113 36.11 -31.43 25.96
C GLU L 113 36.97 -30.17 26.17
N LYS L 114 37.60 -29.62 25.13
CA LYS L 114 38.66 -28.58 25.31
C LYS L 114 38.23 -27.19 24.79
N THR L 115 37.10 -27.09 24.10
CA THR L 115 36.63 -25.78 23.55
C THR L 115 35.24 -25.49 24.09
N PRO L 116 34.73 -24.24 23.94
CA PRO L 116 33.30 -23.99 24.12
C PRO L 116 32.42 -24.35 22.91
N HIS L 117 32.96 -25.04 21.90
CA HIS L 117 32.27 -25.33 20.62
C HIS L 117 31.94 -26.83 20.48
N ILE L 118 31.07 -27.15 19.52
CA ILE L 118 30.77 -28.53 19.11
C ILE L 118 31.60 -28.87 17.88
N TYR L 119 31.71 -27.94 16.95
CA TYR L 119 32.04 -28.29 15.55
C TYR L 119 33.12 -27.36 15.03
N LEU L 120 34.33 -27.91 14.77
CA LEU L 120 35.42 -27.21 14.01
C LEU L 120 35.66 -27.87 12.65
N ALA L 121 35.96 -27.05 11.64
CA ALA L 121 36.14 -27.60 10.28
C ALA L 121 37.31 -26.97 9.51
N PHE L 122 37.90 -27.80 8.63
CA PHE L 122 38.95 -27.49 7.64
C PHE L 122 40.15 -26.82 8.32
N ASP L 123 40.70 -25.71 7.80
CA ASP L 123 41.97 -25.15 8.32
C ASP L 123 41.92 -24.98 9.83
N GLY L 124 40.85 -24.43 10.41
CA GLY L 124 40.77 -24.24 11.86
C GLY L 124 40.75 -25.55 12.63
N ALA L 125 40.23 -26.64 12.06
CA ALA L 125 40.24 -27.96 12.72
C ALA L 125 41.68 -28.51 12.68
N GLU L 126 42.38 -28.35 11.55
CA GLU L 126 43.78 -28.80 11.41
C GLU L 126 44.64 -28.03 12.42
N GLU L 127 44.35 -26.74 12.66
CA GLU L 127 45.15 -25.92 13.60
C GLU L 127 44.86 -26.31 15.05
N PHE L 128 43.59 -26.59 15.41
CA PHE L 128 43.21 -27.15 16.73
C PHE L 128 43.97 -28.47 16.96
N ALA L 129 44.05 -29.31 15.94
CA ALA L 129 44.77 -30.61 15.97
C ALA L 129 46.25 -30.43 16.33
N ARG L 130 46.92 -29.43 15.75
CA ARG L 130 48.34 -29.08 16.07
C ARG L 130 48.43 -28.58 17.51
N GLN L 131 47.55 -27.66 17.93
CA GLN L 131 47.53 -27.13 19.32
C GLN L 131 47.38 -28.26 20.33
N GLN L 132 46.58 -29.27 20.00
CA GLN L 132 46.26 -30.40 20.92
C GLN L 132 47.36 -31.45 20.83
N GLY L 133 48.23 -31.42 19.81
CA GLY L 133 49.37 -32.34 19.71
C GLY L 133 48.95 -33.75 19.34
N VAL L 134 47.85 -33.92 18.61
CA VAL L 134 47.39 -35.27 18.16
C VAL L 134 48.31 -35.77 17.05
N GLU L 135 48.28 -37.09 16.84
CA GLU L 135 49.01 -37.75 15.75
C GLU L 135 48.51 -37.23 14.38
N THR L 136 49.41 -36.71 13.56
CA THR L 136 49.16 -36.32 12.16
C THR L 136 50.21 -37.01 11.28
N LEU L 137 49.84 -37.26 10.02
CA LEU L 137 50.74 -37.82 8.99
C LEU L 137 50.49 -37.06 7.70
N ASP L 138 51.40 -37.21 6.74
CA ASP L 138 51.25 -36.61 5.40
C ASP L 138 49.94 -37.13 4.79
N SER L 139 49.26 -36.28 4.00
CA SER L 139 47.93 -36.64 3.45
C SER L 139 48.05 -37.92 2.61
N SER L 140 49.19 -38.17 1.93
CA SER L 140 49.39 -39.39 1.09
C SER L 140 49.23 -40.64 1.94
N HIS L 141 49.55 -40.59 3.23
CA HIS L 141 49.30 -41.74 4.16
C HIS L 141 47.86 -42.25 4.03
N PHE L 142 46.87 -41.37 3.82
CA PHE L 142 45.43 -41.73 3.93
C PHE L 142 44.95 -42.33 2.62
N ILE L 143 45.72 -42.16 1.55
CA ILE L 143 45.29 -42.49 0.15
C ILE L 143 45.74 -43.92 -0.17
N THR L 144 44.81 -44.78 -0.56
CA THR L 144 45.10 -46.20 -0.89
C THR L 144 44.96 -46.40 -2.40
N ALA L 145 45.66 -47.40 -2.95
CA ALA L 145 45.58 -47.71 -4.39
C ALA L 145 44.13 -47.97 -4.79
N GLU L 146 43.41 -48.72 -3.95
CA GLU L 146 41.98 -49.10 -4.13
C GLU L 146 41.11 -47.85 -4.34
N ASN L 147 41.43 -46.78 -3.63
CA ASN L 147 40.59 -45.54 -3.68
C ASN L 147 40.98 -44.69 -4.89
N ILE L 148 42.25 -44.68 -5.29
CA ILE L 148 42.68 -44.11 -6.61
C ILE L 148 41.82 -44.74 -7.70
N GLU L 149 41.70 -46.06 -7.73
CA GLU L 149 40.93 -46.81 -8.76
C GLU L 149 39.43 -46.51 -8.64
N ARG L 150 38.89 -46.50 -7.42
CA ARG L 150 37.44 -46.24 -7.17
CA ARG L 150 37.43 -46.26 -7.21
C ARG L 150 37.06 -44.87 -7.75
N LEU L 151 37.94 -43.88 -7.58
CA LEU L 151 37.71 -42.49 -8.07
C LEU L 151 37.72 -42.49 -9.59
N LYS L 152 38.67 -43.22 -10.20
CA LYS L 152 38.71 -43.36 -11.68
C LYS L 152 37.38 -43.95 -12.15
N GLN L 153 36.91 -45.01 -11.49
CA GLN L 153 35.68 -45.76 -11.87
C GLN L 153 34.45 -44.86 -11.67
N ALA L 154 34.41 -44.07 -10.59
CA ALA L 154 33.30 -43.14 -10.31
C ALA L 154 33.23 -42.10 -11.43
N LYS L 155 34.37 -41.50 -11.77
CA LYS L 155 34.39 -40.45 -12.82
C LYS L 155 33.94 -41.06 -14.15
N GLU L 156 34.31 -42.32 -14.44
CA GLU L 156 33.94 -42.98 -15.72
C GLU L 156 32.43 -43.30 -15.70
N ALA L 157 31.87 -43.77 -14.59
CA ALA L 157 30.43 -44.14 -14.48
C ALA L 157 29.61 -42.88 -14.75
N ASN L 158 30.08 -41.76 -14.21
CA ASN L 158 29.40 -40.45 -14.32
C ASN L 158 29.41 -39.98 -15.78
N ARG L 159 30.52 -40.19 -16.47
CA ARG L 159 30.74 -39.81 -17.90
C ARG L 159 29.71 -40.54 -18.78
N VAL L 160 29.49 -41.85 -18.56
CA VAL L 160 28.66 -42.69 -19.47
C VAL L 160 27.25 -42.81 -18.88
N THR L 187 32.12 -44.72 5.64
CA THR L 187 31.56 -44.50 6.99
C THR L 187 31.80 -45.73 7.85
N VAL L 188 32.15 -45.46 9.10
CA VAL L 188 32.22 -46.44 10.21
C VAL L 188 31.52 -45.81 11.41
N GLY L 189 31.12 -46.66 12.35
CA GLY L 189 30.53 -46.14 13.57
C GLY L 189 30.40 -47.18 14.64
N CYS L 190 30.04 -46.71 15.83
CA CYS L 190 29.90 -47.53 17.03
C CYS L 190 28.92 -46.84 17.98
N VAL L 191 27.95 -47.62 18.47
CA VAL L 191 27.03 -47.22 19.56
C VAL L 191 27.28 -48.19 20.74
N ALA L 192 27.18 -47.69 21.99
CA ALA L 192 27.33 -48.54 23.18
C ALA L 192 26.43 -48.04 24.32
N VAL L 193 26.01 -48.99 25.15
CA VAL L 193 25.30 -48.73 26.43
C VAL L 193 25.90 -49.67 27.49
N ASP L 194 26.00 -49.17 28.71
CA ASP L 194 26.45 -49.98 29.88
C ASP L 194 25.21 -50.50 30.60
N GLY L 195 25.40 -51.26 31.67
CA GLY L 195 24.29 -51.81 32.47
C GLY L 195 23.55 -50.76 33.26
N ASN L 196 24.07 -49.52 33.30
CA ASN L 196 23.45 -48.37 34.02
C ASN L 196 22.65 -47.49 33.05
N GLY L 197 22.66 -47.81 31.76
CA GLY L 197 21.89 -47.05 30.76
C GLY L 197 22.64 -45.84 30.22
N ASN L 198 23.95 -45.68 30.48
CA ASN L 198 24.77 -44.59 29.88
C ASN L 198 25.00 -44.96 28.39
N LEU L 199 24.62 -44.06 27.48
CA LEU L 199 24.64 -44.28 26.00
C LEU L 199 25.66 -43.34 25.35
N ALA L 200 26.37 -43.80 24.31
CA ALA L 200 27.23 -42.95 23.45
C ALA L 200 27.22 -43.46 22.01
N SER L 201 27.42 -42.52 21.08
CA SER L 201 27.50 -42.77 19.62
C SER L 201 28.73 -42.07 19.07
N ALA L 202 29.38 -42.70 18.10
CA ALA L 202 30.57 -42.20 17.38
C ALA L 202 30.43 -42.61 15.92
N THR L 203 30.70 -41.68 15.01
CA THR L 203 30.68 -41.96 13.55
C THR L 203 31.83 -41.22 12.90
N SER L 204 32.40 -41.81 11.84
CA SER L 204 33.58 -41.24 11.15
C SER L 204 33.58 -41.68 9.69
N THR L 205 34.06 -40.85 8.79
CA THR L 205 33.91 -41.12 7.34
C THR L 205 34.97 -40.40 6.53
N GLY L 206 35.24 -40.91 5.32
CA GLY L 206 35.83 -40.14 4.22
C GLY L 206 34.82 -39.41 3.35
N GLY L 207 33.53 -39.73 3.49
CA GLY L 207 32.41 -39.13 2.75
C GLY L 207 32.11 -39.91 1.48
N LEU L 208 31.80 -39.22 0.38
CA LEU L 208 31.28 -39.84 -0.87
C LEU L 208 32.37 -39.74 -1.95
N VAL L 209 32.60 -40.83 -2.69
CA VAL L 209 33.66 -40.83 -3.74
C VAL L 209 33.28 -39.77 -4.77
N ASN L 210 34.28 -38.99 -5.17
CA ASN L 210 34.19 -37.95 -6.22
C ASN L 210 33.39 -36.75 -5.70
N LYS L 211 33.25 -36.60 -4.39
CA LYS L 211 32.62 -35.39 -3.79
C LYS L 211 33.41 -34.12 -4.15
N MET L 212 32.70 -33.00 -4.29
CA MET L 212 33.35 -31.69 -4.42
C MET L 212 34.13 -31.45 -3.12
N VAL L 213 35.28 -30.83 -3.28
CA VAL L 213 36.16 -30.38 -2.17
C VAL L 213 35.35 -29.39 -1.31
N GLY L 214 35.36 -29.56 0.02
CA GLY L 214 34.48 -28.84 0.95
C GLY L 214 33.10 -29.42 1.15
N ARG L 215 32.77 -30.55 0.50
CA ARG L 215 31.40 -31.10 0.64
C ARG L 215 31.29 -31.66 2.07
N ILE L 216 30.24 -31.29 2.78
CA ILE L 216 29.98 -31.91 4.11
C ILE L 216 28.81 -32.88 4.00
N GLY L 217 28.96 -34.13 4.46
CA GLY L 217 27.85 -35.09 4.50
C GLY L 217 27.16 -35.17 5.85
N ASP L 218 26.46 -36.28 6.13
CA ASP L 218 25.66 -36.41 7.37
C ASP L 218 26.52 -36.75 8.58
N THR L 219 27.69 -37.38 8.41
CA THR L 219 28.48 -37.96 9.53
C THR L 219 28.78 -36.95 10.65
N PRO L 220 29.30 -35.74 10.37
CA PRO L 220 29.65 -34.82 11.44
C PRO L 220 28.48 -34.00 12.02
N LEU L 221 27.28 -34.14 11.44
CA LEU L 221 26.06 -33.37 11.83
C LEU L 221 25.30 -34.14 12.90
N ILE L 222 25.29 -33.54 14.11
CA ILE L 222 24.45 -33.99 15.25
C ILE L 222 22.97 -34.00 14.86
N GLY L 223 22.31 -35.15 15.06
CA GLY L 223 20.91 -35.38 14.66
C GLY L 223 20.74 -35.94 13.28
N ALA L 224 21.82 -36.01 12.48
CA ALA L 224 21.83 -36.63 11.14
C ALA L 224 22.59 -37.98 11.22
N GLY L 225 23.91 -37.96 11.27
CA GLY L 225 24.75 -39.18 11.32
C GLY L 225 24.86 -39.76 12.72
N THR L 226 24.80 -38.91 13.74
CA THR L 226 25.16 -39.26 15.15
C THR L 226 24.15 -38.61 16.09
N TYR L 227 23.62 -39.37 17.04
CA TYR L 227 22.78 -38.85 18.14
C TYR L 227 22.80 -39.85 19.29
N ALA L 228 22.77 -39.31 20.50
CA ALA L 228 22.56 -40.13 21.70
C ALA L 228 21.87 -39.23 22.72
N ASP L 229 20.92 -39.80 23.43
CA ASP L 229 20.21 -39.07 24.51
C ASP L 229 19.97 -40.06 25.66
N ALA L 230 18.99 -39.79 26.51
CA ALA L 230 18.67 -40.70 27.65
C ALA L 230 18.05 -42.03 27.18
N ARG L 231 17.49 -42.17 25.96
CA ARG L 231 16.69 -43.34 25.53
C ARG L 231 17.45 -44.18 24.49
N CYS L 232 18.25 -43.56 23.61
CA CYS L 232 18.97 -44.34 22.56
C CYS L 232 20.30 -43.70 22.18
N ALA L 233 21.08 -44.43 21.38
CA ALA L 233 22.30 -43.93 20.74
C ALA L 233 22.34 -44.49 19.33
N VAL L 234 22.52 -43.63 18.33
CA VAL L 234 22.29 -43.98 16.90
C VAL L 234 23.50 -43.53 16.09
N SER L 235 24.01 -44.42 15.25
CA SER L 235 24.97 -44.06 14.19
C SER L 235 24.41 -44.46 12.82
N ALA L 236 24.27 -43.49 11.90
CA ALA L 236 23.72 -43.72 10.55
C ALA L 236 24.84 -43.82 9.51
N THR L 237 24.52 -44.45 8.38
CA THR L 237 25.49 -44.65 7.28
C THR L 237 24.72 -44.80 5.96
N GLY L 238 25.33 -44.35 4.88
CA GLY L 238 24.85 -44.50 3.50
C GLY L 238 25.01 -43.19 2.77
N LYS L 239 23.98 -42.77 2.03
CA LYS L 239 24.07 -41.59 1.14
C LYS L 239 23.85 -40.33 2.00
N GLY L 240 24.87 -39.50 2.14
CA GLY L 240 24.94 -38.47 3.21
C GLY L 240 23.83 -37.43 3.02
N GLU L 241 23.51 -37.04 1.78
CA GLU L 241 22.48 -35.99 1.51
C GLU L 241 21.10 -36.53 1.95
N ALA L 242 20.82 -37.80 1.72
CA ALA L 242 19.54 -38.41 2.15
C ALA L 242 19.46 -38.41 3.68
N ILE L 243 20.56 -38.68 4.35
CA ILE L 243 20.57 -38.81 5.83
C ILE L 243 20.37 -37.41 6.43
N ILE L 244 20.99 -36.40 5.83
CA ILE L 244 20.85 -34.97 6.27
C ILE L 244 19.38 -34.57 6.19
N ARG L 245 18.79 -34.71 5.01
CA ARG L 245 17.36 -34.40 4.72
C ARG L 245 16.45 -35.20 5.65
N GLY L 246 16.74 -36.49 5.89
CA GLY L 246 15.95 -37.38 6.75
C GLY L 246 16.18 -37.13 8.23
N THR L 247 17.15 -36.25 8.62
CA THR L 247 17.62 -36.06 10.01
C THR L 247 17.61 -37.42 10.73
N VAL L 248 18.33 -38.43 10.24
CA VAL L 248 17.98 -39.84 10.58
C VAL L 248 18.13 -40.09 12.08
N ALA L 249 19.30 -39.84 12.65
CA ALA L 249 19.68 -40.17 14.04
C ALA L 249 18.71 -39.52 15.05
N ARG L 250 18.35 -38.25 14.83
CA ARG L 250 17.37 -37.56 15.69
C ARG L 250 15.95 -38.11 15.51
N ASP L 251 15.59 -38.51 14.29
CA ASP L 251 14.24 -39.07 13.99
C ASP L 251 14.01 -40.37 14.77
N VAL L 252 15.02 -41.22 14.89
CA VAL L 252 14.92 -42.44 15.72
C VAL L 252 14.58 -42.05 17.17
N ALA L 253 15.35 -41.15 17.78
CA ALA L 253 15.17 -40.72 19.18
C ALA L 253 13.83 -39.97 19.37
N ALA L 254 13.39 -39.15 18.40
CA ALA L 254 12.12 -38.38 18.42
C ALA L 254 10.91 -39.33 18.37
N LEU L 255 10.97 -40.39 17.59
CA LEU L 255 9.89 -41.41 17.51
C LEU L 255 9.76 -42.14 18.86
N MET L 256 10.86 -42.45 19.53
CA MET L 256 10.80 -43.10 20.89
C MET L 256 10.24 -42.09 21.90
N GLU L 257 10.76 -40.85 21.93
CA GLU L 257 10.41 -39.86 23.00
C GLU L 257 8.99 -39.35 22.80
N PHE L 258 8.57 -39.08 21.56
CA PHE L 258 7.30 -38.39 21.24
C PHE L 258 6.19 -39.38 20.93
N LYS L 259 6.49 -40.55 20.34
CA LYS L 259 5.44 -41.53 19.93
C LYS L 259 5.49 -42.75 20.84
N GLY L 260 6.44 -42.81 21.78
CA GLY L 260 6.60 -43.98 22.67
C GLY L 260 7.02 -45.25 21.93
N LEU L 261 7.51 -45.17 20.68
CA LEU L 261 7.96 -46.37 19.91
C LEU L 261 9.17 -46.98 20.63
N SER L 262 9.29 -48.30 20.62
CA SER L 262 10.49 -49.05 21.08
C SER L 262 11.66 -48.74 20.14
N LEU L 263 12.87 -49.11 20.54
CA LEU L 263 14.08 -48.97 19.68
C LEU L 263 13.81 -49.61 18.30
N GLU L 264 13.26 -50.83 18.26
CA GLU L 264 13.03 -51.57 16.99
C GLU L 264 11.97 -50.86 16.13
N GLU L 265 10.82 -50.47 16.69
CA GLU L 265 9.73 -49.84 15.91
C GLU L 265 10.29 -48.54 15.29
N ALA L 266 11.07 -47.76 16.05
CA ALA L 266 11.54 -46.40 15.68
C ALA L 266 12.55 -46.54 14.53
N ALA L 267 13.58 -47.37 14.72
CA ALA L 267 14.65 -47.63 13.73
C ALA L 267 14.05 -48.17 12.43
N THR L 268 13.17 -49.17 12.54
CA THR L 268 12.48 -49.77 11.38
C THR L 268 11.66 -48.72 10.64
N CYS L 269 10.96 -47.84 11.35
CA CYS L 269 10.10 -46.81 10.71
C CYS L 269 11.00 -45.82 9.94
N VAL L 270 12.15 -45.42 10.50
CA VAL L 270 13.04 -44.43 9.84
C VAL L 270 13.59 -45.05 8.55
N VAL L 271 14.03 -46.31 8.63
CA VAL L 271 14.80 -46.93 7.54
C VAL L 271 13.87 -47.43 6.45
N HIS L 272 12.73 -48.02 6.84
CA HIS L 272 11.83 -48.75 5.91
C HIS L 272 10.58 -47.93 5.53
N GLU L 273 10.32 -46.77 6.15
CA GLU L 273 9.14 -45.91 5.83
C GLU L 273 9.51 -44.46 5.53
N ARG L 274 10.38 -43.82 6.30
CA ARG L 274 10.58 -42.34 6.20
C ARG L 274 11.76 -42.01 5.27
N THR L 275 12.53 -42.99 4.80
CA THR L 275 13.69 -42.69 3.93
C THR L 275 13.64 -43.55 2.67
N PRO L 276 14.27 -43.07 1.58
CA PRO L 276 14.26 -43.81 0.32
C PRO L 276 15.07 -45.11 0.34
N LYS L 277 14.53 -46.13 -0.31
CA LYS L 277 15.20 -47.44 -0.49
C LYS L 277 16.59 -47.22 -1.13
N GLY L 278 17.56 -48.05 -0.75
CA GLY L 278 18.92 -48.10 -1.29
C GLY L 278 19.75 -46.90 -0.89
N THR L 279 19.43 -46.21 0.22
CA THR L 279 20.15 -44.99 0.64
C THR L 279 20.80 -45.15 2.00
N LEU L 280 20.28 -45.98 2.91
CA LEU L 280 20.92 -45.92 4.25
C LEU L 280 20.56 -47.05 5.22
N GLY L 281 21.39 -47.16 6.24
CA GLY L 281 21.11 -47.95 7.42
C GLY L 281 21.71 -47.30 8.62
N LEU L 282 21.50 -47.93 9.75
CA LEU L 282 21.89 -47.36 11.03
C LEU L 282 22.12 -48.50 12.01
N ILE L 283 22.93 -48.21 13.00
CA ILE L 283 22.97 -49.05 14.23
C ILE L 283 22.47 -48.19 15.38
N ALA L 284 21.86 -48.86 16.35
CA ALA L 284 21.18 -48.22 17.49
C ALA L 284 21.21 -49.17 18.68
N VAL L 285 21.41 -48.61 19.88
CA VAL L 285 21.22 -49.31 21.16
C VAL L 285 20.29 -48.44 22.01
N SER L 286 19.48 -49.09 22.83
CA SER L 286 18.60 -48.38 23.79
C SER L 286 19.23 -48.40 25.19
N ALA L 287 18.70 -47.57 26.09
CA ALA L 287 19.14 -47.47 27.50
C ALA L 287 18.92 -48.83 28.22
N LYS L 288 17.95 -49.63 27.77
CA LYS L 288 17.60 -50.97 28.34
C LYS L 288 18.42 -52.07 27.66
N GLY L 289 19.40 -51.74 26.82
CA GLY L 289 20.37 -52.72 26.29
C GLY L 289 19.87 -53.46 25.07
N GLU L 290 18.90 -52.90 24.35
CA GLU L 290 18.38 -53.49 23.09
C GLU L 290 19.30 -53.05 21.95
N VAL L 291 19.34 -53.82 20.87
CA VAL L 291 20.15 -53.52 19.64
C VAL L 291 19.20 -53.54 18.43
N ALA L 292 19.40 -52.63 17.47
CA ALA L 292 18.67 -52.63 16.19
C ALA L 292 19.63 -52.15 15.09
N MET L 293 19.62 -52.83 13.94
CA MET L 293 20.61 -52.62 12.86
C MET L 293 19.90 -52.73 11.52
N PRO L 294 18.77 -52.00 11.31
CA PRO L 294 18.05 -52.04 10.05
C PRO L 294 18.79 -51.22 8.98
N TYR L 295 18.62 -51.63 7.73
CA TYR L 295 19.19 -50.97 6.54
C TYR L 295 18.23 -51.22 5.36
N ASN L 296 18.19 -50.27 4.45
CA ASN L 296 17.31 -50.30 3.25
C ASN L 296 18.20 -50.47 2.02
N THR L 297 19.51 -50.63 2.23
CA THR L 297 20.53 -50.93 1.19
C THR L 297 20.64 -52.44 0.98
N THR L 298 21.41 -52.88 -0.03
CA THR L 298 21.70 -54.31 -0.34
C THR L 298 22.32 -54.98 0.88
N GLY L 299 23.22 -54.25 1.52
CA GLY L 299 24.04 -54.77 2.61
C GLY L 299 24.45 -53.69 3.58
N MET L 300 24.92 -54.12 4.73
CA MET L 300 25.61 -53.24 5.69
C MET L 300 26.54 -54.08 6.52
N PHE L 301 27.83 -53.77 6.44
CA PHE L 301 28.91 -54.35 7.25
C PHE L 301 28.59 -54.03 8.72
N ARG L 302 28.32 -55.02 9.56
CA ARG L 302 27.82 -54.70 10.92
C ARG L 302 28.19 -55.83 11.90
N ALA L 303 28.21 -55.48 13.15
CA ALA L 303 28.50 -56.43 14.26
C ALA L 303 27.82 -55.91 15.51
N CYS L 304 27.49 -56.81 16.43
CA CYS L 304 26.94 -56.40 17.73
C CYS L 304 27.25 -57.46 18.77
N ALA L 305 27.10 -57.08 20.02
CA ALA L 305 27.26 -58.02 21.14
C ALA L 305 26.43 -57.52 22.31
N THR L 306 25.92 -58.43 23.15
CA THR L 306 25.20 -58.05 24.39
C THR L 306 25.80 -58.84 25.55
N GLU L 307 25.60 -58.34 26.76
CA GLU L 307 26.12 -58.98 28.00
C GLU L 307 25.59 -60.40 28.16
N ASP L 308 24.35 -60.69 27.76
CA ASP L 308 23.77 -62.04 27.92
C ASP L 308 24.40 -63.05 26.92
N GLY L 309 25.54 -62.72 26.29
CA GLY L 309 26.37 -63.68 25.53
C GLY L 309 25.92 -63.81 24.10
N TYR L 310 25.12 -62.87 23.60
CA TYR L 310 24.81 -62.76 22.15
C TYR L 310 25.95 -62.02 21.41
N SER L 311 26.33 -62.51 20.24
CA SER L 311 27.26 -61.76 19.34
C SER L 311 26.97 -62.14 17.90
N GLU L 312 27.14 -61.19 16.98
CA GLU L 312 26.76 -61.37 15.57
C GLU L 312 27.66 -60.47 14.72
N VAL L 313 28.12 -61.01 13.60
CA VAL L 313 28.80 -60.26 12.52
C VAL L 313 28.02 -60.57 11.24
N ALA L 314 27.71 -59.57 10.42
CA ALA L 314 26.92 -59.81 9.19
C ALA L 314 27.17 -58.72 8.16
N ILE L 315 26.86 -59.05 6.91
CA ILE L 315 26.99 -58.15 5.74
C ILE L 315 25.61 -58.07 5.09
N TRP L 316 25.09 -59.22 4.67
CA TRP L 316 23.80 -59.30 3.94
C TRP L 316 22.71 -59.75 4.89
N PRO L 317 21.43 -59.73 4.45
CA PRO L 317 20.32 -60.19 5.28
C PRO L 317 20.34 -61.72 5.44
N SER L 318 19.80 -62.28 6.52
CA SER L 318 19.56 -63.74 6.68
C SER L 318 18.12 -64.08 6.30
N GLY M 2 28.40 -71.42 -1.04
CA GLY M 2 29.52 -71.28 -0.06
C GLY M 2 29.38 -72.23 1.13
N TRP M 3 30.45 -72.40 1.89
CA TRP M 3 30.47 -73.22 3.13
C TRP M 3 29.59 -72.60 4.22
N ALA M 4 29.19 -73.43 5.18
CA ALA M 4 28.41 -73.01 6.35
C ALA M 4 28.54 -74.08 7.42
N ILE M 5 28.51 -73.61 8.65
CA ILE M 5 28.64 -74.49 9.84
C ILE M 5 27.74 -73.96 10.94
N ALA M 6 27.17 -74.90 11.67
CA ALA M 6 26.46 -74.62 12.92
C ALA M 6 26.85 -75.69 13.92
N LEU M 7 26.81 -75.32 15.20
CA LEU M 7 27.05 -76.25 16.31
C LEU M 7 26.14 -75.86 17.47
N HIS M 8 25.83 -76.83 18.33
CA HIS M 8 25.06 -76.59 19.56
C HIS M 8 25.71 -77.33 20.72
N GLY M 9 25.43 -76.80 21.91
CA GLY M 9 25.81 -77.39 23.20
C GLY M 9 24.57 -77.73 24.01
N GLY M 10 23.47 -77.99 23.32
CA GLY M 10 22.23 -78.46 23.97
C GLY M 10 21.18 -77.36 24.19
N ALA M 11 19.95 -77.81 24.14
CA ALA M 11 18.74 -76.98 24.28
C ALA M 11 18.03 -77.46 25.54
N GLY M 12 17.41 -76.52 26.22
CA GLY M 12 16.60 -76.83 27.38
C GLY M 12 16.32 -75.57 28.16
N ASP M 13 15.92 -75.76 29.40
CA ASP M 13 15.45 -74.65 30.24
C ASP M 13 16.70 -74.01 30.85
N ILE M 14 17.48 -73.33 30.00
CA ILE M 14 18.68 -72.58 30.45
C ILE M 14 18.15 -71.29 31.07
N PRO M 15 18.19 -71.13 32.40
CA PRO M 15 17.60 -69.97 33.06
C PRO M 15 18.25 -68.64 32.62
N LEU M 16 17.42 -67.60 32.45
CA LEU M 16 17.86 -66.24 32.05
C LEU M 16 18.75 -65.66 33.16
N SER M 17 18.68 -66.22 34.37
CA SER M 17 19.49 -65.82 35.55
C SER M 17 20.81 -66.60 35.62
N LEU M 18 21.15 -67.43 34.62
CA LEU M 18 22.40 -68.22 34.66
C LEU M 18 23.56 -67.30 35.04
N PRO M 19 24.27 -67.60 36.14
CA PRO M 19 25.32 -66.70 36.62
C PRO M 19 26.42 -66.52 35.57
N PRO M 20 26.92 -65.28 35.41
CA PRO M 20 28.03 -65.01 34.49
C PRO M 20 29.17 -66.05 34.57
N GLU M 21 29.39 -66.65 35.74
CA GLU M 21 30.58 -67.52 35.98
C GLU M 21 30.36 -68.85 35.27
N ARG M 22 29.10 -69.21 35.05
CA ARG M 22 28.67 -70.42 34.28
C ARG M 22 28.35 -70.04 32.83
N ARG M 23 27.73 -68.88 32.57
CA ARG M 23 27.49 -68.37 31.19
C ARG M 23 28.82 -68.34 30.42
N HIS M 24 29.81 -67.59 30.94
CA HIS M 24 31.13 -67.25 30.32
C HIS M 24 31.81 -68.49 29.72
N PRO M 25 32.15 -69.53 30.52
CA PRO M 25 32.88 -70.68 29.98
C PRO M 25 32.11 -71.37 28.86
N ARG M 26 30.77 -71.38 28.93
CA ARG M 26 29.91 -72.06 27.94
C ARG M 26 29.92 -71.24 26.67
N GLU M 27 29.78 -69.90 26.78
CA GLU M 27 29.91 -68.98 25.62
C GLU M 27 31.28 -69.13 24.97
N GLU M 28 32.36 -69.15 25.75
CA GLU M 28 33.71 -69.16 25.13
C GLU M 28 33.97 -70.53 24.50
N ALA M 29 33.50 -71.62 25.09
CA ALA M 29 33.65 -72.97 24.50
C ALA M 29 32.92 -73.01 23.16
N LEU M 30 31.73 -72.41 23.06
CA LEU M 30 31.04 -72.25 21.75
C LEU M 30 31.89 -71.45 20.77
N ARG M 31 32.47 -70.31 21.18
CA ARG M 31 33.18 -69.42 20.22
C ARG M 31 34.43 -70.17 19.75
N HIS M 32 35.05 -70.94 20.62
CA HIS M 32 36.28 -71.72 20.30
C HIS M 32 35.93 -72.85 19.34
N CYS M 33 34.88 -73.62 19.61
CA CYS M 33 34.46 -74.71 18.68
C CYS M 33 34.06 -74.16 17.33
N LEU M 34 33.42 -72.98 17.26
CA LEU M 34 33.08 -72.35 15.98
C LEU M 34 34.36 -71.99 15.19
N GLN M 35 35.33 -71.34 15.82
CA GLN M 35 36.67 -71.07 15.22
C GLN M 35 37.34 -72.36 14.75
N ILE M 36 37.31 -73.45 15.54
CA ILE M 36 37.88 -74.79 15.15
C ILE M 36 37.22 -75.23 13.84
N GLY M 37 35.88 -75.19 13.77
CA GLY M 37 35.09 -75.62 12.60
C GLY M 37 35.35 -74.73 11.41
N VAL M 38 35.38 -73.41 11.60
CA VAL M 38 35.63 -72.45 10.47
C VAL M 38 37.06 -72.66 9.92
N GLU M 39 38.06 -72.74 10.80
CA GLU M 39 39.48 -72.94 10.38
C GLU M 39 39.54 -74.26 9.60
N ALA M 40 38.84 -75.30 10.06
CA ALA M 40 38.88 -76.62 9.39
C ALA M 40 38.30 -76.51 7.97
N LEU M 41 37.15 -75.83 7.81
CA LEU M 41 36.54 -75.62 6.46
C LEU M 41 37.47 -74.80 5.56
N LYS M 42 38.07 -73.73 6.09
CA LYS M 42 39.01 -72.87 5.32
C LYS M 42 40.31 -73.63 5.01
N ALA M 43 40.65 -74.68 5.78
CA ALA M 43 41.80 -75.56 5.54
C ALA M 43 41.44 -76.69 4.56
N LYS M 44 40.24 -76.65 3.97
CA LYS M 44 39.69 -77.60 2.96
C LYS M 44 39.50 -79.00 3.55
N LEU M 45 39.20 -79.14 4.85
CA LEU M 45 38.76 -80.45 5.41
C LEU M 45 37.34 -80.71 4.91
N PRO M 46 37.03 -81.94 4.46
CA PRO M 46 35.67 -82.26 4.04
C PRO M 46 34.70 -82.15 5.22
N PRO M 47 33.40 -81.83 4.99
CA PRO M 47 32.42 -81.67 6.07
C PRO M 47 32.35 -82.86 7.07
N LEU M 48 32.55 -84.10 6.64
CA LEU M 48 32.53 -85.26 7.58
C LEU M 48 33.66 -85.08 8.62
N ASP M 49 34.84 -84.62 8.21
CA ASP M 49 36.00 -84.39 9.11
C ASP M 49 35.76 -83.16 9.98
N VAL M 50 35.05 -82.17 9.47
CA VAL M 50 34.76 -80.91 10.21
C VAL M 50 33.84 -81.21 11.39
N VAL M 51 32.72 -81.92 11.13
CA VAL M 51 31.68 -82.21 12.15
C VAL M 51 32.29 -83.16 13.19
N GLU M 52 33.10 -84.14 12.79
CA GLU M 52 33.84 -85.00 13.74
C GLU M 52 34.73 -84.13 14.65
N ARG M 53 35.52 -83.25 14.05
CA ARG M 53 36.55 -82.49 14.79
C ARG M 53 35.87 -81.60 15.84
N VAL M 54 34.80 -80.94 15.44
CA VAL M 54 34.02 -80.00 16.29
C VAL M 54 33.34 -80.80 17.38
N VAL M 55 32.71 -81.93 17.07
CA VAL M 55 32.04 -82.66 18.15
C VAL M 55 33.05 -83.29 19.11
N ARG M 56 34.22 -83.71 18.64
CA ARG M 56 35.26 -84.23 19.57
C ARG M 56 35.58 -83.13 20.62
N GLU M 57 35.70 -81.89 20.20
CA GLU M 57 36.01 -80.76 21.11
C GLU M 57 34.86 -80.56 22.09
N LEU M 58 33.63 -80.64 21.60
CA LEU M 58 32.40 -80.42 22.41
C LEU M 58 32.25 -81.56 23.42
N GLU M 59 32.61 -82.81 23.07
CA GLU M 59 32.72 -83.95 24.00
C GLU M 59 33.73 -83.62 25.12
N ASN M 60 34.89 -83.05 24.77
CA ASN M 60 36.00 -82.86 25.75
C ASN M 60 35.68 -81.73 26.73
N ILE M 61 34.83 -80.77 26.36
CA ILE M 61 34.43 -79.62 27.22
C ILE M 61 33.52 -80.15 28.32
N PRO M 62 33.98 -80.08 29.59
CA PRO M 62 33.24 -80.69 30.70
C PRO M 62 31.89 -80.03 31.02
N GLN M 63 31.65 -78.80 30.54
CA GLN M 63 30.35 -78.13 30.81
C GLN M 63 29.24 -78.65 29.88
N PHE M 64 29.56 -79.43 28.85
CA PHE M 64 28.52 -79.94 27.90
C PHE M 64 28.33 -81.44 28.11
N ASN M 65 27.07 -81.86 28.01
CA ASN M 65 26.55 -83.24 28.25
C ASN M 65 26.84 -84.07 26.99
N ALA M 66 28.08 -84.50 26.90
CA ALA M 66 28.65 -85.41 25.88
C ALA M 66 30.06 -85.69 26.36
N GLY M 67 30.65 -86.85 26.05
CA GLY M 67 31.99 -87.16 26.59
C GLY M 67 32.12 -86.84 28.07
N LYS M 68 33.22 -86.20 28.46
CA LYS M 68 33.43 -85.77 29.87
C LYS M 68 32.37 -84.71 30.17
N GLY M 69 31.59 -84.87 31.23
CA GLY M 69 30.46 -83.97 31.50
C GLY M 69 29.14 -84.54 31.01
N SER M 70 29.14 -85.79 30.54
CA SER M 70 27.89 -86.57 30.35
C SER M 70 27.08 -86.63 31.66
N VAL M 71 25.77 -86.53 31.54
CA VAL M 71 24.84 -86.78 32.66
C VAL M 71 24.93 -88.28 33.05
N LEU M 72 24.54 -88.55 34.28
CA LEU M 72 24.60 -89.87 34.92
C LEU M 72 23.27 -90.60 34.78
N THR M 73 23.42 -91.90 34.58
CA THR M 73 22.32 -92.89 34.69
C THR M 73 21.77 -92.86 36.11
N SER M 74 20.60 -93.47 36.30
CA SER M 74 20.07 -93.83 37.63
C SER M 74 21.15 -94.45 38.56
N ASN M 75 22.11 -95.19 38.00
CA ASN M 75 23.13 -95.94 38.79
C ASN M 75 24.44 -95.10 38.93
N GLY M 76 24.44 -93.79 38.63
CA GLY M 76 25.64 -92.95 38.80
C GLY M 76 26.78 -93.26 37.84
N THR M 77 26.47 -93.76 36.63
CA THR M 77 27.46 -94.15 35.60
C THR M 77 27.29 -93.25 34.39
N VAL M 78 28.29 -93.22 33.52
CA VAL M 78 28.16 -92.58 32.18
C VAL M 78 27.91 -93.67 31.14
N GLU M 79 26.86 -93.48 30.33
CA GLU M 79 26.57 -94.27 29.10
C GLU M 79 26.50 -93.27 27.95
N MET M 80 27.48 -93.24 27.08
CA MET M 80 27.62 -92.18 26.04
C MET M 80 27.13 -92.71 24.68
N GLU M 81 26.60 -91.84 23.85
CA GLU M 81 26.11 -92.27 22.52
C GLU M 81 26.33 -91.14 21.52
N ALA M 82 26.43 -91.46 20.24
CA ALA M 82 26.71 -90.51 19.15
C ALA M 82 26.32 -91.16 17.84
N SER M 83 26.07 -90.32 16.84
CA SER M 83 25.92 -90.73 15.44
C SER M 83 26.50 -89.67 14.52
N ILE M 84 26.81 -90.09 13.29
CA ILE M 84 27.42 -89.25 12.23
C ILE M 84 26.84 -89.68 10.88
N MET M 85 26.57 -88.71 10.02
CA MET M 85 26.04 -89.00 8.67
C MET M 85 26.68 -88.10 7.62
N ASP M 86 27.08 -88.73 6.50
CA ASP M 86 27.58 -88.11 5.25
C ASP M 86 26.40 -87.96 4.27
N GLY M 87 26.04 -86.74 3.92
CA GLY M 87 24.81 -86.48 3.15
C GLY M 87 24.94 -86.88 1.69
N THR M 88 26.15 -86.90 1.16
CA THR M 88 26.35 -87.18 -0.30
C THR M 88 26.19 -88.67 -0.57
N THR M 89 26.61 -89.53 0.35
CA THR M 89 26.56 -91.01 0.24
C THR M 89 25.43 -91.57 1.07
N MET M 90 25.02 -90.79 2.07
CA MET M 90 24.13 -91.19 3.18
C MET M 90 24.73 -92.40 3.91
N ASP M 91 26.07 -92.45 3.90
CA ASP M 91 26.85 -93.31 4.80
C ASP M 91 26.64 -92.82 6.23
N CYS M 92 26.60 -93.72 7.19
CA CYS M 92 26.43 -93.31 8.59
C CYS M 92 26.97 -94.32 9.56
N GLY M 93 27.16 -93.81 10.77
CA GLY M 93 27.68 -94.56 11.91
C GLY M 93 27.02 -94.11 13.18
N ALA M 94 26.93 -95.03 14.14
CA ALA M 94 26.29 -94.79 15.44
C ALA M 94 26.86 -95.73 16.49
N VAL M 95 26.93 -95.23 17.72
CA VAL M 95 27.39 -96.03 18.88
C VAL M 95 26.52 -95.67 20.07
N SER M 96 26.21 -96.65 20.91
CA SER M 96 25.55 -96.41 22.20
C SER M 96 26.30 -97.17 23.28
N GLY M 97 26.04 -96.81 24.54
CA GLY M 97 26.47 -97.57 25.74
C GLY M 97 27.98 -97.50 25.96
N LEU M 98 28.64 -96.44 25.55
CA LEU M 98 30.11 -96.29 25.77
C LEU M 98 30.38 -95.86 27.22
N THR M 99 31.35 -96.49 27.87
CA THR M 99 31.69 -96.17 29.27
C THR M 99 33.14 -95.66 29.41
N THR M 100 34.03 -95.98 28.47
CA THR M 100 35.49 -95.66 28.59
C THR M 100 36.00 -94.87 27.39
N VAL M 101 35.24 -94.77 26.30
CA VAL M 101 35.75 -94.20 25.04
C VAL M 101 35.73 -92.68 25.19
N VAL M 102 36.88 -92.05 24.97
CA VAL M 102 37.05 -90.59 25.18
C VAL M 102 36.13 -89.84 24.23
N ASN M 103 36.17 -90.16 22.94
CA ASN M 103 35.35 -89.49 21.91
C ASN M 103 34.40 -90.48 21.20
N ALA M 104 33.15 -90.55 21.67
CA ALA M 104 32.06 -91.39 21.10
C ALA M 104 31.94 -91.09 19.59
N ILE M 105 31.96 -89.82 19.16
CA ILE M 105 31.67 -89.47 17.74
C ILE M 105 32.68 -90.12 16.81
N SER M 106 33.93 -90.23 17.24
CA SER M 106 35.02 -90.82 16.44
C SER M 106 34.79 -92.33 16.28
N LEU M 107 34.26 -92.98 17.30
CA LEU M 107 33.95 -94.43 17.23
C LEU M 107 32.75 -94.61 16.30
N ALA M 108 31.78 -93.70 16.29
CA ALA M 108 30.64 -93.75 15.34
C ALA M 108 31.22 -93.70 13.92
N ARG M 109 32.15 -92.78 13.67
CA ARG M 109 32.77 -92.67 12.32
C ARG M 109 33.49 -93.99 11.98
N LEU M 110 34.15 -94.62 12.93
CA LEU M 110 34.91 -95.88 12.67
C LEU M 110 33.94 -97.06 12.40
N VAL M 111 32.76 -97.11 13.03
CA VAL M 111 31.77 -98.17 12.68
C VAL M 111 31.40 -98.05 11.19
N MET M 112 31.16 -96.85 10.74
CA MET M 112 30.79 -96.52 9.35
C MET M 112 31.91 -96.96 8.40
N GLU M 113 33.16 -96.62 8.72
CA GLU M 113 34.30 -96.80 7.80
C GLU M 113 34.86 -98.23 7.87
N LYS M 114 34.84 -98.90 9.01
CA LYS M 114 35.68 -100.10 9.22
C LYS M 114 34.83 -101.37 9.30
N THR M 115 33.49 -101.26 9.25
CA THR M 115 32.61 -102.44 9.46
C THR M 115 31.55 -102.42 8.40
N PRO M 116 30.84 -103.54 8.20
CA PRO M 116 29.68 -103.56 7.30
C PRO M 116 28.42 -102.98 7.98
N HIS M 117 28.55 -102.49 9.23
CA HIS M 117 27.39 -102.09 10.07
C HIS M 117 27.32 -100.56 10.22
N ILE M 118 26.16 -100.08 10.63
CA ILE M 118 25.94 -98.67 11.04
C ILE M 118 26.12 -98.53 12.56
N TYR M 119 25.55 -99.43 13.37
CA TYR M 119 25.28 -99.18 14.79
C TYR M 119 25.82 -100.30 15.66
N LEU M 120 26.82 -99.99 16.50
CA LEU M 120 27.27 -100.92 17.60
C LEU M 120 26.96 -100.34 18.97
N ALA M 121 26.69 -101.17 19.96
CA ALA M 121 26.26 -100.69 21.29
C ALA M 121 26.79 -101.55 22.44
N PHE M 122 27.10 -100.88 23.54
CA PHE M 122 27.43 -101.47 24.87
C PHE M 122 28.69 -102.32 24.71
N ASP M 123 28.71 -103.55 25.21
CA ASP M 123 29.96 -104.34 25.29
C ASP M 123 30.58 -104.48 23.91
N GLY M 124 29.82 -104.79 22.88
CA GLY M 124 30.37 -104.96 21.52
C GLY M 124 31.02 -103.68 20.99
N ALA M 125 30.45 -102.53 21.31
CA ALA M 125 30.98 -101.22 20.89
C ALA M 125 32.33 -101.00 21.59
N GLU M 126 32.39 -101.26 22.89
CA GLU M 126 33.63 -101.12 23.72
C GLU M 126 34.68 -102.10 23.23
N GLU M 127 34.29 -103.32 22.83
CA GLU M 127 35.29 -104.26 22.29
C GLU M 127 35.78 -103.78 20.92
N PHE M 128 34.88 -103.30 20.05
CA PHE M 128 35.30 -102.69 18.77
C PHE M 128 36.26 -101.49 19.04
N ALA M 129 35.98 -100.66 20.05
CA ALA M 129 36.88 -99.53 20.43
C ALA M 129 38.31 -100.06 20.67
N ARG M 130 38.44 -101.16 21.40
CA ARG M 130 39.77 -101.73 21.75
C ARG M 130 40.40 -102.37 20.50
N GLN M 131 39.66 -103.06 19.62
CA GLN M 131 40.19 -103.55 18.31
C GLN M 131 40.76 -102.39 17.47
N GLN M 132 40.10 -101.23 17.50
CA GLN M 132 40.52 -100.07 16.68
C GLN M 132 41.65 -99.30 17.38
N GLY M 133 41.94 -99.56 18.65
CA GLY M 133 42.99 -98.83 19.40
C GLY M 133 42.65 -97.36 19.65
N VAL M 134 41.38 -96.98 19.77
CA VAL M 134 41.00 -95.58 20.14
C VAL M 134 41.34 -95.35 21.63
N GLU M 135 41.45 -94.10 22.01
CA GLU M 135 41.73 -93.59 23.37
C GLU M 135 40.56 -93.97 24.29
N THR M 136 40.88 -94.68 25.36
CA THR M 136 39.95 -94.98 26.46
C THR M 136 40.55 -94.46 27.76
N LEU M 137 39.70 -94.15 28.72
CA LEU M 137 40.11 -93.74 30.08
C LEU M 137 39.18 -94.43 31.07
N ASP M 138 39.59 -94.52 32.33
CA ASP M 138 38.69 -95.00 33.41
C ASP M 138 37.33 -94.30 33.33
N SER M 139 36.23 -95.00 33.63
CA SER M 139 34.86 -94.40 33.63
C SER M 139 34.77 -93.17 34.54
N SER M 140 35.46 -93.12 35.68
CA SER M 140 35.45 -91.96 36.63
C SER M 140 35.88 -90.65 35.94
N HIS M 141 36.72 -90.74 34.92
CA HIS M 141 37.19 -89.57 34.13
C HIS M 141 36.01 -88.73 33.63
N PHE M 142 34.96 -89.42 33.17
CA PHE M 142 33.80 -88.76 32.51
C PHE M 142 32.87 -88.11 33.52
N ILE M 143 32.92 -88.54 34.78
CA ILE M 143 31.98 -88.12 35.85
C ILE M 143 32.49 -86.80 36.48
N THR M 144 31.66 -85.77 36.46
CA THR M 144 31.98 -84.45 37.09
C THR M 144 31.18 -84.26 38.38
N ALA M 145 31.68 -83.43 39.29
CA ALA M 145 31.03 -83.08 40.56
C ALA M 145 29.62 -82.51 40.29
N GLU M 146 29.47 -81.66 39.27
CA GLU M 146 28.19 -81.02 38.86
C GLU M 146 27.17 -82.12 38.54
N ASN M 147 27.56 -83.16 37.81
CA ASN M 147 26.57 -84.21 37.38
C ASN M 147 26.24 -85.15 38.54
N ILE M 148 27.20 -85.38 39.44
CA ILE M 148 26.85 -86.09 40.72
C ILE M 148 25.71 -85.33 41.42
N GLU M 149 25.82 -84.01 41.53
CA GLU M 149 24.83 -83.14 42.20
C GLU M 149 23.54 -83.10 41.36
N ARG M 150 23.63 -83.03 40.02
CA ARG M 150 22.43 -83.04 39.15
C ARG M 150 21.62 -84.33 39.39
N LEU M 151 22.32 -85.44 39.50
CA LEU M 151 21.65 -86.75 39.70
C LEU M 151 20.99 -86.74 41.07
N LYS M 152 21.66 -86.19 42.09
CA LYS M 152 21.14 -86.20 43.47
C LYS M 152 19.83 -85.44 43.51
N GLN M 153 19.78 -84.28 42.88
CA GLN M 153 18.59 -83.39 42.75
C GLN M 153 17.50 -84.08 41.94
N ALA M 154 17.82 -84.82 40.87
CA ALA M 154 16.81 -85.44 39.98
C ALA M 154 16.10 -86.56 40.75
N LYS M 155 16.85 -87.39 41.46
CA LYS M 155 16.28 -88.45 42.34
C LYS M 155 15.43 -87.80 43.44
N GLU M 156 15.96 -86.77 44.11
CA GLU M 156 15.23 -86.09 45.22
C GLU M 156 13.90 -85.59 44.63
N ALA M 157 13.91 -85.03 43.42
CA ALA M 157 12.72 -84.49 42.73
C ALA M 157 11.90 -85.63 42.09
N ASN M 158 11.87 -86.82 42.69
CA ASN M 158 11.00 -87.96 42.30
C ASN M 158 10.18 -88.42 43.53
N THR M 187 23.47 -83.03 25.26
CA THR M 187 23.70 -83.24 23.80
C THR M 187 24.61 -82.14 23.27
N VAL M 188 25.50 -82.51 22.34
CA VAL M 188 26.24 -81.54 21.49
C VAL M 188 26.11 -81.94 20.01
N GLY M 189 26.38 -81.02 19.10
CA GLY M 189 26.28 -81.35 17.68
C GLY M 189 26.95 -80.34 16.80
N CYS M 190 27.19 -80.76 15.58
CA CYS M 190 27.76 -79.92 14.50
C CYS M 190 27.18 -80.34 13.16
N VAL M 191 26.76 -79.36 12.37
CA VAL M 191 26.38 -79.60 10.95
C VAL M 191 27.28 -78.73 10.07
N ALA M 192 27.65 -79.22 8.89
CA ALA M 192 28.50 -78.44 7.96
C ALA M 192 28.20 -78.78 6.51
N VAL M 193 28.47 -77.80 5.66
CA VAL M 193 28.42 -77.93 4.18
C VAL M 193 29.64 -77.20 3.61
N ASP M 194 30.26 -77.76 2.58
CA ASP M 194 31.40 -77.08 1.90
C ASP M 194 30.84 -76.27 0.73
N GLY M 195 31.72 -75.61 -0.06
CA GLY M 195 31.31 -74.82 -1.23
C GLY M 195 30.73 -75.65 -2.38
N ASN M 196 30.88 -76.98 -2.30
CA ASN M 196 30.53 -77.95 -3.37
C ASN M 196 29.24 -78.71 -3.03
N GLY M 197 28.53 -78.35 -1.97
CA GLY M 197 27.21 -78.92 -1.63
C GLY M 197 27.33 -80.23 -0.84
N ASN M 198 28.54 -80.60 -0.42
CA ASN M 198 28.78 -81.78 0.45
C ASN M 198 28.33 -81.46 1.87
N LEU M 199 27.47 -82.28 2.46
CA LEU M 199 26.84 -82.01 3.79
C LEU M 199 27.26 -83.08 4.79
N ALA M 200 27.36 -82.74 6.07
CA ALA M 200 27.48 -83.78 7.10
C ALA M 200 26.90 -83.30 8.41
N SER M 201 26.61 -84.25 9.28
CA SER M 201 25.99 -84.04 10.60
C SER M 201 26.60 -84.98 11.61
N ALA M 202 26.83 -84.47 12.82
CA ALA M 202 27.40 -85.25 13.94
C ALA M 202 26.74 -84.79 15.24
N THR M 203 26.38 -85.73 16.09
CA THR M 203 25.67 -85.48 17.37
C THR M 203 26.18 -86.47 18.42
N SER M 204 26.43 -86.00 19.64
CA SER M 204 27.00 -86.84 20.72
C SER M 204 26.38 -86.39 22.03
N THR M 205 26.16 -87.33 22.96
CA THR M 205 25.47 -87.04 24.21
C THR M 205 25.83 -88.00 25.34
N GLY M 206 25.59 -87.59 26.58
CA GLY M 206 25.40 -88.49 27.71
C GLY M 206 23.94 -88.90 27.92
N GLY M 207 22.96 -88.24 27.29
CA GLY M 207 21.55 -88.63 27.40
C GLY M 207 20.82 -87.84 28.46
N LEU M 208 19.98 -88.46 29.28
CA LEU M 208 19.08 -87.75 30.20
C LEU M 208 19.50 -88.13 31.62
N VAL M 209 19.63 -87.14 32.48
CA VAL M 209 19.95 -87.42 33.91
C VAL M 209 18.93 -88.41 34.49
N ASN M 210 19.45 -89.41 35.22
CA ASN M 210 18.71 -90.43 35.98
C ASN M 210 18.07 -91.42 35.00
N LYS M 211 18.55 -91.50 33.75
CA LYS M 211 18.05 -92.52 32.80
C LYS M 211 18.32 -93.90 33.40
N MET M 212 17.42 -94.84 33.12
CA MET M 212 17.63 -96.26 33.39
C MET M 212 18.90 -96.66 32.66
N VAL M 213 19.71 -97.51 33.26
CA VAL M 213 20.85 -98.12 32.54
C VAL M 213 20.33 -98.86 31.31
N GLY M 214 21.10 -98.76 30.23
CA GLY M 214 20.71 -99.30 28.93
C GLY M 214 19.78 -98.38 28.13
N ARG M 215 19.32 -97.24 28.64
CA ARG M 215 18.36 -96.37 27.88
C ARG M 215 19.07 -95.76 26.67
N ILE M 216 18.46 -95.88 25.49
CA ILE M 216 18.97 -95.22 24.26
C ILE M 216 18.03 -94.07 23.90
N GLY M 217 18.58 -92.87 23.68
CA GLY M 217 17.76 -91.72 23.26
C GLY M 217 17.80 -91.46 21.76
N ASP M 218 17.58 -90.22 21.36
CA ASP M 218 17.46 -89.88 19.91
C ASP M 218 18.81 -89.75 19.21
N THR M 219 19.86 -89.33 19.92
CA THR M 219 21.19 -88.94 19.38
C THR M 219 21.79 -89.96 18.43
N PRO M 220 21.84 -91.29 18.77
CA PRO M 220 22.44 -92.26 17.89
C PRO M 220 21.51 -92.81 16.81
N LEU M 221 20.27 -92.33 16.76
CA LEU M 221 19.24 -92.90 15.85
C LEU M 221 19.21 -92.01 14.63
N ILE M 222 19.66 -92.57 13.51
CA ILE M 222 19.66 -91.92 12.18
C ILE M 222 18.20 -91.55 11.88
N GLY M 223 17.98 -90.26 11.62
CA GLY M 223 16.66 -89.70 11.30
C GLY M 223 15.95 -89.15 12.50
N ALA M 224 16.50 -89.34 13.69
CA ALA M 224 15.94 -88.74 14.91
C ALA M 224 16.86 -87.59 15.35
N GLY M 225 17.99 -87.91 16.01
CA GLY M 225 19.00 -86.91 16.42
C GLY M 225 19.86 -86.39 15.29
N THR M 226 20.11 -87.21 14.28
CA THR M 226 21.12 -86.91 13.24
C THR M 226 20.56 -87.29 11.88
N TYR M 227 20.74 -86.46 10.87
CA TYR M 227 20.39 -86.83 9.46
C TYR M 227 21.09 -85.91 8.47
N ALA M 228 21.51 -86.46 7.35
CA ALA M 228 22.10 -85.65 6.26
C ALA M 228 21.78 -86.34 4.95
N ASP M 229 21.45 -85.54 3.93
CA ASP M 229 21.18 -86.01 2.55
C ASP M 229 21.76 -85.00 1.55
N ALA M 230 21.36 -85.07 0.28
CA ALA M 230 21.79 -84.15 -0.79
C ALA M 230 21.33 -82.72 -0.50
N ARG M 231 20.30 -82.51 0.33
CA ARG M 231 19.65 -81.18 0.47
C ARG M 231 19.94 -80.53 1.84
N CYS M 232 20.20 -81.31 2.89
CA CYS M 232 20.42 -80.70 4.24
C CYS M 232 21.17 -81.63 5.20
N ALA M 233 21.62 -81.06 6.30
CA ALA M 233 22.26 -81.76 7.43
C ALA M 233 21.67 -81.18 8.71
N VAL M 234 21.20 -82.06 9.60
CA VAL M 234 20.43 -81.71 10.80
C VAL M 234 21.02 -82.42 12.01
N SER M 235 21.14 -81.71 13.15
CA SER M 235 21.46 -82.28 14.47
C SER M 235 20.45 -81.76 15.49
N ALA M 236 19.68 -82.63 16.13
CA ALA M 236 18.61 -82.22 17.07
C ALA M 236 19.13 -82.36 18.50
N THR M 237 18.43 -81.73 19.44
CA THR M 237 18.82 -81.78 20.86
C THR M 237 17.56 -81.50 21.67
N GLY M 238 17.44 -82.17 22.79
CA GLY M 238 16.42 -81.91 23.81
C GLY M 238 15.94 -83.20 24.45
N LYS M 239 14.63 -83.37 24.56
CA LYS M 239 14.02 -84.52 25.28
C LYS M 239 13.99 -85.69 24.30
N GLY M 240 14.82 -86.69 24.55
CA GLY M 240 15.19 -87.74 23.57
C GLY M 240 13.96 -88.50 23.06
N GLU M 241 13.03 -88.83 23.94
CA GLU M 241 11.85 -89.69 23.60
C GLU M 241 10.96 -88.92 22.62
N ALA M 242 10.79 -87.60 22.81
CA ALA M 242 9.93 -86.77 21.92
C ALA M 242 10.58 -86.65 20.53
N ILE M 243 11.92 -86.59 20.45
CA ILE M 243 12.69 -86.47 19.18
C ILE M 243 12.62 -87.81 18.43
N ILE M 244 12.68 -88.93 19.12
CA ILE M 244 12.51 -90.27 18.48
C ILE M 244 11.11 -90.34 17.86
N ARG M 245 10.09 -90.11 18.67
CA ARG M 245 8.66 -90.20 18.29
C ARG M 245 8.41 -89.26 17.10
N GLY M 246 9.02 -88.07 17.12
CA GLY M 246 8.83 -87.00 16.13
C GLY M 246 9.75 -87.14 14.92
N THR M 247 10.61 -88.16 14.88
CA THR M 247 11.62 -88.39 13.80
C THR M 247 12.11 -87.03 13.29
N VAL M 248 12.67 -86.23 14.18
CA VAL M 248 12.85 -84.76 13.94
C VAL M 248 13.83 -84.50 12.79
N ALA M 249 15.01 -85.11 12.78
CA ALA M 249 16.04 -84.77 11.77
C ALA M 249 15.52 -85.23 10.38
N ARG M 250 14.93 -86.43 10.32
CA ARG M 250 14.31 -86.91 9.05
C ARG M 250 13.21 -85.93 8.57
N ASP M 251 12.34 -85.46 9.47
CA ASP M 251 11.16 -84.63 9.14
C ASP M 251 11.59 -83.31 8.48
N VAL M 252 12.68 -82.69 8.93
CA VAL M 252 13.19 -81.44 8.29
C VAL M 252 13.48 -81.77 6.83
N ALA M 253 14.24 -82.84 6.61
CA ALA M 253 14.70 -83.21 5.25
C ALA M 253 13.49 -83.61 4.39
N ALA M 254 12.50 -84.31 4.97
CA ALA M 254 11.26 -84.77 4.28
C ALA M 254 10.41 -83.57 3.83
N LEU M 255 10.25 -82.55 4.67
CA LEU M 255 9.52 -81.31 4.27
C LEU M 255 10.23 -80.63 3.10
N MET M 256 11.56 -80.58 3.12
CA MET M 256 12.34 -79.99 2.01
C MET M 256 12.09 -80.79 0.73
N GLU M 257 12.22 -82.12 0.76
CA GLU M 257 12.16 -82.92 -0.50
C GLU M 257 10.70 -83.08 -0.96
N PHE M 258 9.77 -83.37 -0.05
CA PHE M 258 8.39 -83.78 -0.41
C PHE M 258 7.46 -82.58 -0.57
N LYS M 259 7.70 -81.47 0.14
CA LYS M 259 6.86 -80.24 0.09
C LYS M 259 7.63 -79.07 -0.55
N GLY M 260 8.91 -79.24 -0.86
CA GLY M 260 9.72 -78.17 -1.48
C GLY M 260 9.91 -76.96 -0.56
N LEU M 261 9.75 -77.12 0.76
CA LEU M 261 10.01 -76.03 1.74
C LEU M 261 11.49 -75.70 1.71
N SER M 262 11.84 -74.45 1.99
CA SER M 262 13.23 -74.00 2.22
C SER M 262 13.73 -74.66 3.52
N LEU M 263 15.04 -74.64 3.74
CA LEU M 263 15.65 -75.03 5.05
C LEU M 263 14.91 -74.31 6.18
N GLU M 264 14.83 -72.99 6.10
CA GLU M 264 14.24 -72.12 7.14
C GLU M 264 12.79 -72.56 7.41
N GLU M 265 11.99 -72.78 6.36
CA GLU M 265 10.56 -73.17 6.49
C GLU M 265 10.44 -74.55 7.15
N ALA M 266 11.24 -75.51 6.70
CA ALA M 266 11.19 -76.92 7.16
C ALA M 266 11.52 -76.98 8.65
N ALA M 267 12.62 -76.32 9.00
CA ALA M 267 13.19 -76.30 10.36
C ALA M 267 12.21 -75.58 11.29
N THR M 268 11.63 -74.44 10.87
CA THR M 268 10.66 -73.68 11.70
C THR M 268 9.38 -74.51 11.90
N CYS M 269 8.93 -75.21 10.88
CA CYS M 269 7.69 -76.01 10.95
C CYS M 269 7.87 -77.19 11.94
N VAL M 270 8.99 -77.88 11.88
CA VAL M 270 9.22 -79.05 12.74
C VAL M 270 9.29 -78.56 14.20
N VAL M 271 10.04 -77.50 14.44
CA VAL M 271 10.30 -76.99 15.80
C VAL M 271 9.08 -76.28 16.38
N HIS M 272 8.40 -75.42 15.60
CA HIS M 272 7.38 -74.46 16.12
C HIS M 272 5.96 -74.94 15.82
N GLU M 273 5.75 -75.85 14.86
CA GLU M 273 4.40 -76.43 14.58
C GLU M 273 4.28 -77.86 15.09
N ARG M 274 5.19 -78.76 14.73
CA ARG M 274 4.93 -80.23 14.80
C ARG M 274 5.48 -80.88 16.09
N THR M 275 6.01 -80.12 17.05
CA THR M 275 6.61 -80.71 18.28
C THR M 275 6.17 -79.92 19.51
N PRO M 276 6.04 -80.59 20.68
CA PRO M 276 5.68 -79.88 21.90
C PRO M 276 6.72 -78.81 22.32
N LYS M 277 6.21 -77.64 22.72
CA LYS M 277 6.94 -76.52 23.33
C LYS M 277 7.80 -77.00 24.51
N GLY M 278 9.01 -76.47 24.64
CA GLY M 278 10.01 -76.82 25.67
C GLY M 278 10.63 -78.20 25.48
N THR M 279 10.64 -78.79 24.27
CA THR M 279 11.18 -80.17 24.10
C THR M 279 12.37 -80.24 23.13
N LEU M 280 12.56 -79.28 22.24
CA LEU M 280 13.40 -79.47 21.02
C LEU M 280 14.12 -78.18 20.57
N GLY M 281 15.37 -78.35 20.14
CA GLY M 281 16.06 -77.35 19.31
C GLY M 281 16.82 -78.12 18.25
N LEU M 282 17.17 -77.50 17.13
CA LEU M 282 17.99 -78.22 16.15
C LEU M 282 18.82 -77.19 15.42
N ILE M 283 19.86 -77.68 14.80
CA ILE M 283 20.72 -76.86 13.93
C ILE M 283 20.60 -77.53 12.57
N ALA M 284 20.61 -76.73 11.50
CA ALA M 284 20.55 -77.26 10.12
C ALA M 284 21.32 -76.33 9.20
N VAL M 285 21.93 -76.94 8.18
CA VAL M 285 22.49 -76.24 6.99
C VAL M 285 21.91 -76.89 5.75
N SER M 286 21.78 -76.13 4.66
CA SER M 286 21.28 -76.62 3.35
C SER M 286 22.50 -76.81 2.45
N ALA M 287 22.31 -77.52 1.33
CA ALA M 287 23.32 -77.72 0.27
C ALA M 287 23.80 -76.38 -0.28
N LYS M 288 22.96 -75.34 -0.25
CA LYS M 288 23.24 -73.98 -0.80
C LYS M 288 23.93 -73.09 0.24
N GLY M 289 24.23 -73.61 1.43
CA GLY M 289 25.00 -72.88 2.47
C GLY M 289 24.11 -72.03 3.34
N GLU M 290 22.83 -72.33 3.43
CA GLU M 290 21.90 -71.67 4.37
C GLU M 290 22.06 -72.32 5.75
N VAL M 291 21.64 -71.63 6.81
CA VAL M 291 21.75 -72.10 8.22
C VAL M 291 20.43 -71.77 8.93
N ALA M 292 19.90 -72.71 9.73
CA ALA M 292 18.72 -72.54 10.59
C ALA M 292 19.04 -73.13 11.97
N MET M 293 18.71 -72.41 13.04
CA MET M 293 18.93 -72.89 14.44
C MET M 293 17.73 -72.58 15.33
N PRO M 294 16.51 -72.99 14.90
CA PRO M 294 15.33 -72.76 15.71
C PRO M 294 15.28 -73.70 16.92
N TYR M 295 14.59 -73.23 17.94
CA TYR M 295 14.38 -74.02 19.17
C TYR M 295 13.09 -73.55 19.84
N ASN M 296 12.42 -74.50 20.48
CA ASN M 296 11.12 -74.27 21.18
C ASN M 296 11.38 -74.33 22.69
N THR M 297 12.65 -74.39 23.10
CA THR M 297 13.08 -74.29 24.54
C THR M 297 13.36 -72.82 24.92
N THR M 298 13.65 -72.57 26.20
CA THR M 298 14.05 -71.25 26.75
C THR M 298 15.34 -70.75 26.09
N GLY M 299 16.29 -71.66 25.84
CA GLY M 299 17.57 -71.34 25.22
C GLY M 299 18.12 -72.52 24.46
N MET M 300 19.14 -72.25 23.67
CA MET M 300 19.97 -73.32 23.06
C MET M 300 21.34 -72.70 22.85
N PHE M 301 22.36 -73.25 23.50
CA PHE M 301 23.79 -72.92 23.33
C PHE M 301 24.10 -73.18 21.85
N ARG M 302 24.37 -72.14 21.07
CA ARG M 302 24.48 -72.35 19.61
C ARG M 302 25.47 -71.36 19.00
N ALA M 303 25.99 -71.71 17.83
CA ALA M 303 26.92 -70.83 17.10
C ALA M 303 26.87 -71.23 15.66
N CYS M 304 27.15 -70.28 14.78
CA CYS M 304 27.17 -70.59 13.35
C CYS M 304 28.05 -69.59 12.62
N ALA M 305 28.46 -69.94 11.40
CA ALA M 305 29.21 -69.05 10.50
C ALA M 305 28.95 -69.47 9.07
N THR M 306 29.00 -68.52 8.15
CA THR M 306 28.89 -68.83 6.71
C THR M 306 30.02 -68.16 5.95
N GLU M 307 30.36 -68.71 4.77
CA GLU M 307 31.33 -68.07 3.86
C GLU M 307 30.86 -66.65 3.49
N ASP M 308 29.56 -66.45 3.29
CA ASP M 308 28.92 -65.13 2.97
C ASP M 308 29.12 -64.09 4.06
N GLY M 309 29.69 -64.42 5.23
CA GLY M 309 30.17 -63.44 6.23
C GLY M 309 29.26 -63.28 7.43
N TYR M 310 28.28 -64.17 7.61
CA TYR M 310 27.42 -64.19 8.80
C TYR M 310 28.07 -65.08 9.84
N SER M 311 28.18 -64.62 11.08
CA SER M 311 28.47 -65.49 12.24
C SER M 311 27.69 -65.02 13.48
N GLU M 312 27.52 -65.93 14.42
CA GLU M 312 26.67 -65.70 15.61
C GLU M 312 27.04 -66.72 16.67
N VAL M 313 27.00 -66.26 17.91
CA VAL M 313 27.11 -67.06 19.16
C VAL M 313 25.98 -66.58 20.06
N ALA M 314 25.18 -67.49 20.61
CA ALA M 314 24.04 -67.10 21.43
C ALA M 314 23.67 -68.22 22.37
N ILE M 315 22.84 -67.84 23.35
CA ILE M 315 22.22 -68.78 24.31
C ILE M 315 20.71 -68.57 24.26
N TRP M 316 20.24 -67.34 24.45
CA TRP M 316 18.78 -67.00 24.48
C TRP M 316 18.38 -66.33 23.17
N PRO M 317 17.07 -66.01 22.99
CA PRO M 317 16.64 -65.30 21.80
C PRO M 317 17.24 -63.90 21.66
N SER M 318 17.12 -63.36 20.44
CA SER M 318 17.48 -61.98 20.02
C SER M 318 18.96 -61.75 20.29
N GLY N 2 -13.38 -101.50 7.13
CA GLY N 2 -13.33 -102.45 8.29
C GLY N 2 -11.89 -102.78 8.67
N TRP N 3 -11.69 -103.84 9.46
CA TRP N 3 -10.33 -104.18 9.96
C TRP N 3 -9.46 -104.70 8.80
N ALA N 4 -8.15 -104.57 8.93
CA ALA N 4 -7.16 -105.13 7.99
C ALA N 4 -5.94 -105.52 8.79
N ILE N 5 -5.26 -106.57 8.33
CA ILE N 5 -4.01 -107.06 8.96
C ILE N 5 -3.04 -107.52 7.88
N ALA N 6 -1.75 -107.30 8.11
CA ALA N 6 -0.70 -107.93 7.32
C ALA N 6 0.37 -108.42 8.28
N LEU N 7 1.04 -109.51 7.89
CA LEU N 7 2.24 -109.95 8.63
C LEU N 7 3.33 -110.39 7.64
N HIS N 8 4.56 -110.38 8.12
CA HIS N 8 5.67 -110.91 7.31
C HIS N 8 6.53 -111.85 8.16
N GLY N 9 7.23 -112.72 7.47
CA GLY N 9 8.31 -113.53 8.08
C GLY N 9 9.59 -113.26 7.31
N GLY N 10 9.81 -112.02 6.89
CA GLY N 10 11.11 -111.62 6.35
C GLY N 10 11.23 -111.68 4.84
N ALA N 11 12.00 -110.73 4.33
CA ALA N 11 12.29 -110.53 2.90
C ALA N 11 13.77 -110.76 2.66
N GLY N 12 14.09 -111.38 1.54
CA GLY N 12 15.46 -111.52 1.07
C GLY N 12 15.50 -112.34 -0.20
N ASP N 13 16.69 -112.81 -0.52
CA ASP N 13 16.92 -113.75 -1.64
C ASP N 13 16.46 -115.15 -1.22
N ILE N 14 15.14 -115.35 -1.15
CA ILE N 14 14.48 -116.67 -0.98
C ILE N 14 14.43 -117.29 -2.37
N PRO N 15 15.32 -118.25 -2.70
CA PRO N 15 15.44 -118.71 -4.09
C PRO N 15 14.18 -119.49 -4.53
N LEU N 16 13.77 -119.31 -5.80
CA LEU N 16 12.59 -120.01 -6.39
C LEU N 16 12.70 -121.53 -6.22
N SER N 17 13.91 -122.06 -5.93
CA SER N 17 14.19 -123.52 -5.78
C SER N 17 14.11 -123.98 -4.31
N LEU N 18 13.74 -123.08 -3.38
CA LEU N 18 13.64 -123.34 -1.92
C LEU N 18 12.91 -124.67 -1.70
N PRO N 19 13.51 -125.66 -1.00
CA PRO N 19 12.91 -127.00 -0.95
C PRO N 19 11.60 -127.03 -0.15
N PRO N 20 10.68 -127.99 -0.43
CA PRO N 20 9.43 -128.10 0.29
C PRO N 20 9.61 -128.03 1.82
N GLU N 21 10.60 -128.75 2.34
CA GLU N 21 10.87 -128.93 3.80
C GLU N 21 11.10 -127.58 4.48
N ARG N 22 11.66 -126.61 3.75
CA ARG N 22 11.93 -125.25 4.29
C ARG N 22 10.73 -124.34 4.03
N ARG N 23 10.10 -124.47 2.85
CA ARG N 23 8.94 -123.63 2.45
C ARG N 23 7.74 -124.00 3.34
N HIS N 24 7.40 -125.30 3.42
CA HIS N 24 6.20 -125.89 4.09
C HIS N 24 5.94 -125.27 5.47
N PRO N 25 6.84 -125.47 6.47
CA PRO N 25 6.59 -124.95 7.81
C PRO N 25 6.40 -123.43 7.87
N ARG N 26 7.05 -122.70 6.97
CA ARG N 26 7.01 -121.21 6.94
C ARG N 26 5.65 -120.75 6.43
N GLU N 27 5.20 -121.31 5.30
CA GLU N 27 3.86 -121.06 4.74
C GLU N 27 2.81 -121.40 5.80
N GLU N 28 2.94 -122.56 6.42
CA GLU N 28 1.95 -123.03 7.44
C GLU N 28 1.96 -122.08 8.64
N ALA N 29 3.15 -121.61 9.05
CA ALA N 29 3.33 -120.65 10.16
C ALA N 29 2.65 -119.33 9.82
N LEU N 30 2.79 -118.84 8.59
CA LEU N 30 2.13 -117.58 8.16
C LEU N 30 0.62 -117.72 8.31
N ARG N 31 0.07 -118.83 7.81
CA ARG N 31 -1.40 -119.06 7.84
C ARG N 31 -1.84 -119.09 9.31
N HIS N 32 -1.14 -119.83 10.16
CA HIS N 32 -1.43 -119.97 11.61
C HIS N 32 -1.44 -118.58 12.28
N CYS N 33 -0.39 -117.78 12.05
CA CYS N 33 -0.26 -116.44 12.69
C CYS N 33 -1.31 -115.50 12.13
N LEU N 34 -1.65 -115.58 10.85
CA LEU N 34 -2.75 -114.77 10.25
C LEU N 34 -4.04 -115.11 10.99
N GLN N 35 -4.29 -116.39 11.32
CA GLN N 35 -5.57 -116.78 11.99
C GLN N 35 -5.66 -116.17 13.41
N ILE N 36 -4.54 -116.16 14.14
CA ILE N 36 -4.40 -115.51 15.49
C ILE N 36 -4.86 -114.06 15.35
N GLY N 37 -4.32 -113.36 14.34
CA GLY N 37 -4.57 -111.93 14.10
C GLY N 37 -6.03 -111.67 13.71
N VAL N 38 -6.57 -112.47 12.81
CA VAL N 38 -7.96 -112.32 12.33
C VAL N 38 -8.93 -112.56 13.50
N GLU N 39 -8.76 -113.65 14.26
CA GLU N 39 -9.69 -113.97 15.38
C GLU N 39 -9.68 -112.79 16.35
N ALA N 40 -8.52 -112.20 16.57
CA ALA N 40 -8.34 -111.08 17.54
C ALA N 40 -9.14 -109.89 17.00
N LEU N 41 -9.00 -109.60 15.69
CA LEU N 41 -9.61 -108.38 15.10
C LEU N 41 -11.13 -108.59 15.07
N LYS N 42 -11.59 -109.80 14.75
CA LYS N 42 -13.03 -110.14 14.73
C LYS N 42 -13.59 -109.93 16.14
N ALA N 43 -12.81 -110.27 17.18
CA ALA N 43 -13.18 -110.11 18.60
C ALA N 43 -13.03 -108.65 19.08
N LYS N 44 -12.68 -107.72 18.20
CA LYS N 44 -12.44 -106.28 18.49
C LYS N 44 -11.35 -106.10 19.56
N LEU N 45 -10.31 -106.93 19.55
CA LEU N 45 -9.07 -106.66 20.34
C LEU N 45 -8.40 -105.41 19.76
N PRO N 46 -7.97 -104.45 20.59
CA PRO N 46 -7.23 -103.30 20.08
C PRO N 46 -6.02 -103.71 19.22
N PRO N 47 -5.78 -103.02 18.07
CA PRO N 47 -4.65 -103.29 17.18
C PRO N 47 -3.29 -103.41 17.88
N LEU N 48 -3.03 -102.60 18.94
CA LEU N 48 -1.75 -102.72 19.69
C LEU N 48 -1.63 -104.13 20.27
N ASP N 49 -2.71 -104.68 20.84
CA ASP N 49 -2.76 -106.07 21.37
C ASP N 49 -2.70 -107.11 20.24
N VAL N 50 -3.35 -106.84 19.10
CA VAL N 50 -3.31 -107.74 17.91
C VAL N 50 -1.85 -107.93 17.44
N VAL N 51 -1.10 -106.85 17.23
CA VAL N 51 0.24 -106.96 16.60
C VAL N 51 1.17 -107.62 17.60
N GLU N 52 1.06 -107.33 18.91
CA GLU N 52 1.90 -107.98 19.95
C GLU N 52 1.64 -109.49 19.95
N ARG N 53 0.37 -109.89 19.93
CA ARG N 53 -0.05 -111.33 20.00
C ARG N 53 0.50 -112.09 18.79
N VAL N 54 0.38 -111.55 17.58
CA VAL N 54 0.86 -112.17 16.32
C VAL N 54 2.39 -112.27 16.33
N VAL N 55 3.06 -111.21 16.75
CA VAL N 55 4.56 -111.21 16.72
C VAL N 55 5.09 -112.18 17.78
N ARG N 56 4.47 -112.30 18.95
CA ARG N 56 4.89 -113.29 19.99
C ARG N 56 4.90 -114.68 19.31
N GLU N 57 3.88 -114.96 18.52
CA GLU N 57 3.71 -116.29 17.90
C GLU N 57 4.77 -116.46 16.79
N LEU N 58 5.05 -115.39 16.04
CA LEU N 58 6.09 -115.41 14.99
C LEU N 58 7.48 -115.60 15.58
N GLU N 59 7.78 -114.96 16.73
CA GLU N 59 9.01 -115.17 17.54
C GLU N 59 9.11 -116.65 17.89
N ASN N 60 8.03 -117.25 18.42
CA ASN N 60 8.01 -118.67 18.86
C ASN N 60 8.24 -119.64 17.67
N ILE N 61 7.92 -119.30 16.42
CA ILE N 61 8.13 -120.18 15.23
C ILE N 61 9.63 -120.30 15.00
N PRO N 62 10.30 -121.49 15.17
CA PRO N 62 11.76 -121.54 15.04
C PRO N 62 12.27 -121.32 13.61
N GLN N 63 11.40 -121.44 12.61
CA GLN N 63 11.83 -121.22 11.19
C GLN N 63 11.94 -119.73 10.85
N PHE N 64 11.49 -118.86 11.74
CA PHE N 64 11.57 -117.39 11.48
C PHE N 64 12.65 -116.81 12.38
N ASN N 65 13.37 -115.87 11.78
CA ASN N 65 14.53 -115.12 12.36
C ASN N 65 13.97 -114.05 13.33
N ALA N 66 13.60 -114.49 14.52
CA ALA N 66 13.12 -113.68 15.67
C ALA N 66 12.92 -114.68 16.79
N GLY N 67 13.05 -114.30 18.06
CA GLY N 67 12.84 -115.24 19.17
C GLY N 67 13.63 -116.53 18.99
N LYS N 68 12.99 -117.68 19.20
CA LYS N 68 13.68 -118.97 18.92
C LYS N 68 13.83 -119.09 17.42
N GLY N 69 15.01 -119.39 16.93
CA GLY N 69 15.27 -119.36 15.49
C GLY N 69 15.96 -118.08 15.04
N SER N 70 16.22 -117.15 15.94
CA SER N 70 17.08 -115.96 15.64
C SER N 70 18.41 -116.43 15.03
N VAL N 71 18.87 -115.70 14.03
CA VAL N 71 20.21 -115.93 13.41
C VAL N 71 21.28 -115.67 14.46
N LEU N 72 22.48 -116.18 14.21
CA LEU N 72 23.56 -116.13 15.19
C LEU N 72 24.47 -114.97 14.84
N THR N 73 24.99 -114.34 15.87
CA THR N 73 26.13 -113.38 15.77
C THR N 73 27.38 -114.11 15.26
N SER N 74 28.39 -113.33 14.87
CA SER N 74 29.74 -113.86 14.53
C SER N 74 30.26 -114.80 15.62
N ASN N 75 29.82 -114.60 16.87
CA ASN N 75 30.29 -115.39 18.03
C ASN N 75 29.40 -116.61 18.33
N GLY N 76 28.44 -116.96 17.45
CA GLY N 76 27.52 -118.09 17.67
C GLY N 76 26.50 -117.85 18.79
N THR N 77 26.12 -116.60 19.04
CA THR N 77 25.16 -116.22 20.11
C THR N 77 23.91 -115.57 19.49
N VAL N 78 22.87 -115.43 20.30
CA VAL N 78 21.58 -114.76 19.93
C VAL N 78 21.53 -113.38 20.59
N GLU N 79 21.26 -112.35 19.79
CA GLU N 79 20.98 -110.98 20.30
C GLU N 79 19.70 -110.52 19.63
N MET N 80 18.60 -110.46 20.35
CA MET N 80 17.24 -110.22 19.76
C MET N 80 16.84 -108.75 19.97
N GLU N 81 16.00 -108.24 19.10
CA GLU N 81 15.55 -106.83 19.11
C GLU N 81 14.15 -106.73 18.52
N ALA N 82 13.40 -105.77 19.03
CA ALA N 82 12.00 -105.59 18.62
C ALA N 82 11.60 -104.13 18.77
N SER N 83 10.57 -103.72 18.04
CA SER N 83 9.91 -102.44 18.36
C SER N 83 8.41 -102.56 18.12
N ILE N 84 7.67 -101.69 18.79
CA ILE N 84 6.19 -101.61 18.70
C ILE N 84 5.74 -100.15 18.70
N MET N 85 4.74 -99.81 17.90
CA MET N 85 4.18 -98.44 17.92
C MET N 85 2.67 -98.39 17.76
N ASP N 86 2.04 -97.53 18.58
CA ASP N 86 0.58 -97.25 18.60
C ASP N 86 0.36 -95.98 17.79
N GLY N 87 -0.36 -96.07 16.69
CA GLY N 87 -0.48 -94.96 15.75
C GLY N 87 -1.38 -93.86 16.30
N THR N 88 -2.32 -94.19 17.18
CA THR N 88 -3.32 -93.24 17.74
C THR N 88 -2.65 -92.26 18.70
N THR N 89 -1.64 -92.71 19.43
CA THR N 89 -0.97 -91.93 20.51
C THR N 89 0.48 -91.60 20.13
N MET N 90 1.08 -92.32 19.16
CA MET N 90 2.51 -92.25 18.78
C MET N 90 3.38 -92.83 19.90
N ASP N 91 2.77 -93.55 20.83
CA ASP N 91 3.47 -94.23 21.95
C ASP N 91 4.29 -95.33 21.30
N CYS N 92 5.50 -95.58 21.77
CA CYS N 92 6.31 -96.69 21.22
C CYS N 92 7.29 -97.24 22.26
N GLY N 93 7.72 -98.47 22.00
CA GLY N 93 8.79 -99.13 22.73
C GLY N 93 9.73 -99.94 21.85
N ALA N 94 10.91 -100.20 22.36
CA ALA N 94 12.00 -100.84 21.60
C ALA N 94 12.95 -101.48 22.58
N VAL N 95 13.49 -102.62 22.18
CA VAL N 95 14.55 -103.39 22.90
C VAL N 95 15.56 -103.89 21.89
N SER N 96 16.83 -103.89 22.29
CA SER N 96 17.96 -104.57 21.59
C SER N 96 18.72 -105.43 22.62
N GLY N 97 19.56 -106.33 22.10
CA GLY N 97 20.57 -107.07 22.89
C GLY N 97 19.93 -108.05 23.83
N LEU N 98 18.75 -108.58 23.50
CA LEU N 98 18.12 -109.57 24.41
C LEU N 98 18.71 -110.96 24.15
N THR N 99 19.05 -111.70 25.22
CA THR N 99 19.74 -113.02 25.13
C THR N 99 18.92 -114.14 25.79
N THR N 100 17.99 -113.86 26.71
CA THR N 100 17.22 -114.88 27.47
C THR N 100 15.70 -114.62 27.40
N VAL N 101 15.30 -113.48 26.86
CA VAL N 101 13.88 -113.05 26.90
C VAL N 101 13.11 -113.80 25.81
N VAL N 102 12.05 -114.53 26.18
CA VAL N 102 11.30 -115.39 25.23
C VAL N 102 10.65 -114.54 24.15
N ASN N 103 9.97 -113.46 24.54
CA ASN N 103 9.21 -112.62 23.58
C ASN N 103 9.74 -111.18 23.68
N ALA N 104 10.69 -110.85 22.82
CA ALA N 104 11.28 -109.47 22.73
C ALA N 104 10.15 -108.44 22.50
N ILE N 105 9.15 -108.71 21.67
CA ILE N 105 8.12 -107.66 21.32
C ILE N 105 7.35 -107.29 22.59
N SER N 106 7.12 -108.26 23.49
CA SER N 106 6.37 -108.02 24.74
C SER N 106 7.23 -107.19 25.71
N LEU N 107 8.56 -107.31 25.66
CA LEU N 107 9.39 -106.44 26.53
C LEU N 107 9.41 -105.01 25.94
N ALA N 108 9.44 -104.85 24.61
CA ALA N 108 9.29 -103.52 23.95
C ALA N 108 7.99 -102.87 24.43
N ARG N 109 6.91 -103.65 24.49
CA ARG N 109 5.64 -103.04 24.93
C ARG N 109 5.74 -102.60 26.41
N LEU N 110 6.38 -103.40 27.29
CA LEU N 110 6.52 -103.04 28.73
C LEU N 110 7.42 -101.81 28.88
N VAL N 111 8.46 -101.65 28.06
CA VAL N 111 9.27 -100.38 28.12
C VAL N 111 8.29 -99.20 27.89
N MET N 112 7.53 -99.24 26.80
CA MET N 112 6.53 -98.21 26.45
C MET N 112 5.60 -97.94 27.64
N GLU N 113 5.14 -98.97 28.36
CA GLU N 113 4.03 -98.84 29.35
C GLU N 113 4.52 -98.53 30.76
N LYS N 114 5.71 -98.99 31.12
CA LYS N 114 6.14 -99.06 32.54
C LYS N 114 7.29 -98.11 32.84
N THR N 115 7.87 -97.48 31.83
CA THR N 115 9.05 -96.60 32.03
C THR N 115 8.78 -95.25 31.36
N PRO N 116 9.60 -94.25 31.72
CA PRO N 116 9.58 -92.96 31.01
C PRO N 116 10.32 -93.01 29.66
N HIS N 117 10.78 -94.18 29.24
CA HIS N 117 11.65 -94.32 28.05
C HIS N 117 10.92 -95.04 26.91
N ILE N 118 11.56 -95.05 25.76
CA ILE N 118 11.15 -95.82 24.57
C ILE N 118 12.02 -97.06 24.46
N TYR N 119 13.34 -96.91 24.63
CA TYR N 119 14.35 -97.87 24.11
C TYR N 119 15.35 -98.24 25.21
N LEU N 120 15.33 -99.53 25.60
CA LEU N 120 16.36 -100.14 26.49
C LEU N 120 17.11 -101.22 25.72
N ALA N 121 18.40 -101.40 26.00
CA ALA N 121 19.27 -102.32 25.26
C ALA N 121 20.28 -103.02 26.17
N PHE N 122 20.54 -104.26 25.80
CA PHE N 122 21.58 -105.17 26.31
C PHE N 122 21.37 -105.35 27.82
N ASP N 123 22.39 -105.31 28.68
CA ASP N 123 22.26 -105.67 30.12
C ASP N 123 21.09 -104.95 30.80
N GLY N 124 20.92 -103.64 30.60
CA GLY N 124 19.77 -102.91 31.19
C GLY N 124 18.41 -103.42 30.70
N ALA N 125 18.34 -103.90 29.47
CA ALA N 125 17.10 -104.47 28.90
C ALA N 125 16.81 -105.81 29.62
N GLU N 126 17.79 -106.68 29.71
CA GLU N 126 17.74 -107.98 30.44
C GLU N 126 17.42 -107.74 31.94
N GLU N 127 17.95 -106.68 32.57
CA GLU N 127 17.68 -106.35 34.01
C GLU N 127 16.23 -105.89 34.18
N PHE N 128 15.75 -105.02 33.30
CA PHE N 128 14.30 -104.64 33.19
C PHE N 128 13.44 -105.91 33.01
N ALA N 129 13.84 -106.84 32.14
CA ALA N 129 13.06 -108.09 31.90
C ALA N 129 12.88 -108.86 33.23
N ARG N 130 13.92 -108.92 34.07
CA ARG N 130 13.89 -109.61 35.40
C ARG N 130 12.98 -108.85 36.38
N GLN N 131 13.05 -107.51 36.46
CA GLN N 131 12.16 -106.66 37.29
CA GLN N 131 12.16 -106.71 37.34
C GLN N 131 10.69 -106.92 36.95
N GLN N 132 10.41 -107.05 35.65
CA GLN N 132 9.01 -107.16 35.13
C GLN N 132 8.52 -108.61 35.25
N GLY N 133 9.41 -109.57 35.49
CA GLY N 133 9.08 -110.98 35.73
C GLY N 133 8.62 -111.67 34.46
N VAL N 134 9.08 -111.23 33.28
CA VAL N 134 8.74 -111.91 32.00
C VAL N 134 9.47 -113.24 31.90
N GLU N 135 8.93 -114.12 31.06
CA GLU N 135 9.51 -115.46 30.79
C GLU N 135 10.92 -115.26 30.21
N THR N 136 11.93 -115.89 30.82
CA THR N 136 13.28 -116.07 30.28
C THR N 136 13.62 -117.55 30.22
N LEU N 137 14.55 -117.90 29.34
CA LEU N 137 15.12 -119.25 29.21
C LEU N 137 16.63 -119.09 29.00
N ASP N 138 17.40 -120.11 29.34
CA ASP N 138 18.82 -120.18 28.94
C ASP N 138 18.94 -119.81 27.44
N SER N 139 20.08 -119.22 27.10
CA SER N 139 20.45 -118.72 25.76
C SER N 139 20.43 -119.86 24.71
N SER N 140 20.83 -121.07 25.09
CA SER N 140 20.87 -122.24 24.17
C SER N 140 19.49 -122.52 23.59
N HIS N 141 18.41 -122.24 24.33
CA HIS N 141 17.00 -122.46 23.88
C HIS N 141 16.77 -121.78 22.52
N PHE N 142 17.37 -120.61 22.30
CA PHE N 142 17.08 -119.75 21.12
C PHE N 142 17.86 -120.25 19.90
N ILE N 143 18.92 -121.02 20.13
CA ILE N 143 19.85 -121.46 19.05
C ILE N 143 19.33 -122.75 18.40
N THR N 144 19.14 -122.76 17.08
CA THR N 144 18.65 -123.97 16.38
C THR N 144 19.79 -124.57 15.55
N ALA N 145 19.75 -125.88 15.32
CA ALA N 145 20.70 -126.60 14.45
C ALA N 145 20.79 -125.91 13.08
N GLU N 146 19.68 -125.47 12.49
CA GLU N 146 19.66 -124.78 11.17
C GLU N 146 20.56 -123.51 11.22
N ASN N 147 20.50 -122.77 12.31
CA ASN N 147 21.21 -121.45 12.42
C ASN N 147 22.70 -121.69 12.69
N ILE N 148 23.06 -122.78 13.35
CA ILE N 148 24.49 -123.22 13.51
C ILE N 148 25.08 -123.42 12.11
N GLU N 149 24.38 -124.12 11.23
CA GLU N 149 24.80 -124.32 9.82
C GLU N 149 24.76 -123.01 9.04
N ARG N 150 23.75 -122.18 9.25
CA ARG N 150 23.67 -120.92 8.47
C ARG N 150 24.94 -120.08 8.75
N LEU N 151 25.35 -120.01 10.01
CA LEU N 151 26.52 -119.23 10.46
C LEU N 151 27.78 -119.79 9.81
N LYS N 152 27.93 -121.12 9.85
CA LYS N 152 29.05 -121.84 9.22
CA LYS N 152 29.07 -121.82 9.21
C LYS N 152 29.11 -121.46 7.73
N GLN N 153 27.96 -121.50 7.04
CA GLN N 153 27.84 -121.20 5.58
C GLN N 153 28.19 -119.73 5.29
N ALA N 154 27.72 -118.82 6.15
CA ALA N 154 28.00 -117.37 6.07
C ALA N 154 29.50 -117.12 6.18
N LYS N 155 30.16 -117.65 7.20
CA LYS N 155 31.63 -117.48 7.35
C LYS N 155 32.37 -118.07 6.12
N GLU N 156 31.93 -119.20 5.58
CA GLU N 156 32.59 -119.79 4.39
C GLU N 156 32.43 -118.86 3.17
N ALA N 157 31.22 -118.35 2.95
CA ALA N 157 30.90 -117.35 1.88
C ALA N 157 31.86 -116.16 1.99
N ASN N 158 32.11 -115.67 3.21
CA ASN N 158 32.99 -114.51 3.50
C ASN N 158 34.34 -114.70 2.79
N THR N 187 13.74 -111.59 10.54
CA THR N 187 12.74 -110.55 10.88
C THR N 187 11.32 -111.09 10.70
N VAL N 188 10.43 -110.69 11.59
CA VAL N 188 8.98 -110.92 11.49
C VAL N 188 8.29 -109.60 11.80
N GLY N 189 7.02 -109.46 11.46
CA GLY N 189 6.29 -108.23 11.74
C GLY N 189 4.81 -108.41 11.58
N CYS N 190 4.06 -107.51 12.20
CA CYS N 190 2.57 -107.45 12.07
C CYS N 190 2.09 -105.99 12.09
N VAL N 191 1.29 -105.62 11.09
CA VAL N 191 0.53 -104.32 11.10
C VAL N 191 -0.98 -104.58 11.15
N ALA N 192 -1.72 -103.73 11.86
CA ALA N 192 -3.17 -103.94 12.04
C ALA N 192 -3.91 -102.62 12.18
N VAL N 193 -5.14 -102.62 11.68
CA VAL N 193 -6.07 -101.47 11.72
C VAL N 193 -7.47 -102.03 11.99
N ASP N 194 -8.18 -101.43 12.95
CA ASP N 194 -9.59 -101.80 13.25
C ASP N 194 -10.50 -100.95 12.34
N GLY N 195 -11.83 -101.11 12.47
CA GLY N 195 -12.84 -100.37 11.70
C GLY N 195 -12.86 -98.88 12.00
N ASN N 196 -12.24 -98.46 13.10
CA ASN N 196 -12.23 -97.05 13.59
C ASN N 196 -10.94 -96.33 13.21
N GLY N 197 -9.98 -96.98 12.53
CA GLY N 197 -8.79 -96.31 11.98
C GLY N 197 -7.63 -96.33 12.94
N ASN N 198 -7.78 -96.94 14.12
CA ASN N 198 -6.69 -97.25 15.09
C ASN N 198 -5.68 -98.20 14.45
N LEU N 199 -4.42 -97.78 14.40
CA LEU N 199 -3.27 -98.45 13.72
C LEU N 199 -2.22 -98.90 14.75
N ALA N 200 -1.59 -100.05 14.54
CA ALA N 200 -0.41 -100.47 15.30
C ALA N 200 0.53 -101.25 14.37
N SER N 201 1.81 -101.20 14.71
CA SER N 201 2.92 -101.93 14.05
C SER N 201 3.84 -102.58 15.09
N ALA N 202 4.31 -103.80 14.82
CA ALA N 202 5.21 -104.60 15.65
C ALA N 202 6.21 -105.31 14.75
N THR N 203 7.48 -105.29 15.12
CA THR N 203 8.56 -105.91 14.34
C THR N 203 9.55 -106.51 15.34
N SER N 204 10.05 -107.71 15.04
CA SER N 204 10.97 -108.45 15.93
C SER N 204 11.98 -109.21 15.08
N THR N 205 13.21 -109.35 15.53
CA THR N 205 14.27 -110.00 14.74
C THR N 205 15.40 -110.61 15.57
N GLY N 206 16.13 -111.55 14.97
CA GLY N 206 17.49 -111.96 15.35
C GLY N 206 18.58 -111.08 14.75
N GLY N 207 18.24 -110.32 13.71
CA GLY N 207 19.14 -109.45 12.93
C GLY N 207 19.71 -110.16 11.72
N LEU N 208 21.02 -110.00 11.51
CA LEU N 208 21.76 -110.44 10.32
C LEU N 208 22.75 -111.53 10.74
N VAL N 209 22.79 -112.62 9.98
CA VAL N 209 23.72 -113.74 10.27
C VAL N 209 25.17 -113.24 10.23
N ASN N 210 25.97 -113.62 11.23
CA ASN N 210 27.41 -113.29 11.31
C ASN N 210 27.61 -111.78 11.62
N LYS N 211 26.59 -111.14 12.20
CA LYS N 211 26.66 -109.74 12.71
C LYS N 211 27.66 -109.62 13.88
N MET N 212 28.38 -108.50 13.94
CA MET N 212 29.24 -108.26 15.08
C MET N 212 28.34 -108.26 16.30
N VAL N 213 28.83 -108.76 17.43
CA VAL N 213 28.17 -108.68 18.75
C VAL N 213 27.94 -107.19 19.04
N GLY N 214 26.72 -106.83 19.43
CA GLY N 214 26.31 -105.44 19.69
C GLY N 214 25.87 -104.69 18.46
N ARG N 215 25.76 -105.32 17.29
CA ARG N 215 25.20 -104.68 16.09
C ARG N 215 23.68 -104.47 16.27
N ILE N 216 23.22 -103.25 16.05
CA ILE N 216 21.77 -102.90 16.06
C ILE N 216 21.34 -102.66 14.63
N GLY N 217 20.27 -103.33 14.19
CA GLY N 217 19.75 -103.14 12.82
C GLY N 217 18.61 -102.15 12.79
N ASP N 218 17.77 -102.19 11.76
CA ASP N 218 16.62 -101.27 11.64
C ASP N 218 15.43 -101.66 12.53
N THR N 219 15.28 -102.96 12.87
CA THR N 219 14.07 -103.49 13.51
C THR N 219 13.69 -102.66 14.74
N PRO N 220 14.61 -102.32 15.67
CA PRO N 220 14.21 -101.65 16.89
C PRO N 220 14.10 -100.12 16.80
N LEU N 221 14.44 -99.55 15.65
CA LEU N 221 14.56 -98.09 15.41
C LEU N 221 13.23 -97.59 14.87
N ILE N 222 12.53 -96.82 15.69
CA ILE N 222 11.25 -96.15 15.34
C ILE N 222 11.50 -95.22 14.15
N GLY N 223 10.68 -95.37 13.10
CA GLY N 223 10.94 -94.69 11.83
C GLY N 223 11.79 -95.44 10.84
N ALA N 224 12.47 -96.54 11.21
CA ALA N 224 13.23 -97.40 10.29
C ALA N 224 12.46 -98.72 10.07
N GLY N 225 12.51 -99.67 11.02
CA GLY N 225 11.75 -100.93 10.89
C GLY N 225 10.26 -100.83 11.21
N THR N 226 9.89 -99.94 12.13
CA THR N 226 8.53 -99.81 12.73
C THR N 226 8.11 -98.33 12.72
N TYR N 227 6.86 -98.07 12.35
CA TYR N 227 6.21 -96.73 12.49
C TYR N 227 4.72 -96.87 12.38
N ALA N 228 3.99 -96.10 13.17
CA ALA N 228 2.52 -96.02 13.06
C ALA N 228 2.14 -94.61 13.43
N ASP N 229 1.24 -94.03 12.66
CA ASP N 229 0.72 -92.67 12.95
C ASP N 229 -0.78 -92.69 12.69
N ALA N 230 -1.39 -91.53 12.48
CA ALA N 230 -2.85 -91.43 12.17
C ALA N 230 -3.20 -92.03 10.80
N ARG N 231 -2.29 -92.15 9.85
CA ARG N 231 -2.61 -92.46 8.44
C ARG N 231 -2.23 -93.90 8.09
N CYS N 232 -1.18 -94.46 8.69
CA CYS N 232 -0.63 -95.78 8.30
C CYS N 232 0.13 -96.45 9.45
N ALA N 233 0.36 -97.75 9.31
CA ALA N 233 1.29 -98.54 10.13
C ALA N 233 2.15 -99.37 9.20
N VAL N 234 3.45 -99.34 9.48
CA VAL N 234 4.46 -99.91 8.57
C VAL N 234 5.40 -100.81 9.36
N SER N 235 5.67 -101.97 8.81
CA SER N 235 6.73 -102.87 9.34
C SER N 235 7.64 -103.23 8.17
N ALA N 236 8.94 -102.92 8.29
CA ALA N 236 9.93 -103.17 7.22
C ALA N 236 10.80 -104.39 7.55
N THR N 237 11.44 -104.90 6.51
CA THR N 237 12.21 -106.16 6.60
C THR N 237 13.21 -106.22 5.47
N GLY N 238 14.41 -106.70 5.77
CA GLY N 238 15.46 -106.98 4.79
C GLY N 238 16.84 -106.62 5.33
N LYS N 239 17.66 -105.92 4.55
CA LYS N 239 19.03 -105.57 4.99
C LYS N 239 18.92 -104.35 5.92
N GLY N 240 19.15 -104.55 7.21
CA GLY N 240 18.87 -103.53 8.24
C GLY N 240 19.55 -102.20 7.93
N GLU N 241 20.80 -102.24 7.47
CA GLU N 241 21.62 -101.01 7.22
C GLU N 241 21.00 -100.17 6.10
N ALA N 242 20.52 -100.81 5.04
CA ALA N 242 19.75 -100.19 3.94
C ALA N 242 18.49 -99.54 4.54
N ILE N 243 17.82 -100.21 5.47
CA ILE N 243 16.49 -99.75 6.00
C ILE N 243 16.73 -98.55 6.94
N ILE N 244 17.81 -98.57 7.71
CA ILE N 244 18.24 -97.43 8.59
C ILE N 244 18.50 -96.20 7.70
N ARG N 245 19.35 -96.37 6.69
CA ARG N 245 19.75 -95.29 5.74
C ARG N 245 18.50 -94.70 5.07
N GLY N 246 17.59 -95.56 4.59
CA GLY N 246 16.38 -95.13 3.88
C GLY N 246 15.25 -94.71 4.81
N THR N 247 15.40 -94.73 6.14
CA THR N 247 14.33 -94.40 7.13
C THR N 247 12.98 -94.93 6.60
N VAL N 248 12.89 -96.22 6.35
CA VAL N 248 11.87 -96.78 5.42
C VAL N 248 10.46 -96.59 5.97
N ALA N 249 10.20 -96.99 7.22
CA ALA N 249 8.85 -96.94 7.81
C ALA N 249 8.39 -95.47 7.87
N ARG N 250 9.27 -94.55 8.25
CA ARG N 250 8.90 -93.11 8.34
C ARG N 250 8.63 -92.56 6.93
N ASP N 251 9.44 -92.93 5.95
CA ASP N 251 9.34 -92.42 4.55
C ASP N 251 7.95 -92.72 3.96
N VAL N 252 7.42 -93.91 4.20
CA VAL N 252 6.05 -94.26 3.74
C VAL N 252 5.03 -93.28 4.33
N ALA N 253 5.08 -93.05 5.65
CA ALA N 253 4.15 -92.16 6.38
C ALA N 253 4.34 -90.70 5.93
N ALA N 254 5.58 -90.28 5.66
CA ALA N 254 5.96 -88.91 5.27
C ALA N 254 5.48 -88.60 3.85
N LEU N 255 5.59 -89.57 2.96
CA LEU N 255 5.05 -89.46 1.59
C LEU N 255 3.53 -89.30 1.60
N MET N 256 2.83 -89.98 2.50
CA MET N 256 1.34 -89.89 2.62
C MET N 256 0.96 -88.55 3.28
N GLU N 257 1.62 -88.20 4.37
CA GLU N 257 1.37 -86.93 5.09
C GLU N 257 1.71 -85.71 4.23
N PHE N 258 2.90 -85.64 3.64
CA PHE N 258 3.44 -84.39 3.04
C PHE N 258 3.14 -84.29 1.54
N LYS N 259 2.97 -85.41 0.84
CA LYS N 259 2.70 -85.41 -0.63
C LYS N 259 1.28 -85.90 -0.89
N GLY N 260 0.57 -86.42 0.11
CA GLY N 260 -0.82 -86.88 -0.07
C GLY N 260 -0.91 -88.14 -0.93
N LEU N 261 0.18 -88.89 -1.10
CA LEU N 261 0.12 -90.21 -1.77
C LEU N 261 -0.80 -91.13 -0.97
N SER N 262 -1.50 -92.02 -1.67
CA SER N 262 -2.17 -93.22 -1.12
C SER N 262 -1.12 -94.14 -0.47
N LEU N 263 -1.57 -95.06 0.40
CA LEU N 263 -0.71 -96.13 0.96
C LEU N 263 0.05 -96.82 -0.18
N GLU N 264 -0.68 -97.21 -1.22
CA GLU N 264 -0.10 -98.00 -2.34
C GLU N 264 0.99 -97.19 -3.05
N GLU N 265 0.71 -95.94 -3.38
CA GLU N 265 1.68 -95.04 -4.04
C GLU N 265 2.93 -94.89 -3.15
N ALA N 266 2.72 -94.56 -1.88
CA ALA N 266 3.82 -94.30 -0.91
C ALA N 266 4.69 -95.55 -0.74
N ALA N 267 4.06 -96.70 -0.46
CA ALA N 267 4.75 -97.99 -0.23
C ALA N 267 5.55 -98.36 -1.46
N THR N 268 4.95 -98.29 -2.66
CA THR N 268 5.60 -98.62 -3.95
C THR N 268 6.80 -97.70 -4.19
N CYS N 269 6.64 -96.41 -3.89
CA CYS N 269 7.70 -95.39 -4.07
C CYS N 269 8.93 -95.78 -3.23
N VAL N 270 8.73 -96.00 -1.94
CA VAL N 270 9.84 -96.32 -1.02
C VAL N 270 10.53 -97.59 -1.52
N VAL N 271 9.76 -98.60 -1.91
CA VAL N 271 10.35 -99.93 -2.17
C VAL N 271 10.99 -99.93 -3.57
N HIS N 272 10.33 -99.36 -4.57
CA HIS N 272 10.75 -99.54 -5.99
C HIS N 272 11.43 -98.27 -6.54
N GLU N 273 11.39 -97.14 -5.84
CA GLU N 273 12.04 -95.88 -6.34
C GLU N 273 13.21 -95.45 -5.44
N ARG N 274 13.07 -95.41 -4.12
CA ARG N 274 14.02 -94.69 -3.21
C ARG N 274 15.05 -95.63 -2.56
N THR N 275 14.87 -96.94 -2.66
CA THR N 275 15.75 -97.91 -1.97
C THR N 275 16.31 -98.87 -3.02
N PRO N 276 17.52 -99.39 -2.79
CA PRO N 276 18.14 -100.27 -3.77
C PRO N 276 17.46 -101.65 -3.92
N LYS N 277 17.47 -102.19 -5.14
CA LYS N 277 16.93 -103.53 -5.47
C LYS N 277 17.65 -104.61 -4.62
N GLY N 278 16.91 -105.63 -4.20
CA GLY N 278 17.45 -106.77 -3.42
C GLY N 278 17.74 -106.42 -1.97
N THR N 279 17.12 -105.39 -1.40
CA THR N 279 17.44 -104.94 -0.02
C THR N 279 16.24 -105.03 0.91
N LEU N 280 15.00 -104.82 0.45
CA LEU N 280 13.93 -104.74 1.46
C LEU N 280 12.52 -104.91 0.91
N GLY N 281 11.67 -105.28 1.85
CA GLY N 281 10.22 -105.23 1.69
C GLY N 281 9.57 -104.64 2.90
N LEU N 282 8.27 -104.42 2.82
CA LEU N 282 7.51 -103.94 3.97
C LEU N 282 6.06 -104.36 3.86
N ILE N 283 5.39 -104.30 4.99
CA ILE N 283 3.92 -104.47 5.06
C ILE N 283 3.37 -103.17 5.63
N ALA N 284 2.23 -102.77 5.10
CA ALA N 284 1.57 -101.54 5.58
C ALA N 284 0.06 -101.67 5.48
N VAL N 285 -0.62 -101.01 6.40
CA VAL N 285 -2.11 -100.83 6.41
C VAL N 285 -2.37 -99.34 6.61
N SER N 286 -3.52 -98.88 6.11
CA SER N 286 -3.94 -97.47 6.22
C SER N 286 -5.11 -97.38 7.21
N ALA N 287 -5.40 -96.17 7.67
CA ALA N 287 -6.51 -95.87 8.60
C ALA N 287 -7.85 -96.30 7.94
N LYS N 288 -7.91 -96.38 6.60
CA LYS N 288 -9.12 -96.75 5.81
C LYS N 288 -9.17 -98.27 5.51
N GLY N 289 -8.23 -99.06 6.04
CA GLY N 289 -8.26 -100.53 5.92
C GLY N 289 -7.65 -101.03 4.62
N GLU N 290 -6.82 -100.22 3.96
CA GLU N 290 -6.09 -100.67 2.74
C GLU N 290 -4.85 -101.46 3.19
N VAL N 291 -4.32 -102.29 2.29
CA VAL N 291 -3.13 -103.16 2.57
C VAL N 291 -2.11 -102.98 1.46
N ALA N 292 -0.81 -102.86 1.78
CA ALA N 292 0.23 -102.87 0.74
C ALA N 292 1.38 -103.71 1.29
N MET N 293 1.95 -104.57 0.45
CA MET N 293 3.07 -105.46 0.85
C MET N 293 4.09 -105.54 -0.28
N PRO N 294 4.66 -104.41 -0.77
CA PRO N 294 5.66 -104.43 -1.83
C PRO N 294 7.02 -104.87 -1.27
N TYR N 295 7.83 -105.44 -2.14
CA TYR N 295 9.23 -105.84 -1.86
C TYR N 295 10.06 -105.74 -3.15
N ASN N 296 11.38 -105.51 -3.01
CA ASN N 296 12.36 -105.37 -4.12
C ASN N 296 13.36 -106.53 -4.01
N THR N 297 13.08 -107.49 -3.12
CA THR N 297 13.80 -108.77 -2.96
C THR N 297 13.16 -109.84 -3.88
N THR N 298 13.81 -110.99 -4.05
CA THR N 298 13.29 -112.19 -4.77
C THR N 298 11.93 -112.61 -4.16
N GLY N 299 11.84 -112.59 -2.84
CA GLY N 299 10.70 -113.11 -2.07
C GLY N 299 10.41 -112.32 -0.80
N MET N 300 9.19 -112.49 -0.29
CA MET N 300 8.85 -112.07 1.09
C MET N 300 7.74 -112.97 1.62
N PHE N 301 8.04 -113.72 2.68
CA PHE N 301 7.07 -114.53 3.44
C PHE N 301 6.03 -113.56 4.00
N ARG N 302 4.80 -113.64 3.52
CA ARG N 302 3.82 -112.59 3.83
C ARG N 302 2.39 -113.14 3.84
N ALA N 303 1.50 -112.41 4.49
CA ALA N 303 0.09 -112.82 4.60
C ALA N 303 -0.71 -111.59 4.94
N CYS N 304 -1.98 -111.58 4.55
CA CYS N 304 -2.87 -110.48 4.95
C CYS N 304 -4.31 -110.95 4.91
N ALA N 305 -5.16 -110.16 5.58
CA ALA N 305 -6.62 -110.38 5.55
C ALA N 305 -7.35 -109.06 5.72
N THR N 306 -8.57 -108.96 5.18
CA THR N 306 -9.42 -107.78 5.38
C THR N 306 -10.80 -108.26 5.84
N GLU N 307 -11.54 -107.41 6.56
CA GLU N 307 -12.88 -107.75 7.04
C GLU N 307 -13.79 -108.13 5.86
N ASP N 308 -13.58 -107.58 4.66
CA ASP N 308 -14.44 -107.84 3.47
CA ASP N 308 -14.42 -107.84 3.46
C ASP N 308 -14.20 -109.26 2.90
N GLY N 309 -13.44 -110.12 3.59
CA GLY N 309 -13.33 -111.55 3.25
C GLY N 309 -12.21 -111.83 2.26
N TYR N 310 -11.23 -110.92 2.14
CA TYR N 310 -9.98 -111.17 1.40
C TYR N 310 -8.95 -111.78 2.36
N SER N 311 -8.20 -112.76 1.90
CA SER N 311 -7.07 -113.32 2.68
C SER N 311 -6.07 -113.93 1.70
N GLU N 312 -4.77 -113.83 2.01
CA GLU N 312 -3.72 -114.24 1.07
C GLU N 312 -2.51 -114.64 1.90
N VAL N 313 -1.82 -115.69 1.48
CA VAL N 313 -0.48 -116.08 1.95
C VAL N 313 0.41 -116.23 0.71
N ALA N 314 1.66 -115.80 0.75
CA ALA N 314 2.51 -115.70 -0.44
C ALA N 314 3.98 -115.65 -0.05
N ILE N 315 4.82 -116.08 -0.99
CA ILE N 315 6.29 -116.06 -0.81
C ILE N 315 6.88 -115.31 -2.00
N TRP N 316 6.57 -115.76 -3.22
CA TRP N 316 7.07 -115.17 -4.49
C TRP N 316 5.98 -114.30 -5.11
N PRO N 317 6.28 -113.48 -6.14
CA PRO N 317 5.29 -112.54 -6.68
C PRO N 317 4.15 -113.17 -7.49
N GLY O 2 4.79 -127.64 -10.02
CA GLY O 2 4.05 -128.14 -8.82
C GLY O 2 2.52 -128.07 -9.00
N TRP O 3 1.78 -128.58 -8.03
CA TRP O 3 0.29 -128.61 -8.08
C TRP O 3 -0.25 -127.19 -7.90
N ALA O 4 -1.46 -126.94 -8.41
CA ALA O 4 -2.23 -125.69 -8.25
C ALA O 4 -3.72 -126.06 -8.29
N ILE O 5 -4.54 -125.31 -7.60
CA ILE O 5 -6.01 -125.55 -7.58
C ILE O 5 -6.64 -124.18 -7.49
N ALA O 6 -7.77 -124.02 -8.14
CA ALA O 6 -8.61 -122.85 -8.03
C ALA O 6 -10.06 -123.32 -8.00
N LEU O 7 -10.92 -122.57 -7.35
CA LEU O 7 -12.35 -122.92 -7.24
C LEU O 7 -13.15 -121.64 -7.28
N HIS O 8 -14.43 -121.72 -7.67
CA HIS O 8 -15.34 -120.57 -7.56
C HIS O 8 -16.71 -121.00 -7.07
N GLY O 9 -17.45 -120.02 -6.56
CA GLY O 9 -18.90 -120.12 -6.22
C GLY O 9 -19.71 -119.10 -6.98
N GLY O 10 -19.29 -118.78 -8.21
CA GLY O 10 -20.02 -117.91 -9.16
C GLY O 10 -19.53 -116.46 -9.20
N ALA O 11 -19.59 -115.91 -10.40
CA ALA O 11 -19.38 -114.47 -10.68
C ALA O 11 -20.73 -113.78 -10.96
N GLY O 12 -20.78 -112.48 -10.67
CA GLY O 12 -21.98 -111.67 -10.92
C GLY O 12 -21.93 -110.40 -10.09
N ASP O 13 -23.09 -109.80 -9.90
CA ASP O 13 -23.22 -108.47 -9.28
C ASP O 13 -23.37 -108.68 -7.77
N ILE O 14 -22.29 -109.11 -7.11
CA ILE O 14 -22.27 -109.34 -5.64
C ILE O 14 -22.07 -107.97 -5.02
N PRO O 15 -23.12 -107.36 -4.42
CA PRO O 15 -22.99 -105.98 -3.95
C PRO O 15 -21.90 -105.83 -2.88
N LEU O 16 -21.09 -104.77 -2.97
CA LEU O 16 -20.08 -104.43 -1.95
C LEU O 16 -20.74 -104.35 -0.56
N SER O 17 -22.05 -104.11 -0.49
CA SER O 17 -22.86 -103.98 0.75
C SER O 17 -23.39 -105.34 1.24
N LEU O 18 -23.03 -106.45 0.57
CA LEU O 18 -23.46 -107.79 1.03
C LEU O 18 -23.24 -107.89 2.53
N PRO O 19 -24.29 -108.18 3.32
CA PRO O 19 -24.17 -108.13 4.79
C PRO O 19 -23.26 -109.23 5.33
N PRO O 20 -22.53 -108.99 6.44
CA PRO O 20 -21.65 -110.01 7.02
C PRO O 20 -22.33 -111.36 7.27
N GLU O 21 -23.67 -111.32 7.45
CA GLU O 21 -24.51 -112.50 7.77
C GLU O 21 -24.41 -113.48 6.60
N ARG O 22 -24.43 -112.96 5.37
CA ARG O 22 -24.43 -113.73 4.09
C ARG O 22 -23.00 -113.90 3.55
N ARG O 23 -22.12 -112.91 3.74
CA ARG O 23 -20.70 -112.90 3.28
C ARG O 23 -19.94 -114.06 3.92
N HIS O 24 -20.04 -114.19 5.25
CA HIS O 24 -19.18 -115.06 6.08
C HIS O 24 -19.38 -116.54 5.80
N PRO O 25 -20.63 -117.07 5.69
CA PRO O 25 -20.81 -118.48 5.33
C PRO O 25 -20.21 -118.80 3.94
N ARG O 26 -20.26 -117.83 3.02
CA ARG O 26 -19.74 -118.02 1.64
C ARG O 26 -18.20 -118.02 1.68
N GLU O 27 -17.57 -117.10 2.40
CA GLU O 27 -16.10 -117.07 2.65
C GLU O 27 -15.66 -118.37 3.34
N GLU O 28 -16.38 -118.84 4.35
CA GLU O 28 -15.97 -120.05 5.10
C GLU O 28 -16.14 -121.27 4.18
N ALA O 29 -17.20 -121.33 3.38
CA ALA O 29 -17.43 -122.42 2.40
C ALA O 29 -16.28 -122.42 1.40
N LEU O 30 -15.85 -121.24 0.96
CA LEU O 30 -14.71 -121.19 0.02
C LEU O 30 -13.45 -121.75 0.67
N ARG O 31 -13.12 -121.29 1.89
CA ARG O 31 -11.88 -121.68 2.57
C ARG O 31 -11.94 -123.19 2.86
N HIS O 32 -13.10 -123.74 3.22
CA HIS O 32 -13.25 -125.20 3.54
C HIS O 32 -13.04 -126.01 2.26
N CYS O 33 -13.73 -125.66 1.19
CA CYS O 33 -13.52 -126.30 -0.12
C CYS O 33 -12.07 -126.18 -0.57
N LEU O 34 -11.36 -125.06 -0.34
CA LEU O 34 -9.93 -124.95 -0.73
C LEU O 34 -9.09 -125.97 0.07
N GLN O 35 -9.30 -126.06 1.37
CA GLN O 35 -8.61 -127.06 2.27
C GLN O 35 -8.85 -128.49 1.75
N ILE O 36 -10.09 -128.81 1.42
CA ILE O 36 -10.51 -130.13 0.87
C ILE O 36 -9.66 -130.42 -0.35
N GLY O 37 -9.61 -129.46 -1.30
CA GLY O 37 -8.90 -129.65 -2.56
C GLY O 37 -7.40 -129.72 -2.34
N VAL O 38 -6.86 -128.90 -1.41
CA VAL O 38 -5.39 -128.93 -1.09
C VAL O 38 -5.03 -130.28 -0.42
N GLU O 39 -5.80 -130.70 0.60
CA GLU O 39 -5.67 -132.02 1.28
C GLU O 39 -5.64 -133.13 0.21
N ALA O 40 -6.57 -133.07 -0.73
CA ALA O 40 -6.73 -134.07 -1.80
C ALA O 40 -5.42 -134.17 -2.61
N LEU O 41 -4.89 -133.03 -3.08
CA LEU O 41 -3.68 -133.01 -3.95
C LEU O 41 -2.46 -133.52 -3.16
N LYS O 42 -2.30 -133.08 -1.91
CA LYS O 42 -1.18 -133.54 -1.05
C LYS O 42 -1.36 -135.03 -0.70
N ALA O 43 -2.59 -135.56 -0.68
CA ALA O 43 -2.86 -137.00 -0.51
C ALA O 43 -2.62 -137.78 -1.81
N LYS O 44 -2.09 -137.13 -2.86
CA LYS O 44 -1.79 -137.66 -4.22
C LYS O 44 -3.07 -138.15 -4.93
N LEU O 45 -4.23 -137.56 -4.68
CA LEU O 45 -5.38 -137.81 -5.57
C LEU O 45 -5.10 -137.20 -6.95
N PRO O 46 -5.44 -137.88 -8.05
CA PRO O 46 -5.29 -137.27 -9.37
C PRO O 46 -6.21 -136.05 -9.51
N PRO O 47 -5.85 -135.05 -10.33
CA PRO O 47 -6.70 -133.89 -10.57
C PRO O 47 -8.17 -134.21 -10.89
N LEU O 48 -8.50 -135.26 -11.67
CA LEU O 48 -9.90 -135.61 -12.01
C LEU O 48 -10.69 -135.87 -10.71
N ASP O 49 -10.12 -136.59 -9.76
CA ASP O 49 -10.77 -136.89 -8.45
C ASP O 49 -10.80 -135.66 -7.55
N VAL O 50 -9.76 -134.83 -7.59
CA VAL O 50 -9.74 -133.54 -6.87
C VAL O 50 -10.93 -132.66 -7.29
N VAL O 51 -11.16 -132.45 -8.59
CA VAL O 51 -12.15 -131.42 -9.02
C VAL O 51 -13.55 -131.97 -8.78
N GLU O 52 -13.73 -133.27 -8.88
CA GLU O 52 -15.01 -133.93 -8.53
C GLU O 52 -15.29 -133.71 -7.03
N ARG O 53 -14.31 -134.01 -6.19
CA ARG O 53 -14.45 -133.91 -4.72
C ARG O 53 -14.84 -132.48 -4.30
N VAL O 54 -14.19 -131.47 -4.87
CA VAL O 54 -14.37 -130.05 -4.50
C VAL O 54 -15.73 -129.58 -5.01
N VAL O 55 -16.04 -129.93 -6.24
CA VAL O 55 -17.37 -129.58 -6.77
C VAL O 55 -18.53 -130.25 -6.02
N ARG O 56 -18.42 -131.52 -5.59
CA ARG O 56 -19.43 -132.21 -4.78
C ARG O 56 -19.67 -131.35 -3.53
N GLU O 57 -18.63 -130.78 -2.91
CA GLU O 57 -18.83 -130.02 -1.66
C GLU O 57 -19.56 -128.71 -1.99
N LEU O 58 -19.14 -128.07 -3.08
CA LEU O 58 -19.69 -126.80 -3.60
C LEU O 58 -21.16 -127.00 -3.99
N GLU O 59 -21.53 -128.14 -4.57
CA GLU O 59 -22.95 -128.52 -4.79
C GLU O 59 -23.69 -128.62 -3.45
N ASN O 60 -23.09 -129.18 -2.40
CA ASN O 60 -23.82 -129.45 -1.12
C ASN O 60 -24.05 -128.15 -0.33
N ILE O 61 -23.24 -127.13 -0.57
CA ILE O 61 -23.37 -125.80 0.10
C ILE O 61 -24.60 -125.08 -0.42
N PRO O 62 -25.63 -124.84 0.45
CA PRO O 62 -26.86 -124.24 0.00
C PRO O 62 -26.70 -122.79 -0.47
N GLN O 63 -25.62 -122.08 -0.09
CA GLN O 63 -25.44 -120.67 -0.50
C GLN O 63 -24.95 -120.55 -1.96
N PHE O 64 -24.54 -121.65 -2.60
CA PHE O 64 -24.04 -121.59 -3.99
C PHE O 64 -25.07 -122.25 -4.92
N ASN O 65 -25.21 -121.68 -6.10
CA ASN O 65 -26.16 -122.12 -7.16
C ASN O 65 -25.56 -123.32 -7.95
N ALA O 66 -25.67 -124.50 -7.34
CA ALA O 66 -25.34 -125.83 -7.86
C ALA O 66 -25.91 -126.76 -6.81
N GLY O 67 -26.31 -127.97 -7.15
CA GLY O 67 -26.83 -128.91 -6.14
C GLY O 67 -27.93 -128.28 -5.31
N LYS O 68 -27.90 -128.55 -4.01
CA LYS O 68 -28.85 -127.87 -3.09
C LYS O 68 -28.49 -126.39 -3.12
N GLY O 69 -29.47 -125.54 -3.36
CA GLY O 69 -29.17 -124.12 -3.56
C GLY O 69 -29.17 -123.74 -5.01
N SER O 70 -29.47 -124.69 -5.89
CA SER O 70 -29.73 -124.38 -7.31
C SER O 70 -30.85 -123.33 -7.43
N VAL O 71 -30.69 -122.37 -8.36
CA VAL O 71 -31.76 -121.40 -8.69
C VAL O 71 -32.97 -122.15 -9.28
N LEU O 72 -34.11 -121.48 -9.37
CA LEU O 72 -35.37 -122.10 -9.84
C LEU O 72 -35.69 -121.73 -11.32
N THR O 73 -36.19 -122.70 -12.04
CA THR O 73 -36.85 -122.47 -13.35
C THR O 73 -38.04 -121.52 -13.18
N SER O 74 -38.60 -121.12 -14.31
CA SER O 74 -39.91 -120.42 -14.36
C SER O 74 -40.98 -121.15 -13.55
N ASN O 75 -40.94 -122.48 -13.53
CA ASN O 75 -42.00 -123.34 -12.96
C ASN O 75 -41.72 -123.62 -11.49
N GLY O 76 -40.76 -122.92 -10.86
CA GLY O 76 -40.42 -123.15 -9.44
C GLY O 76 -39.69 -124.45 -9.19
N THR O 77 -39.02 -125.01 -10.19
CA THR O 77 -38.35 -126.33 -10.08
C THR O 77 -36.83 -126.17 -10.22
N VAL O 78 -36.09 -127.18 -9.80
CA VAL O 78 -34.62 -127.27 -10.01
C VAL O 78 -34.32 -128.18 -11.22
N GLU O 79 -33.50 -127.69 -12.12
CA GLU O 79 -32.94 -128.43 -13.27
C GLU O 79 -31.42 -128.24 -13.23
N MET O 80 -30.71 -129.26 -12.83
CA MET O 80 -29.27 -129.13 -12.50
C MET O 80 -28.41 -129.67 -13.64
N GLU O 81 -27.19 -129.14 -13.79
CA GLU O 81 -26.30 -129.50 -14.93
C GLU O 81 -24.83 -129.31 -14.57
N ALA O 82 -23.94 -130.11 -15.14
CA ALA O 82 -22.52 -130.18 -14.74
C ALA O 82 -21.70 -130.81 -15.86
N SER O 83 -20.42 -130.50 -15.91
CA SER O 83 -19.49 -131.16 -16.85
C SER O 83 -18.16 -131.31 -16.16
N ILE O 84 -17.39 -132.24 -16.69
CA ILE O 84 -16.05 -132.59 -16.18
C ILE O 84 -15.19 -132.96 -17.36
N MET O 85 -13.93 -132.54 -17.32
CA MET O 85 -12.96 -132.83 -18.41
C MET O 85 -11.58 -133.13 -17.84
N ASP O 86 -10.99 -134.23 -18.33
CA ASP O 86 -9.57 -134.63 -18.12
C ASP O 86 -8.72 -134.13 -19.28
N GLY O 87 -7.75 -133.27 -18.95
CA GLY O 87 -6.85 -132.60 -19.91
C GLY O 87 -5.88 -133.57 -20.58
N THR O 88 -5.47 -134.62 -19.91
CA THR O 88 -4.45 -135.61 -20.41
C THR O 88 -5.01 -136.42 -21.58
N THR O 89 -6.25 -136.89 -21.45
CA THR O 89 -6.98 -137.77 -22.40
C THR O 89 -7.98 -136.96 -23.22
N MET O 90 -8.35 -135.79 -22.72
CA MET O 90 -9.49 -134.98 -23.24
C MET O 90 -10.79 -135.81 -23.23
N ASP O 91 -10.88 -136.78 -22.31
CA ASP O 91 -12.12 -137.47 -21.88
C ASP O 91 -13.01 -136.45 -21.17
N CYS O 92 -14.31 -136.53 -21.39
CA CYS O 92 -15.25 -135.64 -20.70
C CYS O 92 -16.62 -136.27 -20.51
N GLY O 93 -17.37 -135.62 -19.64
CA GLY O 93 -18.72 -136.05 -19.28
C GLY O 93 -19.55 -134.87 -18.93
N ALA O 94 -20.84 -134.96 -19.24
CA ALA O 94 -21.82 -133.90 -19.03
C ALA O 94 -23.21 -134.45 -18.75
N VAL O 95 -23.95 -133.69 -17.94
CA VAL O 95 -25.36 -133.98 -17.60
C VAL O 95 -26.11 -132.67 -17.59
N SER O 96 -27.37 -132.74 -18.00
CA SER O 96 -28.36 -131.64 -17.92
C SER O 96 -29.70 -132.21 -17.41
N GLY O 97 -30.55 -131.35 -16.87
CA GLY O 97 -31.95 -131.69 -16.55
C GLY O 97 -32.06 -132.63 -15.36
N LEU O 98 -31.16 -132.55 -14.39
CA LEU O 98 -31.25 -133.39 -13.19
C LEU O 98 -32.16 -132.69 -12.18
N THR O 99 -33.03 -133.48 -11.55
CA THR O 99 -34.06 -133.03 -10.60
C THR O 99 -33.91 -133.70 -9.22
N THR O 100 -33.30 -134.88 -9.11
CA THR O 100 -33.23 -135.64 -7.83
C THR O 100 -31.79 -136.03 -7.47
N VAL O 101 -30.85 -135.89 -8.41
CA VAL O 101 -29.44 -136.31 -8.24
C VAL O 101 -28.72 -135.34 -7.30
N VAL O 102 -28.19 -135.85 -6.20
CA VAL O 102 -27.58 -135.01 -5.14
C VAL O 102 -26.32 -134.33 -5.69
N ASN O 103 -25.47 -135.07 -6.39
CA ASN O 103 -24.19 -134.57 -6.92
C ASN O 103 -24.13 -134.73 -8.43
N ALA O 104 -24.56 -133.67 -9.14
CA ALA O 104 -24.61 -133.64 -10.62
C ALA O 104 -23.20 -133.93 -11.19
N ILE O 105 -22.14 -133.37 -10.62
CA ILE O 105 -20.75 -133.56 -11.17
C ILE O 105 -20.32 -135.02 -11.18
N SER O 106 -20.73 -135.79 -10.19
CA SER O 106 -20.43 -137.23 -10.05
C SER O 106 -21.20 -138.01 -11.13
N LEU O 107 -22.40 -137.59 -11.47
CA LEU O 107 -23.07 -138.26 -12.60
C LEU O 107 -22.37 -137.95 -13.92
N ALA O 108 -21.95 -136.70 -14.18
CA ALA O 108 -21.14 -136.33 -15.39
C ALA O 108 -19.92 -137.25 -15.48
N ARG O 109 -19.20 -137.44 -14.36
CA ARG O 109 -18.05 -138.36 -14.31
C ARG O 109 -18.47 -139.78 -14.71
N LEU O 110 -19.60 -140.28 -14.20
CA LEU O 110 -20.05 -141.68 -14.50
C LEU O 110 -20.48 -141.83 -15.98
N VAL O 111 -21.03 -140.80 -16.63
CA VAL O 111 -21.33 -140.88 -18.10
C VAL O 111 -20.02 -141.12 -18.86
N MET O 112 -18.96 -140.40 -18.49
CA MET O 112 -17.60 -140.47 -19.12
C MET O 112 -17.05 -141.89 -18.89
N GLU O 113 -17.14 -142.38 -17.64
CA GLU O 113 -16.50 -143.68 -17.29
C GLU O 113 -17.36 -144.87 -17.72
N LYS O 114 -18.69 -144.78 -17.72
CA LYS O 114 -19.54 -146.00 -17.76
C LYS O 114 -20.31 -146.14 -19.07
N THR O 115 -20.30 -145.13 -19.94
CA THR O 115 -21.07 -145.17 -21.23
C THR O 115 -20.12 -144.85 -22.37
N PRO O 116 -20.53 -145.12 -23.62
CA PRO O 116 -19.78 -144.65 -24.80
C PRO O 116 -20.07 -143.18 -25.11
N HIS O 117 -20.85 -142.49 -24.28
CA HIS O 117 -21.27 -141.10 -24.58
C HIS O 117 -20.53 -140.12 -23.66
N ILE O 118 -20.66 -138.84 -23.95
CA ILE O 118 -20.20 -137.71 -23.12
C ILE O 118 -21.41 -137.19 -22.32
N TYR O 119 -22.56 -137.04 -22.96
CA TYR O 119 -23.59 -136.08 -22.51
C TYR O 119 -24.96 -136.74 -22.45
N LEU O 120 -25.52 -136.94 -21.24
CA LEU O 120 -26.93 -137.39 -21.06
C LEU O 120 -27.75 -136.28 -20.43
N ALA O 121 -29.04 -136.20 -20.74
CA ALA O 121 -29.88 -135.07 -20.27
C ALA O 121 -31.32 -135.53 -19.94
N PHE O 122 -31.91 -134.91 -18.90
CA PHE O 122 -33.33 -135.01 -18.50
C PHE O 122 -33.68 -136.47 -18.14
N ASP O 123 -34.79 -137.04 -18.56
CA ASP O 123 -35.30 -138.35 -18.10
C ASP O 123 -34.22 -139.43 -18.29
N GLY O 124 -33.46 -139.38 -19.39
CA GLY O 124 -32.40 -140.35 -19.69
C GLY O 124 -31.23 -140.29 -18.73
N ALA O 125 -30.83 -139.08 -18.34
CA ALA O 125 -29.79 -138.82 -17.33
C ALA O 125 -30.32 -139.34 -15.97
N GLU O 126 -31.59 -139.09 -15.63
CA GLU O 126 -32.18 -139.55 -14.34
C GLU O 126 -32.30 -141.08 -14.31
N GLU O 127 -32.64 -141.70 -15.44
CA GLU O 127 -32.70 -143.15 -15.55
C GLU O 127 -31.29 -143.71 -15.37
N PHE O 128 -30.25 -143.10 -15.97
CA PHE O 128 -28.83 -143.51 -15.83
C PHE O 128 -28.44 -143.44 -14.34
N ALA O 129 -28.79 -142.36 -13.64
CA ALA O 129 -28.50 -142.18 -12.21
C ALA O 129 -29.04 -143.42 -11.45
N ARG O 130 -30.28 -143.82 -11.74
CA ARG O 130 -30.98 -144.91 -11.00
CA ARG O 130 -31.03 -144.93 -11.04
C ARG O 130 -30.26 -146.22 -11.30
N GLN O 131 -29.91 -146.48 -12.56
CA GLN O 131 -29.11 -147.68 -12.98
C GLN O 131 -27.76 -147.71 -12.24
N GLN O 132 -27.11 -146.56 -12.08
CA GLN O 132 -25.80 -146.45 -11.40
C GLN O 132 -25.94 -146.48 -9.87
N GLY O 133 -27.15 -146.32 -9.31
CA GLY O 133 -27.33 -146.37 -7.85
C GLY O 133 -26.75 -145.18 -7.14
N VAL O 134 -26.59 -144.03 -7.82
CA VAL O 134 -26.11 -142.78 -7.14
C VAL O 134 -27.22 -142.29 -6.20
N GLU O 135 -26.81 -141.46 -5.26
CA GLU O 135 -27.69 -140.85 -4.24
C GLU O 135 -28.69 -139.92 -4.93
N THR O 136 -29.97 -140.14 -4.65
CA THR O 136 -31.07 -139.23 -5.06
C THR O 136 -31.87 -138.84 -3.82
N LEU O 137 -32.60 -137.73 -3.93
CA LEU O 137 -33.48 -137.20 -2.88
C LEU O 137 -34.65 -136.52 -3.58
N ASP O 138 -35.77 -136.39 -2.89
CA ASP O 138 -36.96 -135.68 -3.42
C ASP O 138 -36.52 -134.33 -3.98
N SER O 139 -37.14 -133.83 -5.04
CA SER O 139 -36.76 -132.52 -5.67
C SER O 139 -36.91 -131.36 -4.67
N SER O 140 -37.76 -131.47 -3.64
CA SER O 140 -37.92 -130.36 -2.65
C SER O 140 -36.62 -130.15 -1.87
N HIS O 141 -35.80 -131.19 -1.69
CA HIS O 141 -34.49 -131.10 -1.00
C HIS O 141 -33.70 -129.92 -1.56
N PHE O 142 -33.70 -129.72 -2.88
CA PHE O 142 -32.71 -128.85 -3.56
C PHE O 142 -33.21 -127.40 -3.52
N ILE O 143 -34.49 -127.21 -3.30
CA ILE O 143 -35.16 -125.89 -3.24
C ILE O 143 -34.92 -125.23 -1.88
N THR O 144 -34.45 -123.99 -1.88
CA THR O 144 -34.27 -123.19 -0.64
C THR O 144 -35.27 -122.05 -0.59
N ALA O 145 -35.47 -121.46 0.60
CA ALA O 145 -36.36 -120.29 0.80
C ALA O 145 -35.76 -119.08 0.09
N GLU O 146 -34.44 -118.88 0.16
CA GLU O 146 -33.75 -117.78 -0.56
C GLU O 146 -34.09 -117.90 -2.05
N ASN O 147 -34.11 -119.12 -2.60
CA ASN O 147 -34.34 -119.29 -4.07
C ASN O 147 -35.82 -119.14 -4.45
N ILE O 148 -36.77 -119.58 -3.61
CA ILE O 148 -38.22 -119.25 -3.76
C ILE O 148 -38.35 -117.72 -3.86
N GLU O 149 -37.67 -116.96 -2.99
CA GLU O 149 -37.78 -115.48 -2.95
C GLU O 149 -37.13 -114.86 -4.20
N ARG O 150 -35.97 -115.35 -4.64
CA ARG O 150 -35.24 -114.82 -5.81
C ARG O 150 -36.12 -114.96 -7.07
N LEU O 151 -36.85 -116.06 -7.20
CA LEU O 151 -37.72 -116.31 -8.37
C LEU O 151 -38.91 -115.33 -8.33
N LYS O 152 -39.49 -115.14 -7.15
CA LYS O 152 -40.59 -114.15 -6.94
C LYS O 152 -40.12 -112.80 -7.47
N GLN O 153 -38.91 -112.35 -7.12
CA GLN O 153 -38.37 -111.01 -7.48
C GLN O 153 -38.05 -110.94 -8.97
N ALA O 154 -37.55 -112.04 -9.57
CA ALA O 154 -37.24 -112.09 -11.00
C ALA O 154 -38.52 -111.93 -11.82
N LYS O 155 -39.59 -112.66 -11.46
CA LYS O 155 -40.89 -112.60 -12.18
C LYS O 155 -41.47 -111.19 -12.06
N GLU O 156 -41.21 -110.52 -10.93
CA GLU O 156 -41.68 -109.13 -10.65
C GLU O 156 -40.88 -108.15 -11.52
N ALA O 157 -39.56 -108.33 -11.60
CA ALA O 157 -38.62 -107.43 -12.32
C ALA O 157 -38.66 -107.72 -13.82
N ASN O 158 -39.67 -108.44 -14.31
CA ASN O 158 -39.72 -108.90 -15.72
C ASN O 158 -40.99 -108.36 -16.39
N THR O 187 -23.58 -121.15 -10.29
CA THR O 187 -22.40 -121.88 -10.85
C THR O 187 -21.30 -122.04 -9.81
N VAL O 188 -20.67 -123.22 -9.79
CA VAL O 188 -19.53 -123.56 -8.90
C VAL O 188 -18.54 -124.26 -9.79
N GLY O 189 -17.27 -124.27 -9.43
CA GLY O 189 -16.31 -124.98 -10.29
C GLY O 189 -15.02 -125.17 -9.60
N CYS O 190 -14.20 -126.05 -10.14
CA CYS O 190 -12.85 -126.33 -9.64
C CYS O 190 -11.94 -126.72 -10.81
N VAL O 191 -10.71 -126.22 -10.81
CA VAL O 191 -9.68 -126.65 -11.78
C VAL O 191 -8.47 -127.03 -10.94
N ALA O 192 -7.74 -128.04 -11.40
CA ALA O 192 -6.53 -128.50 -10.68
C ALA O 192 -5.51 -129.04 -11.65
N VAL O 193 -4.27 -129.03 -11.17
CA VAL O 193 -3.10 -129.59 -11.89
C VAL O 193 -2.22 -130.24 -10.82
N ASP O 194 -1.67 -131.41 -11.10
CA ASP O 194 -0.70 -132.04 -10.16
C ASP O 194 0.71 -131.60 -10.55
N GLY O 195 1.74 -132.13 -9.90
CA GLY O 195 3.14 -131.75 -10.17
C GLY O 195 3.68 -132.38 -11.44
N ASN O 196 2.88 -133.23 -12.14
CA ASN O 196 3.24 -133.91 -13.41
C ASN O 196 2.61 -133.23 -14.63
N GLY O 197 1.82 -132.17 -14.47
CA GLY O 197 1.22 -131.49 -15.63
C GLY O 197 -0.19 -132.00 -15.95
N ASN O 198 -0.73 -132.99 -15.23
CA ASN O 198 -2.10 -133.51 -15.45
C ASN O 198 -3.13 -132.47 -14.97
N LEU O 199 -4.08 -132.14 -15.85
CA LEU O 199 -5.06 -131.03 -15.63
C LEU O 199 -6.46 -131.61 -15.56
N ALA O 200 -7.37 -130.96 -14.85
CA ALA O 200 -8.81 -131.32 -14.93
C ALA O 200 -9.63 -130.09 -14.59
N SER O 201 -10.90 -130.05 -15.04
CA SER O 201 -11.89 -128.98 -14.79
C SER O 201 -13.25 -129.61 -14.48
N ALA O 202 -13.99 -129.04 -13.52
CA ALA O 202 -15.37 -129.45 -13.18
C ALA O 202 -16.19 -128.20 -12.90
N THR O 203 -17.38 -128.17 -13.46
CA THR O 203 -18.36 -127.08 -13.26
C THR O 203 -19.76 -127.68 -13.03
N SER O 204 -20.54 -127.11 -12.12
CA SER O 204 -21.91 -127.55 -11.75
C SER O 204 -22.76 -126.30 -11.50
N THR O 205 -24.01 -126.35 -11.90
CA THR O 205 -24.90 -125.18 -11.74
C THR O 205 -26.37 -125.61 -11.61
N GLY O 206 -27.18 -124.71 -11.08
CA GLY O 206 -28.63 -124.66 -11.28
C GLY O 206 -29.05 -123.81 -12.45
N GLY O 207 -28.13 -123.01 -12.97
CA GLY O 207 -28.35 -122.20 -14.19
C GLY O 207 -28.80 -120.79 -13.86
N LEU O 208 -29.84 -120.32 -14.53
CA LEU O 208 -30.31 -118.90 -14.46
C LEU O 208 -31.72 -118.84 -13.84
N VAL O 209 -31.91 -117.96 -12.84
CA VAL O 209 -33.23 -117.80 -12.16
C VAL O 209 -34.28 -117.45 -13.21
N ASN O 210 -35.46 -118.06 -13.12
CA ASN O 210 -36.63 -117.90 -14.03
C ASN O 210 -36.31 -118.46 -15.42
N LYS O 211 -35.33 -119.36 -15.59
CA LYS O 211 -35.04 -119.97 -16.92
C LYS O 211 -36.26 -120.77 -17.37
N MET O 212 -36.50 -120.84 -18.68
CA MET O 212 -37.54 -121.74 -19.20
C MET O 212 -37.20 -123.18 -18.81
N VAL O 213 -38.22 -123.99 -18.54
CA VAL O 213 -37.97 -125.43 -18.31
C VAL O 213 -37.30 -126.00 -19.56
N GLY O 214 -36.33 -126.90 -19.36
CA GLY O 214 -35.51 -127.45 -20.44
C GLY O 214 -34.43 -126.51 -20.98
N ARG O 215 -34.15 -125.34 -20.38
CA ARG O 215 -33.06 -124.47 -20.88
C ARG O 215 -31.69 -125.05 -20.45
N ILE O 216 -30.77 -125.14 -21.41
CA ILE O 216 -29.35 -125.57 -21.17
C ILE O 216 -28.45 -124.34 -21.33
N GLY O 217 -27.61 -124.05 -20.33
CA GLY O 217 -26.63 -122.96 -20.39
C GLY O 217 -25.24 -123.45 -20.76
N ASP O 218 -24.21 -122.71 -20.33
CA ASP O 218 -22.81 -122.96 -20.77
C ASP O 218 -22.15 -124.11 -19.98
N THR O 219 -22.62 -124.35 -18.76
CA THR O 219 -21.91 -125.18 -17.76
C THR O 219 -21.70 -126.61 -18.25
N PRO O 220 -22.69 -127.30 -18.89
CA PRO O 220 -22.44 -128.67 -19.36
C PRO O 220 -21.82 -128.80 -20.75
N LEU O 221 -21.57 -127.68 -21.40
CA LEU O 221 -21.10 -127.60 -22.79
C LEU O 221 -19.57 -127.53 -22.77
N ILE O 222 -18.93 -128.60 -23.23
CA ILE O 222 -17.46 -128.65 -23.35
C ILE O 222 -17.01 -127.59 -24.34
N GLY O 223 -16.06 -126.78 -23.90
CA GLY O 223 -15.58 -125.58 -24.61
C GLY O 223 -16.29 -124.31 -24.22
N ALA O 224 -17.43 -124.35 -23.54
CA ALA O 224 -18.10 -123.13 -23.06
C ALA O 224 -17.80 -122.94 -21.56
N GLY O 225 -18.51 -123.71 -20.72
CA GLY O 225 -18.35 -123.71 -19.26
C GLY O 225 -17.08 -124.39 -18.80
N THR O 226 -16.69 -125.50 -19.44
CA THR O 226 -15.62 -126.42 -18.97
C THR O 226 -14.69 -126.79 -20.14
N TYR O 227 -13.40 -126.78 -19.91
CA TYR O 227 -12.41 -127.26 -20.90
C TYR O 227 -11.10 -127.57 -20.20
N ALA O 228 -10.47 -128.67 -20.62
CA ALA O 228 -9.11 -128.98 -20.17
C ALA O 228 -8.38 -129.67 -21.31
N ASP O 229 -7.08 -129.39 -21.40
CA ASP O 229 -6.24 -130.02 -22.43
C ASP O 229 -4.85 -130.20 -21.83
N ALA O 230 -3.84 -130.35 -22.69
CA ALA O 230 -2.45 -130.59 -22.24
C ALA O 230 -1.89 -129.34 -21.56
N ARG O 231 -2.39 -128.16 -21.94
CA ARG O 231 -1.84 -126.83 -21.56
C ARG O 231 -2.60 -126.13 -20.40
N CYS O 232 -3.92 -126.33 -20.24
CA CYS O 232 -4.70 -125.60 -19.21
C CYS O 232 -6.03 -126.31 -18.86
N ALA O 233 -6.65 -125.86 -17.78
CA ALA O 233 -7.97 -126.32 -17.32
C ALA O 233 -8.73 -125.07 -16.91
N VAL O 234 -9.94 -124.93 -17.46
CA VAL O 234 -10.74 -123.70 -17.34
C VAL O 234 -12.14 -124.08 -16.88
N SER O 235 -12.70 -123.34 -15.91
CA SER O 235 -14.13 -123.33 -15.49
C SER O 235 -14.66 -121.89 -15.53
N ALA O 236 -15.70 -121.62 -16.32
CA ALA O 236 -16.32 -120.29 -16.49
C ALA O 236 -17.63 -120.16 -15.70
N THR O 237 -18.04 -118.93 -15.43
CA THR O 237 -19.29 -118.64 -14.70
C THR O 237 -19.81 -117.26 -15.08
N GLY O 238 -21.11 -117.08 -15.09
CA GLY O 238 -21.73 -115.77 -15.37
C GLY O 238 -22.95 -115.96 -16.23
N LYS O 239 -23.16 -115.13 -17.25
CA LYS O 239 -24.39 -115.22 -18.09
C LYS O 239 -24.20 -116.35 -19.12
N GLY O 240 -24.92 -117.47 -18.93
CA GLY O 240 -24.82 -118.71 -19.71
C GLY O 240 -24.75 -118.48 -21.21
N GLU O 241 -25.70 -117.73 -21.75
CA GLU O 241 -25.86 -117.54 -23.22
C GLU O 241 -24.65 -116.80 -23.76
N ALA O 242 -24.14 -115.80 -23.06
CA ALA O 242 -22.90 -115.09 -23.46
C ALA O 242 -21.69 -116.05 -23.48
N ILE O 243 -21.59 -116.95 -22.52
CA ILE O 243 -20.44 -117.90 -22.43
C ILE O 243 -20.52 -118.94 -23.58
N ILE O 244 -21.73 -119.39 -23.92
CA ILE O 244 -21.95 -120.31 -25.08
C ILE O 244 -21.47 -119.62 -26.36
N ARG O 245 -21.99 -118.44 -26.62
CA ARG O 245 -21.63 -117.65 -27.85
C ARG O 245 -20.12 -117.45 -27.92
N GLY O 246 -19.51 -117.15 -26.78
CA GLY O 246 -18.09 -116.74 -26.68
C GLY O 246 -17.16 -117.94 -26.57
N THR O 247 -17.68 -119.17 -26.55
CA THR O 247 -16.94 -120.45 -26.37
C THR O 247 -15.79 -120.17 -25.40
N VAL O 248 -16.09 -119.66 -24.20
CA VAL O 248 -15.07 -119.03 -23.33
C VAL O 248 -13.96 -120.01 -22.95
N ALA O 249 -14.29 -121.17 -22.35
CA ALA O 249 -13.25 -122.10 -21.83
C ALA O 249 -12.34 -122.54 -23.01
N ARG O 250 -12.93 -122.85 -24.15
CA ARG O 250 -12.14 -123.24 -25.36
C ARG O 250 -11.23 -122.08 -25.82
N ASP O 251 -11.73 -120.84 -25.82
CA ASP O 251 -10.98 -119.64 -26.32
C ASP O 251 -9.72 -119.44 -25.46
N VAL O 252 -9.76 -119.58 -24.13
CA VAL O 252 -8.55 -119.48 -23.27
C VAL O 252 -7.46 -120.45 -23.77
N ALA O 253 -7.81 -121.72 -23.95
CA ALA O 253 -6.90 -122.78 -24.44
C ALA O 253 -6.40 -122.46 -25.84
N ALA O 254 -7.26 -121.99 -26.73
CA ALA O 254 -6.92 -121.76 -28.16
C ALA O 254 -5.88 -120.62 -28.27
N LEU O 255 -6.07 -119.54 -27.50
CA LEU O 255 -5.11 -118.41 -27.41
C LEU O 255 -3.75 -118.92 -26.97
N MET O 256 -3.69 -119.79 -25.94
CA MET O 256 -2.42 -120.36 -25.42
C MET O 256 -1.78 -121.23 -26.51
N GLU O 257 -2.56 -122.09 -27.17
CA GLU O 257 -1.97 -123.00 -28.19
C GLU O 257 -1.67 -122.24 -29.49
N PHE O 258 -2.60 -121.40 -29.95
CA PHE O 258 -2.53 -120.81 -31.32
C PHE O 258 -1.72 -119.50 -31.34
N LYS O 259 -1.70 -118.71 -30.27
CA LYS O 259 -0.90 -117.46 -30.20
C LYS O 259 0.27 -117.58 -29.21
N GLY O 260 0.46 -118.72 -28.55
CA GLY O 260 1.53 -118.88 -27.55
C GLY O 260 1.33 -117.97 -26.33
N LEU O 261 0.12 -117.49 -26.04
CA LEU O 261 -0.11 -116.67 -24.82
C LEU O 261 0.13 -117.53 -23.59
N SER O 262 0.63 -116.89 -22.52
CA SER O 262 0.64 -117.42 -21.14
C SER O 262 -0.81 -117.67 -20.68
N LEU O 263 -0.97 -118.48 -19.63
CA LEU O 263 -2.26 -118.64 -18.91
C LEU O 263 -2.80 -117.24 -18.59
N GLU O 264 -2.00 -116.41 -17.91
CA GLU O 264 -2.48 -115.09 -17.46
C GLU O 264 -2.91 -114.23 -18.65
N GLU O 265 -2.15 -114.19 -19.74
CA GLU O 265 -2.45 -113.36 -20.94
C GLU O 265 -3.75 -113.83 -21.61
N ALA O 266 -3.89 -115.14 -21.77
CA ALA O 266 -5.05 -115.80 -22.42
C ALA O 266 -6.33 -115.52 -21.62
N ALA O 267 -6.30 -115.74 -20.30
CA ALA O 267 -7.48 -115.57 -19.43
C ALA O 267 -7.91 -114.11 -19.38
N THR O 268 -6.95 -113.18 -19.23
CA THR O 268 -7.24 -111.72 -19.19
C THR O 268 -7.84 -111.27 -20.52
N CYS O 269 -7.30 -111.75 -21.63
CA CYS O 269 -7.78 -111.38 -22.97
C CYS O 269 -9.25 -111.82 -23.12
N VAL O 270 -9.57 -113.06 -22.80
CA VAL O 270 -10.97 -113.53 -22.94
C VAL O 270 -11.89 -112.69 -22.05
N VAL O 271 -11.50 -112.45 -20.80
CA VAL O 271 -12.41 -111.82 -19.79
C VAL O 271 -12.50 -110.31 -20.05
N HIS O 272 -11.38 -109.63 -20.27
CA HIS O 272 -11.32 -108.13 -20.27
C HIS O 272 -11.35 -107.53 -21.68
N GLU O 273 -11.05 -108.29 -22.74
CA GLU O 273 -11.07 -107.76 -24.13
C GLU O 273 -12.25 -108.35 -24.93
N ARG O 274 -12.52 -109.65 -24.84
CA ARG O 274 -13.29 -110.36 -25.90
C ARG O 274 -14.72 -110.72 -25.49
N THR O 275 -15.13 -110.42 -24.26
CA THR O 275 -16.51 -110.66 -23.77
C THR O 275 -16.96 -109.38 -23.08
N PRO O 276 -18.27 -109.08 -23.03
CA PRO O 276 -18.71 -107.81 -22.47
C PRO O 276 -18.77 -107.81 -20.93
N LYS O 277 -18.56 -106.62 -20.37
CA LYS O 277 -18.64 -106.27 -18.94
C LYS O 277 -19.89 -106.89 -18.29
N GLY O 278 -19.73 -107.42 -17.08
CA GLY O 278 -20.80 -107.87 -16.18
C GLY O 278 -21.35 -109.22 -16.57
N THR O 279 -20.66 -109.98 -17.43
CA THR O 279 -21.19 -111.27 -17.95
C THR O 279 -20.33 -112.46 -17.49
N LEU O 280 -19.05 -112.28 -17.13
CA LEU O 280 -18.14 -113.46 -17.10
C LEU O 280 -17.06 -113.35 -16.02
N GLY O 281 -16.83 -114.48 -15.36
CA GLY O 281 -15.61 -114.74 -14.58
C GLY O 281 -15.11 -116.12 -14.93
N LEU O 282 -13.83 -116.40 -14.72
CA LEU O 282 -13.38 -117.79 -14.87
C LEU O 282 -12.20 -118.05 -13.97
N ILE O 283 -11.95 -119.32 -13.76
CA ILE O 283 -10.76 -119.80 -13.05
C ILE O 283 -10.01 -120.64 -14.06
N ALA O 284 -8.68 -120.59 -13.99
CA ALA O 284 -7.84 -121.38 -14.90
C ALA O 284 -6.53 -121.76 -14.17
N VAL O 285 -6.03 -122.95 -14.49
CA VAL O 285 -4.63 -123.35 -14.16
C VAL O 285 -3.93 -123.81 -15.43
N SER O 286 -2.60 -123.71 -15.43
CA SER O 286 -1.74 -124.20 -16.54
C SER O 286 -1.05 -125.50 -16.12
N ALA O 287 -0.52 -126.23 -17.09
CA ALA O 287 0.33 -127.42 -16.92
C ALA O 287 1.55 -127.09 -16.04
N LYS O 288 1.95 -125.83 -15.99
CA LYS O 288 3.15 -125.36 -15.24
C LYS O 288 2.81 -124.98 -13.79
N GLY O 289 1.54 -125.06 -13.38
CA GLY O 289 1.10 -124.80 -11.99
C GLY O 289 0.79 -123.34 -11.79
N GLU O 290 0.57 -122.61 -12.88
CA GLU O 290 0.13 -121.20 -12.79
C GLU O 290 -1.38 -121.19 -12.54
N VAL O 291 -1.86 -120.08 -12.02
CA VAL O 291 -3.30 -119.86 -11.68
CA VAL O 291 -3.31 -119.86 -11.69
C VAL O 291 -3.71 -118.48 -12.21
N ALA O 292 -4.91 -118.39 -12.79
CA ALA O 292 -5.56 -117.14 -13.19
C ALA O 292 -7.04 -117.16 -12.78
N MET O 293 -7.54 -116.05 -12.22
CA MET O 293 -8.97 -115.95 -11.81
C MET O 293 -9.53 -114.57 -12.16
N PRO O 294 -9.45 -114.16 -13.45
CA PRO O 294 -10.06 -112.91 -13.90
C PRO O 294 -11.59 -112.95 -13.97
N TYR O 295 -12.22 -111.81 -13.77
CA TYR O 295 -13.69 -111.66 -13.90
C TYR O 295 -13.94 -110.22 -14.32
N ASN O 296 -14.95 -110.02 -15.17
CA ASN O 296 -15.42 -108.68 -15.61
C ASN O 296 -16.67 -108.29 -14.84
N THR O 297 -17.07 -109.10 -13.84
CA THR O 297 -18.24 -108.80 -12.95
C THR O 297 -17.79 -108.00 -11.72
N THR O 298 -18.73 -107.56 -10.88
CA THR O 298 -18.47 -106.84 -9.60
C THR O 298 -17.66 -107.70 -8.63
N GLY O 299 -17.92 -109.01 -8.60
CA GLY O 299 -17.33 -109.97 -7.66
C GLY O 299 -17.28 -111.33 -8.30
N MET O 300 -16.45 -112.20 -7.74
CA MET O 300 -16.46 -113.64 -8.03
C MET O 300 -16.00 -114.32 -6.74
N PHE O 301 -16.85 -115.14 -6.15
CA PHE O 301 -16.50 -115.98 -4.98
C PHE O 301 -15.42 -116.95 -5.47
N ARG O 302 -14.21 -116.88 -4.92
CA ARG O 302 -13.07 -117.61 -5.50
C ARG O 302 -12.04 -117.92 -4.43
N ALA O 303 -11.23 -118.93 -4.72
CA ALA O 303 -10.11 -119.37 -3.86
C ALA O 303 -9.10 -120.09 -4.73
N CYS O 304 -7.85 -120.03 -4.29
CA CYS O 304 -6.82 -120.78 -5.01
C CYS O 304 -5.65 -121.08 -4.08
N ALA O 305 -4.80 -121.99 -4.50
CA ALA O 305 -3.57 -122.35 -3.76
C ALA O 305 -2.60 -123.02 -4.70
N THR O 306 -1.29 -122.84 -4.45
CA THR O 306 -0.24 -123.41 -5.31
C THR O 306 0.79 -124.10 -4.41
N GLU O 307 1.46 -125.11 -4.94
CA GLU O 307 2.57 -125.78 -4.23
C GLU O 307 3.63 -124.73 -3.86
N ASP O 308 3.80 -123.71 -4.69
CA ASP O 308 4.63 -122.47 -4.48
C ASP O 308 4.29 -121.70 -3.19
N GLY O 309 3.22 -122.04 -2.48
CA GLY O 309 2.86 -121.40 -1.19
C GLY O 309 2.06 -120.12 -1.37
N TYR O 310 1.45 -119.93 -2.52
CA TYR O 310 0.43 -118.89 -2.73
C TYR O 310 -0.92 -119.47 -2.36
N SER O 311 -1.73 -118.73 -1.60
CA SER O 311 -3.16 -119.09 -1.44
C SER O 311 -3.96 -117.80 -1.21
N GLU O 312 -5.24 -117.82 -1.58
CA GLU O 312 -6.10 -116.64 -1.60
C GLU O 312 -7.55 -117.11 -1.53
N VAL O 313 -8.33 -116.41 -0.72
CA VAL O 313 -9.81 -116.45 -0.65
C VAL O 313 -10.29 -115.00 -0.84
N ALA O 314 -11.32 -114.77 -1.66
CA ALA O 314 -11.77 -113.43 -2.06
C ALA O 314 -13.16 -113.44 -2.69
N ILE O 315 -13.78 -112.26 -2.67
CA ILE O 315 -15.11 -112.02 -3.27
C ILE O 315 -14.95 -110.85 -4.24
N TRP O 316 -14.38 -109.75 -3.75
CA TRP O 316 -14.23 -108.49 -4.50
C TRP O 316 -12.77 -108.34 -4.92
N PRO O 317 -12.41 -107.36 -5.77
CA PRO O 317 -11.02 -107.03 -6.03
C PRO O 317 -10.25 -106.65 -4.75
N SER O 318 -8.97 -107.03 -4.68
CA SER O 318 -8.10 -106.75 -3.52
C SER O 318 -7.65 -105.28 -3.56
N GLY P 2 -18.47 -113.36 -54.29
CA GLY P 2 -19.92 -113.62 -54.55
C GLY P 2 -20.47 -114.66 -53.58
N TRP P 3 -21.73 -115.06 -53.72
CA TRP P 3 -22.33 -116.01 -52.76
C TRP P 3 -21.69 -117.40 -52.92
N ALA P 4 -21.80 -118.21 -51.86
CA ALA P 4 -21.27 -119.58 -51.86
C ALA P 4 -22.15 -120.41 -50.94
N ILE P 5 -22.33 -121.69 -51.24
CA ILE P 5 -23.10 -122.58 -50.33
C ILE P 5 -22.45 -123.97 -50.33
N ALA P 6 -22.51 -124.65 -49.20
CA ALA P 6 -22.15 -126.07 -49.14
C ALA P 6 -23.18 -126.77 -48.26
N LEU P 7 -23.40 -128.06 -48.51
CA LEU P 7 -24.31 -128.84 -47.66
C LEU P 7 -23.79 -130.26 -47.53
N HIS P 8 -24.20 -130.94 -46.48
CA HIS P 8 -23.81 -132.35 -46.25
C HIS P 8 -25.00 -133.18 -45.81
N GLY P 9 -24.93 -134.46 -46.16
CA GLY P 9 -25.88 -135.45 -45.67
C GLY P 9 -25.12 -136.47 -44.88
N GLY P 10 -24.01 -136.07 -44.26
CA GLY P 10 -23.30 -136.87 -43.26
C GLY P 10 -22.05 -137.54 -43.80
N ALA P 11 -21.10 -137.72 -42.87
CA ALA P 11 -19.80 -138.37 -43.10
C ALA P 11 -19.73 -139.63 -42.26
N GLY P 12 -19.13 -140.68 -42.80
CA GLY P 12 -18.95 -141.93 -42.09
C GLY P 12 -18.29 -142.96 -42.97
N ASP P 13 -18.38 -144.21 -42.56
CA ASP P 13 -17.83 -145.34 -43.34
C ASP P 13 -18.90 -145.70 -44.37
N ILE P 14 -18.98 -144.91 -45.44
CA ILE P 14 -19.87 -145.12 -46.60
C ILE P 14 -19.09 -146.03 -47.54
N PRO P 15 -19.43 -147.34 -47.59
CA PRO P 15 -18.57 -148.31 -48.29
C PRO P 15 -18.56 -147.99 -49.80
N LEU P 16 -17.42 -148.22 -50.47
CA LEU P 16 -17.30 -148.03 -51.95
C LEU P 16 -18.28 -148.98 -52.67
N SER P 17 -18.72 -150.05 -52.02
CA SER P 17 -19.70 -151.04 -52.54
C SER P 17 -21.16 -150.59 -52.29
N LEU P 18 -21.39 -149.41 -51.72
CA LEU P 18 -22.77 -148.94 -51.39
C LEU P 18 -23.67 -149.24 -52.58
N PRO P 19 -24.82 -149.94 -52.36
CA PRO P 19 -25.73 -150.30 -53.44
C PRO P 19 -26.28 -149.06 -54.15
N PRO P 20 -26.42 -149.08 -55.50
CA PRO P 20 -27.09 -148.01 -56.24
C PRO P 20 -28.39 -147.52 -55.60
N GLU P 21 -29.23 -148.43 -55.13
CA GLU P 21 -30.56 -148.10 -54.53
C GLU P 21 -30.37 -147.22 -53.29
N ARG P 22 -29.21 -147.29 -52.64
CA ARG P 22 -28.96 -146.45 -51.45
C ARG P 22 -28.26 -145.15 -51.87
N ARG P 23 -27.32 -145.25 -52.80
CA ARG P 23 -26.52 -144.10 -53.31
C ARG P 23 -27.47 -143.13 -54.01
N HIS P 24 -28.34 -143.63 -54.90
CA HIS P 24 -29.12 -142.85 -55.90
C HIS P 24 -30.00 -141.82 -55.21
N PRO P 25 -30.96 -142.23 -54.34
CA PRO P 25 -31.77 -141.28 -53.57
C PRO P 25 -30.97 -140.16 -52.89
N ARG P 26 -29.82 -140.51 -52.30
CA ARG P 26 -28.97 -139.53 -51.54
C ARG P 26 -28.32 -138.53 -52.49
N GLU P 27 -27.69 -138.98 -53.59
CA GLU P 27 -27.07 -138.06 -54.60
C GLU P 27 -28.16 -137.13 -55.13
N GLU P 28 -29.32 -137.67 -55.49
CA GLU P 28 -30.46 -136.86 -56.04
C GLU P 28 -30.94 -135.85 -54.98
N ALA P 29 -31.07 -136.28 -53.71
CA ALA P 29 -31.46 -135.40 -52.59
C ALA P 29 -30.49 -134.24 -52.49
N LEU P 30 -29.17 -134.50 -52.51
CA LEU P 30 -28.11 -133.45 -52.40
C LEU P 30 -28.34 -132.42 -53.50
N ARG P 31 -28.63 -132.92 -54.70
CA ARG P 31 -28.75 -132.09 -55.90
C ARG P 31 -29.99 -131.23 -55.68
N HIS P 32 -31.13 -131.84 -55.31
CA HIS P 32 -32.41 -131.13 -55.03
C HIS P 32 -32.15 -130.02 -53.98
N CYS P 33 -31.52 -130.36 -52.85
CA CYS P 33 -31.38 -129.38 -51.75
C CYS P 33 -30.37 -128.31 -52.12
N LEU P 34 -29.35 -128.63 -52.91
CA LEU P 34 -28.40 -127.63 -53.43
C LEU P 34 -29.18 -126.60 -54.30
N GLN P 35 -30.10 -127.04 -55.18
CA GLN P 35 -30.93 -126.13 -56.02
C GLN P 35 -31.76 -125.20 -55.10
N ILE P 36 -32.34 -125.72 -54.01
CA ILE P 36 -33.14 -124.92 -53.04
C ILE P 36 -32.23 -123.77 -52.55
N GLY P 37 -30.99 -124.09 -52.15
CA GLY P 37 -30.06 -123.07 -51.60
C GLY P 37 -29.58 -122.09 -52.67
N VAL P 38 -29.25 -122.58 -53.87
CA VAL P 38 -28.79 -121.68 -54.97
C VAL P 38 -29.92 -120.72 -55.35
N GLU P 39 -31.16 -121.21 -55.51
CA GLU P 39 -32.28 -120.33 -55.89
C GLU P 39 -32.49 -119.26 -54.80
N ALA P 40 -32.35 -119.62 -53.52
CA ALA P 40 -32.52 -118.65 -52.40
C ALA P 40 -31.41 -117.58 -52.48
N LEU P 41 -30.17 -118.01 -52.67
CA LEU P 41 -29.03 -117.07 -52.74
C LEU P 41 -29.14 -116.18 -53.98
N LYS P 42 -29.55 -116.72 -55.14
CA LYS P 42 -29.72 -115.89 -56.37
C LYS P 42 -30.80 -114.85 -56.08
N ALA P 43 -31.77 -115.19 -55.22
CA ALA P 43 -32.88 -114.28 -54.86
C ALA P 43 -32.48 -113.33 -53.73
N LYS P 44 -31.22 -113.35 -53.26
CA LYS P 44 -30.69 -112.48 -52.18
C LYS P 44 -31.42 -112.73 -50.85
N LEU P 45 -31.87 -113.95 -50.60
CA LEU P 45 -32.41 -114.33 -49.27
C LEU P 45 -31.26 -114.30 -48.28
N PRO P 46 -31.45 -113.78 -47.05
CA PRO P 46 -30.35 -113.74 -46.10
C PRO P 46 -29.85 -115.17 -45.82
N PRO P 47 -28.52 -115.35 -45.71
CA PRO P 47 -27.92 -116.66 -45.48
C PRO P 47 -28.54 -117.43 -44.31
N LEU P 48 -28.94 -116.74 -43.24
CA LEU P 48 -29.62 -117.42 -42.11
C LEU P 48 -30.91 -118.09 -42.61
N ASP P 49 -31.66 -117.48 -43.53
CA ASP P 49 -32.90 -118.08 -44.10
C ASP P 49 -32.53 -119.22 -45.06
N VAL P 50 -31.42 -119.06 -45.76
CA VAL P 50 -30.94 -120.08 -46.75
C VAL P 50 -30.68 -121.39 -46.02
N VAL P 51 -29.87 -121.34 -44.95
CA VAL P 51 -29.42 -122.57 -44.26
C VAL P 51 -30.64 -123.21 -43.62
N GLU P 52 -31.57 -122.42 -43.07
CA GLU P 52 -32.79 -123.00 -42.44
C GLU P 52 -33.58 -123.71 -43.56
N ARG P 53 -33.77 -123.05 -44.70
CA ARG P 53 -34.60 -123.65 -45.78
C ARG P 53 -33.95 -124.96 -46.25
N VAL P 54 -32.65 -124.97 -46.49
CA VAL P 54 -31.97 -126.19 -47.00
C VAL P 54 -32.09 -127.31 -45.96
N VAL P 55 -31.79 -127.00 -44.71
CA VAL P 55 -31.78 -128.05 -43.66
C VAL P 55 -33.20 -128.57 -43.40
N ARG P 56 -34.24 -127.75 -43.53
CA ARG P 56 -35.64 -128.25 -43.43
C ARG P 56 -35.82 -129.34 -44.50
N GLU P 57 -35.29 -129.11 -45.69
CA GLU P 57 -35.56 -130.07 -46.78
C GLU P 57 -34.76 -131.36 -46.52
N LEU P 58 -33.52 -131.21 -46.04
CA LEU P 58 -32.62 -132.34 -45.75
C LEU P 58 -33.24 -133.18 -44.63
N GLU P 59 -33.94 -132.54 -43.68
CA GLU P 59 -34.69 -133.22 -42.59
C GLU P 59 -35.81 -134.07 -43.20
N ASN P 60 -36.60 -133.48 -44.10
CA ASN P 60 -37.74 -134.18 -44.75
C ASN P 60 -37.25 -135.38 -45.59
N ILE P 61 -36.01 -135.41 -46.08
CA ILE P 61 -35.46 -136.53 -46.92
C ILE P 61 -35.37 -137.77 -46.04
N PRO P 62 -36.15 -138.87 -46.26
CA PRO P 62 -36.11 -140.00 -45.34
C PRO P 62 -34.77 -140.73 -45.32
N GLN P 63 -33.97 -140.62 -46.40
CA GLN P 63 -32.66 -141.29 -46.49
C GLN P 63 -31.59 -140.58 -45.67
N PHE P 64 -31.84 -139.36 -45.19
CA PHE P 64 -30.85 -138.68 -44.30
C PHE P 64 -31.31 -138.75 -42.84
N ASN P 65 -30.32 -138.96 -42.00
CA ASN P 65 -30.38 -139.07 -40.50
C ASN P 65 -30.54 -137.67 -39.91
N ALA P 66 -31.78 -137.20 -39.96
CA ALA P 66 -32.30 -135.97 -39.36
C ALA P 66 -33.79 -136.01 -39.63
N GLY P 67 -34.62 -135.36 -38.83
CA GLY P 67 -36.06 -135.36 -39.12
C GLY P 67 -36.57 -136.77 -39.42
N LYS P 68 -37.39 -136.89 -40.47
CA LYS P 68 -37.84 -138.22 -40.93
C LYS P 68 -36.66 -138.97 -41.52
N GLY P 69 -36.38 -140.10 -40.94
CA GLY P 69 -35.24 -140.95 -41.29
C GLY P 69 -34.16 -140.83 -40.24
N SER P 70 -34.43 -140.13 -39.13
CA SER P 70 -33.59 -140.13 -37.91
C SER P 70 -33.35 -141.57 -37.43
N VAL P 71 -32.10 -141.86 -37.09
CA VAL P 71 -31.69 -143.17 -36.53
C VAL P 71 -32.40 -143.32 -35.20
N LEU P 72 -32.49 -144.55 -34.71
CA LEU P 72 -33.28 -144.85 -33.50
C LEU P 72 -32.34 -144.96 -32.30
N THR P 73 -32.87 -144.53 -31.16
CA THR P 73 -32.30 -144.78 -29.82
C THR P 73 -32.29 -146.27 -29.53
N SER P 74 -31.56 -146.65 -28.48
CA SER P 74 -31.58 -148.00 -27.87
C SER P 74 -33.02 -148.48 -27.63
N ASN P 75 -33.95 -147.57 -27.33
CA ASN P 75 -35.37 -147.89 -27.05
C ASN P 75 -36.27 -147.87 -28.30
N GLY P 76 -35.72 -147.83 -29.52
CA GLY P 76 -36.48 -147.79 -30.78
C GLY P 76 -37.25 -146.49 -31.00
N THR P 77 -36.80 -145.37 -30.41
CA THR P 77 -37.47 -144.05 -30.48
C THR P 77 -36.62 -143.06 -31.27
N VAL P 78 -37.22 -141.95 -31.68
CA VAL P 78 -36.49 -140.82 -32.32
C VAL P 78 -36.36 -139.67 -31.30
N GLU P 79 -35.12 -139.17 -31.22
CA GLU P 79 -34.73 -138.01 -30.41
C GLU P 79 -33.88 -137.13 -31.32
N MET P 80 -34.45 -136.00 -31.80
CA MET P 80 -33.86 -135.16 -32.87
C MET P 80 -33.25 -133.90 -32.24
N GLU P 81 -32.18 -133.39 -32.81
CA GLU P 81 -31.50 -132.17 -32.32
C GLU P 81 -30.91 -131.38 -33.48
N ALA P 82 -30.65 -130.10 -33.25
CA ALA P 82 -30.29 -129.18 -34.34
C ALA P 82 -29.74 -127.92 -33.74
N SER P 83 -28.92 -127.20 -34.49
CA SER P 83 -28.50 -125.82 -34.10
C SER P 83 -28.29 -124.96 -35.34
N ILE P 84 -28.37 -123.67 -35.09
CA ILE P 84 -28.26 -122.63 -36.11
C ILE P 84 -27.50 -121.43 -35.55
N MET P 85 -26.71 -120.79 -36.38
CA MET P 85 -25.87 -119.62 -35.98
C MET P 85 -25.73 -118.64 -37.13
N ASP P 86 -25.95 -117.37 -36.81
CA ASP P 86 -25.82 -116.20 -37.69
C ASP P 86 -24.44 -115.57 -37.42
N GLY P 87 -23.55 -115.59 -38.41
CA GLY P 87 -22.15 -115.17 -38.19
C GLY P 87 -22.00 -113.67 -37.99
N THR P 88 -22.96 -112.87 -38.46
CA THR P 88 -22.84 -111.39 -38.42
C THR P 88 -23.10 -110.89 -37.00
N THR P 89 -24.03 -111.53 -36.28
CA THR P 89 -24.53 -111.14 -34.94
C THR P 89 -24.03 -112.10 -33.86
N MET P 90 -23.60 -113.29 -34.28
CA MET P 90 -23.34 -114.50 -33.47
C MET P 90 -24.55 -114.88 -32.59
N ASP P 91 -25.74 -114.45 -32.99
CA ASP P 91 -27.04 -115.01 -32.58
C ASP P 91 -27.06 -116.52 -32.86
N CYS P 92 -27.54 -117.31 -31.90
CA CYS P 92 -27.67 -118.77 -32.17
C CYS P 92 -28.81 -119.41 -31.41
N GLY P 93 -29.22 -120.57 -31.92
CA GLY P 93 -30.31 -121.38 -31.34
C GLY P 93 -30.00 -122.84 -31.44
N ALA P 94 -30.55 -123.62 -30.52
CA ALA P 94 -30.33 -125.07 -30.46
C ALA P 94 -31.49 -125.77 -29.75
N VAL P 95 -31.76 -126.99 -30.18
CA VAL P 95 -32.77 -127.90 -29.58
C VAL P 95 -32.20 -129.30 -29.50
N SER P 96 -32.58 -130.01 -28.45
CA SER P 96 -32.35 -131.47 -28.31
C SER P 96 -33.65 -132.15 -27.84
N GLY P 97 -33.68 -133.46 -27.98
CA GLY P 97 -34.71 -134.36 -27.42
C GLY P 97 -36.05 -134.14 -28.09
N LEU P 98 -36.07 -133.73 -29.36
CA LEU P 98 -37.36 -133.55 -30.07
C LEU P 98 -37.89 -134.90 -30.54
N THR P 99 -39.19 -135.15 -30.28
CA THR P 99 -39.84 -136.43 -30.62
C THR P 99 -40.99 -136.26 -31.63
N THR P 100 -41.61 -135.09 -31.77
CA THR P 100 -42.79 -134.91 -32.68
C THR P 100 -42.61 -133.74 -33.63
N VAL P 101 -41.54 -132.95 -33.48
CA VAL P 101 -41.38 -131.68 -34.23
C VAL P 101 -40.90 -132.06 -35.61
N VAL P 102 -41.63 -131.68 -36.65
CA VAL P 102 -41.27 -132.05 -38.04
C VAL P 102 -39.91 -131.48 -38.42
N ASN P 103 -39.64 -130.18 -38.17
CA ASN P 103 -38.36 -129.55 -38.54
C ASN P 103 -37.61 -129.01 -37.30
N ALA P 104 -36.69 -129.80 -36.75
CA ALA P 104 -35.86 -129.41 -35.56
C ALA P 104 -35.16 -128.08 -35.86
N ILE P 105 -34.60 -127.88 -37.05
CA ILE P 105 -33.76 -126.67 -37.32
C ILE P 105 -34.61 -125.41 -37.17
N SER P 106 -35.88 -125.47 -37.55
CA SER P 106 -36.77 -124.29 -37.45
C SER P 106 -37.14 -124.00 -36.00
N LEU P 107 -37.24 -125.02 -35.14
CA LEU P 107 -37.46 -124.79 -33.69
C LEU P 107 -36.18 -124.22 -33.06
N ALA P 108 -34.97 -124.66 -33.47
CA ALA P 108 -33.69 -124.00 -33.04
C ALA P 108 -33.75 -122.49 -33.34
N ARG P 109 -34.11 -122.13 -34.56
CA ARG P 109 -34.21 -120.71 -34.99
C ARG P 109 -35.22 -119.96 -34.10
N LEU P 110 -36.37 -120.57 -33.77
CA LEU P 110 -37.41 -119.93 -32.92
C LEU P 110 -36.89 -119.74 -31.49
N VAL P 111 -36.05 -120.66 -30.99
CA VAL P 111 -35.49 -120.49 -29.61
C VAL P 111 -34.67 -119.19 -29.64
N MET P 112 -33.84 -119.01 -30.66
CA MET P 112 -32.96 -117.83 -30.90
C MET P 112 -33.81 -116.55 -30.99
N GLU P 113 -34.94 -116.60 -31.71
CA GLU P 113 -35.71 -115.36 -32.03
C GLU P 113 -36.72 -115.01 -30.94
N LYS P 114 -37.28 -115.99 -30.24
CA LYS P 114 -38.48 -115.76 -29.39
C LYS P 114 -38.19 -115.88 -27.89
N THR P 115 -37.00 -116.31 -27.49
CA THR P 115 -36.67 -116.56 -26.06
C THR P 115 -35.44 -115.74 -25.72
N PRO P 116 -35.16 -115.55 -24.41
CA PRO P 116 -33.86 -115.02 -23.94
C PRO P 116 -32.72 -116.06 -24.01
N HIS P 117 -33.01 -117.25 -24.50
CA HIS P 117 -32.12 -118.44 -24.38
C HIS P 117 -31.58 -118.88 -25.76
N ILE P 118 -30.60 -119.78 -25.77
CA ILE P 118 -30.01 -120.36 -27.01
C ILE P 118 -30.59 -121.75 -27.16
N TYR P 119 -30.70 -122.48 -26.06
CA TYR P 119 -30.77 -123.97 -26.07
C TYR P 119 -31.91 -124.45 -25.16
N LEU P 120 -32.91 -125.09 -25.76
CA LEU P 120 -33.98 -125.80 -25.02
C LEU P 120 -33.95 -127.27 -25.38
N ALA P 121 -34.31 -128.14 -24.45
CA ALA P 121 -34.21 -129.60 -24.71
C ALA P 121 -35.34 -130.40 -24.08
N PHE P 122 -35.63 -131.55 -24.70
CA PHE P 122 -36.60 -132.57 -24.29
C PHE P 122 -37.96 -131.91 -23.98
N ASP P 123 -38.62 -132.26 -22.89
CA ASP P 123 -40.03 -131.84 -22.59
C ASP P 123 -40.20 -130.34 -22.83
N GLY P 124 -39.34 -129.48 -22.26
CA GLY P 124 -39.42 -128.03 -22.45
C GLY P 124 -39.29 -127.61 -23.89
N ALA P 125 -38.50 -128.30 -24.70
CA ALA P 125 -38.37 -127.96 -26.14
C ALA P 125 -39.72 -128.28 -26.82
N GLU P 126 -40.25 -129.47 -26.57
CA GLU P 126 -41.59 -129.92 -27.06
C GLU P 126 -42.72 -128.96 -26.63
N GLU P 127 -42.70 -128.44 -25.41
CA GLU P 127 -43.75 -127.50 -24.91
C GLU P 127 -43.60 -126.15 -25.63
N PHE P 128 -42.36 -125.66 -25.79
CA PHE P 128 -42.05 -124.43 -26.56
C PHE P 128 -42.60 -124.61 -27.99
N ALA P 129 -42.45 -125.80 -28.56
CA ALA P 129 -42.88 -126.10 -29.95
C ALA P 129 -44.41 -125.93 -30.02
N ARG P 130 -45.13 -126.44 -29.02
CA ARG P 130 -46.60 -126.35 -28.93
C ARG P 130 -46.98 -124.88 -28.76
N GLN P 131 -46.26 -124.13 -27.92
CA GLN P 131 -46.51 -122.68 -27.70
C GLN P 131 -46.33 -121.93 -29.02
N GLN P 132 -45.35 -122.31 -29.85
CA GLN P 132 -45.04 -121.60 -31.12
C GLN P 132 -45.94 -122.10 -32.26
N GLY P 133 -46.66 -123.20 -32.09
CA GLY P 133 -47.58 -123.68 -33.14
C GLY P 133 -46.90 -124.31 -34.34
N VAL P 134 -45.66 -124.78 -34.23
CA VAL P 134 -44.94 -125.45 -35.35
C VAL P 134 -45.62 -126.78 -35.65
N GLU P 135 -45.41 -127.27 -36.87
CA GLU P 135 -45.89 -128.60 -37.35
C GLU P 135 -45.30 -129.69 -36.46
N THR P 136 -46.16 -130.52 -35.88
CA THR P 136 -45.84 -131.74 -35.12
C THR P 136 -46.58 -132.93 -35.74
N LEU P 137 -45.97 -134.10 -35.67
CA LEU P 137 -46.62 -135.35 -36.10
C LEU P 137 -46.35 -136.40 -35.04
N ASP P 138 -47.15 -137.46 -35.04
CA ASP P 138 -46.91 -138.66 -34.23
C ASP P 138 -45.45 -139.12 -34.42
N SER P 139 -44.86 -139.70 -33.36
CA SER P 139 -43.45 -140.17 -33.30
C SER P 139 -43.19 -141.24 -34.37
N SER P 140 -44.21 -142.06 -34.68
CA SER P 140 -44.12 -143.15 -35.67
C SER P 140 -43.83 -142.56 -37.05
N HIS P 141 -44.26 -141.33 -37.32
CA HIS P 141 -43.98 -140.64 -38.61
C HIS P 141 -42.48 -140.65 -38.92
N PHE P 142 -41.62 -140.44 -37.91
CA PHE P 142 -40.17 -140.22 -38.11
C PHE P 142 -39.42 -141.54 -38.27
N ILE P 143 -40.03 -142.66 -37.84
CA ILE P 143 -39.41 -144.02 -37.80
C ILE P 143 -39.57 -144.66 -39.19
N THR P 144 -38.49 -145.08 -39.81
CA THR P 144 -38.56 -145.73 -41.14
C THR P 144 -38.17 -147.20 -41.02
N ALA P 145 -38.69 -148.06 -41.91
CA ALA P 145 -38.37 -149.50 -41.92
C ALA P 145 -36.85 -149.69 -41.92
N GLU P 146 -36.15 -148.83 -42.65
CA GLU P 146 -34.68 -148.89 -42.85
C GLU P 146 -34.03 -148.76 -41.46
N ASN P 147 -34.60 -147.91 -40.62
CA ASN P 147 -33.96 -147.55 -39.30
C ASN P 147 -34.32 -148.60 -38.26
N ILE P 148 -35.52 -149.19 -38.37
CA ILE P 148 -35.88 -150.38 -37.56
C ILE P 148 -34.79 -151.44 -37.75
N GLU P 149 -34.38 -151.68 -39.00
CA GLU P 149 -33.38 -152.71 -39.39
C GLU P 149 -31.98 -152.28 -38.94
N ARG P 150 -31.60 -151.02 -39.14
CA ARG P 150 -30.24 -150.57 -38.71
C ARG P 150 -30.12 -150.79 -37.20
N LEU P 151 -31.17 -150.51 -36.43
CA LEU P 151 -31.16 -150.66 -34.94
C LEU P 151 -30.98 -152.14 -34.58
N LYS P 152 -31.68 -153.04 -35.28
CA LYS P 152 -31.56 -154.51 -35.08
C LYS P 152 -30.09 -154.91 -35.31
N GLN P 153 -29.47 -154.42 -36.40
CA GLN P 153 -28.07 -154.74 -36.80
C GLN P 153 -27.06 -154.14 -35.81
N ALA P 154 -27.36 -152.99 -35.22
CA ALA P 154 -26.46 -152.33 -34.26
C ALA P 154 -26.48 -153.07 -32.90
N LYS P 155 -27.65 -153.54 -32.45
CA LYS P 155 -27.74 -154.30 -31.17
C LYS P 155 -27.07 -155.69 -31.34
N GLU P 156 -27.22 -156.31 -32.51
CA GLU P 156 -26.57 -157.61 -32.87
C GLU P 156 -25.05 -157.45 -32.72
N ALA P 157 -24.46 -156.46 -33.41
CA ALA P 157 -23.02 -156.12 -33.38
C ALA P 157 -22.58 -155.73 -31.96
N ASN P 158 -23.55 -155.53 -31.05
CA ASN P 158 -23.34 -155.25 -29.61
C ASN P 158 -22.80 -153.81 -29.49
N THR P 187 -26.92 -137.06 -39.69
CA THR P 187 -26.55 -135.64 -39.65
C THR P 187 -26.67 -135.03 -41.04
N VAL P 188 -27.19 -133.81 -41.07
CA VAL P 188 -27.29 -132.97 -42.28
C VAL P 188 -26.91 -131.55 -41.89
N GLY P 189 -26.55 -130.75 -42.87
CA GLY P 189 -26.03 -129.42 -42.61
C GLY P 189 -25.97 -128.54 -43.81
N CYS P 190 -25.90 -127.24 -43.58
CA CYS P 190 -25.82 -126.23 -44.68
C CYS P 190 -25.08 -125.01 -44.16
N VAL P 191 -24.09 -124.53 -44.90
CA VAL P 191 -23.37 -123.26 -44.62
C VAL P 191 -23.54 -122.37 -45.86
N ALA P 192 -23.76 -121.07 -45.65
CA ALA P 192 -24.04 -120.13 -46.76
C ALA P 192 -23.36 -118.79 -46.48
N VAL P 193 -22.86 -118.16 -47.54
CA VAL P 193 -22.33 -116.78 -47.45
C VAL P 193 -22.91 -116.00 -48.64
N ASP P 194 -23.34 -114.75 -48.44
CA ASP P 194 -23.78 -113.86 -49.56
C ASP P 194 -22.57 -113.08 -50.07
N GLY P 195 -22.77 -112.25 -51.10
CA GLY P 195 -21.71 -111.42 -51.70
C GLY P 195 -21.23 -110.30 -50.79
N ASN P 196 -21.91 -110.06 -49.65
CA ASN P 196 -21.54 -109.03 -48.65
C ASN P 196 -20.82 -109.64 -47.43
N GLY P 197 -20.54 -110.95 -47.43
CA GLY P 197 -19.83 -111.63 -46.34
C GLY P 197 -20.70 -111.99 -45.14
N ASN P 198 -22.04 -111.85 -45.19
CA ASN P 198 -22.96 -112.40 -44.15
C ASN P 198 -22.96 -113.95 -44.23
N LEU P 199 -22.67 -114.60 -43.10
CA LEU P 199 -22.38 -116.06 -42.98
C LEU P 199 -23.42 -116.68 -42.05
N ALA P 200 -23.82 -117.92 -42.33
CA ALA P 200 -24.71 -118.67 -41.43
C ALA P 200 -24.40 -120.16 -41.53
N SER P 201 -24.80 -120.90 -40.49
CA SER P 201 -24.61 -122.38 -40.39
C SER P 201 -25.79 -123.03 -39.69
N ALA P 202 -26.24 -124.18 -40.21
CA ALA P 202 -27.36 -124.97 -39.70
C ALA P 202 -26.96 -126.43 -39.77
N THR P 203 -27.20 -127.17 -38.69
CA THR P 203 -26.93 -128.62 -38.63
C THR P 203 -28.08 -129.31 -37.90
N SER P 204 -28.49 -130.50 -38.37
CA SER P 204 -29.62 -131.23 -37.77
C SER P 204 -29.33 -132.72 -37.79
N THR P 205 -29.87 -133.51 -36.89
CA THR P 205 -29.54 -134.95 -36.78
C THR P 205 -30.57 -135.75 -35.97
N GLY P 206 -30.56 -137.07 -36.19
CA GLY P 206 -31.14 -138.07 -35.28
C GLY P 206 -30.13 -138.55 -34.26
N GLY P 207 -28.84 -138.33 -34.51
CA GLY P 207 -27.71 -138.71 -33.62
C GLY P 207 -27.13 -140.04 -34.03
N LEU P 208 -26.91 -140.93 -33.06
CA LEU P 208 -26.15 -142.16 -33.27
C LEU P 208 -27.09 -143.34 -33.04
N VAL P 209 -27.10 -144.30 -33.97
CA VAL P 209 -27.98 -145.49 -33.86
C VAL P 209 -27.69 -146.20 -32.53
N ASN P 210 -28.74 -146.58 -31.84
CA ASN P 210 -28.70 -147.30 -30.54
C ASN P 210 -28.09 -146.43 -29.45
N LYS P 211 -28.11 -145.11 -29.59
CA LYS P 211 -27.72 -144.18 -28.47
C LYS P 211 -28.60 -144.41 -27.26
N MET P 212 -28.09 -144.18 -26.05
CA MET P 212 -28.91 -144.21 -24.84
C MET P 212 -29.94 -143.11 -25.01
N VAL P 213 -31.15 -143.30 -24.47
CA VAL P 213 -32.17 -142.20 -24.46
C VAL P 213 -31.57 -141.05 -23.65
N GLY P 214 -31.77 -139.83 -24.12
CA GLY P 214 -31.19 -138.64 -23.48
C GLY P 214 -29.76 -138.32 -23.92
N ARG P 215 -29.11 -139.09 -24.83
CA ARG P 215 -27.75 -138.75 -25.31
C ARG P 215 -27.79 -137.51 -26.22
N ILE P 216 -26.92 -136.55 -25.92
CA ILE P 216 -26.68 -135.33 -26.73
C ILE P 216 -25.35 -135.49 -27.44
N GLY P 217 -25.36 -135.42 -28.76
CA GLY P 217 -24.13 -135.36 -29.57
C GLY P 217 -23.66 -133.94 -29.87
N ASP P 218 -22.83 -133.78 -30.88
CA ASP P 218 -22.16 -132.48 -31.18
C ASP P 218 -23.10 -131.52 -31.91
N THR P 219 -24.09 -132.05 -32.63
CA THR P 219 -24.89 -131.28 -33.62
C THR P 219 -25.53 -130.09 -32.91
N PRO P 220 -26.13 -130.19 -31.70
CA PRO P 220 -26.75 -129.02 -31.12
C PRO P 220 -25.83 -128.04 -30.35
N LEU P 221 -24.56 -128.39 -30.19
CA LEU P 221 -23.55 -127.69 -29.36
C LEU P 221 -22.81 -126.66 -30.24
N ILE P 222 -23.11 -125.38 -30.00
CA ILE P 222 -22.44 -124.20 -30.60
C ILE P 222 -20.94 -124.35 -30.30
N GLY P 223 -20.11 -124.27 -31.33
CA GLY P 223 -18.67 -124.53 -31.20
C GLY P 223 -18.27 -125.95 -31.51
N ALA P 224 -19.18 -126.93 -31.51
CA ALA P 224 -18.86 -128.33 -31.82
C ALA P 224 -19.36 -128.65 -33.23
N GLY P 225 -20.68 -128.78 -33.42
CA GLY P 225 -21.33 -129.18 -34.70
C GLY P 225 -21.60 -127.98 -35.55
N THR P 226 -21.79 -126.82 -34.94
CA THR P 226 -22.21 -125.57 -35.61
C THR P 226 -21.44 -124.37 -35.08
N TYR P 227 -20.93 -123.55 -35.97
CA TYR P 227 -20.37 -122.22 -35.62
C TYR P 227 -20.40 -121.29 -36.82
N ALA P 228 -20.64 -120.01 -36.58
CA ALA P 228 -20.48 -118.98 -37.62
C ALA P 228 -20.06 -117.69 -36.95
N ASP P 229 -19.20 -116.95 -37.62
CA ASP P 229 -18.74 -115.63 -37.12
C ASP P 229 -18.48 -114.75 -38.33
N ALA P 230 -17.71 -113.66 -38.18
CA ALA P 230 -17.41 -112.70 -39.26
C ALA P 230 -16.50 -113.33 -40.34
N ARG P 231 -15.76 -114.41 -40.07
CA ARG P 231 -14.74 -114.97 -41.01
C ARG P 231 -15.20 -116.31 -41.62
N CYS P 232 -16.03 -117.09 -40.94
CA CYS P 232 -16.44 -118.42 -41.49
C CYS P 232 -17.77 -118.90 -40.93
N ALA P 233 -18.29 -119.94 -41.60
CA ALA P 233 -19.45 -120.71 -41.16
C ALA P 233 -19.12 -122.20 -41.33
N VAL P 234 -19.36 -122.99 -40.28
CA VAL P 234 -18.88 -124.40 -40.25
C VAL P 234 -20.01 -125.30 -39.78
N SER P 235 -20.22 -126.40 -40.49
CA SER P 235 -21.13 -127.49 -40.07
C SER P 235 -20.31 -128.79 -40.07
N ALA P 236 -20.22 -129.44 -38.91
CA ALA P 236 -19.47 -130.70 -38.77
C ALA P 236 -20.43 -131.87 -38.72
N THR P 237 -19.88 -133.07 -38.90
CA THR P 237 -20.62 -134.34 -39.07
C THR P 237 -19.66 -135.52 -38.85
N GLY P 238 -20.13 -136.55 -38.15
CA GLY P 238 -19.46 -137.85 -37.96
C GLY P 238 -19.75 -138.38 -36.57
N LYS P 239 -18.73 -138.83 -35.86
CA LYS P 239 -18.91 -139.42 -34.51
C LYS P 239 -19.05 -138.26 -33.53
N GLY P 240 -20.22 -138.11 -32.90
CA GLY P 240 -20.58 -136.92 -32.10
C GLY P 240 -19.59 -136.71 -30.96
N GLU P 241 -19.23 -137.78 -30.26
CA GLU P 241 -18.37 -137.61 -29.06
C GLU P 241 -16.97 -137.10 -29.46
N ALA P 242 -16.41 -137.57 -30.59
CA ALA P 242 -15.12 -137.08 -31.12
C ALA P 242 -15.23 -135.58 -31.46
N ILE P 243 -16.36 -135.13 -32.01
CA ILE P 243 -16.55 -133.72 -32.47
C ILE P 243 -16.67 -132.81 -31.23
N ILE P 244 -17.31 -133.31 -30.17
CA ILE P 244 -17.49 -132.52 -28.92
C ILE P 244 -16.08 -132.32 -28.34
N ARG P 245 -15.33 -133.41 -28.23
CA ARG P 245 -13.99 -133.44 -27.61
C ARG P 245 -13.06 -132.51 -28.41
N GLY P 246 -13.14 -132.51 -29.75
CA GLY P 246 -12.29 -131.70 -30.65
C GLY P 246 -12.86 -130.31 -30.91
N THR P 247 -13.98 -129.89 -30.28
CA THR P 247 -14.69 -128.57 -30.50
C THR P 247 -14.50 -128.14 -31.96
N VAL P 248 -14.98 -128.94 -32.92
CA VAL P 248 -14.48 -128.89 -34.33
C VAL P 248 -14.82 -127.54 -34.97
N ALA P 249 -16.10 -127.10 -34.93
CA ALA P 249 -16.57 -125.88 -35.65
C ALA P 249 -15.82 -124.65 -35.11
N ARG P 250 -15.61 -124.54 -33.79
CA ARG P 250 -14.88 -123.41 -33.19
C ARG P 250 -13.37 -123.48 -33.50
N ASP P 251 -12.79 -124.67 -33.55
CA ASP P 251 -11.37 -124.90 -33.90
C ASP P 251 -11.08 -124.33 -35.28
N VAL P 252 -11.94 -124.59 -36.27
CA VAL P 252 -11.74 -124.04 -37.64
C VAL P 252 -11.70 -122.52 -37.52
N ALA P 253 -12.66 -121.92 -36.82
CA ALA P 253 -12.74 -120.43 -36.74
C ALA P 253 -11.56 -119.86 -35.93
N ALA P 254 -11.10 -120.56 -34.89
CA ALA P 254 -10.02 -120.11 -33.98
C ALA P 254 -8.65 -120.14 -34.69
N LEU P 255 -8.41 -121.11 -35.55
CA LEU P 255 -7.18 -121.13 -36.40
C LEU P 255 -7.18 -119.98 -37.41
N MET P 256 -8.32 -119.64 -38.00
CA MET P 256 -8.43 -118.46 -38.91
C MET P 256 -8.23 -117.18 -38.08
N GLU P 257 -8.93 -117.03 -36.96
CA GLU P 257 -8.91 -115.80 -36.11
C GLU P 257 -7.53 -115.62 -35.45
N PHE P 258 -6.94 -116.67 -34.87
CA PHE P 258 -5.77 -116.55 -33.96
C PHE P 258 -4.44 -116.88 -34.65
N LYS P 259 -4.42 -117.70 -35.71
CA LYS P 259 -3.18 -118.00 -36.48
C LYS P 259 -3.26 -117.48 -37.91
N GLY P 260 -4.33 -116.77 -38.27
CA GLY P 260 -4.50 -116.18 -39.61
C GLY P 260 -4.56 -117.24 -40.72
N LEU P 261 -4.83 -118.51 -40.43
CA LEU P 261 -4.91 -119.56 -41.49
C LEU P 261 -6.04 -119.21 -42.46
N SER P 262 -5.90 -119.59 -43.74
CA SER P 262 -7.01 -119.58 -44.73
C SER P 262 -8.12 -120.56 -44.31
N LEU P 263 -9.29 -120.48 -44.94
CA LEU P 263 -10.39 -121.45 -44.71
C LEU P 263 -9.84 -122.86 -44.96
N GLU P 264 -9.18 -123.07 -46.09
CA GLU P 264 -8.68 -124.40 -46.50
C GLU P 264 -7.65 -124.92 -45.49
N GLU P 265 -6.70 -124.08 -45.07
CA GLU P 265 -5.63 -124.46 -44.12
C GLU P 265 -6.25 -124.87 -42.77
N ALA P 266 -7.18 -124.06 -42.26
CA ALA P 266 -7.86 -124.24 -40.96
C ALA P 266 -8.66 -125.55 -41.01
N ALA P 267 -9.55 -125.68 -42.00
CA ALA P 267 -10.41 -126.85 -42.22
C ALA P 267 -9.53 -128.11 -42.33
N THR P 268 -8.54 -128.13 -43.26
CA THR P 268 -7.59 -129.27 -43.43
C THR P 268 -6.88 -129.63 -42.12
N CYS P 269 -6.45 -128.64 -41.34
CA CYS P 269 -5.73 -128.85 -40.06
C CYS P 269 -6.66 -129.59 -39.07
N VAL P 270 -7.91 -129.16 -38.94
CA VAL P 270 -8.83 -129.76 -37.93
C VAL P 270 -9.09 -131.22 -38.32
N VAL P 271 -9.39 -131.49 -39.60
CA VAL P 271 -9.90 -132.79 -40.10
C VAL P 271 -8.74 -133.80 -40.21
N HIS P 272 -7.58 -133.34 -40.70
CA HIS P 272 -6.43 -134.22 -41.03
C HIS P 272 -5.26 -134.13 -40.03
N GLU P 273 -5.25 -133.20 -39.08
CA GLU P 273 -4.20 -133.15 -38.01
C GLU P 273 -4.79 -133.27 -36.59
N ARG P 274 -5.87 -132.56 -36.26
CA ARG P 274 -6.26 -132.37 -34.84
C ARG P 274 -7.31 -133.39 -34.37
N THR P 275 -7.86 -134.22 -35.25
CA THR P 275 -8.95 -135.18 -34.92
C THR P 275 -8.60 -136.55 -35.46
N PRO P 276 -9.12 -137.65 -34.85
CA PRO P 276 -8.71 -138.98 -35.30
C PRO P 276 -9.32 -139.39 -36.65
N LYS P 277 -8.57 -140.18 -37.42
CA LYS P 277 -9.00 -140.72 -38.73
C LYS P 277 -10.33 -141.47 -38.56
N GLY P 278 -11.20 -141.41 -39.58
CA GLY P 278 -12.46 -142.18 -39.58
C GLY P 278 -13.50 -141.66 -38.62
N THR P 279 -13.46 -140.38 -38.22
CA THR P 279 -14.43 -139.80 -37.24
C THR P 279 -15.20 -138.59 -37.78
N LEU P 280 -14.61 -137.77 -38.66
CA LEU P 280 -15.04 -136.35 -38.84
C LEU P 280 -14.97 -135.92 -40.32
N GLY P 281 -16.03 -135.24 -40.77
CA GLY P 281 -16.01 -134.36 -41.93
C GLY P 281 -16.69 -133.06 -41.59
N LEU P 282 -16.48 -132.03 -42.41
CA LEU P 282 -17.13 -130.74 -42.19
C LEU P 282 -17.27 -130.04 -43.52
N ILE P 283 -18.21 -129.13 -43.54
CA ILE P 283 -18.34 -128.15 -44.63
C ILE P 283 -18.13 -126.77 -44.03
N ALA P 284 -17.61 -125.88 -44.83
CA ALA P 284 -17.29 -124.50 -44.42
C ALA P 284 -17.32 -123.57 -45.62
N VAL P 285 -17.68 -122.31 -45.38
CA VAL P 285 -17.55 -121.17 -46.31
C VAL P 285 -16.87 -120.04 -45.55
N SER P 286 -16.20 -119.16 -46.28
CA SER P 286 -15.52 -117.97 -45.74
C SER P 286 -16.29 -116.74 -46.18
N ALA P 287 -16.05 -115.66 -45.45
CA ALA P 287 -16.58 -114.31 -45.73
C ALA P 287 -16.23 -113.92 -47.19
N LYS P 288 -15.14 -114.42 -47.76
CA LYS P 288 -14.66 -114.12 -49.15
C LYS P 288 -15.25 -115.10 -50.19
N GLY P 289 -16.15 -116.02 -49.82
CA GLY P 289 -16.81 -116.91 -50.80
C GLY P 289 -16.03 -118.18 -51.08
N GLU P 290 -15.01 -118.50 -50.27
CA GLU P 290 -14.26 -119.77 -50.35
C GLU P 290 -15.12 -120.90 -49.79
N VAL P 291 -14.95 -122.12 -50.32
CA VAL P 291 -15.65 -123.36 -49.88
C VAL P 291 -14.60 -124.36 -49.47
N ALA P 292 -14.80 -125.05 -48.34
CA ALA P 292 -13.97 -126.22 -48.00
C ALA P 292 -14.89 -127.34 -47.45
N MET P 293 -14.63 -128.59 -47.86
CA MET P 293 -15.43 -129.77 -47.44
C MET P 293 -14.53 -130.97 -47.18
N PRO P 294 -13.51 -130.84 -46.29
CA PRO P 294 -12.64 -131.97 -45.95
C PRO P 294 -13.31 -132.96 -44.99
N TYR P 295 -12.87 -134.22 -45.11
CA TYR P 295 -13.33 -135.35 -44.26
C TYR P 295 -12.22 -136.38 -44.12
N ASN P 296 -12.22 -137.07 -42.98
CA ASN P 296 -11.22 -138.09 -42.60
C ASN P 296 -11.94 -139.45 -42.53
N THR P 297 -13.18 -139.47 -43.00
CA THR P 297 -14.01 -140.69 -43.15
C THR P 297 -13.81 -141.25 -44.57
N THR P 298 -14.33 -142.45 -44.84
CA THR P 298 -14.33 -143.09 -46.19
C THR P 298 -15.02 -142.17 -47.20
N GLY P 299 -16.10 -141.53 -46.77
CA GLY P 299 -16.92 -140.69 -47.64
C GLY P 299 -17.60 -139.56 -46.87
N MET P 300 -18.19 -138.65 -47.62
CA MET P 300 -19.11 -137.64 -47.04
C MET P 300 -20.07 -137.17 -48.14
N PHE P 301 -21.37 -137.44 -47.96
CA PHE P 301 -22.41 -136.95 -48.91
C PHE P 301 -22.38 -135.42 -48.89
N ARG P 302 -22.09 -134.78 -50.01
CA ARG P 302 -21.76 -133.35 -49.99
C ARG P 302 -22.07 -132.73 -51.34
N ALA P 303 -22.27 -131.42 -51.32
CA ALA P 303 -22.58 -130.59 -52.50
C ALA P 303 -22.16 -129.16 -52.19
N CYS P 304 -21.77 -128.41 -53.23
CA CYS P 304 -21.49 -126.97 -53.09
C CYS P 304 -21.74 -126.23 -54.41
N ALA P 305 -21.91 -124.93 -54.30
CA ALA P 305 -22.06 -124.10 -55.51
C ALA P 305 -21.55 -122.70 -55.20
N THR P 306 -20.96 -122.02 -56.19
CA THR P 306 -20.53 -120.63 -56.00
C THR P 306 -21.15 -119.76 -57.09
N GLU P 307 -21.19 -118.45 -56.82
CA GLU P 307 -21.78 -117.50 -57.77
C GLU P 307 -21.03 -117.57 -59.11
N ASP P 308 -19.72 -117.83 -59.09
CA ASP P 308 -18.84 -117.93 -60.28
C ASP P 308 -19.19 -119.16 -61.14
N GLY P 309 -20.32 -119.82 -60.90
CA GLY P 309 -20.85 -120.85 -61.81
C GLY P 309 -20.23 -122.21 -61.52
N TYR P 310 -19.56 -122.36 -60.37
CA TYR P 310 -19.05 -123.68 -59.92
C TYR P 310 -20.18 -124.43 -59.17
N SER P 311 -20.34 -125.71 -59.43
CA SER P 311 -21.18 -126.61 -58.59
C SER P 311 -20.67 -128.04 -58.61
N GLU P 312 -20.92 -128.75 -57.53
CA GLU P 312 -20.36 -130.10 -57.32
C GLU P 312 -21.28 -130.88 -56.38
N VAL P 313 -21.48 -132.14 -56.71
CA VAL P 313 -22.07 -133.14 -55.77
C VAL P 313 -21.06 -134.28 -55.64
N ALA P 314 -20.92 -134.89 -54.48
CA ALA P 314 -19.97 -136.02 -54.35
C ALA P 314 -20.21 -136.81 -53.08
N ILE P 315 -19.62 -138.00 -53.05
CA ILE P 315 -19.78 -138.96 -51.92
C ILE P 315 -18.38 -139.34 -51.47
N TRP P 316 -17.55 -139.79 -52.42
CA TRP P 316 -16.19 -140.33 -52.19
C TRP P 316 -15.18 -139.32 -52.72
N PRO P 317 -13.87 -139.48 -52.44
CA PRO P 317 -12.88 -138.52 -52.91
C PRO P 317 -12.62 -138.54 -54.44
NA NA Q . -28.57 -22.32 -46.88
S SO4 R . -40.01 -27.27 -42.55
O1 SO4 R . -40.70 -28.37 -41.94
O2 SO4 R . -40.46 -27.11 -43.91
O3 SO4 R . -40.28 -26.07 -41.80
O4 SO4 R . -38.61 -27.53 -42.58
S SO4 S . -29.78 8.52 -61.65
O1 SO4 S . -28.69 8.88 -62.52
O2 SO4 S . -29.72 9.31 -60.46
O3 SO4 S . -31.03 8.75 -62.34
O4 SO4 S . -29.69 7.13 -61.30
S SO4 T . -18.93 -24.58 -46.50
O1 SO4 T . -20.13 -24.83 -47.28
O2 SO4 T . -18.16 -25.80 -46.40
O3 SO4 T . -18.16 -23.56 -47.16
O4 SO4 T . -19.29 -24.13 -45.18
CL CL U . -16.38 -21.10 -39.90
C1 EDO V . -27.45 -31.76 -51.73
O1 EDO V . -26.25 -32.16 -51.12
C2 EDO V . -27.43 -32.08 -53.17
O2 EDO V . -28.12 -31.17 -53.98
NA NA W . -25.68 0.31 -33.69
NA NA X . -12.28 -6.85 -11.42
C1 EDO Y . -20.42 -5.71 -2.73
O1 EDO Y . -19.84 -4.45 -3.11
C2 EDO Y . -19.38 -6.74 -2.45
O2 EDO Y . -18.84 -7.34 -3.61
S SO4 Z . -13.87 0.72 -18.03
O1 SO4 Z . -14.41 -0.50 -18.61
O2 SO4 Z . -12.69 1.09 -18.77
O3 SO4 Z . -14.86 1.77 -18.12
O4 SO4 Z . -13.53 0.50 -16.65
CL CL AA . 2.39 7.96 -20.51
CL CL BA . -14.78 2.52 -6.44
CL CL CA . -16.75 -2.99 -24.04
CL CL DA . -4.37 -17.10 -8.43
NA NA EA . -6.95 -23.78 -30.68
NA NA FA . 25.31 7.72 0.24
C1 EDO GA . 27.29 8.25 -11.84
O1 EDO GA . 26.34 9.31 -11.76
C2 EDO GA . 26.67 6.89 -11.97
O2 EDO GA . 26.36 6.47 -13.32
S SO4 HA . 31.69 0.84 9.17
O1 SO4 HA . 32.36 1.36 10.33
O2 SO4 HA . 31.96 1.67 8.04
O3 SO4 HA . 32.17 -0.49 8.89
O4 SO4 HA . 30.28 0.78 9.39
S SO4 IA . 26.98 11.84 -8.80
O1 SO4 IA . 26.71 10.47 -8.42
O2 SO4 IA . 27.04 11.92 -10.24
O3 SO4 IA . 25.90 12.68 -8.30
O4 SO4 IA . 28.23 12.26 -8.24
CL CL JA . 43.60 16.35 4.42
S SO4 KA . 33.39 -1.25 1.33
O1 SO4 KA . 34.13 -2.46 1.06
O2 SO4 KA . 32.80 -0.79 0.10
O3 SO4 KA . 32.38 -1.53 2.30
O4 SO4 KA . 34.27 -0.25 1.83
CL CL LA . 6.43 35.66 -2.92
CL CL MA . 29.93 19.05 -6.91
NA NA NA . 19.30 30.78 11.08
NA NA OA . 40.37 46.46 5.95
S SO4 PA . 30.44 46.41 7.76
O1 SO4 PA . 30.63 45.03 7.37
O2 SO4 PA . 31.62 47.18 7.45
O3 SO4 PA . 29.31 46.96 7.06
O4 SO4 PA . 30.19 46.48 9.19
CL CL QA . 28.57 39.04 6.10
C1 GOL RA . 28.44 35.71 25.08
O1 GOL RA . 27.59 36.83 25.29
C2 GOL RA . 28.87 35.57 23.63
O2 GOL RA . 27.76 35.67 22.74
C3 GOL RA . 29.65 34.30 23.38
O3 GOL RA . 30.85 34.28 24.16
CL CL SA . 50.17 46.18 -3.36
NA NA TA . 38.71 27.73 -12.35
NA NA UA . 38.67 82.54 -15.64
C1 EDO VA . 29.70 81.20 -19.10
O1 EDO VA . 29.80 80.78 -17.74
C2 EDO VA . 28.84 80.29 -19.85
O2 EDO VA . 28.83 80.61 -21.23
S SO4 WA . 39.40 75.59 -24.17
O1 SO4 WA . 39.30 74.26 -23.64
O2 SO4 WA . 40.25 75.60 -25.32
O3 SO4 WA . 38.10 76.06 -24.55
O4 SO4 WA . 39.96 76.46 -23.17
S SO4 XA . 50.43 87.86 -19.80
O1 SO4 XA . 49.34 86.92 -19.88
O2 SO4 XA . 50.86 88.19 -21.12
O3 SO4 XA . 49.99 89.05 -19.13
O4 SO4 XA . 51.53 87.29 -19.07
CL CL YA . 25.77 87.72 -17.76
CL CL ZA . 17.04 87.22 9.91
NA NA AB . 30.42 99.35 2.47
NA NA BB . 15.72 117.39 -11.31
S SO4 CB . 17.02 113.08 -2.33
O1 SO4 CB . 16.13 112.44 -1.37
O2 SO4 CB . 17.30 112.16 -3.39
O3 SO4 CB . 16.40 114.28 -2.85
O4 SO4 CB . 18.26 113.43 -1.67
CL CL DB . 21.06 106.62 -3.89
NA NA EB . 15.84 94.42 -23.79
C1 EDO FB . -26.41 117.72 1.92
O1 EDO FB . -25.18 118.13 1.38
C2 EDO FB . -27.29 117.15 0.90
O2 EDO FB . -27.66 115.82 1.17
NA NA GB . -25.02 125.43 -4.43
S SO4 HB . -31.45 132.56 -13.86
O1 SO4 HB . -30.90 131.38 -13.27
O2 SO4 HB . -32.55 132.18 -14.72
O3 SO4 HB . -31.94 133.45 -12.85
O4 SO4 HB . -30.45 133.22 -14.63
CL CL IB . -30.19 120.54 7.62
CL CL JB . -26.17 116.70 -10.73
CL CL KB . -44.00 109.03 -12.99
NA NA LB . -23.91 142.03 16.06
NA NA MB . -46.45 136.69 29.84
S SO4 NB . -36.98 140.03 30.64
O1 SO4 NB . -38.28 139.87 31.25
O2 SO4 NB . -36.91 139.29 29.42
O3 SO4 NB . -36.74 141.43 30.38
O4 SO4 NB . -35.96 139.54 31.54
C1 EDO OB . -53.38 146.66 28.37
O1 EDO OB . -52.22 146.63 29.18
C2 EDO OB . -53.65 145.40 27.64
O2 EDO OB . -53.28 144.22 28.32
CL CL PB . -33.74 137.33 24.15
NA NA QB . -39.36 115.39 16.18
NA NA RB . -41.86 22.15 35.60
C1 EDO SB . -32.46 23.68 38.15
O1 EDO SB . -33.27 22.76 38.87
C2 EDO SB . -33.09 25.01 37.97
O2 EDO SB . -32.17 26.06 38.24
CL CL TB . -28.03 21.06 32.90
S SO4 UB . -51.48 27.19 28.01
O1 SO4 UB . -52.10 26.11 27.27
O2 SO4 UB . -50.96 26.71 29.25
O3 SO4 UB . -50.42 27.77 27.25
O4 SO4 UB . -52.48 28.19 28.27
NA NA VB . -34.94 -0.28 23.87
NA NA WB . -15.32 6.97 6.92
S SO4 XB . -18.77 -0.54 12.55
O1 SO4 XB . -18.72 -1.81 13.21
O2 SO4 XB . -18.49 -0.70 11.15
O3 SO4 XB . -20.07 0.06 12.70
O4 SO4 XB . -17.79 0.33 13.14
S SO4 YB . 3.17 -3.26 11.58
O1 SO4 YB . 1.85 -2.73 11.66
O2 SO4 YB . 3.25 -4.14 10.42
O3 SO4 YB . 4.15 -2.19 11.44
O4 SO4 YB . 3.44 -4.01 12.77
CL CL ZB . -23.52 3.03 17.60
S SO4 AC . -6.76 17.26 6.74
O1 SO4 AC . -7.25 16.34 7.73
O2 SO4 AC . -5.50 16.79 6.24
O3 SO4 AC . -7.71 17.35 5.65
O4 SO4 AC . -6.58 18.55 7.33
NA NA BC . -16.43 23.97 26.95
NA NA CC . 24.07 -7.90 7.96
NA NA DC . 31.30 -6.93 10.89
CL CL EC . 25.79 -19.21 16.19
CL CL FC . 23.27 -11.78 17.08
NA NA GC . 21.83 -30.55 -4.51
NA NA HC . 39.92 -46.75 7.46
S SO4 IC . 31.13 -46.65 2.64
O1 SO4 IC . 29.83 -47.24 2.59
O2 SO4 IC . 31.65 -46.50 1.31
O3 SO4 IC . 31.04 -45.35 3.25
O4 SO4 IC . 32.01 -47.49 3.40
CL CL JC . 28.73 -39.23 3.26
NA NA KC . 32.28 -28.04 24.16
NA NA LC . 31.65 -82.71 27.37
C1 EDO MC . 20.86 -80.76 28.66
O1 EDO MC . 21.92 -81.52 29.14
C2 EDO MC . 21.04 -80.58 27.22
O2 EDO MC . 22.29 -81.10 26.76
S SO4 NC . 41.14 -88.00 35.15
O1 SO4 NC . 41.11 -89.16 34.29
O2 SO4 NC . 42.28 -87.19 34.83
O3 SO4 NC . 39.94 -87.24 34.97
O4 SO4 NC . 41.24 -88.41 36.53
S SO4 OC . 39.94 -74.54 -5.00
O1 SO4 OC . 39.42 -75.46 -5.97
O2 SO4 OC . 41.34 -74.32 -5.22
O3 SO4 OC . 39.25 -73.28 -5.13
O4 SO4 OC . 39.73 -75.06 -3.69
CL CL PC . 18.70 -87.92 25.26
NA NA QC . 29.43 -99.49 7.29
NA NA RC . 11.20 -117.48 15.68
S SO4 SC . 15.38 -113.12 7.55
O1 SO4 SC . 14.70 -114.36 7.85
O2 SO4 SC . 16.74 -113.39 7.16
O3 SO4 SC . 14.68 -112.48 6.49
O4 SO4 SC . 15.41 -112.26 8.70
CL CL TC . 34.24 -114.33 9.46
CL CL UC . 18.63 -106.68 10.37
NA NA VC . 7.47 -94.77 27.99
NA NA WC . -25.14 -125.57 -3.63
C1 EDO XC . -25.63 -117.61 -9.41
O1 EDO XC . -26.26 -116.36 -9.35
C2 EDO XC . -24.20 -117.53 -9.06
O2 EDO XC . -23.47 -118.66 -9.50
S SO4 YC . -33.91 -131.99 3.47
O1 SO4 YC . -34.56 -133.26 3.36
O2 SO4 YC . -34.62 -131.15 4.42
O3 SO4 YC . -33.88 -131.35 2.20
O4 SO4 YC . -32.54 -132.15 3.95
CL CL ZC . -26.27 -120.49 -16.67
CL CL AD . -28.32 -116.85 2.05
S SO4 BD . -5.59 -118.04 2.77
O1 SO4 BD . -4.68 -119.14 2.94
O2 SO4 BD . -5.01 -116.84 3.31
O3 SO4 BD . -5.84 -117.84 1.36
O4 SO4 BD . -6.83 -118.32 3.43
NA NA CD . -17.51 -141.95 -22.57
NA NA DD . -34.42 -136.98 -42.91
S SO4 ED . -25.14 -140.26 -40.60
O1 SO4 ED . -24.02 -139.51 -41.07
O2 SO4 ED . -25.69 -139.62 -39.42
O3 SO4 ED . -26.14 -140.34 -41.61
O4 SO4 ED . -24.72 -141.59 -40.25
S SO4 FD . -23.71 -130.36 -60.35
O1 SO4 FD . -24.50 -131.33 -59.64
O2 SO4 FD . -23.62 -130.75 -61.73
O3 SO4 FD . -24.33 -129.06 -60.26
O4 SO4 FD . -22.40 -130.31 -59.76
CL CL GD . -41.94 -126.26 -46.24
CL CL HD . -24.13 -137.64 -33.37
NA NA ID . -32.22 -115.76 -27.84
#